data_6W9R
#
_entry.id   6W9R
#
_cell.length_a   136.925
_cell.length_b   78.203
_cell.length_c   280.425
_cell.angle_alpha   90.000
_cell.angle_beta   91.570
_cell.angle_gamma   90.000
#
_symmetry.space_group_name_H-M   'C 1 2 1'
#
loop_
_entity.id
_entity.type
_entity.pdbx_description
1 polymer Ubiquitin
2 polymer 'OTU domain-containing protein wMelOTU'
3 non-polymer 'CITRATE ANION'
4 water water
#
loop_
_entity_poly.entity_id
_entity_poly.type
_entity_poly.pdbx_seq_one_letter_code
_entity_poly.pdbx_strand_id
1 'polypeptide(L)'
;GPMQIFVKTLTGKTITLEVEPSDTIENVKAKIQDKEGIPPDQQRLIFAGKQLEDGRTLSDYNIQKESTLHLVLRLRG
(NEH)
;
M,N,O,P,Q,R,S,T,U,V,W,X
2 'polypeptide(L)'
;GPDNFYVGQAIGNGSCFFDSFRQSLEQQTGEQVTAEKLRNDCREFAQKNPPKWFTNAIVNSHDNNGQHRSETVDNYTADI
MRNSRWGDPDVEGRILCEKYKVKLHVIENQTVDNQDLSLHELIDNSGSKSAGEYNKVDYDDSSTVHIINKGGLHFEPLLD
RNKSSAKQ
;
A,B,C,D,E,F,G,H,I,J,K,L
#
# COMPACT_ATOMS: atom_id res chain seq x y z
N MET A 3 -4.13 -11.42 -22.34
CA MET A 3 -3.18 -10.32 -22.43
C MET A 3 -1.82 -10.81 -22.00
N GLN A 4 -0.78 -10.06 -22.37
CA GLN A 4 0.60 -10.46 -22.11
C GLN A 4 1.18 -9.66 -20.96
N ILE A 5 1.80 -10.35 -19.99
CA ILE A 5 2.58 -9.71 -18.94
C ILE A 5 3.97 -10.36 -18.90
N PHE A 6 4.88 -9.68 -18.20
CA PHE A 6 6.26 -10.11 -18.06
C PHE A 6 6.56 -10.37 -16.59
N VAL A 7 7.48 -11.30 -16.35
CA VAL A 7 7.90 -11.65 -15.00
C VAL A 7 9.42 -11.68 -15.00
N LYS A 8 10.03 -10.92 -14.11
CA LYS A 8 11.48 -10.79 -14.08
C LYS A 8 11.98 -11.41 -12.79
N THR A 9 12.97 -12.29 -12.91
CA THR A 9 13.58 -12.93 -11.75
C THR A 9 14.78 -12.12 -11.26
N LEU A 10 15.26 -12.46 -10.08
CA LEU A 10 16.46 -11.83 -9.57
C LEU A 10 17.69 -12.28 -10.35
N THR A 11 17.60 -13.41 -11.05
CA THR A 11 18.71 -13.82 -11.89
C THR A 11 18.75 -13.08 -13.22
N GLY A 12 17.77 -12.20 -13.48
CA GLY A 12 17.73 -11.42 -14.70
C GLY A 12 16.94 -12.05 -15.84
N LYS A 13 16.22 -13.12 -15.58
CA LYS A 13 15.46 -13.78 -16.63
C LYS A 13 14.10 -13.12 -16.79
N THR A 14 13.69 -12.90 -18.03
CA THR A 14 12.34 -12.41 -18.32
C THR A 14 11.50 -13.56 -18.87
N ILE A 15 10.34 -13.76 -18.26
CA ILE A 15 9.36 -14.76 -18.66
C ILE A 15 8.15 -14.02 -19.20
N THR A 16 7.62 -14.44 -20.33
CA THR A 16 6.36 -13.89 -20.77
C THR A 16 5.21 -14.84 -20.42
N LEU A 17 4.09 -14.28 -19.98
CA LEU A 17 2.92 -15.07 -19.62
C LEU A 17 1.72 -14.51 -20.33
N GLU A 18 0.81 -15.42 -20.74
CA GLU A 18 -0.52 -15.08 -21.21
C GLU A 18 -1.49 -15.23 -20.04
N VAL A 19 -2.13 -14.13 -19.65
CA VAL A 19 -2.99 -14.09 -18.48
C VAL A 19 -4.28 -13.35 -18.84
N GLU A 20 -5.27 -13.43 -17.95
CA GLU A 20 -6.48 -12.61 -18.01
C GLU A 20 -6.57 -11.74 -16.75
N PRO A 21 -7.20 -10.56 -16.84
CA PRO A 21 -7.40 -9.75 -15.62
C PRO A 21 -8.03 -10.50 -14.47
N SER A 22 -8.89 -11.48 -14.72
CA SER A 22 -9.52 -12.23 -13.64
C SER A 22 -8.65 -13.35 -13.07
N ASP A 23 -7.46 -13.60 -13.64
CA ASP A 23 -6.60 -14.66 -13.10
C ASP A 23 -6.24 -14.38 -11.66
N THR A 24 -6.35 -15.39 -10.80
CA THR A 24 -5.85 -15.20 -9.45
C THR A 24 -4.32 -15.25 -9.43
N ILE A 25 -3.75 -14.74 -8.33
CA ILE A 25 -2.30 -14.86 -8.14
C ILE A 25 -1.89 -16.34 -8.11
N GLU A 26 -2.73 -17.21 -7.54
CA GLU A 26 -2.49 -18.66 -7.59
C GLU A 26 -2.38 -19.18 -9.01
N ASN A 27 -3.31 -18.76 -9.87
CA ASN A 27 -3.23 -19.15 -11.28
C ASN A 27 -1.94 -18.66 -11.92
N VAL A 28 -1.53 -17.42 -11.63
CA VAL A 28 -0.30 -16.92 -12.26
C VAL A 28 0.90 -17.76 -11.81
N LYS A 29 0.97 -18.11 -10.53
CA LYS A 29 2.08 -18.95 -10.06
C LYS A 29 2.04 -20.32 -10.71
N ALA A 30 0.84 -20.89 -10.86
CA ALA A 30 0.74 -22.16 -11.58
C ALA A 30 1.24 -22.03 -13.01
N LYS A 31 0.98 -20.89 -13.65
CA LYS A 31 1.47 -20.70 -15.00
C LYS A 31 2.99 -20.62 -15.02
N ILE A 32 3.58 -20.04 -13.98
CA ILE A 32 5.04 -19.99 -13.87
C ILE A 32 5.58 -21.38 -13.60
N GLN A 33 4.89 -22.18 -12.78
CA GLN A 33 5.27 -23.58 -12.64
C GLN A 33 5.26 -24.30 -13.98
N ASP A 34 4.23 -24.04 -14.80
CA ASP A 34 4.11 -24.73 -16.08
C ASP A 34 5.29 -24.42 -16.99
N LYS A 35 5.74 -23.17 -16.98
CA LYS A 35 6.82 -22.73 -17.86
C LYS A 35 8.20 -23.01 -17.28
N GLU A 36 8.40 -22.83 -15.97
CA GLU A 36 9.73 -22.83 -15.36
C GLU A 36 9.98 -23.99 -14.42
N GLY A 37 8.97 -24.78 -14.08
CA GLY A 37 9.15 -25.90 -13.15
C GLY A 37 9.23 -25.50 -11.70
N ILE A 38 8.95 -24.23 -11.36
CA ILE A 38 9.09 -23.73 -10.00
C ILE A 38 7.79 -24.00 -9.26
N PRO A 39 7.78 -24.82 -8.22
CA PRO A 39 6.53 -25.06 -7.47
C PRO A 39 5.98 -23.76 -6.92
N PRO A 40 4.66 -23.55 -7.01
CA PRO A 40 4.10 -22.29 -6.53
C PRO A 40 4.51 -21.93 -5.11
N ASP A 41 4.66 -22.92 -4.22
CA ASP A 41 4.99 -22.58 -2.84
C ASP A 41 6.38 -21.98 -2.68
N GLN A 42 7.23 -22.08 -3.70
CA GLN A 42 8.52 -21.43 -3.67
C GLN A 42 8.48 -20.01 -4.22
N GLN A 43 7.35 -19.59 -4.80
CA GLN A 43 7.27 -18.33 -5.52
C GLN A 43 6.68 -17.22 -4.67
N ARG A 44 7.16 -16.00 -4.90
CA ARG A 44 6.48 -14.80 -4.45
C ARG A 44 6.48 -13.80 -5.60
N LEU A 45 5.36 -13.10 -5.80
CA LEU A 45 5.27 -12.13 -6.90
C LEU A 45 5.13 -10.72 -6.32
N ILE A 46 5.88 -9.77 -6.89
CA ILE A 46 5.93 -8.38 -6.41
C ILE A 46 5.56 -7.46 -7.56
N PHE A 47 4.68 -6.50 -7.29
CA PHE A 47 4.34 -5.51 -8.31
C PHE A 47 4.18 -4.16 -7.64
N ALA A 48 4.80 -3.13 -8.21
CA ALA A 48 4.71 -1.78 -7.67
C ALA A 48 5.05 -1.74 -6.19
N GLY A 49 6.07 -2.52 -5.82
CA GLY A 49 6.57 -2.52 -4.45
C GLY A 49 5.73 -3.29 -3.45
N LYS A 50 4.78 -4.09 -3.88
CA LYS A 50 3.92 -4.83 -2.98
C LYS A 50 3.89 -6.32 -3.34
N GLN A 51 3.86 -7.17 -2.31
CA GLN A 51 3.67 -8.59 -2.56
C GLN A 51 2.22 -8.89 -2.92
N LEU A 52 2.01 -9.65 -4.01
CA LEU A 52 0.67 -10.01 -4.47
C LEU A 52 0.14 -11.22 -3.71
N GLU A 53 -1.06 -11.09 -3.16
CA GLU A 53 -1.61 -12.10 -2.27
C GLU A 53 -2.42 -13.13 -3.02
N ASP A 54 -2.21 -14.41 -2.68
CA ASP A 54 -3.05 -15.46 -3.21
C ASP A 54 -4.48 -15.20 -2.80
N GLY A 55 -5.41 -15.57 -3.68
CA GLY A 55 -6.81 -15.27 -3.45
C GLY A 55 -7.27 -13.96 -4.04
N ARG A 56 -6.36 -13.10 -4.47
CA ARG A 56 -6.69 -11.89 -5.21
C ARG A 56 -6.39 -12.10 -6.69
N THR A 57 -6.91 -11.20 -7.53
CA THR A 57 -6.73 -11.28 -8.97
C THR A 57 -5.78 -10.19 -9.47
N LEU A 58 -5.30 -10.37 -10.69
CA LEU A 58 -4.49 -9.33 -11.33
C LEU A 58 -5.26 -8.02 -11.40
N SER A 59 -6.55 -8.07 -11.72
CA SER A 59 -7.33 -6.85 -11.82
CA SER A 59 -7.34 -6.85 -11.82
C SER A 59 -7.41 -6.13 -10.47
N ASP A 60 -7.49 -6.90 -9.38
CA ASP A 60 -7.52 -6.30 -8.05
C ASP A 60 -6.34 -5.37 -7.81
N TYR A 61 -5.18 -5.69 -8.40
CA TYR A 61 -3.97 -4.91 -8.25
C TYR A 61 -3.73 -3.94 -9.39
N ASN A 62 -4.72 -3.75 -10.26
CA ASN A 62 -4.59 -2.87 -11.44
C ASN A 62 -3.42 -3.28 -12.32
N ILE A 63 -3.16 -4.57 -12.42
CA ILE A 63 -2.12 -5.08 -13.31
C ILE A 63 -2.70 -5.21 -14.71
N GLN A 64 -2.16 -4.45 -15.64
CA GLN A 64 -2.66 -4.40 -17.01
C GLN A 64 -1.66 -5.03 -17.97
N LYS A 65 -2.01 -5.03 -19.25
CA LYS A 65 -1.14 -5.65 -20.24
C LYS A 65 0.24 -5.01 -20.22
N GLU A 66 1.25 -5.84 -20.45
CA GLU A 66 2.67 -5.50 -20.53
C GLU A 66 3.27 -5.06 -19.20
N SER A 67 2.54 -5.23 -18.09
CA SER A 67 3.16 -5.07 -16.76
C SER A 67 4.28 -6.07 -16.56
N THR A 68 5.31 -5.67 -15.81
CA THR A 68 6.37 -6.58 -15.36
C THR A 68 6.18 -6.81 -13.86
N LEU A 69 5.92 -8.05 -13.48
CA LEU A 69 5.98 -8.46 -12.09
C LEU A 69 7.39 -8.92 -11.78
N HIS A 70 7.73 -8.95 -10.49
CA HIS A 70 9.03 -9.48 -10.08
C HIS A 70 8.80 -10.78 -9.34
N LEU A 71 9.51 -11.82 -9.75
CA LEU A 71 9.46 -13.12 -9.09
C LEU A 71 10.68 -13.27 -8.17
N VAL A 72 10.42 -13.40 -6.87
CA VAL A 72 11.46 -13.72 -5.88
C VAL A 72 11.05 -15.01 -5.19
N LEU A 73 12.03 -15.84 -4.86
CA LEU A 73 11.74 -17.20 -4.41
C LEU A 73 11.96 -17.33 -2.92
N ARG A 74 11.34 -18.37 -2.35
CA ARG A 74 11.51 -18.75 -0.95
C ARG A 74 12.99 -18.63 -0.52
N LEU A 75 13.22 -18.06 0.66
CA LEU A 75 14.57 -17.97 1.21
C LEU A 75 14.92 -19.29 1.91
N ARG A 76 16.12 -19.78 1.64
CA ARG A 76 16.65 -20.96 2.31
C ARG A 76 17.54 -20.50 3.46
N GLY A 77 17.80 -21.42 4.38
CA GLY A 77 18.68 -21.10 5.51
C GLY A 77 18.91 -22.26 6.44
N MET B 3 -36.08 -37.06 54.62
CA MET B 3 -36.00 -38.47 54.99
C MET B 3 -34.57 -38.83 55.36
N GLN B 4 -34.42 -39.87 56.15
CA GLN B 4 -33.11 -40.32 56.64
C GLN B 4 -32.59 -41.43 55.74
N ILE B 5 -31.34 -41.30 55.29
CA ILE B 5 -30.60 -42.39 54.67
C ILE B 5 -29.28 -42.58 55.42
N PHE B 6 -28.63 -43.70 55.14
CA PHE B 6 -27.36 -44.07 55.77
C PHE B 6 -26.32 -44.26 54.70
N VAL B 7 -25.09 -43.87 55.02
CA VAL B 7 -23.97 -43.95 54.08
C VAL B 7 -22.86 -44.68 54.82
N LYS B 8 -22.43 -45.81 54.27
CA LYS B 8 -21.44 -46.67 54.93
C LYS B 8 -20.13 -46.59 54.15
N THR B 9 -19.02 -46.35 54.85
CA THR B 9 -17.71 -46.26 54.21
C THR B 9 -17.01 -47.62 54.28
N LEU B 10 -15.92 -47.74 53.52
CA LEU B 10 -15.14 -48.96 53.57
C LEU B 10 -14.40 -49.10 54.90
N THR B 11 -14.16 -48.01 55.63
CA THR B 11 -13.60 -48.13 56.96
C THR B 11 -14.61 -48.57 57.99
N GLY B 12 -15.88 -48.75 57.62
CA GLY B 12 -16.90 -49.23 58.55
C GLY B 12 -17.72 -48.15 59.23
N LYS B 13 -17.56 -46.90 58.84
CA LYS B 13 -18.27 -45.81 59.48
C LYS B 13 -19.65 -45.63 58.85
N THR B 14 -20.65 -45.37 59.68
CA THR B 14 -22.01 -45.08 59.21
C THR B 14 -22.28 -43.60 59.42
N ILE B 15 -22.65 -42.94 58.33
CA ILE B 15 -23.01 -41.52 58.29
C ILE B 15 -24.51 -41.43 58.06
N THR B 16 -25.21 -40.72 58.93
CA THR B 16 -26.64 -40.49 58.70
C THR B 16 -26.82 -39.16 57.97
N LEU B 17 -27.64 -39.14 56.91
CA LEU B 17 -27.92 -37.91 56.19
C LEU B 17 -29.42 -37.66 56.13
N GLU B 18 -29.82 -36.39 56.22
CA GLU B 18 -31.19 -35.96 55.94
C GLU B 18 -31.25 -35.48 54.49
N VAL B 19 -32.08 -36.14 53.68
CA VAL B 19 -32.15 -35.87 52.24
C VAL B 19 -33.61 -35.86 51.82
N GLU B 20 -33.83 -35.45 50.57
CA GLU B 20 -35.12 -35.51 49.91
C GLU B 20 -35.02 -36.41 48.68
N PRO B 21 -36.09 -37.13 48.33
CA PRO B 21 -36.06 -37.95 47.10
C PRO B 21 -35.59 -37.19 45.87
N SER B 22 -35.88 -35.89 45.80
CA SER B 22 -35.52 -35.10 44.64
C SER B 22 -34.08 -34.57 44.68
N ASP B 23 -33.32 -34.85 45.74
CA ASP B 23 -31.96 -34.35 45.82
C ASP B 23 -31.12 -35.02 44.75
N THR B 24 -30.26 -34.25 44.10
CA THR B 24 -29.33 -34.82 43.14
C THR B 24 -28.18 -35.51 43.85
N ILE B 25 -27.51 -36.39 43.10
CA ILE B 25 -26.33 -37.08 43.62
C ILE B 25 -25.26 -36.08 44.03
N GLU B 26 -25.11 -34.97 43.29
CA GLU B 26 -24.10 -34.01 43.72
C GLU B 26 -24.54 -33.28 45.00
N ASN B 27 -25.84 -33.14 45.22
CA ASN B 27 -26.30 -32.55 46.48
C ASN B 27 -25.96 -33.46 47.65
N VAL B 28 -26.16 -34.77 47.48
CA VAL B 28 -25.78 -35.71 48.54
C VAL B 28 -24.27 -35.64 48.81
N LYS B 29 -23.44 -35.59 47.76
CA LYS B 29 -22.00 -35.45 47.99
C LYS B 29 -21.67 -34.16 48.72
N ALA B 30 -22.42 -33.08 48.45
CA ALA B 30 -22.19 -31.85 49.18
C ALA B 30 -22.56 -32.00 50.64
N LYS B 31 -23.64 -32.74 50.94
CA LYS B 31 -23.99 -33.01 52.32
C LYS B 31 -22.92 -33.84 53.03
N ILE B 32 -22.29 -34.77 52.29
CA ILE B 32 -21.20 -35.56 52.88
C ILE B 32 -19.98 -34.68 53.12
N GLN B 33 -19.69 -33.76 52.17
CA GLN B 33 -18.60 -32.81 52.39
C GLN B 33 -18.84 -31.96 53.64
N ASP B 34 -20.09 -31.56 53.89
CA ASP B 34 -20.39 -30.75 55.08
C ASP B 34 -20.12 -31.53 56.36
N LYS B 35 -20.48 -32.81 56.37
CA LYS B 35 -20.35 -33.65 57.55
C LYS B 35 -18.93 -34.17 57.74
N GLU B 36 -18.29 -34.63 56.66
CA GLU B 36 -17.04 -35.38 56.77
C GLU B 36 -15.83 -34.66 56.22
N GLY B 37 -16.00 -33.52 55.54
CA GLY B 37 -14.89 -32.79 54.98
C GLY B 37 -14.28 -33.37 53.71
N ILE B 38 -14.93 -34.34 53.07
CA ILE B 38 -14.41 -34.99 51.88
C ILE B 38 -14.85 -34.18 50.66
N PRO B 39 -13.94 -33.66 49.86
CA PRO B 39 -14.33 -32.98 48.61
C PRO B 39 -15.15 -33.90 47.70
N PRO B 40 -16.19 -33.35 47.05
CA PRO B 40 -17.06 -34.21 46.21
C PRO B 40 -16.29 -34.96 45.14
N ASP B 41 -15.24 -34.35 44.56
CA ASP B 41 -14.49 -35.04 43.50
C ASP B 41 -13.75 -36.26 43.99
N GLN B 42 -13.58 -36.42 45.31
CA GLN B 42 -13.02 -37.66 45.83
C GLN B 42 -14.07 -38.72 46.13
N GLN B 43 -15.36 -38.40 46.03
CA GLN B 43 -16.42 -39.32 46.46
C GLN B 43 -16.99 -40.12 45.30
N ARG B 44 -17.40 -41.37 45.61
CA ARG B 44 -18.23 -42.16 44.71
C ARG B 44 -19.32 -42.81 45.55
N LEU B 45 -20.55 -42.77 45.08
CA LEU B 45 -21.68 -43.31 45.84
C LEU B 45 -22.25 -44.52 45.11
N ILE B 46 -22.54 -45.58 45.85
CA ILE B 46 -22.97 -46.84 45.26
C ILE B 46 -24.23 -47.28 45.98
N PHE B 47 -25.23 -47.73 45.21
CA PHE B 47 -26.46 -48.26 45.77
C PHE B 47 -26.89 -49.45 44.94
N ALA B 48 -27.19 -50.56 45.60
CA ALA B 48 -27.69 -51.77 44.95
C ALA B 48 -26.74 -52.20 43.82
N GLY B 49 -25.44 -52.05 44.05
CA GLY B 49 -24.41 -52.47 43.12
C GLY B 49 -24.16 -51.56 41.94
N LYS B 50 -24.68 -50.33 41.96
CA LYS B 50 -24.63 -49.39 40.85
C LYS B 50 -24.01 -48.09 41.32
N GLN B 51 -23.06 -47.55 40.57
CA GLN B 51 -22.57 -46.21 40.89
C GLN B 51 -23.62 -45.15 40.54
N LEU B 52 -23.90 -44.24 41.50
CA LEU B 52 -24.88 -43.17 41.27
C LEU B 52 -24.24 -42.01 40.51
N GLU B 53 -24.91 -41.53 39.46
CA GLU B 53 -24.28 -40.59 38.55
C GLU B 53 -24.75 -39.16 38.83
N ASP B 54 -23.80 -38.23 38.79
CA ASP B 54 -24.09 -36.82 39.01
C ASP B 54 -25.11 -36.35 37.99
N GLY B 55 -26.05 -35.53 38.45
CA GLY B 55 -27.12 -35.06 37.62
C GLY B 55 -28.41 -35.85 37.75
N ARG B 56 -28.35 -37.05 38.31
CA ARG B 56 -29.54 -37.83 38.65
C ARG B 56 -29.95 -37.54 40.09
N THR B 57 -31.18 -37.94 40.44
CA THR B 57 -31.73 -37.78 41.78
C THR B 57 -31.76 -39.12 42.52
N LEU B 58 -31.94 -39.05 43.84
CA LEU B 58 -32.15 -40.27 44.62
C LEU B 58 -33.39 -41.02 44.13
N SER B 59 -34.46 -40.29 43.79
CA SER B 59 -35.67 -40.96 43.32
C SER B 59 -35.43 -41.69 41.99
N ASP B 60 -34.54 -41.17 41.15
CA ASP B 60 -34.20 -41.84 39.89
C ASP B 60 -33.66 -43.26 40.13
N TYR B 61 -33.11 -43.52 41.30
CA TYR B 61 -32.54 -44.81 41.66
C TYR B 61 -33.40 -45.58 42.64
N ASN B 62 -34.60 -45.09 42.94
CA ASN B 62 -35.53 -45.74 43.87
C ASN B 62 -34.91 -45.86 45.25
N ILE B 63 -34.11 -44.87 45.64
CA ILE B 63 -33.55 -44.83 46.98
C ILE B 63 -34.61 -44.23 47.89
N GLN B 64 -35.07 -45.01 48.87
CA GLN B 64 -36.14 -44.60 49.78
C GLN B 64 -35.58 -44.32 51.17
N LYS B 65 -36.45 -43.96 52.12
CA LYS B 65 -35.97 -43.72 53.47
C LYS B 65 -35.29 -44.96 54.03
N GLU B 66 -34.23 -44.72 54.81
CA GLU B 66 -33.45 -45.73 55.52
C GLU B 66 -32.68 -46.63 54.56
N SER B 67 -32.57 -46.25 53.28
CA SER B 67 -31.65 -46.93 52.39
C SER B 67 -30.23 -46.73 52.88
N THR B 68 -29.36 -47.70 52.59
CA THR B 68 -27.95 -47.60 52.88
C THR B 68 -27.21 -47.48 51.55
N LEU B 69 -26.51 -46.37 51.38
CA LEU B 69 -25.58 -46.17 50.27
C LEU B 69 -24.18 -46.54 50.74
N HIS B 70 -23.30 -46.81 49.79
CA HIS B 70 -21.89 -47.02 50.12
C HIS B 70 -21.06 -45.90 49.53
N LEU B 71 -20.20 -45.32 50.34
CA LEU B 71 -19.25 -44.31 49.89
C LEU B 71 -17.89 -44.98 49.72
N VAL B 72 -17.34 -44.93 48.52
CA VAL B 72 -15.97 -45.36 48.27
C VAL B 72 -15.26 -44.18 47.64
N LEU B 73 -13.98 -44.04 47.94
CA LEU B 73 -13.28 -42.81 47.58
C LEU B 73 -12.35 -43.06 46.39
N ARG B 74 -11.98 -41.95 45.76
CA ARG B 74 -10.98 -41.91 44.68
C ARG B 74 -9.81 -42.82 45.02
N LEU B 75 -9.40 -43.63 44.04
CA LEU B 75 -8.24 -44.49 44.22
C LEU B 75 -6.96 -43.70 43.97
N ARG B 76 -5.98 -43.85 44.86
CA ARG B 76 -4.68 -43.21 44.65
C ARG B 76 -3.72 -44.23 44.04
N GLY B 77 -2.59 -43.72 43.54
CA GLY B 77 -1.60 -44.65 43.00
C GLY B 77 -0.32 -43.98 42.50
N MET C 3 11.72 7.62 -25.64
CA MET C 3 12.36 7.95 -26.91
C MET C 3 11.63 7.30 -28.08
N GLN C 4 11.81 7.88 -29.27
CA GLN C 4 11.13 7.41 -30.46
C GLN C 4 12.10 6.58 -31.29
N ILE C 5 11.65 5.38 -31.68
CA ILE C 5 12.36 4.57 -32.64
C ILE C 5 11.39 4.25 -33.77
N PHE C 6 11.96 3.78 -34.88
CA PHE C 6 11.19 3.49 -36.07
C PHE C 6 11.40 2.04 -36.44
N VAL C 7 10.33 1.39 -36.89
CA VAL C 7 10.36 -0.05 -37.15
C VAL C 7 9.82 -0.24 -38.56
N LYS C 8 10.68 -0.70 -39.47
CA LYS C 8 10.35 -0.76 -40.88
C LYS C 8 10.02 -2.21 -41.27
N THR C 9 8.91 -2.41 -41.97
CA THR C 9 8.54 -3.74 -42.43
C THR C 9 9.05 -3.96 -43.85
N LEU C 10 8.96 -5.21 -44.31
CA LEU C 10 9.39 -5.52 -45.67
C LEU C 10 8.38 -5.02 -46.69
N THR C 11 7.16 -4.68 -46.25
CA THR C 11 6.18 -4.11 -47.14
C THR C 11 6.36 -2.61 -47.31
N GLY C 12 7.34 -2.01 -46.63
CA GLY C 12 7.58 -0.59 -46.75
C GLY C 12 6.87 0.28 -45.74
N LYS C 13 6.23 -0.31 -44.74
CA LYS C 13 5.54 0.48 -43.74
C LYS C 13 6.49 0.78 -42.57
N THR C 14 6.39 1.99 -42.02
CA THR C 14 7.18 2.41 -40.89
C THR C 14 6.26 2.60 -39.69
N ILE C 15 6.53 1.84 -38.62
CA ILE C 15 5.82 1.92 -37.35
C ILE C 15 6.65 2.77 -36.41
N THR C 16 6.10 3.88 -35.94
CA THR C 16 6.78 4.72 -34.95
C THR C 16 6.38 4.29 -33.54
N LEU C 17 7.36 4.02 -32.69
CA LEU C 17 7.10 3.54 -31.34
C LEU C 17 7.77 4.47 -30.31
N GLU C 18 7.12 4.58 -29.14
CA GLU C 18 7.74 5.21 -27.98
C GLU C 18 8.29 4.11 -27.08
N VAL C 19 9.59 4.16 -26.78
CA VAL C 19 10.26 3.11 -26.02
C VAL C 19 11.21 3.76 -25.01
N GLU C 20 11.75 2.91 -24.13
CA GLU C 20 12.79 3.29 -23.19
C GLU C 20 14.01 2.39 -23.38
N PRO C 21 15.22 2.89 -23.13
CA PRO C 21 16.42 2.04 -23.26
C PRO C 21 16.33 0.74 -22.48
N SER C 22 15.57 0.73 -21.37
CA SER C 22 15.41 -0.44 -20.53
C SER C 22 14.42 -1.45 -21.08
N ASP C 23 13.67 -1.11 -22.14
CA ASP C 23 12.66 -2.03 -22.67
C ASP C 23 13.34 -3.30 -23.20
N THR C 24 12.79 -4.45 -22.85
CA THR C 24 13.23 -5.70 -23.46
C THR C 24 12.72 -5.84 -24.89
N ILE C 25 13.35 -6.75 -25.64
CA ILE C 25 12.92 -7.01 -27.01
C ILE C 25 11.47 -7.49 -27.02
N GLU C 26 11.08 -8.30 -26.03
CA GLU C 26 9.70 -8.79 -26.04
C GLU C 26 8.74 -7.67 -25.66
N ASN C 27 9.19 -6.69 -24.87
CA ASN C 27 8.45 -5.45 -24.65
C ASN C 27 8.13 -4.77 -25.98
N VAL C 28 9.14 -4.62 -26.82
CA VAL C 28 8.97 -3.95 -28.10
C VAL C 28 8.03 -4.77 -29.01
N LYS C 29 8.17 -6.10 -29.01
CA LYS C 29 7.26 -6.91 -29.83
C LYS C 29 5.82 -6.79 -29.38
N ALA C 30 5.58 -6.66 -28.06
CA ALA C 30 4.20 -6.46 -27.59
C ALA C 30 3.67 -5.09 -28.01
N LYS C 31 4.55 -4.08 -28.03
CA LYS C 31 4.13 -2.77 -28.49
C LYS C 31 3.74 -2.82 -29.97
N ILE C 32 4.47 -3.60 -30.77
CA ILE C 32 4.14 -3.77 -32.18
C ILE C 32 2.83 -4.55 -32.34
N GLN C 33 2.62 -5.56 -31.49
CA GLN C 33 1.33 -6.25 -31.47
C GLN C 33 0.19 -5.27 -31.17
N ASP C 34 0.43 -4.33 -30.24
CA ASP C 34 -0.59 -3.35 -29.87
C ASP C 34 -0.97 -2.47 -31.06
N LYS C 35 0.01 -2.12 -31.89
CA LYS C 35 -0.27 -1.18 -32.97
C LYS C 35 -0.75 -1.88 -34.22
N GLU C 36 -0.16 -3.03 -34.53
CA GLU C 36 -0.32 -3.69 -35.82
C GLU C 36 -1.07 -5.01 -35.78
N GLY C 37 -1.32 -5.58 -34.60
CA GLY C 37 -2.00 -6.86 -34.47
C GLY C 37 -1.16 -8.09 -34.76
N ILE C 38 0.17 -7.95 -34.85
CA ILE C 38 1.04 -9.06 -35.22
C ILE C 38 1.46 -9.78 -33.93
N PRO C 39 1.12 -11.06 -33.77
CA PRO C 39 1.56 -11.80 -32.57
C PRO C 39 3.07 -11.81 -32.45
N PRO C 40 3.60 -11.63 -31.23
CA PRO C 40 5.06 -11.62 -31.06
C PRO C 40 5.77 -12.81 -31.68
N ASP C 41 5.19 -14.02 -31.57
CA ASP C 41 5.88 -15.19 -32.12
C ASP C 41 6.03 -15.14 -33.65
N GLN C 42 5.32 -14.26 -34.34
CA GLN C 42 5.55 -14.10 -35.77
C GLN C 42 6.60 -13.05 -36.09
N GLN C 43 7.05 -12.28 -35.10
CA GLN C 43 7.97 -11.17 -35.31
C GLN C 43 9.44 -11.54 -35.13
N ARG C 44 10.29 -10.87 -35.89
CA ARG C 44 11.74 -10.87 -35.71
C ARG C 44 12.18 -9.43 -35.88
N LEU C 45 13.00 -8.92 -34.97
CA LEU C 45 13.51 -7.56 -35.07
C LEU C 45 14.99 -7.56 -35.39
N ILE C 46 15.40 -6.65 -36.27
CA ILE C 46 16.78 -6.56 -36.73
C ILE C 46 17.26 -5.13 -36.53
N PHE C 47 18.46 -4.99 -35.98
CA PHE C 47 19.12 -3.69 -35.85
C PHE C 47 20.56 -3.84 -36.28
N ALA C 48 20.98 -3.00 -37.23
CA ALA C 48 22.36 -2.99 -37.72
C ALA C 48 22.79 -4.39 -38.17
N GLY C 49 21.91 -5.08 -38.87
CA GLY C 49 22.23 -6.39 -39.40
C GLY C 49 22.19 -7.53 -38.41
N LYS C 50 21.75 -7.31 -37.17
CA LYS C 50 21.74 -8.36 -36.17
C LYS C 50 20.33 -8.60 -35.64
N GLN C 51 19.97 -9.87 -35.42
CA GLN C 51 18.66 -10.18 -34.87
C GLN C 51 18.63 -9.91 -33.37
N LEU C 52 17.59 -9.22 -32.89
CA LEU C 52 17.51 -8.89 -31.47
C LEU C 52 16.92 -10.05 -30.69
N GLU C 53 17.54 -10.43 -29.57
CA GLU C 53 17.18 -11.65 -28.86
C GLU C 53 16.31 -11.33 -27.64
N ASP C 54 15.21 -12.06 -27.50
CA ASP C 54 14.30 -11.88 -26.37
C ASP C 54 15.06 -12.04 -25.06
N GLY C 55 14.73 -11.17 -24.08
CA GLY C 55 15.43 -11.11 -22.81
C GLY C 55 16.50 -10.03 -22.73
N ARG C 56 17.00 -9.55 -23.87
CA ARG C 56 17.92 -8.42 -23.87
C ARG C 56 17.12 -7.12 -23.93
N THR C 57 17.80 -6.00 -23.70
CA THR C 57 17.15 -4.69 -23.75
C THR C 57 17.62 -3.92 -24.96
N LEU C 58 16.93 -2.81 -25.24
CA LEU C 58 17.37 -1.96 -26.33
C LEU C 58 18.75 -1.39 -26.04
N SER C 59 19.01 -1.02 -24.79
CA SER C 59 20.30 -0.47 -24.39
C SER C 59 21.42 -1.47 -24.60
N ASP C 60 21.15 -2.77 -24.41
CA ASP C 60 22.13 -3.83 -24.68
C ASP C 60 22.65 -3.75 -26.11
N TYR C 61 21.83 -3.33 -27.06
CA TYR C 61 22.19 -3.28 -28.47
C TYR C 61 22.57 -1.88 -28.92
N ASN C 62 22.73 -0.93 -27.98
CA ASN C 62 23.04 0.46 -28.29
C ASN C 62 21.98 1.10 -29.19
N ILE C 63 20.71 0.71 -28.99
CA ILE C 63 19.62 1.35 -29.71
C ILE C 63 19.27 2.66 -29.02
N GLN C 64 19.33 3.77 -29.75
CA GLN C 64 19.17 5.12 -29.20
C GLN C 64 17.99 5.82 -29.86
N LYS C 65 17.69 7.04 -29.43
CA LYS C 65 16.61 7.80 -30.03
C LYS C 65 16.83 7.92 -31.54
N GLU C 66 15.74 7.80 -32.29
CA GLU C 66 15.69 7.84 -33.75
C GLU C 66 16.28 6.60 -34.44
N SER C 67 16.65 5.56 -33.70
CA SER C 67 17.15 4.37 -34.35
C SER C 67 16.07 3.78 -35.25
N THR C 68 16.48 3.11 -36.31
CA THR C 68 15.54 2.38 -37.16
C THR C 68 15.79 0.88 -37.02
N LEU C 69 14.76 0.14 -36.63
CA LEU C 69 14.81 -1.31 -36.60
C LEU C 69 14.08 -1.85 -37.83
N HIS C 70 14.32 -3.12 -38.16
CA HIS C 70 13.61 -3.78 -39.24
C HIS C 70 12.75 -4.89 -38.68
N LEU C 71 11.50 -4.97 -39.12
CA LEU C 71 10.61 -6.05 -38.70
C LEU C 71 10.47 -7.04 -39.85
N VAL C 72 10.90 -8.29 -39.64
CA VAL C 72 10.68 -9.35 -40.61
C VAL C 72 9.89 -10.44 -39.91
N LEU C 73 9.03 -11.11 -40.66
CA LEU C 73 8.06 -12.00 -40.08
C LEU C 73 8.43 -13.46 -40.34
N ARG C 74 7.92 -14.32 -39.45
CA ARG C 74 8.00 -15.77 -39.62
C ARG C 74 7.81 -16.19 -41.08
N LEU C 75 8.71 -17.01 -41.58
CA LEU C 75 8.58 -17.55 -42.94
C LEU C 75 7.60 -18.71 -42.98
N ARG C 76 6.70 -18.69 -43.96
CA ARG C 76 5.79 -19.80 -44.16
C ARG C 76 6.32 -20.73 -45.25
N GLY C 77 5.75 -21.92 -45.32
CA GLY C 77 6.16 -22.88 -46.35
C GLY C 77 5.37 -24.17 -46.35
N MET D 3 -17.01 -45.45 10.72
CA MET D 3 -16.44 -45.09 9.43
C MET D 3 -17.26 -45.67 8.29
N GLN D 4 -17.11 -45.12 7.09
CA GLN D 4 -17.79 -45.63 5.91
C GLN D 4 -16.84 -46.49 5.09
N ILE D 5 -17.31 -47.68 4.69
CA ILE D 5 -16.59 -48.47 3.71
C ILE D 5 -17.53 -48.76 2.56
N PHE D 6 -16.94 -49.18 1.44
CA PHE D 6 -17.70 -49.47 0.24
C PHE D 6 -17.47 -50.92 -0.17
N VAL D 7 -18.55 -51.62 -0.54
CA VAL D 7 -18.50 -53.03 -0.89
C VAL D 7 -19.04 -53.18 -2.31
N LYS D 8 -18.18 -53.60 -3.24
CA LYS D 8 -18.49 -53.68 -4.66
C LYS D 8 -18.81 -55.11 -5.05
N THR D 9 -19.91 -55.31 -5.78
CA THR D 9 -20.32 -56.65 -6.20
C THR D 9 -19.81 -56.89 -7.61
N LEU D 10 -19.88 -58.16 -8.05
CA LEU D 10 -19.48 -58.44 -9.43
C LEU D 10 -20.53 -57.94 -10.42
N THR D 11 -21.74 -57.61 -9.96
CA THR D 11 -22.72 -57.04 -10.88
C THR D 11 -22.54 -55.53 -11.05
N GLY D 12 -21.56 -54.94 -10.39
CA GLY D 12 -21.29 -53.53 -10.53
C GLY D 12 -22.01 -52.63 -9.54
N LYS D 13 -22.60 -53.20 -8.49
CA LYS D 13 -23.32 -52.44 -7.46
C LYS D 13 -22.38 -52.07 -6.32
N THR D 14 -22.51 -50.86 -5.79
CA THR D 14 -21.69 -50.46 -4.64
C THR D 14 -22.58 -50.30 -3.41
N ILE D 15 -22.23 -51.04 -2.35
CA ILE D 15 -22.92 -51.02 -1.07
C ILE D 15 -22.12 -50.16 -0.11
N THR D 16 -22.75 -49.14 0.46
CA THR D 16 -22.05 -48.24 1.38
C THR D 16 -22.40 -48.64 2.79
N LEU D 17 -21.40 -48.95 3.60
CA LEU D 17 -21.61 -49.49 4.94
C LEU D 17 -21.01 -48.55 5.98
N GLU D 18 -21.64 -48.50 7.14
CA GLU D 18 -21.06 -47.85 8.30
C GLU D 18 -20.57 -48.94 9.24
N VAL D 19 -19.29 -48.89 9.56
CA VAL D 19 -18.61 -49.94 10.30
C VAL D 19 -17.70 -49.29 11.33
N GLU D 20 -17.11 -50.14 12.17
CA GLU D 20 -16.05 -49.75 13.08
C GLU D 20 -14.83 -50.65 12.88
N PRO D 21 -13.62 -50.14 13.16
CA PRO D 21 -12.42 -50.98 13.00
C PRO D 21 -12.50 -52.29 13.77
N SER D 22 -13.20 -52.33 14.89
CA SER D 22 -13.29 -53.57 15.67
C SER D 22 -14.36 -54.53 15.16
N ASP D 23 -15.14 -54.15 14.14
CA ASP D 23 -16.18 -55.05 13.64
C ASP D 23 -15.54 -56.32 13.09
N THR D 24 -16.11 -57.47 13.43
CA THR D 24 -15.63 -58.72 12.86
C THR D 24 -16.15 -58.90 11.42
N ILE D 25 -15.52 -59.83 10.70
CA ILE D 25 -15.94 -60.10 9.33
C ILE D 25 -17.38 -60.58 9.32
N GLU D 26 -17.77 -61.42 10.29
CA GLU D 26 -19.16 -61.89 10.37
C GLU D 26 -20.12 -60.74 10.60
N ASN D 27 -19.71 -59.76 11.41
CA ASN D 27 -20.54 -58.57 11.62
C ASN D 27 -20.79 -57.83 10.32
N VAL D 28 -19.76 -57.66 9.51
CA VAL D 28 -19.93 -56.99 8.22
C VAL D 28 -20.84 -57.80 7.30
N LYS D 29 -20.69 -59.13 7.26
CA LYS D 29 -21.61 -59.93 6.43
C LYS D 29 -23.05 -59.78 6.90
N ALA D 30 -23.26 -59.67 8.22
CA ALA D 30 -24.62 -59.44 8.72
C ALA D 30 -25.12 -58.07 8.28
N LYS D 31 -24.25 -57.06 8.26
CA LYS D 31 -24.67 -55.74 7.80
C LYS D 31 -25.07 -55.79 6.31
N ILE D 32 -24.38 -56.61 5.53
CA ILE D 32 -24.71 -56.77 4.11
C ILE D 32 -26.03 -57.51 3.95
N GLN D 33 -26.26 -58.51 4.81
CA GLN D 33 -27.55 -59.19 4.84
C GLN D 33 -28.68 -58.20 5.11
N ASP D 34 -28.46 -57.26 6.02
CA ASP D 34 -29.50 -56.29 6.39
C ASP D 34 -29.86 -55.39 5.22
N LYS D 35 -28.86 -55.00 4.44
CA LYS D 35 -29.05 -54.06 3.35
C LYS D 35 -29.51 -54.73 2.06
N GLU D 36 -28.98 -55.92 1.79
CA GLU D 36 -29.16 -56.63 0.52
C GLU D 36 -29.93 -57.93 0.60
N GLY D 37 -30.16 -58.47 1.80
CA GLY D 37 -30.82 -59.76 1.93
C GLY D 37 -30.01 -60.97 1.48
N ILE D 38 -28.70 -60.85 1.40
CA ILE D 38 -27.85 -61.97 1.01
C ILE D 38 -27.45 -62.71 2.29
N PRO D 39 -27.82 -63.98 2.46
CA PRO D 39 -27.39 -64.72 3.67
C PRO D 39 -25.87 -64.78 3.77
N PRO D 40 -25.32 -64.59 4.99
CA PRO D 40 -23.86 -64.60 5.15
C PRO D 40 -23.13 -65.80 4.56
N ASP D 41 -23.72 -67.01 4.61
CA ASP D 41 -23.03 -68.18 4.08
C ASP D 41 -22.89 -68.15 2.56
N GLN D 42 -23.60 -67.24 1.88
CA GLN D 42 -23.37 -67.05 0.46
C GLN D 42 -22.32 -65.99 0.17
N GLN D 43 -21.86 -65.23 1.19
CA GLN D 43 -20.94 -64.12 0.98
C GLN D 43 -19.48 -64.53 1.10
N ARG D 44 -18.63 -63.87 0.31
CA ARG D 44 -17.18 -63.85 0.53
C ARG D 44 -16.72 -62.41 0.34
N LEU D 45 -15.94 -61.90 1.28
CA LEU D 45 -15.42 -60.53 1.20
C LEU D 45 -13.93 -60.57 0.90
N ILE D 46 -13.48 -59.66 0.04
CA ILE D 46 -12.10 -59.57 -0.41
C ILE D 46 -11.60 -58.16 -0.20
N PHE D 47 -10.40 -58.02 0.34
CA PHE D 47 -9.77 -56.71 0.46
C PHE D 47 -8.32 -56.84 0.04
N ALA D 48 -7.88 -55.96 -0.86
CA ALA D 48 -6.51 -55.95 -1.35
C ALA D 48 -6.08 -57.32 -1.85
N GLY D 49 -7.00 -58.01 -2.55
CA GLY D 49 -6.76 -59.31 -3.13
C GLY D 49 -6.80 -60.50 -2.18
N LYS D 50 -7.12 -60.29 -0.90
CA LYS D 50 -7.13 -61.35 0.10
C LYS D 50 -8.55 -61.58 0.62
N GLN D 51 -8.91 -62.85 0.83
CA GLN D 51 -10.22 -63.13 1.40
C GLN D 51 -10.22 -62.87 2.89
N LEU D 52 -11.26 -62.18 3.38
CA LEU D 52 -11.35 -61.85 4.80
C LEU D 52 -11.97 -63.03 5.54
N GLU D 53 -11.34 -63.45 6.63
CA GLU D 53 -11.75 -64.65 7.33
C GLU D 53 -12.57 -64.33 8.57
N ASP D 54 -13.67 -65.06 8.74
CA ASP D 54 -14.55 -64.89 9.88
C ASP D 54 -13.81 -65.03 11.20
N GLY D 55 -14.16 -64.17 12.18
CA GLY D 55 -13.47 -64.13 13.45
C GLY D 55 -12.39 -63.06 13.55
N ARG D 56 -11.85 -62.61 12.42
CA ARG D 56 -10.95 -61.46 12.38
C ARG D 56 -11.75 -60.16 12.32
N THR D 57 -11.09 -59.04 12.61
CA THR D 57 -11.70 -57.71 12.57
C THR D 57 -11.23 -56.93 11.35
N LEU D 58 -11.96 -55.86 11.02
CA LEU D 58 -11.49 -55.01 9.93
C LEU D 58 -10.10 -54.47 10.23
N SER D 59 -9.88 -54.02 11.47
CA SER D 59 -8.57 -53.49 11.86
C SER D 59 -7.46 -54.50 11.64
N ASP D 60 -7.74 -55.80 11.85
CA ASP D 60 -6.75 -56.85 11.60
C ASP D 60 -6.22 -56.80 10.17
N TYR D 61 -7.05 -56.33 9.24
CA TYR D 61 -6.69 -56.27 7.83
C TYR D 61 -6.31 -54.86 7.38
N ASN D 62 -6.16 -53.93 8.34
CA ASN D 62 -5.82 -52.54 8.02
C ASN D 62 -6.86 -51.89 7.11
N ILE D 63 -8.11 -52.30 7.26
CA ILE D 63 -9.23 -51.67 6.56
C ILE D 63 -9.60 -50.38 7.28
N GLN D 64 -9.54 -49.26 6.57
CA GLN D 64 -9.76 -47.93 7.16
C GLN D 64 -10.90 -47.19 6.43
N LYS D 65 -11.21 -45.98 6.92
CA LYS D 65 -12.23 -45.16 6.28
C LYS D 65 -12.02 -45.09 4.77
N GLU D 66 -13.12 -45.21 4.02
CA GLU D 66 -13.17 -45.12 2.57
C GLU D 66 -12.59 -46.34 1.85
N SER D 67 -12.19 -47.39 2.57
CA SER D 67 -11.72 -48.59 1.88
C SER D 67 -12.81 -49.19 1.02
N THR D 68 -12.41 -49.87 -0.04
CA THR D 68 -13.32 -50.62 -0.89
C THR D 68 -13.04 -52.09 -0.72
N LEU D 69 -14.07 -52.85 -0.35
CA LEU D 69 -14.05 -54.30 -0.31
C LEU D 69 -14.76 -54.83 -1.58
N HIS D 70 -14.53 -56.09 -1.90
CA HIS D 70 -15.25 -56.73 -3.00
C HIS D 70 -16.09 -57.86 -2.43
N LEU D 71 -17.36 -57.92 -2.84
CA LEU D 71 -18.24 -59.02 -2.43
C LEU D 71 -18.40 -59.99 -3.60
N VAL D 72 -17.99 -61.23 -3.40
CA VAL D 72 -18.21 -62.30 -4.38
C VAL D 72 -19.01 -63.38 -3.68
N LEU D 73 -19.87 -64.05 -4.43
CA LEU D 73 -20.82 -64.96 -3.81
C LEU D 73 -20.46 -66.41 -4.08
N ARG D 74 -21.02 -67.30 -3.24
CA ARG D 74 -20.89 -68.75 -3.40
C ARG D 74 -21.08 -69.14 -4.86
N LEU D 75 -20.16 -69.98 -5.36
CA LEU D 75 -20.29 -70.51 -6.73
C LEU D 75 -21.27 -71.67 -6.75
N ARG D 76 -22.19 -71.64 -7.71
CA ARG D 76 -23.11 -72.73 -7.96
C ARG D 76 -22.53 -73.64 -9.04
N GLY D 77 -23.08 -74.83 -9.12
CA GLY D 77 -22.73 -75.75 -10.21
C GLY D 77 -23.46 -77.09 -10.22
N MET E 3 24.20 41.55 -58.33
CA MET E 3 25.22 42.59 -58.41
C MET E 3 26.57 42.01 -58.02
N GLN E 4 27.68 42.62 -58.45
CA GLN E 4 28.99 42.15 -58.03
C GLN E 4 29.52 43.00 -56.89
N ILE E 5 30.17 42.35 -55.92
CA ILE E 5 30.97 43.07 -54.92
C ILE E 5 32.35 42.43 -54.89
N PHE E 6 33.26 43.09 -54.17
CA PHE E 6 34.63 42.65 -54.08
C PHE E 6 35.00 42.43 -52.63
N VAL E 7 35.83 41.42 -52.39
CA VAL E 7 36.30 41.10 -51.05
C VAL E 7 37.81 41.07 -51.09
N LYS E 8 38.45 41.86 -50.24
CA LYS E 8 39.90 41.99 -50.24
C LYS E 8 40.43 41.38 -48.95
N THR E 9 41.43 40.50 -49.06
CA THR E 9 42.04 39.85 -47.92
C THR E 9 43.27 40.62 -47.46
N LEU E 10 43.75 40.30 -46.26
CA LEU E 10 44.96 40.96 -45.77
C LEU E 10 46.18 40.52 -46.55
N THR E 11 46.14 39.37 -47.23
CA THR E 11 47.25 38.99 -48.10
C THR E 11 47.24 39.71 -49.44
N GLY E 12 46.24 40.58 -49.70
CA GLY E 12 46.21 41.36 -50.92
C GLY E 12 45.37 40.77 -52.03
N LYS E 13 44.67 39.68 -51.77
CA LYS E 13 43.90 38.99 -52.78
C LYS E 13 42.54 39.65 -52.93
N THR E 14 42.08 39.83 -54.18
CA THR E 14 40.73 40.33 -54.43
C THR E 14 39.87 39.20 -54.95
N ILE E 15 38.71 39.02 -54.31
CA ILE E 15 37.73 38.01 -54.66
C ILE E 15 36.49 38.71 -55.18
N THR E 16 36.00 38.34 -56.35
CA THR E 16 34.75 38.89 -56.87
C THR E 16 33.59 37.97 -56.49
N LEU E 17 32.50 38.55 -56.00
CA LEU E 17 31.33 37.75 -55.63
C LEU E 17 30.10 38.28 -56.32
N GLU E 18 29.20 37.36 -56.70
CA GLU E 18 27.87 37.71 -57.21
C GLU E 18 26.88 37.57 -56.06
N VAL E 19 26.22 38.67 -55.69
CA VAL E 19 25.38 38.71 -54.50
C VAL E 19 24.10 39.48 -54.80
N GLU E 20 23.18 39.44 -53.84
CA GLU E 20 21.93 40.21 -53.84
C GLU E 20 21.86 41.09 -52.60
N PRO E 21 21.19 42.24 -52.69
CA PRO E 21 20.99 43.06 -51.49
C PRO E 21 20.39 42.27 -50.33
N SER E 22 19.54 41.29 -50.60
CA SER E 22 18.91 40.47 -49.57
C SER E 22 19.81 39.38 -49.02
N ASP E 23 20.99 39.19 -49.60
CA ASP E 23 21.89 38.16 -49.08
C ASP E 23 22.31 38.50 -47.64
N THR E 24 22.21 37.50 -46.77
CA THR E 24 22.69 37.70 -45.41
C THR E 24 24.21 37.63 -45.38
N ILE E 25 24.77 38.05 -44.25
CA ILE E 25 26.21 37.95 -44.06
C ILE E 25 26.65 36.50 -44.10
N GLU E 26 25.89 35.60 -43.46
CA GLU E 26 26.23 34.18 -43.52
C GLU E 26 26.16 33.64 -44.94
N ASN E 27 25.28 34.18 -45.79
CA ASN E 27 25.27 33.76 -47.20
C ASN E 27 26.54 34.19 -47.91
N VAL E 28 26.99 35.41 -47.65
CA VAL E 28 28.23 35.88 -48.28
C VAL E 28 29.41 35.05 -47.81
N LYS E 29 29.48 34.75 -46.51
CA LYS E 29 30.55 33.88 -46.03
C LYS E 29 30.46 32.51 -46.69
N ALA E 30 29.25 31.97 -46.84
CA ALA E 30 29.11 30.71 -47.57
C ALA E 30 29.66 30.82 -48.99
N LYS E 31 29.41 31.95 -49.64
CA LYS E 31 29.93 32.13 -50.98
C LYS E 31 31.45 32.19 -51.00
N ILE E 32 32.04 32.73 -49.94
CA ILE E 32 33.49 32.79 -49.88
C ILE E 32 34.06 31.40 -49.66
N GLN E 33 33.40 30.58 -48.85
CA GLN E 33 33.80 29.18 -48.72
C GLN E 33 33.71 28.46 -50.06
N ASP E 34 32.65 28.71 -50.84
CA ASP E 34 32.54 28.07 -52.14
C ASP E 34 33.73 28.43 -53.03
N LYS E 35 34.18 29.68 -52.96
CA LYS E 35 35.25 30.13 -53.86
C LYS E 35 36.63 29.79 -53.31
N GLU E 36 36.84 29.98 -52.01
CA GLU E 36 38.17 29.96 -51.42
C GLU E 36 38.42 28.79 -50.47
N GLY E 37 37.40 28.01 -50.13
CA GLY E 37 37.55 26.92 -49.18
C GLY E 37 37.67 27.32 -47.72
N ILE E 38 37.44 28.58 -47.38
CA ILE E 38 37.61 29.07 -46.01
C ILE E 38 36.30 28.82 -45.26
N PRO E 39 36.29 28.01 -44.21
CA PRO E 39 35.04 27.80 -43.44
C PRO E 39 34.50 29.12 -42.90
N PRO E 40 33.18 29.34 -42.99
CA PRO E 40 32.61 30.59 -42.46
C PRO E 40 33.08 30.95 -41.05
N ASP E 41 33.21 29.97 -40.15
CA ASP E 41 33.57 30.30 -38.78
C ASP E 41 34.96 30.90 -38.67
N GLN E 42 35.78 30.79 -39.71
CA GLN E 42 37.07 31.46 -39.71
C GLN E 42 37.02 32.86 -40.28
N GLN E 43 35.88 33.29 -40.80
CA GLN E 43 35.79 34.54 -41.56
C GLN E 43 35.25 35.67 -40.71
N ARG E 44 35.71 36.88 -40.99
CA ARG E 44 35.08 38.09 -40.51
C ARG E 44 35.09 39.08 -41.66
N LEU E 45 33.95 39.72 -41.91
CA LEU E 45 33.83 40.67 -43.00
C LEU E 45 33.70 42.09 -42.43
N ILE E 46 34.47 43.03 -42.98
CA ILE E 46 34.51 44.42 -42.53
C ILE E 46 34.10 45.33 -43.67
N PHE E 47 33.24 46.31 -43.39
CA PHE E 47 32.89 47.31 -44.40
C PHE E 47 32.71 48.65 -43.73
N ALA E 48 33.36 49.68 -44.28
CA ALA E 48 33.25 51.06 -43.77
C ALA E 48 33.59 51.10 -42.28
N GLY E 49 34.59 50.33 -41.89
CA GLY E 49 35.08 50.31 -40.54
C GLY E 49 34.27 49.48 -39.56
N LYS E 50 33.31 48.70 -40.03
CA LYS E 50 32.41 47.97 -39.13
C LYS E 50 32.40 46.49 -39.50
N GLN E 51 32.44 45.64 -38.48
CA GLN E 51 32.28 44.21 -38.71
C GLN E 51 30.84 43.88 -39.04
N LEU E 52 30.63 43.14 -40.13
CA LEU E 52 29.28 42.80 -40.56
C LEU E 52 28.76 41.61 -39.77
N GLU E 53 27.59 41.76 -39.14
CA GLU E 53 27.10 40.74 -38.22
C GLU E 53 26.17 39.76 -38.93
N ASP E 54 26.42 38.46 -38.69
CA ASP E 54 25.56 37.41 -39.22
C ASP E 54 24.13 37.66 -38.78
N GLY E 55 23.20 37.30 -39.66
CA GLY E 55 21.80 37.56 -39.43
C GLY E 55 21.27 38.83 -40.07
N ARG E 56 22.16 39.75 -40.43
CA ARG E 56 21.84 40.95 -41.18
C ARG E 56 22.09 40.70 -42.66
N THR E 57 21.56 41.59 -43.50
CA THR E 57 21.74 41.48 -44.93
C THR E 57 22.67 42.58 -45.43
N LEU E 58 23.13 42.43 -46.68
CA LEU E 58 23.93 43.50 -47.28
C LEU E 58 23.14 44.81 -47.32
N SER E 59 21.84 44.72 -47.60
CA SER E 59 21.01 45.92 -47.66
CA SER E 59 21.01 45.92 -47.66
C SER E 59 20.95 46.62 -46.31
N ASP E 60 20.90 45.85 -45.22
CA ASP E 60 20.90 46.45 -43.88
C ASP E 60 22.08 47.38 -43.68
N TYR E 61 23.22 47.07 -44.29
CA TYR E 61 24.43 47.89 -44.16
C TYR E 61 24.63 48.86 -45.33
N ASN E 62 23.62 49.05 -46.19
CA ASN E 62 23.76 49.96 -47.33
C ASN E 62 24.89 49.56 -48.27
N ILE E 63 25.24 48.27 -48.32
CA ILE E 63 26.29 47.80 -49.22
C ILE E 63 25.71 47.68 -50.62
N GLN E 64 26.20 48.50 -51.55
CA GLN E 64 25.74 48.57 -52.93
C GLN E 64 26.70 47.85 -53.87
N LYS E 65 26.32 47.79 -55.14
CA LYS E 65 27.12 47.14 -56.15
C LYS E 65 28.53 47.73 -56.17
N GLU E 66 29.51 46.85 -56.38
CA GLU E 66 30.92 47.20 -56.49
C GLU E 66 31.51 47.70 -55.18
N SER E 67 30.84 47.49 -54.04
CA SER E 67 31.50 47.70 -52.75
C SER E 67 32.64 46.71 -52.59
N THR E 68 33.68 47.13 -51.86
CA THR E 68 34.77 46.25 -51.47
C THR E 68 34.65 46.00 -49.97
N LEU E 69 34.45 44.75 -49.59
CA LEU E 69 34.55 44.33 -48.20
C LEU E 69 35.95 43.84 -47.93
N HIS E 70 36.34 43.88 -46.65
CA HIS E 70 37.61 43.34 -46.22
C HIS E 70 37.37 42.03 -45.48
N LEU E 71 38.12 40.99 -45.86
CA LEU E 71 38.02 39.68 -45.23
C LEU E 71 39.23 39.51 -44.33
N VAL E 72 38.99 39.35 -43.03
CA VAL E 72 40.06 39.05 -42.08
C VAL E 72 39.67 37.79 -41.35
N LEU E 73 40.65 36.97 -41.01
CA LEU E 73 40.35 35.63 -40.52
C LEU E 73 40.57 35.54 -39.01
N ARG E 74 39.99 34.50 -38.44
CA ARG E 74 40.15 34.14 -37.03
C ARG E 74 41.62 34.23 -36.63
N LEU E 75 41.87 34.83 -35.46
CA LEU E 75 43.24 34.87 -34.92
C LEU E 75 43.57 33.56 -34.22
N ARG E 76 44.75 33.02 -34.50
CA ARG E 76 45.30 31.86 -33.82
C ARG E 76 46.22 32.34 -32.70
N GLY E 77 46.49 31.43 -31.77
CA GLY E 77 47.32 31.79 -30.62
C GLY E 77 47.74 30.59 -29.80
N MET F 3 -7.24 16.13 18.35
CA MET F 3 -7.14 14.71 18.70
C MET F 3 -5.72 14.36 19.09
N GLN F 4 -5.56 13.31 19.90
CA GLN F 4 -4.27 12.85 20.37
C GLN F 4 -3.74 11.74 19.46
N ILE F 5 -2.47 11.87 19.01
CA ILE F 5 -1.75 10.76 18.40
C ILE F 5 -0.43 10.58 19.14
N PHE F 6 0.25 9.47 18.84
CA PHE F 6 1.50 9.12 19.48
C PHE F 6 2.55 8.90 18.43
N VAL F 7 3.78 9.27 18.77
CA VAL F 7 4.91 9.15 17.85
C VAL F 7 6.01 8.41 18.60
N LYS F 8 6.45 7.29 18.06
CA LYS F 8 7.41 6.41 18.72
C LYS F 8 8.73 6.47 17.97
N THR F 9 9.82 6.72 18.70
CA THR F 9 11.14 6.80 18.06
C THR F 9 11.83 5.44 18.13
N LEU F 10 12.90 5.32 17.36
CA LEU F 10 13.70 4.10 17.41
C LEU F 10 14.46 3.94 18.72
N THR F 11 14.65 5.01 19.49
CA THR F 11 15.22 4.89 20.85
C THR F 11 14.19 4.49 21.89
N GLY F 12 12.92 4.32 21.52
CA GLY F 12 11.89 3.89 22.44
C GLY F 12 11.08 5.00 23.09
N LYS F 13 11.29 6.24 22.68
CA LYS F 13 10.57 7.36 23.27
C LYS F 13 9.20 7.46 22.64
N THR F 14 8.19 7.73 23.46
CA THR F 14 6.85 8.00 22.94
C THR F 14 6.57 9.48 23.16
N ILE F 15 6.21 10.15 22.07
CA ILE F 15 5.85 11.56 22.03
C ILE F 15 4.36 11.64 21.78
N THR F 16 3.63 12.28 22.71
CA THR F 16 2.22 12.59 22.47
C THR F 16 2.07 13.93 21.77
N LEU F 17 1.26 13.96 20.71
CA LEU F 17 0.98 15.17 19.94
C LEU F 17 -0.52 15.40 19.89
N GLU F 18 -0.91 16.68 19.88
CA GLU F 18 -2.29 17.09 19.64
C GLU F 18 -2.39 17.60 18.21
N VAL F 19 -3.23 16.97 17.40
CA VAL F 19 -3.29 17.23 15.97
C VAL F 19 -4.75 17.29 15.54
N GLU F 20 -4.96 17.72 14.30
CA GLU F 20 -6.25 17.64 13.63
C GLU F 20 -6.15 16.71 12.42
N PRO F 21 -7.24 16.04 12.05
CA PRO F 21 -7.21 15.18 10.86
C PRO F 21 -6.75 15.89 9.61
N SER F 22 -7.04 17.18 9.51
CA SER F 22 -6.63 17.96 8.36
C SER F 22 -5.19 18.43 8.44
N ASP F 23 -4.44 18.13 9.50
CA ASP F 23 -3.07 18.61 9.59
C ASP F 23 -2.21 17.95 8.52
N THR F 24 -1.38 18.76 7.87
CA THR F 24 -0.45 18.19 6.88
C THR F 24 0.72 17.49 7.57
N ILE F 25 1.40 16.65 6.80
CA ILE F 25 2.53 15.92 7.37
C ILE F 25 3.62 16.90 7.83
N GLU F 26 3.84 17.98 7.08
CA GLU F 26 4.87 18.93 7.51
C GLU F 26 4.45 19.71 8.74
N ASN F 27 3.14 19.89 8.95
CA ASN F 27 2.67 20.46 10.20
C ASN F 27 2.97 19.52 11.36
N VAL F 28 2.77 18.22 11.17
CA VAL F 28 3.13 17.28 12.22
C VAL F 28 4.63 17.34 12.50
N LYS F 29 5.45 17.38 11.45
CA LYS F 29 6.89 17.52 11.66
C LYS F 29 7.23 18.80 12.42
N ALA F 30 6.51 19.90 12.13
CA ALA F 30 6.75 21.14 12.86
C ALA F 30 6.39 20.97 14.32
N LYS F 31 5.31 20.24 14.63
CA LYS F 31 4.96 20.01 16.03
C LYS F 31 6.05 19.20 16.73
N ILE F 32 6.63 18.22 16.02
CA ILE F 32 7.71 17.43 16.61
C ILE F 32 8.94 18.30 16.85
N GLN F 33 9.21 19.24 15.93
CA GLN F 33 10.31 20.18 16.17
C GLN F 33 10.03 21.04 17.40
N ASP F 34 8.77 21.47 17.58
CA ASP F 34 8.44 22.32 18.71
C ASP F 34 8.84 21.67 20.02
N LYS F 35 8.56 20.37 20.18
CA LYS F 35 8.80 19.80 21.49
C LYS F 35 10.05 18.94 21.59
N GLU F 36 10.58 18.40 20.48
CA GLU F 36 11.81 17.61 20.53
C GLU F 36 13.03 18.33 20.01
N GLY F 37 12.85 19.48 19.32
CA GLY F 37 13.96 20.19 18.71
C GLY F 37 14.55 19.59 17.46
N ILE F 38 13.90 18.60 16.85
CA ILE F 38 14.44 17.93 15.67
C ILE F 38 14.00 18.74 14.44
N PRO F 39 14.93 19.25 13.63
CA PRO F 39 14.54 19.91 12.37
C PRO F 39 13.71 18.99 11.49
N PRO F 40 12.69 19.53 10.83
CA PRO F 40 11.84 18.68 9.96
C PRO F 40 12.62 17.93 8.89
N ASP F 41 13.66 18.53 8.30
CA ASP F 41 14.42 17.84 7.24
C ASP F 41 15.15 16.59 7.75
N GLN F 42 15.29 16.42 9.06
CA GLN F 42 15.85 15.18 9.60
C GLN F 42 14.79 14.14 9.93
N GLN F 43 13.50 14.48 9.83
CA GLN F 43 12.42 13.58 10.25
C GLN F 43 11.87 12.77 9.10
N ARG F 44 11.46 11.54 9.39
CA ARG F 44 10.60 10.79 8.49
C ARG F 44 9.53 10.15 9.36
N LEU F 45 8.28 10.18 8.89
CA LEU F 45 7.18 9.60 9.67
C LEU F 45 6.64 8.37 8.94
N ILE F 46 6.37 7.31 9.70
CA ILE F 46 5.86 6.04 9.18
C ILE F 46 4.55 5.70 9.87
N PHE F 47 3.55 5.30 9.08
CA PHE F 47 2.29 4.76 9.62
C PHE F 47 1.89 3.54 8.81
N ALA F 48 1.66 2.43 9.50
CA ALA F 48 1.22 1.18 8.88
C ALA F 48 2.13 0.80 7.72
N GLY F 49 3.44 0.93 7.91
CA GLY F 49 4.39 0.50 6.90
C GLY F 49 4.58 1.44 5.73
N LYS F 50 4.00 2.64 5.77
CA LYS F 50 4.13 3.60 4.68
C LYS F 50 4.77 4.89 5.19
N GLN F 51 5.73 5.43 4.42
CA GLN F 51 6.26 6.75 4.73
C GLN F 51 5.22 7.84 4.39
N LEU F 52 4.95 8.74 5.32
CA LEU F 52 3.97 9.81 5.09
C LEU F 52 4.64 10.95 4.31
N GLU F 53 4.01 11.39 3.22
CA GLU F 53 4.66 12.36 2.35
C GLU F 53 4.19 13.77 2.61
N ASP F 54 5.14 14.71 2.55
CA ASP F 54 4.80 16.12 2.78
C ASP F 54 3.79 16.60 1.75
N GLY F 55 2.83 17.40 2.22
CA GLY F 55 1.74 17.88 1.39
C GLY F 55 0.45 17.11 1.55
N ARG F 56 0.51 15.89 2.09
CA ARG F 56 -0.68 15.14 2.43
C ARG F 56 -1.10 15.44 3.86
N THR F 57 -2.32 15.06 4.19
CA THR F 57 -2.83 15.23 5.55
C THR F 57 -2.90 13.89 6.26
N LEU F 58 -3.03 13.95 7.59
CA LEU F 58 -3.30 12.74 8.36
C LEU F 58 -4.53 11.99 7.87
N SER F 59 -5.58 12.73 7.50
CA SER F 59 -6.81 12.09 7.03
CA SER F 59 -6.81 12.09 7.03
C SER F 59 -6.58 11.35 5.71
N ASP F 60 -5.73 11.89 4.84
CA ASP F 60 -5.39 11.20 3.60
C ASP F 60 -4.87 9.79 3.86
N TYR F 61 -4.26 9.57 5.02
CA TYR F 61 -3.71 8.27 5.40
C TYR F 61 -4.61 7.51 6.37
N ASN F 62 -5.81 8.02 6.63
CA ASN F 62 -6.77 7.39 7.55
C ASN F 62 -6.15 7.24 8.94
N ILE F 63 -5.36 8.24 9.33
CA ILE F 63 -4.74 8.23 10.65
C ILE F 63 -5.77 8.80 11.61
N GLN F 64 -6.22 7.97 12.54
CA GLN F 64 -7.31 8.31 13.46
C GLN F 64 -6.75 8.63 14.84
N LYS F 65 -7.64 9.07 15.73
CA LYS F 65 -7.22 9.35 17.09
C LYS F 65 -6.52 8.14 17.70
N GLU F 66 -5.44 8.41 18.43
CA GLU F 66 -4.66 7.43 19.17
C GLU F 66 -3.86 6.51 18.27
N SER F 67 -3.73 6.84 16.98
CA SER F 67 -2.76 6.15 16.14
C SER F 67 -1.36 6.34 16.69
N THR F 68 -0.49 5.37 16.40
CA THR F 68 0.93 5.49 16.73
C THR F 68 1.69 5.60 15.42
N LEU F 69 2.37 6.73 15.21
CA LEU F 69 3.30 6.90 14.10
C LEU F 69 4.70 6.53 14.57
N HIS F 70 5.56 6.16 13.62
CA HIS F 70 6.96 5.91 13.93
C HIS F 70 7.81 7.03 13.36
N LEU F 71 8.70 7.56 14.19
CA LEU F 71 9.61 8.62 13.79
C LEU F 71 10.98 7.99 13.61
N VAL F 72 11.51 8.02 12.40
CA VAL F 72 12.87 7.58 12.12
C VAL F 72 13.60 8.75 11.47
N LEU F 73 14.88 8.87 11.79
CA LEU F 73 15.58 10.09 11.42
C LEU F 73 16.48 9.84 10.22
N ARG F 74 16.85 10.93 9.57
CA ARG F 74 17.85 10.94 8.50
C ARG F 74 19.03 10.04 8.85
N LEU F 75 19.45 9.21 7.90
CA LEU F 75 20.66 8.39 8.07
C LEU F 75 21.93 9.18 7.79
N ARG F 76 22.93 9.04 8.67
CA ARG F 76 24.22 9.64 8.46
C ARG F 76 25.17 8.58 7.90
N GLY F 77 26.30 9.04 7.38
CA GLY F 77 27.25 8.12 6.80
C GLY F 77 28.57 8.75 6.35
N MET G 3 21.12 44.94 -10.74
CA MET G 3 20.80 44.47 -9.40
C MET G 3 20.02 45.51 -8.60
N GLN G 4 19.29 45.04 -7.60
CA GLN G 4 18.41 45.90 -6.81
C GLN G 4 19.08 46.21 -5.49
N ILE G 5 19.18 47.50 -5.17
CA ILE G 5 19.57 47.97 -3.84
C ILE G 5 18.49 48.90 -3.31
N PHE G 6 18.54 49.13 -2.01
CA PHE G 6 17.60 49.99 -1.32
C PHE G 6 18.34 51.18 -0.70
N VAL G 7 17.63 52.29 -0.60
CA VAL G 7 18.16 53.55 -0.06
C VAL G 7 17.14 54.07 0.94
N LYS G 8 17.53 54.17 2.19
CA LYS G 8 16.64 54.56 3.27
C LYS G 8 17.01 55.95 3.77
N THR G 9 16.00 56.81 3.94
CA THR G 9 16.20 58.17 4.41
C THR G 9 15.96 58.25 5.91
N LEU G 10 16.37 59.38 6.51
CA LEU G 10 16.14 59.59 7.92
C LEU G 10 14.67 59.82 8.23
N THR G 11 13.86 60.22 7.24
CA THR G 11 12.42 60.33 7.47
C THR G 11 11.71 58.99 7.35
N GLY G 12 12.42 57.90 7.10
CA GLY G 12 11.84 56.58 7.09
C GLY G 12 11.41 56.08 5.73
N LYS G 13 11.72 56.80 4.66
CA LYS G 13 11.32 56.36 3.32
C LYS G 13 12.35 55.38 2.77
N THR G 14 11.87 54.39 2.02
CA THR G 14 12.73 53.44 1.33
C THR G 14 12.61 53.65 -0.17
N ILE G 15 13.72 53.98 -0.81
CA ILE G 15 13.82 54.11 -2.25
C ILE G 15 14.41 52.84 -2.82
N THR G 16 13.84 52.35 -3.92
CA THR G 16 14.35 51.18 -4.62
C THR G 16 15.08 51.64 -5.89
N LEU G 17 16.29 51.12 -6.10
CA LEU G 17 17.09 51.48 -7.26
C LEU G 17 17.55 50.24 -8.00
N GLU G 18 17.67 50.38 -9.32
CA GLU G 18 18.34 49.40 -10.17
C GLU G 18 19.69 49.97 -10.54
N VAL G 19 20.75 49.22 -10.26
CA VAL G 19 22.13 49.67 -10.44
C VAL G 19 22.97 48.53 -10.98
N GLU G 20 24.24 48.82 -11.22
CA GLU G 20 25.23 47.82 -11.56
C GLU G 20 26.40 47.93 -10.59
N PRO G 21 27.08 46.83 -10.27
CA PRO G 21 28.25 46.94 -9.39
C PRO G 21 29.24 47.99 -9.86
N SER G 22 29.32 48.19 -11.18
CA SER G 22 30.23 49.17 -11.79
C SER G 22 29.75 50.61 -11.67
N ASP G 23 28.53 50.86 -11.20
CA ASP G 23 28.06 52.24 -11.09
C ASP G 23 28.88 53.03 -10.08
N THR G 24 29.16 54.29 -10.41
CA THR G 24 29.87 55.14 -9.47
C THR G 24 28.90 55.69 -8.45
N ILE G 25 29.46 56.21 -7.36
CA ILE G 25 28.62 56.85 -6.34
C ILE G 25 27.85 58.03 -6.94
N GLU G 26 28.49 58.83 -7.79
CA GLU G 26 27.71 59.96 -8.32
C GLU G 26 26.62 59.49 -9.29
N ASN G 27 26.82 58.33 -9.93
CA ASN G 27 25.75 57.78 -10.75
C ASN G 27 24.57 57.35 -9.90
N VAL G 28 24.84 56.75 -8.74
CA VAL G 28 23.76 56.39 -7.82
C VAL G 28 23.04 57.65 -7.32
N LYS G 29 23.78 58.70 -6.97
CA LYS G 29 23.15 59.96 -6.56
C LYS G 29 22.27 60.50 -7.67
N ALA G 30 22.73 60.42 -8.93
CA ALA G 30 21.89 60.83 -10.04
C ALA G 30 20.61 60.01 -10.11
N LYS G 31 20.71 58.70 -9.86
CA LYS G 31 19.50 57.89 -9.91
C LYS G 31 18.54 58.28 -8.79
N ILE G 32 19.09 58.74 -7.66
CA ILE G 32 18.26 59.23 -6.57
C ILE G 32 17.59 60.55 -6.94
N GLN G 33 18.32 61.43 -7.65
CA GLN G 33 17.73 62.66 -8.14
C GLN G 33 16.58 62.36 -9.09
N ASP G 34 16.72 61.33 -9.92
CA ASP G 34 15.66 60.97 -10.86
C ASP G 34 14.37 60.62 -10.14
N LYS G 35 14.46 59.85 -9.07
CA LYS G 35 13.26 59.37 -8.41
C LYS G 35 12.71 60.33 -7.36
N GLU G 36 13.58 61.07 -6.67
CA GLU G 36 13.14 61.90 -5.55
C GLU G 36 13.30 63.40 -5.75
N GLY G 37 13.96 63.85 -6.81
CA GLY G 37 14.18 65.27 -7.02
C GLY G 37 15.25 65.93 -6.17
N ILE G 38 16.09 65.16 -5.49
CA ILE G 38 17.08 65.72 -4.57
C ILE G 38 18.37 65.97 -5.37
N PRO G 39 18.83 67.21 -5.48
CA PRO G 39 20.13 67.48 -6.13
C PRO G 39 21.25 66.67 -5.50
N PRO G 40 22.14 66.10 -6.32
CA PRO G 40 23.25 65.30 -5.76
C PRO G 40 24.09 66.01 -4.73
N ASP G 41 24.31 67.32 -4.87
CA ASP G 41 25.14 68.04 -3.91
C ASP G 41 24.50 68.11 -2.51
N GLN G 42 23.21 67.82 -2.39
CA GLN G 42 22.55 67.71 -1.10
C GLN G 42 22.61 66.30 -0.51
N GLN G 43 23.09 65.31 -1.26
CA GLN G 43 23.04 63.92 -0.84
C GLN G 43 24.35 63.48 -0.22
N ARG G 44 24.24 62.59 0.77
CA ARG G 44 25.36 61.75 1.22
C ARG G 44 24.86 60.33 1.36
N LEU G 45 25.66 59.36 0.92
CA LEU G 45 25.29 57.96 1.03
C LEU G 45 26.21 57.23 2.01
N ILE G 46 25.61 56.39 2.84
CA ILE G 46 26.30 55.67 3.90
C ILE G 46 26.03 54.19 3.72
N PHE G 47 27.07 53.38 3.81
CA PHE G 47 26.95 51.93 3.78
C PHE G 47 27.90 51.36 4.80
N ALA G 48 27.41 50.47 5.67
CA ALA G 48 28.23 49.83 6.68
C ALA G 48 28.98 50.87 7.53
N GLY G 49 28.29 51.96 7.86
CA GLY G 49 28.89 53.00 8.68
C GLY G 49 29.99 53.80 8.01
N LYS G 50 30.14 53.73 6.69
CA LYS G 50 31.13 54.52 5.98
C LYS G 50 30.45 55.39 4.94
N GLN G 51 30.90 56.63 4.82
CA GLN G 51 30.41 57.51 3.77
C GLN G 51 31.03 57.10 2.44
N LEU G 52 30.20 56.98 1.41
CA LEU G 52 30.64 56.55 0.08
C LEU G 52 31.14 57.75 -0.72
N GLU G 53 32.33 57.64 -1.29
CA GLU G 53 32.99 58.78 -1.90
C GLU G 53 32.79 58.83 -3.42
N ASP G 54 32.54 60.02 -3.92
CA ASP G 54 32.36 60.20 -5.35
C ASP G 54 33.62 59.78 -6.09
N GLY G 55 33.44 59.11 -7.22
CA GLY G 55 34.54 58.55 -8.00
C GLY G 55 34.79 57.07 -7.78
N ARG G 56 34.26 56.50 -6.70
CA ARG G 56 34.33 55.07 -6.41
C ARG G 56 33.06 54.39 -6.91
N THR G 57 33.13 53.07 -7.03
CA THR G 57 32.02 52.25 -7.48
C THR G 57 31.37 51.52 -6.30
N LEU G 58 30.17 51.01 -6.55
CA LEU G 58 29.50 50.18 -5.56
C LEU G 58 30.33 48.94 -5.24
N SER G 59 30.95 48.34 -6.27
CA SER G 59 31.77 47.15 -6.06
C SER G 59 32.98 47.46 -5.18
N ASP G 60 33.56 48.67 -5.30
CA ASP G 60 34.66 49.07 -4.44
C ASP G 60 34.30 48.95 -2.96
N TYR G 61 33.01 49.10 -2.63
CA TYR G 61 32.53 49.04 -1.26
C TYR G 61 31.90 47.69 -0.94
N ASN G 62 31.99 46.71 -1.84
CA ASN G 62 31.42 45.38 -1.64
C ASN G 62 29.90 45.45 -1.51
N ILE G 63 29.29 46.47 -2.10
CA ILE G 63 27.84 46.60 -2.10
C ILE G 63 27.27 45.61 -3.09
N GLN G 64 26.38 44.74 -2.63
CA GLN G 64 25.85 43.63 -3.41
C GLN G 64 24.34 43.77 -3.57
N LYS G 65 23.76 42.77 -4.24
CA LYS G 65 22.32 42.70 -4.43
C LYS G 65 21.60 42.82 -3.09
N GLU G 66 20.49 43.54 -3.11
CA GLU G 66 19.62 43.71 -1.94
C GLU G 66 20.31 44.43 -0.79
N SER G 67 21.44 45.10 -1.04
CA SER G 67 22.02 45.93 -0.01
C SER G 67 21.12 47.13 0.26
N THR G 68 21.22 47.67 1.46
CA THR G 68 20.53 48.90 1.82
C THR G 68 21.58 49.97 2.14
N LEU G 69 21.53 51.08 1.42
CA LEU G 69 22.31 52.26 1.72
C LEU G 69 21.46 53.24 2.53
N HIS G 70 22.13 54.17 3.20
CA HIS G 70 21.42 55.20 3.95
C HIS G 70 21.67 56.55 3.30
N LEU G 71 20.59 57.29 3.06
CA LEU G 71 20.67 58.63 2.47
C LEU G 71 20.51 59.65 3.59
N VAL G 72 21.51 60.48 3.79
CA VAL G 72 21.38 61.61 4.70
C VAL G 72 21.73 62.87 3.92
N LEU G 73 21.08 63.97 4.28
CA LEU G 73 21.16 65.17 3.47
C LEU G 73 22.05 66.23 4.12
N ARG G 74 22.51 67.14 3.28
CA ARG G 74 23.21 68.36 3.68
C ARG G 74 22.60 68.97 4.91
N LEU G 75 23.43 69.29 5.90
CA LEU G 75 22.94 69.98 7.09
C LEU G 75 22.84 71.48 6.84
N ARG G 76 21.71 72.06 7.24
CA ARG G 76 21.48 73.50 7.20
C ARG G 76 21.78 74.12 8.57
N GLY G 77 21.98 75.44 8.59
CA GLY G 77 22.27 76.13 9.83
C GLY G 77 22.37 77.65 9.72
N MET H 3 -6.98 -7.62 25.07
CA MET H 3 -7.34 -8.16 26.38
C MET H 3 -8.15 -7.13 27.16
N GLN H 4 -8.79 -7.59 28.24
CA GLN H 4 -9.67 -6.77 29.05
C GLN H 4 -8.98 -6.43 30.37
N ILE H 5 -8.99 -5.15 30.72
CA ILE H 5 -8.61 -4.72 32.06
C ILE H 5 -9.72 -3.84 32.61
N PHE H 6 -9.70 -3.64 33.92
CA PHE H 6 -10.67 -2.80 34.61
C PHE H 6 -9.94 -1.62 35.23
N VAL H 7 -10.62 -0.48 35.32
CA VAL H 7 -10.08 0.74 35.92
C VAL H 7 -11.11 1.22 36.95
N LYS H 8 -10.70 1.31 38.22
CA LYS H 8 -11.63 1.65 39.29
C LYS H 8 -11.32 3.05 39.83
N THR H 9 -12.37 3.84 40.06
CA THR H 9 -12.19 5.22 40.51
C THR H 9 -12.43 5.30 42.00
N LEU H 10 -12.08 6.46 42.58
CA LEU H 10 -12.31 6.68 44.00
C LEU H 10 -13.78 6.94 44.31
N THR H 11 -14.57 7.41 43.32
CA THR H 11 -16.02 7.48 43.51
C THR H 11 -16.70 6.12 43.38
N GLY H 12 -15.96 5.05 43.14
CA GLY H 12 -16.52 3.71 43.15
C GLY H 12 -16.93 3.19 41.80
N LYS H 13 -16.62 3.91 40.72
CA LYS H 13 -17.00 3.48 39.39
C LYS H 13 -15.99 2.49 38.84
N THR H 14 -16.46 1.54 38.03
CA THR H 14 -15.55 0.62 37.34
C THR H 14 -15.77 0.73 35.85
N ILE H 15 -14.72 1.05 35.11
CA ILE H 15 -14.80 1.10 33.66
C ILE H 15 -14.01 -0.07 33.10
N THR H 16 -14.46 -0.56 31.95
CA THR H 16 -13.85 -1.69 31.27
C THR H 16 -13.19 -1.22 30.00
N LEU H 17 -11.92 -1.60 29.80
CA LEU H 17 -11.17 -1.21 28.62
C LEU H 17 -10.70 -2.44 27.84
N GLU H 18 -10.55 -2.27 26.53
CA GLU H 18 -9.87 -3.24 25.69
C GLU H 18 -8.46 -2.73 25.41
N VAL H 19 -7.46 -3.52 25.77
CA VAL H 19 -6.06 -3.10 25.68
C VAL H 19 -5.21 -4.23 25.12
N GLU H 20 -4.01 -3.87 24.68
CA GLU H 20 -2.94 -4.77 24.32
C GLU H 20 -1.82 -4.65 25.34
N PRO H 21 -1.09 -5.72 25.64
CA PRO H 21 0.06 -5.58 26.55
C PRO H 21 1.06 -4.52 26.10
N SER H 22 1.15 -4.27 24.79
CA SER H 22 2.07 -3.28 24.25
C SER H 22 1.53 -1.85 24.29
N ASP H 23 0.29 -1.65 24.74
CA ASP H 23 -0.21 -0.30 24.89
C ASP H 23 0.58 0.45 25.96
N THR H 24 0.89 1.69 25.66
CA THR H 24 1.59 2.51 26.63
C THR H 24 0.60 3.07 27.64
N ILE H 25 1.14 3.60 28.74
CA ILE H 25 0.29 4.20 29.75
C ILE H 25 -0.50 5.36 29.17
N GLU H 26 0.12 6.17 28.30
CA GLU H 26 -0.61 7.32 27.76
C GLU H 26 -1.69 6.88 26.80
N ASN H 27 -1.52 5.75 26.10
CA ASN H 27 -2.62 5.20 25.31
C ASN H 27 -3.76 4.73 26.20
N VAL H 28 -3.45 4.17 27.37
CA VAL H 28 -4.51 3.79 28.29
C VAL H 28 -5.27 5.01 28.81
N LYS H 29 -4.56 6.09 29.14
CA LYS H 29 -5.23 7.33 29.54
C LYS H 29 -6.10 7.87 28.41
N ALA H 30 -5.65 7.74 27.16
CA ALA H 30 -6.50 8.17 26.05
C ALA H 30 -7.77 7.32 25.97
N LYS H 31 -7.65 6.04 26.27
CA LYS H 31 -8.83 5.18 26.22
C LYS H 31 -9.82 5.54 27.32
N ILE H 32 -9.30 5.91 28.49
CA ILE H 32 -10.14 6.39 29.59
C ILE H 32 -10.83 7.69 29.20
N GLN H 33 -10.10 8.57 28.51
CA GLN H 33 -10.69 9.83 28.04
C GLN H 33 -11.84 9.55 27.08
N ASP H 34 -11.67 8.58 26.17
CA ASP H 34 -12.74 8.24 25.23
C ASP H 34 -14.02 7.87 25.95
N LYS H 35 -13.91 7.09 27.03
CA LYS H 35 -15.10 6.60 27.70
C LYS H 35 -15.62 7.57 28.75
N GLU H 36 -14.74 8.30 29.44
CA GLU H 36 -15.13 9.10 30.60
C GLU H 36 -15.03 10.61 30.39
N GLY H 37 -14.38 11.08 29.33
CA GLY H 37 -14.23 12.51 29.15
C GLY H 37 -13.19 13.18 30.05
N ILE H 38 -12.34 12.39 30.71
CA ILE H 38 -11.32 12.94 31.61
C ILE H 38 -10.05 13.20 30.80
N PRO H 39 -9.59 14.44 30.69
CA PRO H 39 -8.31 14.71 30.01
C PRO H 39 -7.17 13.95 30.66
N PRO H 40 -6.27 13.38 29.84
CA PRO H 40 -5.14 12.61 30.36
C PRO H 40 -4.33 13.31 31.42
N ASP H 41 -4.12 14.61 31.31
CA ASP H 41 -3.30 15.31 32.29
C ASP H 41 -3.93 15.38 33.67
N GLN H 42 -5.22 15.05 33.81
CA GLN H 42 -5.87 14.97 35.11
C GLN H 42 -5.82 13.57 35.71
N GLN H 43 -5.32 12.58 34.98
CA GLN H 43 -5.37 11.17 35.37
C GLN H 43 -4.06 10.72 36.00
N ARG H 44 -4.17 9.81 36.95
CA ARG H 44 -3.03 9.03 37.42
C ARG H 44 -3.47 7.59 37.55
N LEU H 45 -2.67 6.66 37.04
CA LEU H 45 -3.02 5.24 37.13
C LEU H 45 -2.10 4.53 38.11
N ILE H 46 -2.70 3.69 38.96
CA ILE H 46 -1.99 2.95 40.00
C ILE H 46 -2.27 1.47 39.80
N PHE H 47 -1.22 0.66 39.93
CA PHE H 47 -1.39 -0.79 39.92
C PHE H 47 -0.45 -1.40 40.92
N ALA H 48 -0.97 -2.25 41.81
CA ALA H 48 -0.15 -2.93 42.82
C ALA H 48 0.69 -1.93 43.60
N GLY H 49 0.07 -0.80 43.98
CA GLY H 49 0.71 0.21 44.80
C GLY H 49 1.74 1.10 44.14
N LYS H 50 1.86 1.07 42.82
CA LYS H 50 2.83 1.89 42.11
C LYS H 50 2.12 2.72 41.06
N GLN H 51 2.58 3.96 40.89
CA GLN H 51 2.04 4.80 39.84
C GLN H 51 2.64 4.39 38.50
N LEU H 52 1.80 4.25 37.50
CA LEU H 52 2.23 3.86 36.16
C LEU H 52 2.76 5.08 35.43
N GLU H 53 3.96 4.96 34.83
CA GLU H 53 4.63 6.09 34.24
C GLU H 53 4.43 6.16 32.71
N ASP H 54 4.13 7.36 32.23
CA ASP H 54 3.95 7.55 30.79
C ASP H 54 5.21 7.14 30.04
N GLY H 55 5.01 6.48 28.90
CA GLY H 55 6.09 5.93 28.11
C GLY H 55 6.40 4.47 28.38
N ARG H 56 5.98 3.93 29.51
CA ARG H 56 6.07 2.50 29.74
C ARG H 56 4.82 1.83 29.18
N THR H 57 4.89 0.50 29.03
CA THR H 57 3.74 -0.28 28.58
C THR H 57 3.12 -1.06 29.73
N LEU H 58 1.92 -1.57 29.47
CA LEU H 58 1.26 -2.43 30.43
C LEU H 58 2.12 -3.67 30.70
N SER H 59 2.74 -4.22 29.66
CA SER H 59 3.60 -5.38 29.82
C SER H 59 4.79 -5.09 30.72
N ASP H 60 5.32 -3.85 30.68
CA ASP H 60 6.43 -3.46 31.55
C ASP H 60 6.07 -3.62 33.03
N TYR H 61 4.79 -3.55 33.37
CA TYR H 61 4.35 -3.64 34.76
C TYR H 61 3.71 -4.98 35.08
N ASN H 62 3.82 -5.97 34.17
CA ASN H 62 3.26 -7.30 34.36
C ASN H 62 1.74 -7.26 34.49
N ILE H 63 1.12 -6.24 33.90
CA ILE H 63 -0.32 -6.10 33.92
C ILE H 63 -0.90 -7.08 32.92
N GLN H 64 -1.66 -8.06 33.41
CA GLN H 64 -2.16 -9.17 32.62
C GLN H 64 -3.66 -9.04 32.42
N LYS H 65 -4.21 -9.96 31.63
CA LYS H 65 -5.65 -10.02 31.42
C LYS H 65 -6.40 -9.91 32.74
N GLU H 66 -7.54 -9.20 32.71
CA GLU H 66 -8.46 -9.03 33.82
C GLU H 66 -7.85 -8.30 35.03
N SER H 67 -6.69 -7.65 34.87
CA SER H 67 -6.16 -6.83 35.95
C SER H 67 -7.07 -5.63 36.22
N THR H 68 -6.98 -5.10 37.44
CA THR H 68 -7.67 -3.87 37.80
C THR H 68 -6.64 -2.79 38.13
N LEU H 69 -6.67 -1.69 37.37
CA LEU H 69 -5.93 -0.49 37.70
C LEU H 69 -6.79 0.45 38.53
N HIS H 70 -6.14 1.38 39.23
CA HIS H 70 -6.87 2.38 40.00
C HIS H 70 -6.60 3.75 39.41
N LEU H 71 -7.67 4.49 39.15
CA LEU H 71 -7.59 5.81 38.57
C LEU H 71 -7.83 6.83 39.69
N VAL H 72 -6.86 7.70 39.94
CA VAL H 72 -7.03 8.80 40.86
C VAL H 72 -6.71 10.06 40.08
N LEU H 73 -7.37 11.17 40.43
CA LEU H 73 -7.28 12.37 39.62
C LEU H 73 -6.39 13.44 40.25
N ARG H 74 -5.95 14.36 39.41
CA ARG H 74 -5.21 15.55 39.83
C ARG H 74 -5.86 16.16 41.07
N LEU H 75 -5.04 16.49 42.08
CA LEU H 75 -5.56 17.15 43.28
C LEU H 75 -5.70 18.65 43.06
N ARG H 76 -6.83 19.21 43.49
CA ARG H 76 -7.03 20.65 43.48
C ARG H 76 -6.69 21.28 44.84
N GLY H 77 -6.52 22.60 44.84
CA GLY H 77 -6.21 23.31 46.08
C GLY H 77 -6.17 24.83 45.94
N MET I 3 10.12 30.77 13.37
CA MET I 3 8.87 30.03 13.40
C MET I 3 8.51 29.56 11.98
N GLN I 4 7.77 28.47 11.90
CA GLN I 4 7.32 27.93 10.63
C GLN I 4 5.86 28.27 10.39
N ILE I 5 5.55 28.72 9.17
CA ILE I 5 4.17 28.86 8.73
C ILE I 5 4.03 28.12 7.41
N PHE I 6 2.79 27.87 7.03
CA PHE I 6 2.48 27.15 5.81
C PHE I 6 1.64 28.03 4.90
N VAL I 7 1.81 27.80 3.59
CA VAL I 7 1.11 28.58 2.57
C VAL I 7 0.47 27.58 1.62
N LYS I 8 -0.86 27.61 1.50
CA LYS I 8 -1.59 26.69 0.66
C LYS I 8 -2.14 27.43 -0.57
N THR I 9 -1.89 26.88 -1.76
CA THR I 9 -2.35 27.46 -3.00
C THR I 9 -3.70 26.86 -3.41
N LEU I 10 -4.35 27.50 -4.39
CA LEU I 10 -5.60 26.95 -4.88
C LEU I 10 -5.42 25.63 -5.63
N THR I 11 -4.21 25.36 -6.16
CA THR I 11 -3.87 24.06 -6.75
C THR I 11 -3.61 22.98 -5.71
N GLY I 12 -3.64 23.31 -4.42
CA GLY I 12 -3.45 22.31 -3.38
C GLY I 12 -2.01 22.11 -2.93
N LYS I 13 -1.08 22.93 -3.40
CA LYS I 13 0.30 22.86 -2.98
C LYS I 13 0.47 23.49 -1.60
N THR I 14 1.18 22.82 -0.71
CA THR I 14 1.54 23.39 0.57
C THR I 14 3.02 23.76 0.53
N ILE I 15 3.32 24.99 0.95
CA ILE I 15 4.68 25.54 1.01
C ILE I 15 5.01 25.85 2.46
N THR I 16 6.19 25.45 2.92
CA THR I 16 6.64 25.79 4.27
C THR I 16 7.57 27.00 4.21
N LEU I 17 7.32 27.98 5.07
CA LEU I 17 8.15 29.17 5.16
C LEU I 17 8.70 29.32 6.57
N GLU I 18 9.91 29.86 6.66
CA GLU I 18 10.49 30.29 7.93
C GLU I 18 10.31 31.79 8.05
N VAL I 19 9.52 32.22 9.02
CA VAL I 19 9.14 33.62 9.17
C VAL I 19 9.45 34.05 10.61
N GLU I 20 9.25 35.34 10.88
CA GLU I 20 9.20 35.95 12.19
C GLU I 20 7.85 36.64 12.37
N PRO I 21 7.34 36.74 13.60
CA PRO I 21 6.11 37.50 13.81
C PRO I 21 6.24 38.95 13.33
N SER I 22 7.46 39.49 13.37
CA SER I 22 7.71 40.85 12.91
C SER I 22 7.67 40.98 11.39
N ASP I 23 7.74 39.87 10.65
CA ASP I 23 7.82 39.96 9.20
C ASP I 23 6.58 40.63 8.63
N THR I 24 6.80 41.53 7.68
CA THR I 24 5.71 42.18 6.94
C THR I 24 5.14 41.22 5.90
N ILE I 25 3.93 41.54 5.42
CA ILE I 25 3.35 40.75 4.33
C ILE I 25 4.26 40.79 3.10
N GLU I 26 4.88 41.96 2.85
CA GLU I 26 5.87 42.10 1.79
C GLU I 26 6.99 41.07 1.92
N ASN I 27 7.58 40.96 3.12
CA ASN I 27 8.63 39.97 3.33
C ASN I 27 8.13 38.54 3.05
N VAL I 28 6.89 38.23 3.43
CA VAL I 28 6.36 36.88 3.23
C VAL I 28 6.21 36.57 1.75
N LYS I 29 5.86 37.59 0.94
CA LYS I 29 5.73 37.37 -0.50
C LYS I 29 7.10 37.20 -1.17
N ALA I 30 8.12 37.90 -0.69
CA ALA I 30 9.47 37.66 -1.24
C ALA I 30 9.97 36.26 -0.92
N LYS I 31 9.65 35.73 0.24
CA LYS I 31 10.04 34.36 0.55
C LYS I 31 9.30 33.36 -0.33
N ILE I 32 8.03 33.65 -0.65
CA ILE I 32 7.31 32.81 -1.60
C ILE I 32 7.96 32.87 -2.97
N GLN I 33 8.38 34.06 -3.39
CA GLN I 33 9.09 34.18 -4.66
C GLN I 33 10.35 33.34 -4.68
N ASP I 34 11.13 33.37 -3.58
CA ASP I 34 12.36 32.59 -3.52
C ASP I 34 12.10 31.11 -3.73
N LYS I 35 11.10 30.57 -3.02
CA LYS I 35 10.82 29.13 -3.11
C LYS I 35 10.11 28.74 -4.39
N GLU I 36 9.15 29.56 -4.85
CA GLU I 36 8.23 29.16 -5.91
C GLU I 36 8.43 29.91 -7.22
N GLY I 37 9.19 31.00 -7.20
CA GLY I 37 9.39 31.79 -8.40
C GLY I 37 8.23 32.70 -8.79
N ILE I 38 7.28 32.96 -7.89
CA ILE I 38 6.13 33.80 -8.21
C ILE I 38 6.47 35.24 -7.84
N PRO I 39 6.47 36.18 -8.79
CA PRO I 39 6.70 37.59 -8.44
C PRO I 39 5.67 38.09 -7.43
N PRO I 40 6.09 38.91 -6.48
CA PRO I 40 5.17 39.39 -5.44
C PRO I 40 3.93 40.09 -5.98
N ASP I 41 4.04 40.82 -7.09
CA ASP I 41 2.86 41.51 -7.62
C ASP I 41 1.78 40.56 -8.12
N GLN I 42 2.07 39.27 -8.28
CA GLN I 42 1.06 38.30 -8.63
C GLN I 42 0.40 37.64 -7.41
N GLN I 43 0.88 37.92 -6.20
CA GLN I 43 0.47 37.19 -5.01
C GLN I 43 -0.56 37.98 -4.19
N ARG I 44 -1.48 37.24 -3.56
CA ARG I 44 -2.38 37.75 -2.54
C ARG I 44 -2.49 36.71 -1.43
N LEU I 45 -2.43 37.15 -0.17
CA LEU I 45 -2.45 36.25 0.97
C LEU I 45 -3.73 36.44 1.77
N ILE I 46 -4.40 35.32 2.09
CA ILE I 46 -5.68 35.31 2.80
C ILE I 46 -5.49 34.59 4.12
N PHE I 47 -6.08 35.13 5.20
CA PHE I 47 -6.09 34.45 6.49
C PHE I 47 -7.35 34.82 7.25
N ALA I 48 -8.00 33.81 7.84
CA ALA I 48 -9.27 33.99 8.55
C ALA I 48 -10.27 34.82 7.73
N GLY I 49 -10.29 34.60 6.41
CA GLY I 49 -11.18 35.30 5.52
C GLY I 49 -10.83 36.73 5.20
N LYS I 50 -9.62 37.19 5.56
CA LYS I 50 -9.22 38.57 5.33
C LYS I 50 -7.94 38.60 4.48
N GLN I 51 -7.92 39.45 3.46
CA GLN I 51 -6.69 39.63 2.69
C GLN I 51 -5.67 40.40 3.51
N LEU I 52 -4.47 39.85 3.60
CA LEU I 52 -3.39 40.47 4.36
C LEU I 52 -2.78 41.60 3.53
N GLU I 53 -2.65 42.78 4.13
CA GLU I 53 -2.24 43.98 3.39
C GLU I 53 -0.76 44.23 3.54
N ASP I 54 -0.10 44.58 2.44
CA ASP I 54 1.31 44.94 2.47
C ASP I 54 1.55 46.12 3.39
N GLY I 55 2.62 46.04 4.17
CA GLY I 55 2.94 47.06 5.15
C GLY I 55 2.58 46.68 6.57
N ARG I 56 1.80 45.63 6.76
CA ARG I 56 1.48 45.11 8.09
C ARG I 56 2.22 43.79 8.33
N THR I 57 2.32 43.40 9.60
CA THR I 57 3.07 42.23 10.04
C THR I 57 2.13 41.06 10.29
N LEU I 58 2.72 39.85 10.35
CA LEU I 58 1.93 38.73 10.84
C LEU I 58 1.44 38.99 12.25
N SER I 59 2.25 39.70 13.05
CA SER I 59 1.79 40.15 14.36
C SER I 59 0.46 40.88 14.26
N ASP I 60 0.36 41.84 13.33
CA ASP I 60 -0.84 42.68 13.26
C ASP I 60 -2.10 41.89 12.93
N TYR I 61 -1.97 40.69 12.37
CA TYR I 61 -3.07 39.77 12.22
C TYR I 61 -3.05 38.66 13.26
N ASN I 62 -2.16 38.77 14.25
CA ASN I 62 -1.91 37.74 15.27
C ASN I 62 -1.90 36.35 14.66
N ILE I 63 -1.07 36.19 13.64
CA ILE I 63 -0.88 34.92 12.99
C ILE I 63 0.18 34.15 13.77
N GLN I 64 -0.18 32.96 14.27
CA GLN I 64 0.63 32.23 15.21
C GLN I 64 1.61 31.30 14.48
N LYS I 65 2.32 30.47 15.23
CA LYS I 65 3.17 29.46 14.63
C LYS I 65 2.32 28.38 13.97
N GLU I 66 2.80 27.87 12.86
CA GLU I 66 2.19 26.78 12.11
C GLU I 66 0.79 27.10 11.60
N SER I 67 0.39 28.38 11.61
CA SER I 67 -0.80 28.78 10.88
C SER I 67 -0.59 28.52 9.39
N THR I 68 -1.69 28.36 8.67
CA THR I 68 -1.65 28.17 7.22
C THR I 68 -2.30 29.38 6.55
N LEU I 69 -1.53 30.06 5.69
CA LEU I 69 -2.04 31.14 4.87
C LEU I 69 -2.46 30.58 3.51
N HIS I 70 -3.42 31.25 2.87
CA HIS I 70 -3.84 30.86 1.54
C HIS I 70 -3.25 31.84 0.53
N LEU I 71 -2.65 31.30 -0.53
CA LEU I 71 -2.07 32.10 -1.60
C LEU I 71 -3.01 31.99 -2.80
N VAL I 72 -3.60 33.11 -3.20
CA VAL I 72 -4.35 33.20 -4.45
C VAL I 72 -3.63 34.21 -5.34
N LEU I 73 -3.60 33.92 -6.63
CA LEU I 73 -2.82 34.71 -7.57
C LEU I 73 -3.68 35.72 -8.29
N ARG I 74 -3.01 36.72 -8.87
CA ARG I 74 -3.62 37.70 -9.76
C ARG I 74 -4.57 37.03 -10.74
N LEU I 75 -5.75 37.61 -10.89
CA LEU I 75 -6.70 37.11 -11.89
C LEU I 75 -6.33 37.66 -13.25
N ARG I 76 -6.34 36.80 -14.26
CA ARG I 76 -6.13 37.22 -15.63
C ARG I 76 -7.48 37.40 -16.31
N GLY I 77 -7.46 38.04 -17.48
CA GLY I 77 -8.69 38.26 -18.21
C GLY I 77 -8.50 38.85 -19.59
N MET J 3 -19.02 -21.88 49.53
CA MET J 3 -20.13 -22.80 49.69
C MET J 3 -20.53 -23.29 48.32
N GLN J 4 -21.19 -24.44 48.24
CA GLN J 4 -21.64 -24.95 46.96
C GLN J 4 -23.11 -24.63 46.74
N ILE J 5 -23.46 -24.31 45.49
CA ILE J 5 -24.84 -24.14 45.06
C ILE J 5 -24.99 -24.86 43.73
N PHE J 6 -26.24 -25.10 43.34
CA PHE J 6 -26.52 -25.80 42.09
C PHE J 6 -27.34 -24.91 41.19
N VAL J 7 -27.20 -25.13 39.89
CA VAL J 7 -27.94 -24.35 38.91
C VAL J 7 -28.51 -25.33 37.91
N LYS J 8 -29.84 -25.34 37.78
CA LYS J 8 -30.54 -26.27 36.90
C LYS J 8 -31.08 -25.54 35.69
N THR J 9 -30.83 -26.08 34.49
CA THR J 9 -31.28 -25.50 33.24
C THR J 9 -32.61 -26.12 32.83
N LEU J 10 -33.25 -25.50 31.83
CA LEU J 10 -34.52 -26.07 31.36
C LEU J 10 -34.31 -27.37 30.60
N THR J 11 -33.10 -27.60 30.05
CA THR J 11 -32.78 -28.90 29.48
C THR J 11 -32.54 -29.99 30.50
N GLY J 12 -32.55 -29.67 31.79
CA GLY J 12 -32.34 -30.66 32.82
C GLY J 12 -30.91 -30.83 33.29
N LYS J 13 -29.97 -30.04 32.78
CA LYS J 13 -28.60 -30.12 33.25
C LYS J 13 -28.48 -29.49 34.64
N THR J 14 -27.69 -30.12 35.51
CA THR J 14 -27.38 -29.55 36.81
C THR J 14 -25.90 -29.18 36.83
N ILE J 15 -25.62 -27.94 37.22
CA ILE J 15 -24.29 -27.36 37.29
C ILE J 15 -23.97 -27.11 38.75
N THR J 16 -22.76 -27.45 39.18
CA THR J 16 -22.34 -27.16 40.55
C THR J 16 -21.45 -25.92 40.52
N LEU J 17 -21.69 -24.97 41.42
CA LEU J 17 -20.85 -23.80 41.53
C LEU J 17 -20.33 -23.66 42.94
N GLU J 18 -19.14 -23.08 43.05
CA GLU J 18 -18.58 -22.65 44.34
C GLU J 18 -18.74 -21.13 44.46
N VAL J 19 -19.46 -20.67 45.49
CA VAL J 19 -19.78 -19.26 45.64
C VAL J 19 -19.62 -18.86 47.11
N GLU J 20 -19.76 -17.57 47.36
CA GLU J 20 -19.85 -16.98 48.70
C GLU J 20 -21.16 -16.22 48.84
N PRO J 21 -21.67 -16.04 50.06
CA PRO J 21 -22.91 -15.27 50.21
C PRO J 21 -22.79 -13.85 49.68
N SER J 22 -21.59 -13.27 49.71
CA SER J 22 -21.36 -11.92 49.20
C SER J 22 -21.28 -11.85 47.67
N ASP J 23 -21.27 -12.99 46.96
CA ASP J 23 -21.17 -12.94 45.51
C ASP J 23 -22.39 -12.26 44.91
N THR J 24 -22.14 -11.34 43.98
CA THR J 24 -23.19 -10.68 43.23
C THR J 24 -23.79 -11.62 42.17
N ILE J 25 -25.00 -11.29 41.73
CA ILE J 25 -25.64 -12.07 40.68
C ILE J 25 -24.75 -12.08 39.43
N GLU J 26 -24.11 -10.95 39.13
CA GLU J 26 -23.18 -10.91 38.00
C GLU J 26 -22.01 -11.88 38.18
N ASN J 27 -21.47 -11.98 39.41
CA ASN J 27 -20.39 -12.93 39.66
C ASN J 27 -20.83 -14.36 39.40
N VAL J 28 -22.03 -14.73 39.85
CA VAL J 28 -22.54 -16.07 39.62
C VAL J 28 -22.69 -16.34 38.11
N LYS J 29 -23.19 -15.35 37.37
CA LYS J 29 -23.32 -15.53 35.92
C LYS J 29 -21.96 -15.74 35.26
N ALA J 30 -20.93 -15.06 35.76
CA ALA J 30 -19.60 -15.24 35.19
C ALA J 30 -19.05 -16.64 35.51
N LYS J 31 -19.39 -17.17 36.68
CA LYS J 31 -18.96 -18.54 36.98
C LYS J 31 -19.68 -19.55 36.10
N ILE J 32 -20.95 -19.30 35.79
CA ILE J 32 -21.67 -20.13 34.84
C ILE J 32 -21.00 -20.07 33.47
N GLN J 33 -20.60 -18.87 33.05
CA GLN J 33 -19.91 -18.74 31.77
C GLN J 33 -18.60 -19.52 31.79
N ASP J 34 -17.88 -19.45 32.91
CA ASP J 34 -16.62 -20.19 33.05
C ASP J 34 -16.84 -21.68 32.81
N LYS J 35 -17.92 -22.23 33.36
CA LYS J 35 -18.15 -23.67 33.27
C LYS J 35 -18.79 -24.06 31.95
N GLU J 36 -19.79 -23.28 31.50
CA GLU J 36 -20.68 -23.70 30.43
C GLU J 36 -20.51 -22.91 29.15
N GLY J 37 -19.74 -21.83 29.16
CA GLY J 37 -19.57 -21.02 27.97
C GLY J 37 -20.71 -20.10 27.62
N ILE J 38 -21.70 -19.93 28.49
CA ILE J 38 -22.88 -19.12 28.18
C ILE J 38 -22.54 -17.67 28.53
N PRO J 39 -22.56 -16.75 27.57
CA PRO J 39 -22.34 -15.32 27.88
C PRO J 39 -23.35 -14.84 28.90
N PRO J 40 -22.92 -14.03 29.87
CA PRO J 40 -23.84 -13.61 30.95
C PRO J 40 -25.08 -12.92 30.40
N ASP J 41 -24.99 -12.17 29.29
CA ASP J 41 -26.16 -11.47 28.77
C ASP J 41 -27.24 -12.42 28.25
N GLN J 42 -26.91 -13.69 28.04
CA GLN J 42 -27.93 -14.68 27.69
C GLN J 42 -28.56 -15.34 28.91
N GLN J 43 -28.05 -15.07 30.11
CA GLN J 43 -28.49 -15.77 31.29
C GLN J 43 -29.57 -15.01 32.06
N ARG J 44 -30.46 -15.78 32.68
CA ARG J 44 -31.35 -15.26 33.71
C ARG J 44 -31.38 -16.31 34.82
N LEU J 45 -31.32 -15.86 36.07
CA LEU J 45 -31.34 -16.75 37.23
C LEU J 45 -32.62 -16.53 38.03
N ILE J 46 -33.28 -17.65 38.37
CA ILE J 46 -34.55 -17.63 39.09
C ILE J 46 -34.42 -18.42 40.38
N PHE J 47 -34.96 -17.86 41.47
CA PHE J 47 -35.00 -18.56 42.75
C PHE J 47 -36.28 -18.17 43.48
N ALA J 48 -36.98 -19.18 44.02
CA ALA J 48 -38.25 -18.97 44.70
C ALA J 48 -39.21 -18.12 43.86
N GLY J 49 -39.27 -18.41 42.57
CA GLY J 49 -40.11 -17.69 41.63
C GLY J 49 -39.79 -16.22 41.42
N LYS J 50 -38.58 -15.78 41.78
CA LYS J 50 -38.15 -14.39 41.59
C LYS J 50 -36.92 -14.36 40.69
N GLN J 51 -36.89 -13.43 39.74
CA GLN J 51 -35.69 -13.28 38.93
C GLN J 51 -34.66 -12.53 39.76
N LEU J 52 -33.46 -13.09 39.85
CA LEU J 52 -32.37 -12.49 40.61
C LEU J 52 -31.73 -11.35 39.82
N GLU J 53 -31.63 -10.17 40.44
CA GLU J 53 -31.22 -8.96 39.74
C GLU J 53 -29.72 -8.68 39.89
N ASP J 54 -29.10 -8.29 38.79
CA ASP J 54 -27.70 -7.90 38.81
C ASP J 54 -27.48 -6.70 39.73
N GLY J 55 -26.36 -6.72 40.43
CA GLY J 55 -26.07 -5.74 41.47
C GLY J 55 -26.45 -6.18 42.86
N ARG J 56 -27.23 -7.25 43.00
CA ARG J 56 -27.57 -7.84 44.29
C ARG J 56 -26.70 -9.06 44.54
N THR J 57 -26.64 -9.47 45.81
CA THR J 57 -25.82 -10.60 46.22
C THR J 57 -26.69 -11.81 46.53
N LEU J 58 -26.06 -12.98 46.60
CA LEU J 58 -26.79 -14.17 47.06
C LEU J 58 -27.38 -13.95 48.46
N SER J 59 -26.63 -13.30 49.35
CA SER J 59 -27.14 -13.02 50.68
C SER J 59 -28.38 -12.12 50.63
N ASP J 60 -28.39 -11.15 49.72
CA ASP J 60 -29.56 -10.28 49.56
C ASP J 60 -30.84 -11.08 49.32
N TYR J 61 -30.71 -12.25 48.69
CA TYR J 61 -31.84 -13.14 48.44
C TYR J 61 -31.96 -14.27 49.47
N ASN J 62 -31.16 -14.24 50.53
CA ASN J 62 -31.18 -15.28 51.57
C ASN J 62 -30.96 -16.67 50.98
N ILE J 63 -30.19 -16.74 49.90
CA ILE J 63 -29.85 -18.02 49.28
C ILE J 63 -28.76 -18.69 50.12
N GLN J 64 -29.04 -19.89 50.59
CA GLN J 64 -28.12 -20.63 51.46
C GLN J 64 -27.34 -21.67 50.66
N LYS J 65 -26.37 -22.29 51.33
CA LYS J 65 -25.59 -23.35 50.72
C LYS J 65 -26.50 -24.45 50.19
N GLU J 66 -26.10 -25.04 49.07
CA GLU J 66 -26.76 -26.15 48.41
C GLU J 66 -28.16 -25.80 47.90
N SER J 67 -28.48 -24.52 47.81
CA SER J 67 -29.68 -24.09 47.09
C SER J 67 -29.50 -24.41 45.60
N THR J 68 -30.62 -24.60 44.91
CA THR J 68 -30.61 -24.83 43.47
C THR J 68 -31.30 -23.66 42.78
N LEU J 69 -30.55 -22.93 41.97
CA LEU J 69 -31.11 -21.83 41.18
C LEU J 69 -31.55 -22.39 39.83
N HIS J 70 -32.44 -21.66 39.15
CA HIS J 70 -32.87 -22.06 37.81
C HIS J 70 -32.28 -21.11 36.80
N LEU J 71 -31.65 -21.66 35.78
CA LEU J 71 -31.06 -20.86 34.71
C LEU J 71 -31.97 -20.98 33.50
N VAL J 72 -32.59 -19.87 33.09
CA VAL J 72 -33.30 -19.81 31.82
C VAL J 72 -32.61 -18.78 30.95
N LEU J 73 -32.61 -19.01 29.66
CA LEU J 73 -31.79 -18.20 28.77
C LEU J 73 -32.65 -17.24 27.97
N ARG J 74 -31.98 -16.22 27.42
CA ARG J 74 -32.59 -15.25 26.52
C ARG J 74 -33.51 -15.93 25.51
N LEU J 75 -34.71 -15.36 25.35
CA LEU J 75 -35.62 -15.87 24.34
C LEU J 75 -35.24 -15.30 22.97
N ARG J 76 -35.21 -16.17 21.98
CA ARG J 76 -34.98 -15.78 20.59
C ARG J 76 -36.33 -15.62 19.91
N GLY J 77 -36.34 -14.94 18.77
CA GLY J 77 -37.58 -14.85 18.02
C GLY J 77 -37.46 -14.19 16.67
N MET K 3 27.00 19.87 -43.39
CA MET K 3 26.08 20.74 -44.11
C MET K 3 25.29 21.63 -43.17
N GLN K 4 25.22 22.92 -43.50
CA GLN K 4 24.54 23.91 -42.66
C GLN K 4 23.25 24.35 -43.33
N ILE K 5 22.14 24.22 -42.63
CA ILE K 5 20.85 24.73 -43.11
C ILE K 5 20.31 25.71 -42.08
N PHE K 6 19.36 26.50 -42.53
CA PHE K 6 18.73 27.50 -41.67
C PHE K 6 17.27 27.12 -41.52
N VAL K 7 16.72 27.46 -40.36
CA VAL K 7 15.31 27.24 -40.09
C VAL K 7 14.78 28.53 -39.48
N LYS K 8 13.95 29.24 -40.24
CA LYS K 8 13.39 30.50 -39.77
C LYS K 8 12.02 30.23 -39.19
N THR K 9 11.75 30.83 -38.05
CA THR K 9 10.44 30.80 -37.42
C THR K 9 9.65 32.05 -37.80
N LEU K 10 8.34 32.00 -37.54
CA LEU K 10 7.52 33.18 -37.75
C LEU K 10 7.82 34.27 -36.75
N THR K 11 8.50 33.95 -35.65
CA THR K 11 8.92 34.97 -34.70
C THR K 11 10.16 35.72 -35.15
N GLY K 12 10.69 35.39 -36.33
CA GLY K 12 11.87 36.04 -36.85
C GLY K 12 13.18 35.41 -36.42
N LYS K 13 13.15 34.36 -35.61
CA LYS K 13 14.38 33.70 -35.17
C LYS K 13 14.89 32.74 -36.23
N THR K 14 16.16 32.84 -36.57
CA THR K 14 16.81 31.94 -37.52
C THR K 14 17.60 30.89 -36.75
N ILE K 15 17.16 29.64 -36.85
CA ILE K 15 17.88 28.52 -36.25
C ILE K 15 18.89 28.02 -37.26
N THR K 16 20.14 27.93 -36.84
CA THR K 16 21.18 27.34 -37.67
C THR K 16 21.42 25.93 -37.17
N LEU K 17 21.28 24.96 -38.07
CA LEU K 17 21.33 23.55 -37.70
C LEU K 17 22.27 22.81 -38.63
N GLU K 18 22.98 21.83 -38.09
CA GLU K 18 23.86 21.00 -38.89
C GLU K 18 23.18 19.67 -39.14
N VAL K 19 23.16 19.27 -40.40
CA VAL K 19 22.37 18.16 -40.86
C VAL K 19 23.11 17.52 -42.02
N GLU K 20 22.60 16.40 -42.50
CA GLU K 20 23.12 15.77 -43.69
C GLU K 20 21.97 15.44 -44.63
N PRO K 21 22.24 15.29 -45.93
CA PRO K 21 21.15 15.07 -46.90
C PRO K 21 20.35 13.81 -46.65
N SER K 22 20.90 12.84 -45.92
CA SER K 22 20.19 11.62 -45.62
C SER K 22 19.18 11.77 -44.50
N ASP K 23 19.28 12.84 -43.71
CA ASP K 23 18.40 13.02 -42.57
C ASP K 23 16.94 13.11 -43.02
N THR K 24 16.08 12.29 -42.40
CA THR K 24 14.65 12.33 -42.64
C THR K 24 14.02 13.55 -41.97
N ILE K 25 12.78 13.85 -42.35
CA ILE K 25 12.10 15.00 -41.76
C ILE K 25 11.93 14.80 -40.26
N GLU K 26 11.60 13.58 -39.84
CA GLU K 26 11.57 13.28 -38.40
C GLU K 26 12.90 13.62 -37.75
N ASN K 27 14.01 13.25 -38.40
CA ASN K 27 15.32 13.53 -37.84
C ASN K 27 15.54 15.02 -37.68
N VAL K 28 15.13 15.81 -38.68
CA VAL K 28 15.27 17.26 -38.60
C VAL K 28 14.45 17.82 -37.43
N LYS K 29 13.21 17.38 -37.32
CA LYS K 29 12.36 17.84 -36.22
C LYS K 29 12.97 17.46 -34.88
N ALA K 30 13.55 16.25 -34.80
CA ALA K 30 14.21 15.83 -33.56
C ALA K 30 15.44 16.70 -33.27
N LYS K 31 16.16 17.12 -34.32
CA LYS K 31 17.29 18.02 -34.11
C LYS K 31 16.82 19.39 -33.64
N ILE K 32 15.69 19.86 -34.18
CA ILE K 32 15.08 21.10 -33.72
C ILE K 32 14.63 20.96 -32.27
N GLN K 33 14.08 19.80 -31.92
CA GLN K 33 13.74 19.57 -30.53
C GLN K 33 14.99 19.63 -29.64
N ASP K 34 16.11 19.10 -30.14
CA ASP K 34 17.36 19.15 -29.38
C ASP K 34 17.77 20.59 -29.09
N LYS K 35 17.68 21.48 -30.07
CA LYS K 35 18.18 22.85 -29.90
C LYS K 35 17.17 23.74 -29.19
N GLU K 36 15.89 23.64 -29.55
CA GLU K 36 14.86 24.60 -29.14
C GLU K 36 13.88 24.06 -28.12
N GLY K 37 13.83 22.76 -27.91
CA GLY K 37 12.89 22.17 -26.98
C GLY K 37 11.48 22.03 -27.50
N ILE K 38 11.27 22.19 -28.80
CA ILE K 38 9.94 22.10 -29.39
C ILE K 38 9.66 20.63 -29.70
N PRO K 39 8.63 20.03 -29.12
CA PRO K 39 8.27 18.64 -29.48
C PRO K 39 7.98 18.52 -30.96
N PRO K 40 8.44 17.43 -31.60
CA PRO K 40 8.21 17.27 -33.04
C PRO K 40 6.73 17.38 -33.45
N ASP K 41 5.81 16.88 -32.62
CA ASP K 41 4.41 16.95 -33.02
C ASP K 41 3.87 18.38 -33.08
N GLN K 42 4.60 19.36 -32.55
CA GLN K 42 4.18 20.74 -32.67
C GLN K 42 4.79 21.41 -33.88
N GLN K 43 5.67 20.70 -34.62
CA GLN K 43 6.43 21.29 -35.70
C GLN K 43 5.81 20.99 -37.05
N ARG K 44 5.93 21.97 -37.97
CA ARG K 44 5.75 21.76 -39.40
C ARG K 44 6.89 22.46 -40.14
N LEU K 45 7.42 21.80 -41.16
CA LEU K 45 8.55 22.32 -41.92
C LEU K 45 8.11 22.56 -43.35
N ILE K 46 8.44 23.74 -43.87
CA ILE K 46 8.05 24.17 -45.20
C ILE K 46 9.32 24.45 -45.99
N PHE K 47 9.36 23.95 -47.23
CA PHE K 47 10.42 24.31 -48.14
C PHE K 47 9.79 24.55 -49.50
N ALA K 48 10.16 25.65 -50.16
CA ALA K 48 9.65 26.02 -51.49
C ALA K 48 8.15 25.80 -51.61
N GLY K 49 7.43 26.35 -50.63
CA GLY K 49 6.00 26.37 -50.63
C GLY K 49 5.30 25.06 -50.35
N LYS K 50 6.00 24.03 -49.86
CA LYS K 50 5.28 22.80 -49.57
C LYS K 50 5.76 22.21 -48.26
N GLN K 51 4.84 21.56 -47.58
CA GLN K 51 5.13 20.97 -46.27
C GLN K 51 5.91 19.68 -46.46
N LEU K 52 7.00 19.52 -45.71
CA LEU K 52 7.82 18.35 -45.84
C LEU K 52 7.22 17.23 -44.99
N GLU K 53 7.07 16.05 -45.58
CA GLU K 53 6.34 14.96 -44.94
C GLU K 53 7.28 14.07 -44.15
N ASP K 54 6.81 13.64 -42.98
CA ASP K 54 7.55 12.67 -42.19
C ASP K 54 7.69 11.37 -42.98
N GLY K 55 8.92 10.84 -43.00
CA GLY K 55 9.25 9.66 -43.78
C GLY K 55 10.06 9.96 -45.03
N ARG K 56 10.24 11.23 -45.38
CA ARG K 56 11.02 11.63 -46.54
C ARG K 56 12.32 12.30 -46.08
N THR K 57 13.26 12.41 -47.02
CA THR K 57 14.61 12.89 -46.72
C THR K 57 14.83 14.30 -47.26
N LEU K 58 15.91 14.92 -46.78
CA LEU K 58 16.23 16.28 -47.20
C LEU K 58 16.50 16.36 -48.70
N SER K 59 17.32 15.46 -49.23
CA SER K 59 17.54 15.52 -50.68
C SER K 59 16.31 15.08 -51.47
N ASP K 60 15.36 14.39 -50.83
CA ASP K 60 14.08 14.10 -51.50
C ASP K 60 13.38 15.38 -51.91
N TYR K 61 13.64 16.48 -51.21
CA TYR K 61 13.10 17.77 -51.57
C TYR K 61 14.15 18.67 -52.22
N ASN K 62 15.29 18.12 -52.61
CA ASN K 62 16.41 18.89 -53.17
C ASN K 62 16.86 19.98 -52.22
N ILE K 63 16.86 19.67 -50.93
CA ILE K 63 17.35 20.58 -49.90
C ILE K 63 18.88 20.55 -49.88
N GLN K 64 19.51 21.63 -50.33
CA GLN K 64 20.96 21.74 -50.40
C GLN K 64 21.51 22.49 -49.19
N LYS K 65 22.83 22.70 -49.20
CA LYS K 65 23.49 23.50 -48.17
C LYS K 65 23.07 24.96 -48.30
N GLU K 66 23.02 25.65 -47.17
CA GLU K 66 22.59 27.04 -47.03
C GLU K 66 21.11 27.22 -47.34
N SER K 67 20.37 26.16 -47.68
CA SER K 67 18.93 26.25 -47.82
C SER K 67 18.29 26.67 -46.49
N THR K 68 17.22 27.45 -46.61
CA THR K 68 16.47 27.95 -45.46
C THR K 68 15.08 27.33 -45.47
N LEU K 69 14.78 26.52 -44.46
CA LEU K 69 13.44 25.99 -44.26
C LEU K 69 12.64 26.95 -43.39
N HIS K 70 11.32 26.72 -43.34
CA HIS K 70 10.44 27.52 -42.51
C HIS K 70 9.78 26.60 -41.48
N LEU K 71 9.85 27.00 -40.22
CA LEU K 71 9.27 26.26 -39.12
C LEU K 71 8.01 27.01 -38.71
N VAL K 72 6.86 26.39 -38.91
CA VAL K 72 5.62 26.92 -38.38
C VAL K 72 5.05 25.88 -37.43
N LEU K 73 4.40 26.36 -36.37
CA LEU K 73 4.02 25.46 -35.29
C LEU K 73 2.54 25.16 -35.36
N ARG K 74 2.17 24.06 -34.67
CA ARG K 74 0.79 23.65 -34.45
C ARG K 74 -0.07 24.85 -34.06
N LEU K 75 -1.25 24.93 -34.66
CA LEU K 75 -2.17 26.03 -34.37
C LEU K 75 -3.03 25.70 -33.16
N ARG K 76 -3.10 26.63 -32.22
CA ARG K 76 -3.98 26.44 -31.07
C ARG K 76 -5.34 27.08 -31.34
N GLY K 77 -6.31 26.76 -30.49
CA GLY K 77 -7.62 27.37 -30.65
C GLY K 77 -8.67 26.89 -29.68
N MET L 3 -2.14 -33.14 -6.98
CA MET L 3 -2.35 -31.89 -7.69
C MET L 3 -3.25 -31.00 -6.84
N GLN L 4 -3.17 -29.70 -7.08
CA GLN L 4 -3.93 -28.74 -6.28
C GLN L 4 -5.19 -28.33 -7.03
N ILE L 5 -6.32 -28.31 -6.32
CA ILE L 5 -7.58 -27.77 -6.79
C ILE L 5 -8.13 -26.82 -5.74
N PHE L 6 -9.14 -26.06 -6.13
CA PHE L 6 -9.74 -25.06 -5.27
C PHE L 6 -11.23 -25.34 -5.17
N VAL L 7 -11.78 -25.17 -3.99
CA VAL L 7 -13.18 -25.43 -3.74
C VAL L 7 -13.78 -24.15 -3.16
N LYS L 8 -14.65 -23.50 -3.92
CA LYS L 8 -15.20 -22.22 -3.49
C LYS L 8 -16.57 -22.44 -2.88
N THR L 9 -16.82 -21.83 -1.73
CA THR L 9 -18.13 -21.89 -1.11
C THR L 9 -18.94 -20.64 -1.44
N LEU L 10 -20.25 -20.73 -1.19
CA LEU L 10 -21.13 -19.58 -1.36
C LEU L 10 -20.84 -18.47 -0.35
N THR L 11 -20.14 -18.76 0.75
CA THR L 11 -19.77 -17.71 1.70
C THR L 11 -18.52 -16.96 1.27
N GLY L 12 -17.98 -17.25 0.09
CA GLY L 12 -16.82 -16.54 -0.40
C GLY L 12 -15.50 -17.17 -0.04
N LYS L 13 -15.50 -18.34 0.60
CA LYS L 13 -14.29 -18.99 1.08
C LYS L 13 -13.73 -19.90 -0.01
N THR L 14 -12.41 -19.90 -0.17
CA THR L 14 -11.74 -20.80 -1.09
C THR L 14 -10.93 -21.82 -0.29
N ILE L 15 -11.25 -23.10 -0.47
CA ILE L 15 -10.56 -24.20 0.18
C ILE L 15 -9.54 -24.74 -0.81
N THR L 16 -8.28 -24.80 -0.40
CA THR L 16 -7.24 -25.36 -1.25
C THR L 16 -6.99 -26.79 -0.79
N LEU L 17 -7.18 -27.74 -1.69
CA LEU L 17 -7.07 -29.17 -1.40
C LEU L 17 -6.02 -29.80 -2.30
N GLU L 18 -5.28 -30.76 -1.75
CA GLU L 18 -4.42 -31.64 -2.52
C GLU L 18 -5.19 -32.91 -2.85
N VAL L 19 -5.25 -33.25 -4.14
CA VAL L 19 -6.04 -34.38 -4.62
C VAL L 19 -5.29 -35.06 -5.76
N GLU L 20 -5.85 -36.19 -6.19
CA GLU L 20 -5.33 -36.91 -7.35
C GLU L 20 -6.44 -37.12 -8.36
N PRO L 21 -6.11 -37.21 -9.65
CA PRO L 21 -7.16 -37.46 -10.65
C PRO L 21 -7.98 -38.72 -10.39
N SER L 22 -7.38 -39.71 -9.73
CA SER L 22 -8.07 -40.95 -9.39
C SER L 22 -9.04 -40.82 -8.22
N ASP L 23 -8.93 -39.75 -7.41
CA ASP L 23 -9.82 -39.62 -6.27
C ASP L 23 -11.28 -39.58 -6.72
N THR L 24 -12.13 -40.30 -6.00
CA THR L 24 -13.56 -40.26 -6.26
C THR L 24 -14.18 -39.02 -5.63
N ILE L 25 -15.43 -38.76 -6.00
CA ILE L 25 -16.13 -37.63 -5.41
C ILE L 25 -16.34 -37.84 -3.92
N GLU L 26 -16.72 -39.06 -3.50
CA GLU L 26 -16.77 -39.37 -2.07
C GLU L 26 -15.46 -39.05 -1.38
N ASN L 27 -14.33 -39.38 -2.03
CA ASN L 27 -13.02 -39.10 -1.46
C ASN L 27 -12.80 -37.61 -1.28
N VAL L 28 -13.21 -36.82 -2.28
CA VAL L 28 -13.04 -35.38 -2.16
C VAL L 28 -13.91 -34.82 -1.05
N LYS L 29 -15.17 -35.30 -0.95
CA LYS L 29 -16.04 -34.89 0.14
C LYS L 29 -15.42 -35.25 1.49
N ALA L 30 -14.75 -36.41 1.58
CA ALA L 30 -14.08 -36.81 2.81
C ALA L 30 -12.94 -35.85 3.16
N LYS L 31 -12.16 -35.44 2.15
CA LYS L 31 -11.09 -34.47 2.39
C LYS L 31 -11.63 -33.13 2.85
N ILE L 32 -12.81 -32.74 2.34
CA ILE L 32 -13.39 -31.48 2.76
C ILE L 32 -13.87 -31.60 4.21
N GLN L 33 -14.36 -32.78 4.58
CA GLN L 33 -14.79 -33.00 5.94
C GLN L 33 -13.60 -32.97 6.89
N ASP L 34 -12.46 -33.49 6.43
CA ASP L 34 -11.25 -33.52 7.26
C ASP L 34 -10.82 -32.13 7.68
N LYS L 35 -10.84 -31.16 6.76
CA LYS L 35 -10.34 -29.85 7.15
C LYS L 35 -11.43 -28.86 7.55
N GLU L 36 -12.67 -29.00 7.07
CA GLU L 36 -13.71 -28.04 7.40
C GLU L 36 -14.77 -28.57 8.37
N GLY L 37 -14.79 -29.87 8.66
CA GLY L 37 -15.80 -30.42 9.54
C GLY L 37 -17.17 -30.67 8.92
N ILE L 38 -17.32 -30.47 7.62
CA ILE L 38 -18.62 -30.65 6.97
C ILE L 38 -18.85 -32.13 6.66
N PRO L 39 -19.89 -32.75 7.23
CA PRO L 39 -20.23 -34.12 6.85
C PRO L 39 -20.51 -34.22 5.35
N PRO L 40 -19.99 -35.27 4.68
CA PRO L 40 -20.26 -35.43 3.24
C PRO L 40 -21.72 -35.33 2.83
N ASP L 41 -22.65 -35.85 3.63
CA ASP L 41 -24.05 -35.81 3.22
C ASP L 41 -24.61 -34.40 3.15
N GLN L 42 -23.91 -33.41 3.74
CA GLN L 42 -24.33 -32.02 3.59
C GLN L 42 -23.69 -31.35 2.39
N GLN L 43 -22.74 -32.00 1.72
CA GLN L 43 -21.98 -31.38 0.65
C GLN L 43 -22.55 -31.73 -0.73
N ARG L 44 -22.45 -30.76 -1.65
CA ARG L 44 -22.63 -31.02 -3.07
C ARG L 44 -21.51 -30.30 -3.81
N LEU L 45 -20.88 -30.96 -4.77
CA LEU L 45 -19.78 -30.37 -5.51
C LEU L 45 -20.21 -30.13 -6.95
N ILE L 46 -19.86 -28.95 -7.48
CA ILE L 46 -20.29 -28.51 -8.79
C ILE L 46 -19.05 -28.17 -9.61
N PHE L 47 -18.98 -28.68 -10.84
CA PHE L 47 -17.91 -28.30 -11.77
C PHE L 47 -18.50 -28.09 -13.15
N ALA L 48 -18.22 -26.92 -13.74
CA ALA L 48 -18.65 -26.62 -15.10
C ALA L 48 -20.16 -26.79 -15.23
N GLY L 49 -20.88 -26.33 -14.21
CA GLY L 49 -22.32 -26.37 -14.24
C GLY L 49 -22.97 -27.74 -14.08
N LYS L 50 -22.23 -28.75 -13.61
CA LYS L 50 -22.78 -30.08 -13.40
C LYS L 50 -22.45 -30.55 -12.00
N GLN L 51 -23.43 -31.16 -11.32
CA GLN L 51 -23.18 -31.76 -10.01
C GLN L 51 -22.37 -33.03 -10.16
N LEU L 52 -21.30 -33.15 -9.38
CA LEU L 52 -20.42 -34.30 -9.47
C LEU L 52 -21.02 -35.44 -8.66
N GLU L 53 -21.14 -36.61 -9.27
CA GLU L 53 -21.81 -37.74 -8.64
C GLU L 53 -20.85 -38.59 -7.83
N ASP L 54 -21.30 -39.00 -6.64
CA ASP L 54 -20.58 -40.00 -5.87
C ASP L 54 -20.48 -41.29 -6.68
N GLY L 55 -19.28 -41.87 -6.68
CA GLY L 55 -18.95 -43.04 -7.47
C GLY L 55 -18.08 -42.74 -8.66
N ARG L 56 -17.95 -41.48 -9.05
CA ARG L 56 -17.13 -41.08 -10.19
C ARG L 56 -15.82 -40.47 -9.68
N THR L 57 -14.86 -40.30 -10.59
CA THR L 57 -13.56 -39.76 -10.21
C THR L 57 -13.38 -38.35 -10.75
N LEU L 58 -12.37 -37.65 -10.23
CA LEU L 58 -12.08 -36.32 -10.72
C LEU L 58 -11.72 -36.38 -12.20
N SER L 59 -10.92 -37.38 -12.59
CA SER L 59 -10.60 -37.53 -14.01
C SER L 59 -11.85 -37.80 -14.85
N ASP L 60 -12.90 -38.40 -14.26
CA ASP L 60 -14.12 -38.65 -15.03
C ASP L 60 -14.75 -37.36 -15.52
N TYR L 61 -14.49 -36.24 -14.84
CA TYR L 61 -15.07 -34.96 -15.21
C TYR L 61 -14.04 -34.01 -15.83
N ASN L 62 -12.91 -34.54 -16.29
CA ASN L 62 -11.86 -33.71 -16.88
C ASN L 62 -11.42 -32.60 -15.92
N ILE L 63 -11.46 -32.88 -14.62
CA ILE L 63 -10.97 -31.94 -13.62
C ILE L 63 -9.45 -32.09 -13.54
N GLN L 64 -8.74 -31.03 -13.93
CA GLN L 64 -7.28 -31.02 -13.98
C GLN L 64 -6.73 -30.17 -12.83
N LYS L 65 -5.41 -30.02 -12.81
CA LYS L 65 -4.78 -29.18 -11.80
C LYS L 65 -5.24 -27.74 -11.95
N GLU L 66 -5.40 -27.06 -10.81
CA GLU L 66 -5.83 -25.67 -10.69
C GLU L 66 -7.31 -25.48 -10.98
N SER L 67 -8.07 -26.56 -11.20
CA SER L 67 -9.50 -26.40 -11.40
C SER L 67 -10.15 -25.85 -10.13
N THR L 68 -11.18 -25.04 -10.31
CA THR L 68 -11.98 -24.56 -9.19
C THR L 68 -13.33 -25.27 -9.19
N LEU L 69 -13.66 -25.96 -8.09
CA LEU L 69 -14.97 -26.57 -7.89
C LEU L 69 -15.81 -25.64 -7.04
N HIS L 70 -17.12 -25.89 -7.01
CA HIS L 70 -18.02 -25.12 -6.16
C HIS L 70 -18.65 -26.08 -5.17
N LEU L 71 -18.57 -25.71 -3.90
CA LEU L 71 -19.21 -26.45 -2.81
C LEU L 71 -20.48 -25.72 -2.42
N VAL L 72 -21.62 -26.35 -2.61
CA VAL L 72 -22.88 -25.85 -2.11
C VAL L 72 -23.45 -26.89 -1.15
N LEU L 73 -24.11 -26.43 -0.09
CA LEU L 73 -24.51 -27.33 0.98
C LEU L 73 -26.00 -27.67 0.90
N ARG L 74 -26.35 -28.76 1.59
CA ARG L 74 -27.74 -29.17 1.77
C ARG L 74 -28.62 -27.99 2.13
N LEU L 75 -29.77 -27.88 1.47
CA LEU L 75 -30.73 -26.82 1.76
C LEU L 75 -31.61 -27.21 2.94
N ARG L 76 -31.75 -26.28 3.89
CA ARG L 76 -32.61 -26.48 5.06
C ARG L 76 -33.97 -25.82 4.79
N GLY L 77 -34.96 -26.16 5.61
CA GLY L 77 -36.28 -25.58 5.42
C GLY L 77 -37.31 -26.06 6.44
N PRO M 2 1.48 -7.74 16.53
CA PRO M 2 2.68 -7.66 15.67
C PRO M 2 3.80 -6.87 16.36
N ASP M 3 3.40 -5.85 17.10
CA ASP M 3 4.37 -4.94 17.72
C ASP M 3 5.18 -5.63 18.82
N ASN M 4 4.60 -6.58 19.53
CA ASN M 4 5.25 -7.25 20.66
C ASN M 4 6.09 -8.45 20.24
N PHE M 5 6.52 -8.52 18.99
CA PHE M 5 7.32 -9.65 18.56
C PHE M 5 8.73 -9.16 18.28
N TYR M 6 9.71 -9.99 18.63
CA TYR M 6 11.10 -9.66 18.43
C TYR M 6 11.78 -10.85 17.79
N VAL M 7 12.92 -10.60 17.18
CA VAL M 7 13.72 -11.65 16.56
C VAL M 7 14.55 -12.32 17.67
N GLY M 8 14.35 -13.62 17.84
CA GLY M 8 15.12 -14.40 18.80
C GLY M 8 16.41 -14.90 18.18
N GLN M 9 16.94 -15.97 18.76
CA GLN M 9 18.17 -16.55 18.25
C GLN M 9 17.99 -18.05 18.02
N ALA M 10 18.53 -18.53 16.91
CA ALA M 10 18.55 -19.95 16.62
C ALA M 10 19.99 -20.43 16.62
N ILE M 11 20.15 -21.74 16.77
CA ILE M 11 21.48 -22.35 16.71
C ILE M 11 22.14 -22.04 15.37
N GLY M 12 23.47 -21.94 15.42
CA GLY M 12 24.28 -21.72 14.24
C GLY M 12 24.84 -23.02 13.69
N ASN M 13 23.96 -23.84 13.15
CA ASN M 13 24.29 -24.93 12.23
C ASN M 13 23.09 -25.11 11.32
N GLY M 14 23.12 -26.14 10.48
CA GLY M 14 22.09 -26.28 9.47
C GLY M 14 20.73 -26.64 9.99
N SER M 15 20.58 -26.81 11.30
CA SER M 15 19.27 -27.08 11.88
C SER M 15 18.51 -25.81 12.26
N CYS M 16 18.97 -24.63 11.85
CA CYS M 16 18.32 -23.40 12.31
C CYS M 16 16.83 -23.32 11.95
N PHE M 17 16.42 -23.87 10.79
CA PHE M 17 14.98 -23.88 10.49
C PHE M 17 14.22 -24.64 11.57
N PHE M 18 14.67 -25.86 11.89
CA PHE M 18 13.99 -26.65 12.91
C PHE M 18 14.10 -26.00 14.27
N ASP M 19 15.24 -25.39 14.56
CA ASP M 19 15.39 -24.78 15.88
C ASP M 19 14.48 -23.56 16.03
N SER M 20 14.28 -22.83 14.94
CA SER M 20 13.40 -21.67 14.98
C SER M 20 11.96 -22.12 15.16
N PHE M 21 11.54 -23.10 14.35
CA PHE M 21 10.23 -23.72 14.50
C PHE M 21 10.02 -24.22 15.93
N ARG M 22 11.03 -24.90 16.47
CA ARG M 22 10.92 -25.48 17.82
C ARG M 22 10.64 -24.40 18.87
N GLN M 23 11.35 -23.28 18.81
CA GLN M 23 11.21 -22.29 19.88
C GLN M 23 9.86 -21.60 19.80
N SER M 24 9.37 -21.37 18.58
CA SER M 24 8.08 -20.70 18.42
C SER M 24 6.93 -21.63 18.79
N LEU M 25 7.02 -22.89 18.37
CA LEU M 25 6.03 -23.88 18.75
C LEU M 25 5.92 -23.99 20.28
N GLU M 26 7.05 -23.95 20.97
CA GLU M 26 6.99 -24.05 22.43
C GLU M 26 6.24 -22.88 23.04
N GLN M 27 6.52 -21.66 22.59
CA GLN M 27 5.82 -20.51 23.17
C GLN M 27 4.35 -20.48 22.79
N GLN M 28 4.02 -20.87 21.56
CA GLN M 28 2.64 -20.76 21.07
C GLN M 28 1.77 -21.91 21.56
N THR M 29 2.21 -23.16 21.36
CA THR M 29 1.40 -24.30 21.75
C THR M 29 1.80 -24.92 23.08
N GLY M 30 2.96 -24.57 23.63
CA GLY M 30 3.45 -25.20 24.84
C GLY M 30 4.18 -26.51 24.64
N GLU M 31 4.17 -27.10 23.45
CA GLU M 31 4.80 -28.40 23.26
C GLU M 31 6.31 -28.24 23.10
N GLN M 32 7.09 -29.00 23.87
CA GLN M 32 8.53 -28.98 23.76
C GLN M 32 8.99 -30.16 22.90
N VAL M 33 9.60 -29.85 21.77
CA VAL M 33 10.08 -30.85 20.83
C VAL M 33 11.52 -30.50 20.51
N THR M 34 12.37 -31.51 20.38
CA THR M 34 13.72 -31.23 19.94
C THR M 34 13.77 -30.98 18.44
N ALA M 35 14.77 -30.23 18.02
CA ALA M 35 15.08 -30.13 16.59
C ALA M 35 15.25 -31.51 15.96
N GLU M 36 15.92 -32.43 16.66
CA GLU M 36 16.12 -33.77 16.11
C GLU M 36 14.81 -34.51 15.93
N LYS M 37 13.85 -34.32 16.85
CA LYS M 37 12.53 -34.94 16.69
C LYS M 37 11.81 -34.36 15.48
N LEU M 38 11.91 -33.04 15.27
CA LEU M 38 11.31 -32.45 14.08
C LEU M 38 11.87 -33.08 12.80
N ARG M 39 13.18 -33.32 12.75
CA ARG M 39 13.78 -33.96 11.58
C ARG M 39 13.24 -35.37 11.40
N ASN M 40 13.13 -36.12 12.50
CA ASN M 40 12.51 -37.45 12.46
C ASN M 40 11.06 -37.37 11.96
N ASP M 41 10.33 -36.31 12.33
CA ASP M 41 8.97 -36.14 11.81
C ASP M 41 8.97 -36.06 10.29
N CYS M 42 9.99 -35.40 9.71
CA CYS M 42 10.09 -35.29 8.26
C CYS M 42 10.59 -36.61 7.64
N ARG M 43 11.50 -37.30 8.31
CA ARG M 43 11.88 -38.63 7.86
C ARG M 43 10.66 -39.56 7.83
N GLU M 44 9.86 -39.55 8.90
CA GLU M 44 8.73 -40.47 8.95
C GLU M 44 7.70 -40.13 7.87
N PHE M 45 7.47 -38.83 7.64
CA PHE M 45 6.57 -38.42 6.56
C PHE M 45 7.04 -38.98 5.22
N ALA M 46 8.35 -38.88 4.95
CA ALA M 46 8.89 -39.32 3.66
C ALA M 46 8.88 -40.84 3.53
N GLN M 47 8.88 -41.57 4.65
CA GLN M 47 8.90 -43.02 4.59
C GLN M 47 7.52 -43.61 4.38
N LYS M 48 6.48 -42.89 4.82
CA LYS M 48 5.14 -43.44 4.94
C LYS M 48 4.28 -43.01 3.75
N ASN M 49 4.62 -43.56 2.59
CA ASN M 49 3.85 -43.37 1.36
C ASN M 49 3.51 -41.90 1.12
N PRO M 50 4.52 -41.03 1.01
CA PRO M 50 4.24 -39.59 0.93
C PRO M 50 3.49 -39.24 -0.34
N PRO M 51 2.76 -38.12 -0.35
CA PRO M 51 1.98 -37.73 -1.53
C PRO M 51 2.86 -37.19 -2.65
N LYS M 52 2.23 -37.08 -3.82
CA LYS M 52 2.98 -36.64 -5.00
C LYS M 52 3.51 -35.22 -4.84
N TRP M 53 2.86 -34.37 -4.02
CA TRP M 53 3.41 -33.02 -3.85
C TRP M 53 4.81 -33.07 -3.27
N PHE M 54 5.09 -34.06 -2.40
CA PHE M 54 6.38 -34.07 -1.72
C PHE M 54 7.48 -34.58 -2.64
N THR M 55 7.24 -35.72 -3.31
CA THR M 55 8.19 -36.19 -4.32
C THR M 55 8.53 -35.08 -5.32
N ASN M 56 7.53 -34.34 -5.79
CA ASN M 56 7.76 -33.30 -6.80
C ASN M 56 8.56 -32.12 -6.25
N ALA M 57 8.30 -31.73 -5.00
CA ALA M 57 9.00 -30.60 -4.40
C ALA M 57 10.50 -30.87 -4.27
N ILE M 58 10.86 -32.04 -3.72
CA ILE M 58 12.27 -32.28 -3.42
C ILE M 58 13.08 -32.58 -4.68
N VAL M 59 12.44 -32.86 -5.81
CA VAL M 59 13.20 -32.94 -7.06
C VAL M 59 13.19 -31.63 -7.83
N ASN M 60 12.50 -30.59 -7.34
CA ASN M 60 12.36 -29.33 -8.05
C ASN M 60 12.60 -28.14 -7.13
N SER M 61 13.72 -28.09 -6.42
CA SER M 61 13.97 -26.95 -5.54
C SER M 61 14.77 -25.92 -6.31
N HIS M 62 14.24 -24.70 -6.38
CA HIS M 62 14.88 -23.55 -7.02
C HIS M 62 15.20 -22.52 -5.93
N ASP M 63 16.12 -21.60 -6.23
CA ASP M 63 16.36 -20.48 -5.32
C ASP M 63 16.73 -19.25 -6.14
N ASN M 64 16.91 -18.13 -5.44
CA ASN M 64 17.13 -16.86 -6.10
C ASN M 64 18.46 -16.78 -6.82
N ASN M 65 19.37 -17.70 -6.56
CA ASN M 65 20.66 -17.72 -7.23
C ASN M 65 20.65 -18.57 -8.49
N GLY M 66 19.59 -19.32 -8.74
CA GLY M 66 19.53 -20.25 -9.86
C GLY M 66 20.11 -21.62 -9.58
N GLN M 67 20.36 -21.95 -8.32
CA GLN M 67 20.84 -23.29 -7.97
C GLN M 67 19.65 -24.24 -7.92
N HIS M 68 19.63 -25.27 -8.75
CA HIS M 68 18.57 -26.26 -8.73
CA HIS M 68 18.59 -26.28 -8.75
C HIS M 68 19.04 -27.43 -7.87
N ARG M 69 18.24 -27.83 -6.90
CA ARG M 69 18.58 -28.97 -6.04
C ARG M 69 17.56 -30.08 -6.25
N SER M 70 18.01 -31.34 -6.24
CA SER M 70 17.06 -32.40 -6.49
C SER M 70 17.55 -33.68 -5.80
N GLU M 71 16.64 -34.39 -5.16
CA GLU M 71 17.00 -35.69 -4.58
C GLU M 71 15.78 -36.58 -4.50
N THR M 72 16.03 -37.89 -4.42
CA THR M 72 14.92 -38.85 -4.35
C THR M 72 14.35 -38.92 -2.94
N VAL M 73 13.14 -39.48 -2.84
CA VAL M 73 12.55 -39.66 -1.51
C VAL M 73 13.38 -40.61 -0.66
N ASP M 74 13.84 -41.73 -1.24
CA ASP M 74 14.65 -42.68 -0.48
C ASP M 74 15.91 -42.02 0.07
N ASN M 75 16.53 -41.13 -0.70
CA ASN M 75 17.73 -40.49 -0.19
C ASN M 75 17.40 -39.43 0.84
N TYR M 76 16.29 -38.72 0.66
CA TYR M 76 15.83 -37.76 1.65
C TYR M 76 15.68 -38.38 3.03
N THR M 77 15.22 -39.64 3.11
CA THR M 77 14.96 -40.21 4.44
C THR M 77 16.22 -40.29 5.28
N ALA M 78 17.39 -40.50 4.66
CA ALA M 78 18.64 -40.43 5.40
C ALA M 78 19.15 -38.99 5.52
N ASP M 79 19.01 -38.22 4.43
CA ASP M 79 19.59 -36.88 4.38
C ASP M 79 18.96 -35.94 5.40
N ILE M 80 17.63 -36.03 5.56
CA ILE M 80 16.92 -35.10 6.44
C ILE M 80 17.35 -35.27 7.89
N MET M 81 18.01 -36.38 8.23
CA MET M 81 18.50 -36.56 9.58
C MET M 81 19.86 -35.90 9.80
N ARG M 82 20.54 -35.47 8.74
CA ARG M 82 21.83 -34.80 8.90
C ARG M 82 21.63 -33.34 9.30
N ASN M 83 22.45 -32.87 10.24
CA ASN M 83 22.36 -31.45 10.59
C ASN M 83 22.65 -30.57 9.39
N SER M 84 23.45 -31.07 8.43
CA SER M 84 23.83 -30.30 7.25
C SER M 84 22.68 -30.08 6.27
N ARG M 85 21.59 -30.84 6.39
CA ARG M 85 20.46 -30.76 5.47
C ARG M 85 19.52 -29.67 5.96
N TRP M 86 19.44 -28.54 5.26
CA TRP M 86 18.61 -27.43 5.73
C TRP M 86 17.13 -27.76 5.57
N GLY M 87 16.31 -27.18 6.44
CA GLY M 87 14.86 -27.31 6.36
C GLY M 87 14.29 -26.12 5.61
N ASP M 88 13.29 -26.41 4.70
CA ASP M 88 12.63 -25.38 3.89
C ASP M 88 11.20 -25.16 4.41
N PRO M 89 10.75 -23.91 4.51
CA PRO M 89 9.35 -23.71 4.93
C PRO M 89 8.34 -24.38 4.01
N ASP M 90 8.59 -24.45 2.71
CA ASP M 90 7.62 -24.96 1.75
C ASP M 90 7.55 -26.48 1.72
N VAL M 91 8.51 -27.18 2.35
CA VAL M 91 8.53 -28.64 2.35
C VAL M 91 8.47 -29.08 3.80
N GLU M 92 9.55 -28.88 4.55
CA GLU M 92 9.56 -29.29 5.96
C GLU M 92 8.54 -28.50 6.77
N GLY M 93 8.37 -27.22 6.47
CA GLY M 93 7.34 -26.45 7.17
C GLY M 93 5.95 -27.00 6.95
N ARG M 94 5.63 -27.36 5.71
CA ARG M 94 4.31 -27.93 5.43
C ARG M 94 4.13 -29.25 6.17
N ILE M 95 5.19 -30.05 6.26
CA ILE M 95 5.12 -31.34 6.93
C ILE M 95 4.87 -31.14 8.43
N LEU M 96 5.62 -30.21 9.05
CA LEU M 96 5.46 -29.98 10.47
C LEU M 96 4.12 -29.31 10.79
N CYS M 97 3.61 -28.45 9.89
CA CYS M 97 2.27 -27.88 10.07
C CYS M 97 1.21 -28.98 10.14
N GLU M 98 1.32 -29.97 9.27
CA GLU M 98 0.39 -31.09 9.30
C GLU M 98 0.55 -31.88 10.59
N LYS M 99 1.80 -32.15 10.97
CA LYS M 99 2.05 -32.94 12.18
C LYS M 99 1.50 -32.24 13.41
N TYR M 100 1.80 -30.95 13.58
CA TYR M 100 1.48 -30.27 14.82
C TYR M 100 0.21 -29.43 14.74
N LYS M 101 -0.52 -29.51 13.63
CA LYS M 101 -1.79 -28.79 13.46
C LYS M 101 -1.62 -27.30 13.72
N VAL M 102 -0.61 -26.72 13.09
CA VAL M 102 -0.33 -25.31 13.24
C VAL M 102 -0.17 -24.71 11.85
N LYS M 103 -0.22 -23.38 11.80
CA LYS M 103 0.18 -22.64 10.62
C LYS M 103 1.55 -22.05 10.88
N LEU M 104 2.32 -21.83 9.83
CA LEU M 104 3.67 -21.31 9.96
C LEU M 104 3.75 -19.98 9.23
N HIS M 105 3.99 -18.91 9.99
CA HIS M 105 4.19 -17.58 9.45
C HIS M 105 5.69 -17.35 9.23
N VAL M 106 6.09 -17.03 8.00
CA VAL M 106 7.49 -16.74 7.69
C VAL M 106 7.57 -15.29 7.21
N ILE M 107 8.53 -14.54 7.76
CA ILE M 107 8.90 -13.23 7.23
C ILE M 107 10.19 -13.43 6.44
N GLU M 108 10.22 -12.94 5.21
CA GLU M 108 11.40 -13.02 4.35
C GLU M 108 11.78 -11.61 3.93
N ASN M 109 13.00 -11.20 4.24
CA ASN M 109 13.51 -9.90 3.79
C ASN M 109 14.19 -10.06 2.43
N GLN M 110 13.58 -9.49 1.40
CA GLN M 110 14.12 -9.50 0.05
C GLN M 110 14.13 -8.09 -0.52
N THR M 111 15.02 -7.86 -1.49
CA THR M 111 15.15 -6.54 -2.11
C THR M 111 14.85 -6.66 -3.61
N VAL M 112 14.00 -5.76 -4.12
CA VAL M 112 13.61 -5.69 -5.53
C VAL M 112 13.76 -4.25 -6.00
N ASP M 113 14.56 -4.04 -7.06
CA ASP M 113 14.77 -2.69 -7.63
C ASP M 113 15.16 -1.68 -6.55
N ASN M 114 16.05 -2.11 -5.65
CA ASN M 114 16.56 -1.30 -4.54
C ASN M 114 15.52 -0.98 -3.47
N GLN M 115 14.40 -1.68 -3.51
CA GLN M 115 13.41 -1.51 -2.44
C GLN M 115 13.46 -2.73 -1.53
N ASP M 116 13.89 -2.53 -0.27
CA ASP M 116 13.81 -3.57 0.74
C ASP M 116 12.36 -3.84 1.06
N LEU M 117 11.98 -5.11 1.12
CA LEU M 117 10.64 -5.56 1.50
C LEU M 117 10.75 -6.63 2.57
N SER M 118 9.77 -6.66 3.47
CA SER M 118 9.59 -7.81 4.33
C SER M 118 8.36 -8.54 3.81
N LEU M 119 8.58 -9.73 3.26
CA LEU M 119 7.48 -10.51 2.67
C LEU M 119 6.90 -11.45 3.72
N HIS M 120 5.57 -11.52 3.79
CA HIS M 120 4.91 -12.40 4.74
C HIS M 120 4.34 -13.60 4.01
N GLU M 121 4.58 -14.80 4.54
CA GLU M 121 4.01 -16.02 3.97
C GLU M 121 3.31 -16.80 5.08
N LEU M 122 2.23 -17.48 4.71
CA LEU M 122 1.50 -18.33 5.63
C LEU M 122 1.44 -19.74 5.06
N ILE M 123 2.09 -20.66 5.75
CA ILE M 123 2.15 -22.06 5.35
C ILE M 123 1.24 -22.89 6.26
N ASP M 124 0.55 -23.88 5.68
CA ASP M 124 -0.19 -24.88 6.46
C ASP M 124 -0.09 -26.22 5.73
N ASN M 125 -0.88 -27.21 6.16
CA ASN M 125 -0.68 -28.57 5.66
C ASN M 125 -0.92 -28.68 4.16
N SER M 126 -1.67 -27.74 3.59
CA SER M 126 -2.04 -27.78 2.19
C SER M 126 -1.15 -26.91 1.30
N GLY M 127 -0.26 -26.11 1.87
CA GLY M 127 0.62 -25.34 1.01
C GLY M 127 0.90 -23.98 1.59
N SER M 128 1.31 -23.06 0.73
CA SER M 128 1.79 -21.76 1.17
C SER M 128 1.04 -20.66 0.45
N LYS M 129 0.74 -19.57 1.15
CA LYS M 129 0.06 -18.43 0.55
C LYS M 129 0.82 -17.17 0.93
N SER M 130 0.90 -16.24 -0.02
CA SER M 130 1.47 -14.94 0.30
C SER M 130 0.45 -14.14 1.07
N ALA M 131 0.84 -13.63 2.23
CA ALA M 131 -0.05 -12.98 3.16
C ALA M 131 0.22 -11.49 3.28
N GLY M 132 -0.76 -10.78 3.81
CA GLY M 132 -0.58 -9.34 3.98
C GLY M 132 -1.83 -8.64 4.44
N GLU M 133 -2.44 -7.85 3.56
CA GLU M 133 -3.60 -7.04 3.91
C GLU M 133 -4.91 -7.81 3.82
N TYR M 134 -5.01 -8.79 2.94
CA TYR M 134 -6.26 -9.53 2.79
C TYR M 134 -6.21 -10.91 3.40
N ASN M 135 -5.08 -11.59 3.29
CA ASN M 135 -4.83 -12.82 4.03
C ASN M 135 -3.96 -12.45 5.22
N LYS M 136 -4.59 -12.12 6.34
CA LYS M 136 -3.88 -11.53 7.47
C LYS M 136 -3.22 -12.60 8.33
N VAL M 137 -2.00 -12.31 8.78
CA VAL M 137 -1.38 -13.11 9.84
C VAL M 137 -2.08 -12.79 11.15
N ASP M 138 -2.47 -13.82 11.90
CA ASP M 138 -3.09 -13.65 13.20
C ASP M 138 -1.99 -13.75 14.26
N TYR M 139 -1.60 -12.60 14.80
CA TYR M 139 -0.56 -12.55 15.84
C TYR M 139 -1.10 -12.88 17.22
N ASP M 140 -2.41 -13.11 17.36
CA ASP M 140 -2.99 -13.59 18.61
C ASP M 140 -3.42 -15.05 18.53
N ASP M 141 -3.05 -15.76 17.48
CA ASP M 141 -3.45 -17.14 17.31
C ASP M 141 -2.38 -18.04 17.95
N SER M 142 -2.78 -18.79 18.99
CA SER M 142 -1.85 -19.71 19.63
C SER M 142 -1.39 -20.84 18.70
N SER M 143 -2.08 -21.05 17.58
CA SER M 143 -1.74 -22.13 16.67
C SER M 143 -1.03 -21.63 15.41
N THR M 144 -0.52 -20.40 15.43
CA THR M 144 0.40 -19.91 14.41
C THR M 144 1.79 -19.79 15.01
N VAL M 145 2.78 -20.36 14.34
CA VAL M 145 4.17 -20.23 14.77
C VAL M 145 4.84 -19.25 13.81
N HIS M 146 5.93 -18.62 14.26
CA HIS M 146 6.51 -17.50 13.53
C HIS M 146 8.02 -17.60 13.44
N ILE M 147 8.58 -17.47 12.21
CA ILE M 147 10.03 -17.42 12.02
C ILE M 147 10.35 -16.35 10.98
N ILE M 148 11.61 -15.93 10.96
CA ILE M 148 12.08 -14.89 10.04
C ILE M 148 13.37 -15.34 9.36
N ASN M 149 13.50 -15.00 8.09
CA ASN M 149 14.74 -15.20 7.35
C ASN M 149 15.15 -13.84 6.79
N LYS M 150 16.19 -13.25 7.38
CA LYS M 150 16.65 -11.93 6.95
C LYS M 150 17.43 -11.96 5.65
N GLY M 151 17.57 -13.12 5.02
CA GLY M 151 18.25 -13.19 3.74
C GLY M 151 19.73 -13.47 3.86
N GLY M 152 20.18 -13.87 5.04
CA GLY M 152 21.57 -14.22 5.25
C GLY M 152 21.67 -15.72 5.48
N LEU M 153 20.79 -16.50 4.84
CA LEU M 153 20.86 -17.98 4.87
C LEU M 153 20.72 -18.51 6.29
N HIS M 154 19.99 -17.79 7.08
CA HIS M 154 19.71 -18.26 8.47
CA HIS M 154 19.71 -18.23 8.48
C HIS M 154 18.24 -17.88 8.96
N PHE M 155 17.63 -18.90 9.57
CA PHE M 155 16.31 -18.70 10.17
C PHE M 155 16.48 -18.37 11.64
N GLU M 156 15.60 -17.51 12.14
CA GLU M 156 15.47 -17.19 13.55
CA GLU M 156 15.47 -17.24 13.55
C GLU M 156 14.00 -17.30 13.94
N PRO M 157 13.71 -17.62 15.20
CA PRO M 157 12.32 -17.60 15.64
C PRO M 157 11.88 -16.16 15.88
N LEU M 158 10.60 -15.90 15.64
CA LEU M 158 9.98 -14.63 15.98
C LEU M 158 9.10 -14.88 17.20
N LEU M 159 9.49 -14.31 18.33
CA LEU M 159 8.92 -14.66 19.63
C LEU M 159 8.13 -13.50 20.19
N ASP M 160 7.28 -13.82 21.17
CA ASP M 160 6.42 -12.85 21.84
C ASP M 160 7.08 -12.44 23.14
N ARG M 161 7.51 -11.17 23.22
CA ARG M 161 8.17 -10.70 24.44
C ARG M 161 7.27 -10.80 25.65
N ASN M 162 5.94 -10.90 25.46
CA ASN M 162 5.03 -11.04 26.59
C ASN M 162 5.18 -12.38 27.28
N LYS M 163 5.65 -13.40 26.57
CA LYS M 163 5.79 -14.73 27.14
C LYS M 163 7.16 -15.32 26.83
N GLY N 1 -15.48 -48.45 20.95
CA GLY N 1 -16.16 -48.83 22.19
C GLY N 1 -15.23 -49.35 23.26
N PRO N 2 -15.80 -49.69 24.43
CA PRO N 2 -14.99 -50.24 25.53
C PRO N 2 -14.11 -51.43 25.14
N ASP N 3 -14.53 -52.26 24.16
CA ASP N 3 -13.77 -53.46 23.82
C ASP N 3 -12.53 -53.16 22.99
N ASN N 4 -12.40 -51.95 22.43
CA ASN N 4 -11.18 -51.56 21.75
C ASN N 4 -10.01 -51.38 22.70
N PHE N 5 -10.25 -51.28 24.01
CA PHE N 5 -9.24 -50.81 24.93
C PHE N 5 -8.65 -51.97 25.73
N TYR N 6 -7.35 -51.89 25.98
CA TYR N 6 -6.67 -52.88 26.78
C TYR N 6 -5.85 -52.13 27.82
N VAL N 7 -5.51 -52.83 28.90
CA VAL N 7 -4.69 -52.25 29.95
C VAL N 7 -3.23 -52.29 29.50
N GLY N 8 -2.60 -51.11 29.40
CA GLY N 8 -1.19 -51.01 29.10
C GLY N 8 -0.34 -51.11 30.35
N GLN N 9 0.92 -50.69 30.22
CA GLN N 9 1.87 -50.75 31.33
C GLN N 9 2.42 -49.35 31.59
N ALA N 10 2.49 -48.97 32.86
CA ALA N 10 3.12 -47.72 33.26
C ALA N 10 4.38 -48.03 34.05
N ILE N 11 5.27 -47.03 34.11
CA ILE N 11 6.48 -47.15 34.92
C ILE N 11 6.10 -47.41 36.37
N GLY N 12 6.93 -48.21 37.07
CA GLY N 12 6.53 -48.65 38.39
C GLY N 12 6.62 -47.59 39.47
N ASN N 13 7.39 -46.51 39.25
CA ASN N 13 7.69 -45.60 40.35
C ASN N 13 6.51 -44.67 40.61
N GLY N 14 6.70 -43.65 41.47
CA GLY N 14 5.58 -42.80 41.84
C GLY N 14 5.02 -41.91 40.75
N SER N 15 5.60 -41.94 39.55
CA SER N 15 5.06 -41.13 38.46
C SER N 15 4.03 -41.88 37.64
N CYS N 16 3.53 -43.02 38.14
CA CYS N 16 2.68 -43.85 37.30
C CYS N 16 1.41 -43.12 36.83
N PHE N 17 0.83 -42.23 37.65
CA PHE N 17 -0.32 -41.45 37.16
C PHE N 17 0.07 -40.65 35.92
N PHE N 18 1.16 -39.90 36.02
CA PHE N 18 1.62 -39.08 34.90
C PHE N 18 2.03 -39.92 33.70
N ASP N 19 2.67 -41.06 33.94
CA ASP N 19 3.06 -41.89 32.80
C ASP N 19 1.85 -42.48 32.10
N SER N 20 0.78 -42.76 32.86
CA SER N 20 -0.44 -43.30 32.29
C SER N 20 -1.14 -42.26 31.43
N PHE N 21 -1.36 -41.07 32.02
CA PHE N 21 -1.87 -39.92 31.28
C PHE N 21 -1.05 -39.65 30.01
N ARG N 22 0.29 -39.64 30.14
CA ARG N 22 1.15 -39.38 29.00
C ARG N 22 0.92 -40.37 27.86
N GLN N 23 0.79 -41.65 28.17
CA GLN N 23 0.68 -42.63 27.09
C GLN N 23 -0.67 -42.53 26.39
N SER N 24 -1.73 -42.35 27.16
CA SER N 24 -3.04 -42.22 26.52
C SER N 24 -3.10 -40.92 25.73
N LEU N 25 -2.57 -39.84 26.31
CA LEU N 25 -2.52 -38.56 25.60
C LEU N 25 -1.83 -38.71 24.25
N GLU N 26 -0.70 -39.43 24.22
CA GLU N 26 0.03 -39.53 22.95
C GLU N 26 -0.75 -40.32 21.91
N GLN N 27 -1.40 -41.41 22.31
CA GLN N 27 -2.12 -42.23 21.35
C GLN N 27 -3.39 -41.54 20.89
N GLN N 28 -4.05 -40.81 21.77
CA GLN N 28 -5.31 -40.13 21.44
C GLN N 28 -5.08 -38.86 20.64
N THR N 29 -4.17 -38.01 21.07
CA THR N 29 -4.00 -36.71 20.43
C THR N 29 -2.74 -36.61 19.59
N GLY N 30 -1.80 -37.54 19.74
CA GLY N 30 -0.55 -37.44 19.04
C GLY N 30 0.52 -36.68 19.78
N GLU N 31 0.17 -35.95 20.84
CA GLU N 31 1.14 -35.07 21.47
C GLU N 31 2.06 -35.86 22.40
N GLN N 32 3.36 -35.62 22.28
CA GLN N 32 4.37 -36.23 23.15
C GLN N 32 4.70 -35.27 24.29
N VAL N 33 4.45 -35.68 25.52
CA VAL N 33 4.83 -34.89 26.69
C VAL N 33 5.48 -35.86 27.68
N THR N 34 6.60 -35.46 28.28
CA THR N 34 7.23 -36.31 29.26
C THR N 34 6.44 -36.28 30.58
N ALA N 35 6.64 -37.30 31.41
CA ALA N 35 6.05 -37.24 32.76
C ALA N 35 6.63 -36.06 33.54
N GLU N 36 7.94 -35.79 33.38
CA GLU N 36 8.48 -34.63 34.09
C GLU N 36 7.82 -33.33 33.62
N LYS N 37 7.55 -33.20 32.31
CA LYS N 37 6.86 -32.00 31.86
C LYS N 37 5.46 -31.91 32.48
N LEU N 38 4.76 -33.04 32.57
CA LEU N 38 3.44 -33.03 33.20
C LEU N 38 3.51 -32.57 34.66
N ARG N 39 4.54 -33.01 35.40
CA ARG N 39 4.71 -32.54 36.76
C ARG N 39 4.95 -31.03 36.79
N ASN N 40 5.77 -30.51 35.86
CA ASN N 40 5.98 -29.06 35.79
C ASN N 40 4.71 -28.31 35.46
N ASP N 41 3.85 -28.87 34.61
CA ASP N 41 2.56 -28.24 34.35
C ASP N 41 1.78 -28.04 35.66
N CYS N 42 1.84 -29.02 36.56
CA CYS N 42 1.15 -28.91 37.84
C CYS N 42 1.84 -27.92 38.78
N ARG N 43 3.17 -27.89 38.76
CA ARG N 43 3.89 -26.89 39.53
C ARG N 43 3.54 -25.48 39.08
N GLU N 44 3.53 -25.25 37.76
CA GLU N 44 3.20 -23.93 37.26
C GLU N 44 1.78 -23.55 37.64
N PHE N 45 0.86 -24.50 37.54
CA PHE N 45 -0.52 -24.24 37.97
C PHE N 45 -0.56 -23.80 39.43
N ALA N 46 0.24 -24.45 40.28
CA ALA N 46 0.20 -24.14 41.70
C ALA N 46 0.86 -22.81 42.01
N GLN N 47 1.83 -22.40 41.18
CA GLN N 47 2.57 -21.15 41.36
C GLN N 47 1.82 -19.94 40.80
N LYS N 48 0.93 -20.15 39.84
CA LYS N 48 0.30 -19.02 39.13
C LYS N 48 -1.11 -18.78 39.66
N ASN N 49 -1.16 -18.24 40.88
CA ASN N 49 -2.39 -17.77 41.50
C ASN N 49 -3.52 -18.77 41.37
N PRO N 50 -3.39 -19.97 41.93
CA PRO N 50 -4.32 -21.03 41.62
C PRO N 50 -5.68 -20.77 42.28
N PRO N 51 -6.74 -21.31 41.71
CA PRO N 51 -8.08 -21.08 42.28
C PRO N 51 -8.26 -21.79 43.61
N LYS N 52 -9.30 -21.35 44.32
CA LYS N 52 -9.61 -21.89 45.64
C LYS N 52 -9.79 -23.41 45.63
N TRP N 53 -10.36 -23.98 44.57
CA TRP N 53 -10.59 -25.44 44.58
C TRP N 53 -9.30 -26.20 44.82
N PHE N 54 -8.19 -25.69 44.30
CA PHE N 54 -6.91 -26.39 44.40
C PHE N 54 -6.35 -26.30 45.82
N THR N 55 -6.28 -25.08 46.37
CA THR N 55 -5.80 -24.95 47.74
C THR N 55 -6.59 -25.85 48.67
N ASN N 56 -7.91 -25.88 48.51
CA ASN N 56 -8.74 -26.66 49.41
C ASN N 56 -8.65 -28.17 49.15
N ALA N 57 -8.31 -28.57 47.92
CA ALA N 57 -8.14 -30.00 47.61
C ALA N 57 -6.89 -30.57 48.29
N ILE N 58 -5.76 -29.89 48.14
CA ILE N 58 -4.51 -30.49 48.60
C ILE N 58 -4.34 -30.38 50.11
N VAL N 59 -5.18 -29.58 50.81
CA VAL N 59 -5.20 -29.66 52.27
C VAL N 59 -6.21 -30.66 52.80
N ASN N 60 -7.00 -31.32 51.94
CA ASN N 60 -8.06 -32.22 52.42
C ASN N 60 -8.18 -33.45 51.52
N SER N 61 -7.10 -34.22 51.43
CA SER N 61 -7.12 -35.50 50.73
C SER N 61 -7.51 -36.62 51.67
N HIS N 62 -8.56 -37.35 51.33
CA HIS N 62 -8.98 -38.54 52.07
C HIS N 62 -8.71 -39.76 51.20
N ASP N 63 -8.70 -40.95 51.82
CA ASP N 63 -8.66 -42.17 51.02
C ASP N 63 -9.45 -43.25 51.74
N ASN N 64 -9.62 -44.39 51.07
CA ASN N 64 -10.47 -45.45 51.62
C ASN N 64 -9.89 -46.07 52.87
N ASN N 65 -8.63 -45.79 53.19
CA ASN N 65 -8.03 -46.35 54.39
C ASN N 65 -8.22 -45.43 55.61
N GLY N 66 -8.71 -44.21 55.40
CA GLY N 66 -8.79 -43.26 56.48
C GLY N 66 -7.55 -42.42 56.65
N GLN N 67 -6.61 -42.47 55.72
CA GLN N 67 -5.40 -41.65 55.84
C GLN N 67 -5.70 -40.28 55.25
N HIS N 68 -5.60 -39.24 56.08
CA HIS N 68 -5.76 -37.87 55.61
CA HIS N 68 -5.76 -37.86 55.64
C HIS N 68 -4.39 -37.31 55.24
N ARG N 69 -4.33 -36.62 54.10
CA ARG N 69 -3.11 -35.97 53.65
C ARG N 69 -3.37 -34.49 53.46
N SER N 70 -2.39 -33.67 53.81
CA SER N 70 -2.60 -32.23 53.78
C SER N 70 -1.26 -31.55 53.53
N GLU N 71 -1.23 -30.60 52.60
CA GLU N 71 -0.02 -29.79 52.43
C GLU N 71 -0.40 -28.44 51.82
N THR N 72 0.51 -27.49 51.98
CA THR N 72 0.27 -26.14 51.51
C THR N 72 0.62 -26.00 50.03
N VAL N 73 0.09 -24.95 49.41
CA VAL N 73 0.42 -24.70 48.01
C VAL N 73 1.92 -24.49 47.85
N ASP N 74 2.51 -23.68 48.75
CA ASP N 74 3.95 -23.44 48.66
C ASP N 74 4.74 -24.75 48.70
N ASN N 75 4.36 -25.67 49.57
CA ASN N 75 5.13 -26.90 49.64
C ASN N 75 4.82 -27.80 48.45
N TYR N 76 3.59 -27.74 47.93
CA TYR N 76 3.25 -28.52 46.74
C TYR N 76 4.16 -28.16 45.56
N THR N 77 4.50 -26.87 45.41
CA THR N 77 5.25 -26.47 44.23
C THR N 77 6.59 -27.19 44.16
N ALA N 78 7.20 -27.50 45.32
CA ALA N 78 8.40 -28.34 45.36
C ALA N 78 8.06 -29.83 45.34
N ASP N 79 7.04 -30.24 46.09
CA ASP N 79 6.73 -31.68 46.25
C ASP N 79 6.31 -32.33 44.94
N ILE N 80 5.54 -31.61 44.11
CA ILE N 80 4.99 -32.16 42.88
C ILE N 80 6.08 -32.50 41.89
N MET N 81 7.28 -31.95 42.09
CA MET N 81 8.37 -32.27 41.19
C MET N 81 9.09 -33.56 41.58
N ARG N 82 8.81 -34.14 42.74
CA ARG N 82 9.47 -35.37 43.18
C ARG N 82 8.77 -36.59 42.59
N ASN N 83 9.57 -37.55 42.11
CA ASN N 83 8.96 -38.76 41.59
C ASN N 83 8.14 -39.47 42.64
N SER N 84 8.47 -39.25 43.93
CA SER N 84 7.75 -39.85 45.05
C SER N 84 6.35 -39.28 45.24
N ARG N 85 6.04 -38.10 44.72
CA ARG N 85 4.74 -37.46 44.95
C ARG N 85 3.75 -38.01 43.93
N TRP N 86 2.77 -38.79 44.39
CA TRP N 86 1.84 -39.40 43.42
C TRP N 86 0.89 -38.36 42.86
N GLY N 87 0.43 -38.59 41.63
CA GLY N 87 -0.59 -37.76 41.01
C GLY N 87 -1.97 -38.36 41.23
N ASP N 88 -2.95 -37.48 41.50
CA ASP N 88 -4.35 -37.83 41.75
C ASP N 88 -5.21 -37.40 40.55
N PRO N 89 -6.11 -38.25 40.05
CA PRO N 89 -6.99 -37.78 38.96
C PRO N 89 -7.81 -36.55 39.34
N ASP N 90 -8.19 -36.40 40.62
CA ASP N 90 -9.07 -35.30 40.97
C ASP N 90 -8.35 -33.98 41.15
N VAL N 91 -7.01 -33.97 41.20
CA VAL N 91 -6.29 -32.72 41.36
C VAL N 91 -5.38 -32.57 40.16
N GLU N 92 -4.35 -33.41 40.06
CA GLU N 92 -3.44 -33.34 38.92
C GLU N 92 -4.17 -33.63 37.60
N GLY N 93 -5.07 -34.61 37.58
CA GLY N 93 -5.82 -34.86 36.35
C GLY N 93 -6.64 -33.67 35.90
N ARG N 94 -7.25 -32.96 36.86
CA ARG N 94 -8.04 -31.79 36.51
C ARG N 94 -7.16 -30.66 35.99
N ILE N 95 -5.96 -30.51 36.56
CA ILE N 95 -4.99 -29.54 36.06
C ILE N 95 -4.57 -29.87 34.63
N LEU N 96 -4.22 -31.12 34.40
CA LEU N 96 -3.73 -31.51 33.07
C LEU N 96 -4.86 -31.50 32.03
N CYS N 97 -6.10 -31.81 32.43
CA CYS N 97 -7.23 -31.63 31.50
C CYS N 97 -7.33 -30.19 31.03
N GLU N 98 -7.14 -29.24 31.94
CA GLU N 98 -7.21 -27.85 31.54
C GLU N 98 -6.09 -27.51 30.57
N LYS N 99 -4.87 -27.97 30.86
CA LYS N 99 -3.74 -27.54 30.07
C LYS N 99 -3.79 -28.14 28.66
N TYR N 100 -4.19 -29.42 28.54
CA TYR N 100 -4.19 -30.12 27.26
C TYR N 100 -5.57 -30.20 26.62
N LYS N 101 -6.59 -29.58 27.23
CA LYS N 101 -7.93 -29.47 26.66
C LYS N 101 -8.51 -30.85 26.37
N VAL N 102 -8.38 -31.75 27.34
CA VAL N 102 -8.87 -33.12 27.22
C VAL N 102 -9.80 -33.39 28.40
N LYS N 103 -10.58 -34.45 28.27
CA LYS N 103 -11.28 -35.06 29.39
C LYS N 103 -10.50 -36.29 29.84
N LEU N 104 -10.59 -36.63 31.12
CA LEU N 104 -9.89 -37.81 31.64
C LEU N 104 -10.89 -38.84 32.13
N HIS N 105 -10.90 -40.00 31.49
CA HIS N 105 -11.75 -41.12 31.89
C HIS N 105 -10.90 -42.01 32.80
N VAL N 106 -11.38 -42.27 34.01
CA VAL N 106 -10.70 -43.18 34.93
C VAL N 106 -11.64 -44.34 35.23
N ILE N 107 -11.11 -45.56 35.15
CA ILE N 107 -11.78 -46.76 35.64
C ILE N 107 -11.14 -47.06 36.99
N GLU N 108 -11.95 -47.17 38.04
CA GLU N 108 -11.50 -47.56 39.38
C GLU N 108 -12.14 -48.89 39.76
N ASN N 109 -11.32 -49.89 40.06
CA ASN N 109 -11.85 -51.17 40.50
C ASN N 109 -11.92 -51.20 42.03
N GLN N 110 -13.14 -51.33 42.56
CA GLN N 110 -13.37 -51.32 44.00
C GLN N 110 -14.39 -52.40 44.32
N THR N 111 -14.34 -52.93 45.55
CA THR N 111 -15.25 -53.99 45.96
C THR N 111 -16.14 -53.50 47.09
N VAL N 112 -17.44 -53.79 47.00
CA VAL N 112 -18.42 -53.41 48.02
C VAL N 112 -19.29 -54.62 48.33
N ASP N 113 -19.29 -55.06 49.59
CA ASP N 113 -20.12 -56.21 49.99
C ASP N 113 -19.84 -57.44 49.12
N ASN N 114 -18.56 -57.69 48.85
CA ASN N 114 -18.07 -58.79 48.03
C ASN N 114 -18.48 -58.70 46.57
N GLN N 115 -18.97 -57.56 46.13
CA GLN N 115 -19.28 -57.32 44.73
C GLN N 115 -18.16 -56.51 44.12
N ASP N 116 -17.45 -57.08 43.14
CA ASP N 116 -16.47 -56.32 42.37
C ASP N 116 -17.17 -55.36 41.42
N LEU N 117 -16.73 -54.10 41.43
CA LEU N 117 -17.26 -53.08 40.54
C LEU N 117 -16.10 -52.43 39.79
N SER N 118 -16.39 -52.01 38.55
CA SER N 118 -15.52 -51.08 37.84
C SER N 118 -16.26 -49.75 37.74
N LEU N 119 -15.77 -48.75 38.45
CA LEU N 119 -16.41 -47.45 38.54
C LEU N 119 -15.81 -46.51 37.51
N HIS N 120 -16.66 -45.86 36.72
CA HIS N 120 -16.19 -44.94 35.71
C HIS N 120 -16.33 -43.52 36.23
N GLU N 121 -15.25 -42.75 36.11
CA GLU N 121 -15.25 -41.32 36.42
C GLU N 121 -14.80 -40.57 35.18
N LEU N 122 -15.34 -39.37 35.00
CA LEU N 122 -14.94 -38.48 33.91
C LEU N 122 -14.55 -37.15 34.53
N ILE N 123 -13.29 -36.77 34.37
CA ILE N 123 -12.76 -35.52 34.89
C ILE N 123 -12.54 -34.56 33.73
N ASP N 124 -12.75 -33.27 33.98
CA ASP N 124 -12.34 -32.27 33.01
C ASP N 124 -11.85 -31.07 33.80
N ASN N 125 -11.67 -29.94 33.11
CA ASN N 125 -11.05 -28.82 33.80
C ASN N 125 -11.90 -28.30 34.97
N SER N 126 -13.21 -28.60 34.97
CA SER N 126 -14.15 -28.03 35.94
CA SER N 126 -14.14 -28.03 35.95
C SER N 126 -14.53 -28.97 37.07
N GLY N 127 -14.02 -30.19 37.10
CA GLY N 127 -14.32 -31.09 38.20
C GLY N 127 -14.51 -32.52 37.72
N SER N 128 -15.05 -33.37 38.60
CA SER N 128 -15.19 -34.80 38.30
C SER N 128 -16.65 -35.24 38.40
N LYS N 129 -17.08 -36.13 37.47
CA LYS N 129 -18.41 -36.71 37.58
C LYS N 129 -18.34 -38.23 37.55
N SER N 130 -19.22 -38.86 38.31
CA SER N 130 -19.40 -40.30 38.16
C SER N 130 -20.14 -40.57 36.86
N ALA N 131 -19.64 -41.53 36.10
CA ALA N 131 -20.04 -41.70 34.71
C ALA N 131 -20.62 -43.09 34.50
N GLY N 132 -21.13 -43.32 33.30
CA GLY N 132 -21.67 -44.64 32.99
C GLY N 132 -22.81 -44.54 32.00
N GLU N 133 -24.05 -44.62 32.48
CA GLU N 133 -25.22 -44.66 31.60
C GLU N 133 -25.80 -43.28 31.30
N TYR N 134 -25.60 -42.31 32.18
CA TYR N 134 -26.17 -40.98 32.00
C TYR N 134 -25.13 -39.92 31.66
N ASN N 135 -23.99 -39.90 32.34
CA ASN N 135 -22.82 -39.13 31.91
C ASN N 135 -21.97 -40.12 31.11
N LYS N 136 -22.10 -40.11 29.79
CA LYS N 136 -21.46 -41.14 28.98
C LYS N 136 -20.02 -40.81 28.69
N VAL N 137 -19.15 -41.83 28.79
CA VAL N 137 -17.79 -41.73 28.29
C VAL N 137 -17.84 -41.88 26.78
N ASP N 138 -17.12 -41.03 26.06
CA ASP N 138 -17.06 -41.13 24.59
C ASP N 138 -15.80 -41.89 24.21
N TYR N 139 -15.96 -43.15 23.84
CA TYR N 139 -14.81 -43.99 23.52
C TYR N 139 -14.24 -43.73 22.12
N ASP N 140 -14.82 -42.82 21.35
CA ASP N 140 -14.29 -42.49 20.03
C ASP N 140 -13.68 -41.10 19.99
N ASP N 141 -13.71 -40.38 21.11
CA ASP N 141 -13.33 -38.98 21.17
C ASP N 141 -11.82 -38.87 21.36
N SER N 142 -11.13 -38.33 20.35
CA SER N 142 -9.68 -38.18 20.47
CA SER N 142 -9.68 -38.17 20.47
C SER N 142 -9.27 -37.21 21.57
N SER N 143 -10.20 -36.48 22.17
CA SER N 143 -9.86 -35.56 23.25
C SER N 143 -10.26 -36.11 24.62
N THR N 144 -10.54 -37.41 24.72
CA THR N 144 -10.67 -38.09 25.99
C THR N 144 -9.51 -39.06 26.16
N VAL N 145 -8.78 -38.94 27.27
CA VAL N 145 -7.72 -39.86 27.59
C VAL N 145 -8.25 -40.82 28.65
N HIS N 146 -7.61 -41.97 28.77
CA HIS N 146 -8.19 -43.09 29.53
C HIS N 146 -7.11 -43.76 30.37
N ILE N 147 -7.37 -43.95 31.67
CA ILE N 147 -6.46 -44.66 32.57
C ILE N 147 -7.28 -45.56 33.49
N ILE N 148 -6.63 -46.57 34.09
CA ILE N 148 -7.29 -47.50 34.99
C ILE N 148 -6.47 -47.61 36.28
N ASN N 149 -7.17 -47.73 37.41
CA ASN N 149 -6.56 -48.04 38.69
C ASN N 149 -7.26 -49.28 39.22
N LYS N 150 -6.55 -50.41 39.22
CA LYS N 150 -7.12 -51.68 39.63
C LYS N 150 -7.22 -51.85 41.13
N GLY N 151 -6.87 -50.82 41.89
CA GLY N 151 -6.97 -50.87 43.33
C GLY N 151 -5.70 -51.31 44.01
N GLY N 152 -4.60 -51.45 43.27
CA GLY N 152 -3.33 -51.90 43.84
C GLY N 152 -2.31 -50.79 43.87
N LEU N 153 -2.79 -49.55 44.05
CA LEU N 153 -1.92 -48.36 44.19
C LEU N 153 -1.06 -48.11 42.96
N HIS N 154 -1.63 -48.38 41.78
CA HIS N 154 -0.90 -48.18 40.53
CA HIS N 154 -0.90 -48.21 40.53
C HIS N 154 -1.91 -47.80 39.47
N PHE N 155 -1.53 -46.82 38.63
CA PHE N 155 -2.27 -46.45 37.44
C PHE N 155 -1.63 -47.07 36.23
N GLU N 156 -2.45 -47.43 35.25
CA GLU N 156 -2.00 -47.88 33.94
C GLU N 156 -2.75 -47.11 32.88
N PRO N 157 -2.17 -46.92 31.70
CA PRO N 157 -2.96 -46.37 30.59
C PRO N 157 -3.92 -47.41 30.05
N LEU N 158 -5.08 -46.93 29.61
CA LEU N 158 -6.01 -47.73 28.82
C LEU N 158 -5.82 -47.37 27.36
N LEU N 159 -5.35 -48.32 26.56
CA LEU N 159 -4.91 -48.01 25.21
C LEU N 159 -5.81 -48.70 24.21
N ASP N 160 -5.81 -48.16 22.99
CA ASP N 160 -6.66 -48.65 21.91
C ASP N 160 -5.96 -49.77 21.14
N ARG N 161 -6.59 -50.95 21.13
CA ARG N 161 -6.12 -52.10 20.35
C ARG N 161 -5.95 -51.77 18.87
N ASN N 162 -6.81 -50.90 18.32
CA ASN N 162 -6.70 -50.54 16.91
C ASN N 162 -5.52 -49.60 16.66
N LYS N 163 -5.32 -48.61 17.53
CA LYS N 163 -4.26 -47.63 17.33
C LYS N 163 -2.91 -48.13 17.85
N GLY O 1 19.03 14.37 46.76
CA GLY O 1 18.02 15.19 46.14
C GLY O 1 16.76 15.34 46.97
N PRO O 2 15.88 14.34 46.94
CA PRO O 2 14.61 14.44 47.68
C PRO O 2 14.77 14.79 49.15
N ASP O 3 15.76 14.23 49.85
CA ASP O 3 15.91 14.49 51.27
C ASP O 3 16.30 15.93 51.57
N ASN O 4 16.63 16.74 50.57
CA ASN O 4 17.03 18.12 50.78
C ASN O 4 15.84 19.05 50.90
N PHE O 5 14.64 18.56 50.66
CA PHE O 5 13.49 19.42 50.47
C PHE O 5 12.56 19.32 51.67
N TYR O 6 11.88 20.44 51.98
CA TYR O 6 10.94 20.50 53.08
C TYR O 6 9.67 21.22 52.62
N VAL O 7 8.59 21.00 53.35
CA VAL O 7 7.30 21.59 52.98
C VAL O 7 7.23 23.01 53.55
N GLY O 8 7.14 23.99 52.67
CA GLY O 8 7.04 25.37 53.07
C GLY O 8 5.61 25.73 53.39
N GLN O 9 5.35 27.03 53.43
CA GLN O 9 3.99 27.50 53.66
C GLN O 9 3.59 28.49 52.59
N ALA O 10 2.38 28.32 52.08
CA ALA O 10 1.76 29.28 51.19
C ALA O 10 0.64 30.00 51.92
N ILE O 11 0.26 31.17 51.39
CA ILE O 11 -0.92 31.88 51.85
C ILE O 11 -2.14 30.95 51.86
N GLY O 12 -3.07 31.19 52.79
CA GLY O 12 -4.19 30.27 52.93
C GLY O 12 -5.34 30.49 51.95
N ASN O 13 -5.40 31.65 51.30
CA ASN O 13 -6.53 31.89 50.41
C ASN O 13 -6.34 31.14 49.10
N GLY O 14 -7.28 31.36 48.18
CA GLY O 14 -7.33 30.60 46.94
C GLY O 14 -6.13 30.74 46.03
N SER O 15 -5.15 31.62 46.34
CA SER O 15 -3.98 31.77 45.49
C SER O 15 -2.84 30.83 45.88
N CYS O 16 -3.12 29.82 46.72
CA CYS O 16 -2.03 29.01 47.26
C CYS O 16 -1.23 28.30 46.16
N PHE O 17 -1.88 27.89 45.06
CA PHE O 17 -1.12 27.29 43.97
C PHE O 17 -0.11 28.27 43.42
N PHE O 18 -0.59 29.50 43.13
CA PHE O 18 0.30 30.51 42.58
C PHE O 18 1.38 30.88 43.58
N ASP O 19 1.01 31.02 44.85
CA ASP O 19 2.00 31.41 45.85
C ASP O 19 3.03 30.32 46.04
N SER O 20 2.62 29.06 45.86
CA SER O 20 3.54 27.94 45.99
C SER O 20 4.51 27.93 44.82
N PHE O 21 3.98 28.06 43.61
CA PHE O 21 4.80 28.21 42.41
C PHE O 21 5.81 29.33 42.57
N ARG O 22 5.35 30.48 43.06
CA ARG O 22 6.17 31.69 43.17
C ARG O 22 7.37 31.49 44.08
N GLN O 23 7.14 30.86 45.24
CA GLN O 23 8.25 30.69 46.18
C GLN O 23 9.29 29.72 45.66
N SER O 24 8.85 28.64 45.02
CA SER O 24 9.82 27.69 44.49
C SER O 24 10.58 28.30 43.32
N LEU O 25 9.87 29.00 42.44
CA LEU O 25 10.52 29.72 41.33
C LEU O 25 11.61 30.66 41.80
N GLU O 26 11.34 31.43 42.86
CA GLU O 26 12.34 32.38 43.32
C GLU O 26 13.56 31.65 43.87
N GLN O 27 13.35 30.57 44.61
CA GLN O 27 14.48 29.83 45.16
C GLN O 27 15.28 29.15 44.05
N GLN O 28 14.59 28.67 43.00
CA GLN O 28 15.24 27.90 41.95
C GLN O 28 15.88 28.80 40.88
N THR O 29 15.12 29.75 40.33
CA THR O 29 15.63 30.57 39.23
C THR O 29 16.06 31.97 39.66
N GLY O 30 15.68 32.42 40.86
CA GLY O 30 15.97 33.78 41.29
C GLY O 30 14.94 34.81 40.88
N GLU O 31 14.01 34.46 39.97
CA GLU O 31 13.00 35.39 39.52
C GLU O 31 11.99 35.67 40.62
N GLN O 32 11.69 36.95 40.85
CA GLN O 32 10.72 37.38 41.85
C GLN O 32 9.47 37.83 41.12
N VAL O 33 8.40 37.03 41.22
CA VAL O 33 7.13 37.34 40.60
C VAL O 33 6.05 37.25 41.67
N THR O 34 5.08 38.14 41.60
CA THR O 34 4.02 38.03 42.59
C THR O 34 2.95 37.04 42.14
N ALA O 35 2.17 36.58 43.12
CA ALA O 35 1.03 35.73 42.82
C ALA O 35 0.07 36.41 41.83
N GLU O 36 -0.16 37.71 41.98
CA GLU O 36 -1.04 38.47 41.05
C GLU O 36 -0.46 38.45 39.62
N LYS O 37 0.85 38.61 39.51
CA LYS O 37 1.49 38.58 38.20
C LYS O 37 1.32 37.22 37.55
N LEU O 38 1.42 36.14 38.34
CA LEU O 38 1.20 34.81 37.78
C LEU O 38 -0.23 34.63 37.30
N ARG O 39 -1.21 35.18 38.03
CA ARG O 39 -2.58 35.14 37.54
C ARG O 39 -2.69 35.93 36.24
N ASN O 40 -2.05 37.08 36.19
CA ASN O 40 -2.05 37.90 34.98
C ASN O 40 -1.44 37.15 33.80
N ASP O 41 -0.36 36.40 34.03
CA ASP O 41 0.22 35.57 32.98
C ASP O 41 -0.81 34.60 32.42
N CYS O 42 -1.65 34.05 33.31
CA CYS O 42 -2.67 33.11 32.88
C CYS O 42 -3.78 33.82 32.11
N ARG O 43 -4.18 35.00 32.57
CA ARG O 43 -5.16 35.79 31.83
C ARG O 43 -4.65 36.11 30.43
N GLU O 44 -3.41 36.58 30.34
CA GLU O 44 -2.86 36.92 29.02
C GLU O 44 -2.85 35.70 28.11
N PHE O 45 -2.49 34.54 28.66
CA PHE O 45 -2.50 33.32 27.84
C PHE O 45 -3.90 33.04 27.33
N ALA O 46 -4.91 33.23 28.19
CA ALA O 46 -6.28 32.95 27.77
C ALA O 46 -6.77 33.98 26.76
N GLN O 47 -6.23 35.20 26.81
CA GLN O 47 -6.68 36.26 25.91
C GLN O 47 -6.02 36.17 24.55
N LYS O 48 -4.86 35.53 24.44
CA LYS O 48 -4.07 35.61 23.22
C LYS O 48 -4.19 34.31 22.43
N ASN O 49 -5.39 34.10 21.90
CA ASN O 49 -5.67 32.99 20.97
C ASN O 49 -5.17 31.68 21.51
N PRO O 50 -5.67 31.19 22.64
CA PRO O 50 -5.11 29.99 23.26
C PRO O 50 -5.37 28.76 22.42
N PRO O 51 -4.51 27.75 22.51
CA PRO O 51 -4.70 26.53 21.71
C PRO O 51 -5.88 25.71 22.25
N LYS O 52 -6.25 24.70 21.45
CA LYS O 52 -7.41 23.88 21.76
C LYS O 52 -7.30 23.19 23.12
N TRP O 53 -6.09 22.73 23.49
CA TRP O 53 -5.94 22.05 24.78
C TRP O 53 -6.50 22.88 25.92
N PHE O 54 -6.32 24.20 25.85
CA PHE O 54 -6.73 25.05 26.96
C PHE O 54 -8.26 25.19 27.02
N THR O 55 -8.89 25.53 25.89
CA THR O 55 -10.35 25.62 25.86
C THR O 55 -10.99 24.32 26.32
N ASN O 56 -10.41 23.19 25.92
CA ASN O 56 -11.01 21.91 26.27
C ASN O 56 -10.69 21.50 27.71
N ALA O 57 -9.57 21.97 28.27
CA ALA O 57 -9.31 21.65 29.68
C ALA O 57 -10.29 22.37 30.60
N ILE O 58 -10.50 23.67 30.38
CA ILE O 58 -11.27 24.41 31.36
C ILE O 58 -12.76 24.18 31.19
N VAL O 59 -13.19 23.57 30.09
CA VAL O 59 -14.59 23.17 29.97
C VAL O 59 -14.80 21.78 30.55
N ASN O 60 -13.72 21.09 31.00
CA ASN O 60 -13.85 19.69 31.39
C ASN O 60 -12.91 19.30 32.55
N SER O 61 -13.12 19.96 33.69
CA SER O 61 -12.38 19.66 34.91
C SER O 61 -13.15 18.61 35.71
N HIS O 62 -12.49 17.49 36.01
CA HIS O 62 -12.99 16.46 36.88
C HIS O 62 -12.20 16.50 38.18
N ASP O 63 -12.75 15.91 39.23
CA ASP O 63 -11.96 15.72 40.44
C ASP O 63 -12.37 14.40 41.10
N ASN O 64 -11.64 14.03 42.16
CA ASN O 64 -11.86 12.74 42.81
C ASN O 64 -13.22 12.64 43.48
N ASN O 65 -13.90 13.75 43.68
CA ASN O 65 -15.23 13.71 44.30
C ASN O 65 -16.35 13.58 43.28
N GLY O 66 -16.05 13.63 41.99
CA GLY O 66 -17.09 13.66 40.98
C GLY O 66 -17.62 15.04 40.67
N GLN O 67 -16.96 16.09 41.11
CA GLN O 67 -17.46 17.43 40.84
C GLN O 67 -16.93 17.85 39.48
N HIS O 68 -17.83 18.12 38.53
CA HIS O 68 -17.41 18.62 37.23
CA HIS O 68 -17.43 18.63 37.23
C HIS O 68 -17.43 20.14 37.26
N ARG O 69 -16.41 20.76 36.67
CA ARG O 69 -16.35 22.21 36.56
C ARG O 69 -16.11 22.57 35.11
N SER O 70 -16.81 23.61 34.63
CA SER O 70 -16.75 23.97 33.23
C SER O 70 -16.93 25.48 33.12
N GLU O 71 -16.09 26.12 32.31
CA GLU O 71 -16.14 27.57 32.14
C GLU O 71 -15.61 27.92 30.75
N THR O 72 -16.11 29.01 30.17
CA THR O 72 -15.60 29.46 28.86
C THR O 72 -14.29 30.21 29.02
N VAL O 73 -13.55 30.31 27.90
CA VAL O 73 -12.32 31.10 27.90
C VAL O 73 -12.62 32.55 28.25
N ASP O 74 -13.67 33.11 27.65
CA ASP O 74 -13.97 34.52 27.93
C ASP O 74 -14.17 34.74 29.42
N ASN O 75 -14.91 33.85 30.08
CA ASN O 75 -15.13 34.05 31.51
C ASN O 75 -13.89 33.76 32.32
N TYR O 76 -13.06 32.81 31.87
CA TYR O 76 -11.79 32.55 32.55
C TYR O 76 -10.95 33.81 32.64
N THR O 77 -10.95 34.64 31.57
CA THR O 77 -10.05 35.79 31.56
C THR O 77 -10.35 36.71 32.74
N ALA O 78 -11.61 36.81 33.18
CA ALA O 78 -11.94 37.57 34.38
C ALA O 78 -11.77 36.72 35.64
N ASP O 79 -12.21 35.47 35.57
CA ASP O 79 -12.25 34.62 36.74
C ASP O 79 -10.85 34.37 37.30
N ILE O 80 -9.85 34.20 36.42
CA ILE O 80 -8.50 33.85 36.87
C ILE O 80 -7.85 34.98 37.67
N MET O 81 -8.38 36.19 37.57
CA MET O 81 -7.83 37.26 38.38
C MET O 81 -8.39 37.31 39.80
N ARG O 82 -9.43 36.52 40.12
CA ARG O 82 -9.98 36.49 41.47
C ARG O 82 -9.16 35.58 42.38
N ASN O 83 -8.97 36.01 43.62
CA ASN O 83 -8.28 35.14 44.58
C ASN O 83 -9.04 33.86 44.81
N SER O 84 -10.36 33.89 44.64
CA SER O 84 -11.19 32.71 44.84
C SER O 84 -10.95 31.62 43.78
N ARG O 85 -10.33 31.93 42.65
CA ARG O 85 -10.24 31.00 41.54
C ARG O 85 -8.95 30.20 41.72
N TRP O 86 -9.07 28.91 42.03
CA TRP O 86 -7.88 28.11 42.34
C TRP O 86 -7.09 27.81 41.08
N GLY O 87 -5.77 27.69 41.21
CA GLY O 87 -4.90 27.34 40.10
C GLY O 87 -4.67 25.83 40.12
N ASP O 88 -4.67 25.21 38.90
CA ASP O 88 -4.47 23.76 38.73
C ASP O 88 -3.13 23.49 38.09
N PRO O 89 -2.38 22.48 38.54
CA PRO O 89 -1.11 22.17 37.88
C PRO O 89 -1.26 21.83 36.40
N ASP O 90 -2.35 21.17 36.00
CA ASP O 90 -2.50 20.71 34.63
C ASP O 90 -2.91 21.84 33.69
N VAL O 91 -3.37 22.97 34.21
CA VAL O 91 -3.75 24.08 33.34
C VAL O 91 -2.85 25.28 33.62
N GLU O 92 -3.05 25.92 34.77
CA GLU O 92 -2.22 27.07 35.13
C GLU O 92 -0.74 26.68 35.22
N GLY O 93 -0.46 25.49 35.75
CA GLY O 93 0.93 25.04 35.79
C GLY O 93 1.57 24.94 34.42
N ARG O 94 0.85 24.35 33.47
CA ARG O 94 1.31 24.28 32.09
C ARG O 94 1.59 25.66 31.51
N ILE O 95 0.70 26.62 31.79
CA ILE O 95 0.85 27.97 31.27
C ILE O 95 2.11 28.63 31.83
N LEU O 96 2.29 28.53 33.15
CA LEU O 96 3.44 29.14 33.79
C LEU O 96 4.74 28.43 33.42
N CYS O 97 4.69 27.11 33.17
CA CYS O 97 5.88 26.42 32.70
C CYS O 97 6.32 26.97 31.34
N GLU O 98 5.35 27.22 30.46
CA GLU O 98 5.70 27.83 29.20
C GLU O 98 6.26 29.22 29.40
N LYS O 99 5.61 30.01 30.27
CA LYS O 99 6.03 31.40 30.39
C LYS O 99 7.42 31.52 30.99
N TYR O 100 7.75 30.69 31.99
CA TYR O 100 9.01 30.82 32.70
C TYR O 100 10.05 29.78 32.32
N LYS O 101 9.73 28.89 31.37
CA LYS O 101 10.67 27.90 30.84
C LYS O 101 11.21 27.01 31.97
N VAL O 102 10.28 26.47 32.76
CA VAL O 102 10.59 25.59 33.87
C VAL O 102 9.71 24.36 33.71
N LYS O 103 10.10 23.30 34.40
CA LYS O 103 9.23 22.15 34.64
C LYS O 103 8.64 22.28 36.03
N LEU O 104 7.44 21.75 36.21
CA LEU O 104 6.78 21.81 37.50
C LEU O 104 6.61 20.40 38.07
N HIS O 105 7.30 20.14 39.18
CA HIS O 105 7.18 18.87 39.89
C HIS O 105 6.11 19.02 40.95
N VAL O 106 5.11 18.13 40.93
CA VAL O 106 4.05 18.13 41.94
C VAL O 106 4.08 16.80 42.69
N ILE O 107 4.03 16.87 44.02
CA ILE O 107 3.80 15.69 44.84
C ILE O 107 2.34 15.72 45.25
N GLU O 108 1.60 14.65 44.96
CA GLU O 108 0.21 14.51 45.38
C GLU O 108 0.10 13.33 46.34
N ASN O 109 -0.43 13.58 47.53
CA ASN O 109 -0.65 12.51 48.49
C ASN O 109 -2.08 12.00 48.32
N GLN O 110 -2.21 10.73 47.93
CA GLN O 110 -3.51 10.10 47.70
C GLN O 110 -3.48 8.69 48.25
N THR O 111 -4.66 8.17 48.56
CA THR O 111 -4.79 6.84 49.16
C THR O 111 -5.60 5.93 48.24
N VAL O 112 -5.09 4.72 48.00
CA VAL O 112 -5.72 3.73 47.13
C VAL O 112 -5.76 2.40 47.88
N ASP O 113 -6.96 1.88 48.12
CA ASP O 113 -7.10 0.58 48.78
C ASP O 113 -6.39 0.57 50.14
N ASN O 114 -6.54 1.66 50.89
CA ASN O 114 -5.95 1.86 52.21
C ASN O 114 -4.42 1.93 52.18
N GLN O 115 -3.86 2.24 51.04
CA GLN O 115 -2.41 2.39 50.90
C GLN O 115 -2.07 3.86 50.62
N ASP O 116 -1.39 4.53 51.54
CA ASP O 116 -0.99 5.91 51.33
C ASP O 116 0.11 5.93 50.28
N LEU O 117 -0.04 6.81 49.29
CA LEU O 117 0.97 7.02 48.26
C LEU O 117 1.33 8.49 48.15
N SER O 118 2.58 8.76 47.77
CA SER O 118 2.98 10.08 47.30
C SER O 118 3.24 9.95 45.81
N LEU O 119 2.35 10.51 45.00
CA LEU O 119 2.45 10.38 43.54
C LEU O 119 3.26 11.55 43.01
N HIS O 120 4.24 11.27 42.14
CA HIS O 120 4.99 12.36 41.55
C HIS O 120 4.51 12.63 40.13
N GLU O 121 4.28 13.90 39.80
CA GLU O 121 3.94 14.32 38.46
C GLU O 121 4.96 15.36 38.00
N LEU O 122 5.23 15.39 36.71
CA LEU O 122 6.12 16.40 36.14
C LEU O 122 5.39 17.06 35.00
N ILE O 123 5.21 18.37 35.10
CA ILE O 123 4.46 19.16 34.12
C ILE O 123 5.43 20.06 33.39
N ASP O 124 5.23 20.21 32.08
CA ASP O 124 5.96 21.21 31.32
C ASP O 124 4.97 21.86 30.36
N ASN O 125 5.50 22.66 29.42
CA ASN O 125 4.63 23.43 28.55
C ASN O 125 3.74 22.53 27.70
N SER O 126 4.13 21.29 27.48
CA SER O 126 3.40 20.40 26.58
C SER O 126 2.47 19.44 27.30
N GLY O 127 2.50 19.35 28.62
CA GLY O 127 1.51 18.55 29.30
C GLY O 127 2.07 17.99 30.61
N SER O 128 1.45 16.91 31.06
CA SER O 128 1.77 16.30 32.34
C SER O 128 2.17 14.84 32.12
N LYS O 129 3.11 14.36 32.92
CA LYS O 129 3.45 12.95 32.91
C LYS O 129 3.60 12.48 34.34
N SER O 130 3.25 11.22 34.58
CA SER O 130 3.54 10.61 35.86
C SER O 130 5.00 10.24 35.94
N ALA O 131 5.62 10.51 37.08
CA ALA O 131 7.06 10.47 37.24
C ALA O 131 7.43 9.47 38.31
N GLY O 132 8.73 9.21 38.43
CA GLY O 132 9.22 8.19 39.33
C GLY O 132 10.52 7.60 38.83
N GLU O 133 10.54 6.30 38.55
CA GLU O 133 11.78 5.61 38.18
C GLU O 133 12.16 5.81 36.72
N TYR O 134 11.22 6.17 35.85
CA TYR O 134 11.52 6.21 34.41
C TYR O 134 11.48 7.61 33.85
N ASN O 135 10.43 8.39 34.14
CA ASN O 135 10.45 9.83 33.94
C ASN O 135 10.99 10.42 35.23
N LYS O 136 12.29 10.69 35.29
CA LYS O 136 12.90 11.07 36.57
C LYS O 136 12.73 12.54 36.88
N VAL O 137 12.42 12.84 38.15
CA VAL O 137 12.48 14.21 38.65
C VAL O 137 13.93 14.54 38.95
N ASP O 138 14.41 15.67 38.43
CA ASP O 138 15.79 16.10 38.65
C ASP O 138 15.78 17.12 39.79
N TYR O 139 16.20 16.67 40.96
CA TYR O 139 16.19 17.54 42.13
C TYR O 139 17.35 18.51 42.17
N ASP O 140 18.30 18.40 41.24
CA ASP O 140 19.39 19.37 41.15
C ASP O 140 19.21 20.34 40.00
N ASP O 141 18.06 20.32 39.33
CA ASP O 141 17.83 21.13 38.14
C ASP O 141 17.26 22.49 38.54
N SER O 142 18.01 23.55 38.28
CA SER O 142 17.53 24.89 38.59
C SER O 142 16.30 25.29 37.79
N SER O 143 15.96 24.54 36.72
CA SER O 143 14.77 24.87 35.95
C SER O 143 13.56 24.00 36.30
N THR O 144 13.58 23.29 37.43
CA THR O 144 12.40 22.59 37.92
C THR O 144 11.95 23.25 39.22
N VAL O 145 10.67 23.58 39.30
CA VAL O 145 10.07 24.09 40.51
C VAL O 145 9.26 22.97 41.12
N HIS O 146 8.98 23.07 42.42
CA HIS O 146 8.43 21.94 43.17
C HIS O 146 7.33 22.39 44.12
N ILE O 147 6.16 21.75 44.06
CA ILE O 147 5.08 22.01 45.01
C ILE O 147 4.48 20.69 45.45
N ILE O 148 3.73 20.73 46.56
CA ILE O 148 3.11 19.53 47.11
C ILE O 148 1.66 19.87 47.44
N ASN O 149 0.77 18.90 47.20
CA ASN O 149 -0.62 18.94 47.63
C ASN O 149 -0.85 17.72 48.52
N LYS O 150 -1.01 17.92 49.83
CA LYS O 150 -1.15 16.79 50.74
C LYS O 150 -2.55 16.18 50.73
N GLY O 151 -3.43 16.65 49.86
CA GLY O 151 -4.78 16.11 49.76
C GLY O 151 -5.80 16.85 50.60
N GLY O 152 -5.43 17.97 51.19
CA GLY O 152 -6.33 18.77 52.00
C GLY O 152 -6.73 20.08 51.33
N LEU O 153 -6.81 20.07 50.00
CA LEU O 153 -7.25 21.26 49.21
C LEU O 153 -6.33 22.48 49.39
N HIS O 154 -5.05 22.23 49.60
CA HIS O 154 -4.06 23.27 49.73
CA HIS O 154 -4.03 23.26 49.75
C HIS O 154 -2.51 22.89 49.19
N PHE O 155 -2.10 23.73 48.27
CA PHE O 155 -0.72 23.58 47.78
C PHE O 155 0.25 24.35 48.68
N GLU O 156 1.40 23.73 48.87
CA GLU O 156 2.53 24.36 49.54
C GLU O 156 3.74 24.23 48.62
N PRO O 157 4.69 25.15 48.68
CA PRO O 157 5.94 24.93 47.95
C PRO O 157 6.77 23.87 48.64
N LEU O 158 7.56 23.14 47.83
CA LEU O 158 8.61 22.27 48.34
C LEU O 158 9.93 23.00 48.12
N LEU O 159 10.58 23.38 49.21
CA LEU O 159 11.72 24.26 49.19
C LEU O 159 12.98 23.51 49.62
N ASP O 160 14.12 24.09 49.27
CA ASP O 160 15.43 23.48 49.50
C ASP O 160 16.02 24.02 50.81
N ARG O 161 16.34 23.11 51.73
CA ARG O 161 16.94 23.50 53.02
C ARG O 161 18.22 24.30 52.83
N ASN O 162 19.00 23.99 51.79
CA ASN O 162 20.29 24.63 51.60
C ASN O 162 20.14 26.10 51.19
N LYS O 163 19.12 26.41 50.39
CA LYS O 163 18.93 27.77 49.87
C LYS O 163 17.98 28.58 50.75
N ASP P 3 -0.52 -79.91 -1.84
CA ASP P 3 -0.08 -80.55 -3.09
C ASP P 3 -0.45 -82.01 -3.12
N ASN P 4 -1.10 -82.45 -2.05
CA ASN P 4 -1.54 -83.83 -1.96
C ASN P 4 -2.73 -84.11 -2.86
N PHE P 5 -3.46 -83.08 -3.28
CA PHE P 5 -4.77 -83.25 -3.88
C PHE P 5 -4.76 -82.90 -5.36
N TYR P 6 -5.53 -83.64 -6.15
CA TYR P 6 -5.71 -83.34 -7.57
C TYR P 6 -7.20 -83.20 -7.84
N VAL P 7 -7.54 -82.67 -9.01
CA VAL P 7 -8.95 -82.48 -9.35
C VAL P 7 -9.43 -83.75 -10.06
N GLY P 8 -10.38 -84.46 -9.42
CA GLY P 8 -11.00 -85.63 -9.99
C GLY P 8 -12.09 -85.26 -11.00
N GLN P 9 -12.93 -86.24 -11.31
CA GLN P 9 -13.98 -86.04 -12.29
C GLN P 9 -15.32 -86.40 -11.67
N ALA P 10 -16.29 -85.51 -11.83
CA ALA P 10 -17.64 -85.80 -11.38
C ALA P 10 -18.55 -85.99 -12.60
N ILE P 11 -19.68 -86.66 -12.37
CA ILE P 11 -20.74 -86.81 -13.36
C ILE P 11 -21.04 -85.44 -13.97
N GLY P 12 -21.41 -85.43 -15.26
CA GLY P 12 -21.60 -84.16 -15.93
C GLY P 12 -22.92 -83.48 -15.63
N ASN P 13 -23.92 -84.24 -15.19
CA ASN P 13 -25.27 -83.68 -15.09
C ASN P 13 -25.38 -82.85 -13.81
N GLY P 14 -26.62 -82.49 -13.47
CA GLY P 14 -26.89 -81.60 -12.37
C GLY P 14 -26.53 -82.17 -11.00
N SER P 15 -26.11 -83.43 -10.91
CA SER P 15 -25.75 -84.02 -9.64
C SER P 15 -24.27 -83.83 -9.28
N CYS P 16 -23.55 -82.98 -10.00
CA CYS P 16 -22.10 -82.92 -9.83
C CYS P 16 -21.70 -82.53 -8.41
N PHE P 17 -22.46 -81.64 -7.75
CA PHE P 17 -22.13 -81.33 -6.36
C PHE P 17 -22.18 -82.61 -5.51
N PHE P 18 -23.28 -83.34 -5.60
CA PHE P 18 -23.44 -84.57 -4.81
C PHE P 18 -22.39 -85.61 -5.19
N ASP P 19 -22.11 -85.77 -6.47
CA ASP P 19 -21.12 -86.78 -6.89
C ASP P 19 -19.72 -86.42 -6.41
N SER P 20 -19.39 -85.13 -6.45
CA SER P 20 -18.11 -84.66 -5.88
C SER P 20 -18.01 -84.98 -4.40
N PHE P 21 -19.03 -84.57 -3.64
CA PHE P 21 -19.13 -84.89 -2.21
C PHE P 21 -18.99 -86.39 -1.98
N ARG P 22 -19.72 -87.19 -2.75
CA ARG P 22 -19.69 -88.65 -2.56
C ARG P 22 -18.27 -89.19 -2.71
N GLN P 23 -17.56 -88.76 -3.74
CA GLN P 23 -16.25 -89.35 -4.00
C GLN P 23 -15.25 -89.01 -2.91
N SER P 24 -15.25 -87.75 -2.44
CA SER P 24 -14.32 -87.38 -1.38
C SER P 24 -14.72 -88.04 -0.07
N LEU P 25 -16.03 -88.14 0.20
CA LEU P 25 -16.49 -88.83 1.41
C LEU P 25 -15.98 -90.27 1.46
N GLU P 26 -16.11 -91.01 0.35
CA GLU P 26 -15.62 -92.38 0.33
C GLU P 26 -14.12 -92.44 0.59
N GLN P 27 -13.35 -91.55 -0.03
CA GLN P 27 -11.92 -91.62 0.14
C GLN P 27 -11.51 -91.23 1.56
N GLN P 28 -12.20 -90.25 2.15
CA GLN P 28 -11.81 -89.75 3.46
C GLN P 28 -12.34 -90.61 4.60
N THR P 29 -13.64 -90.89 4.61
CA THR P 29 -14.26 -91.65 5.69
C THR P 29 -14.45 -93.13 5.37
N GLY P 30 -14.30 -93.55 4.11
CA GLY P 30 -14.53 -94.93 3.75
C GLY P 30 -15.97 -95.30 3.44
N GLU P 31 -16.94 -94.44 3.75
CA GLU P 31 -18.35 -94.79 3.55
C GLU P 31 -18.74 -94.61 2.08
N GLN P 32 -19.48 -95.58 1.53
CA GLN P 32 -19.93 -95.53 0.15
C GLN P 32 -21.40 -95.12 0.12
N VAL P 33 -21.69 -93.92 -0.42
CA VAL P 33 -23.08 -93.50 -0.61
C VAL P 33 -23.27 -93.15 -2.08
N THR P 34 -24.47 -93.36 -2.60
CA THR P 34 -24.73 -92.88 -3.96
C THR P 34 -25.14 -91.41 -3.95
N ALA P 35 -25.04 -90.76 -5.11
CA ALA P 35 -25.54 -89.39 -5.23
C ALA P 35 -27.03 -89.35 -4.93
N GLU P 36 -27.77 -90.36 -5.40
CA GLU P 36 -29.20 -90.43 -5.10
C GLU P 36 -29.44 -90.50 -3.59
N LYS P 37 -28.63 -91.27 -2.86
CA LYS P 37 -28.76 -91.33 -1.41
C LYS P 37 -28.54 -89.96 -0.78
N LEU P 38 -27.54 -89.20 -1.26
CA LEU P 38 -27.29 -87.88 -0.72
C LEU P 38 -28.45 -86.94 -1.00
N ARG P 39 -29.05 -87.04 -2.18
CA ARG P 39 -30.25 -86.23 -2.44
C ARG P 39 -31.37 -86.60 -1.49
N ASN P 40 -31.55 -87.90 -1.27
CA ASN P 40 -32.55 -88.36 -0.33
C ASN P 40 -32.30 -87.82 1.07
N ASP P 41 -31.02 -87.74 1.46
CA ASP P 41 -30.69 -87.14 2.77
C ASP P 41 -31.19 -85.71 2.86
N CYS P 42 -31.12 -84.97 1.74
CA CYS P 42 -31.55 -83.58 1.75
C CYS P 42 -33.08 -83.49 1.76
N ARG P 43 -33.74 -84.39 1.02
CA ARG P 43 -35.20 -84.47 1.08
C ARG P 43 -35.68 -84.75 2.50
N GLU P 44 -35.07 -85.75 3.15
CA GLU P 44 -35.47 -86.10 4.50
C GLU P 44 -35.26 -84.93 5.45
N PHE P 45 -34.11 -84.25 5.36
CA PHE P 45 -33.89 -83.03 6.14
C PHE P 45 -35.01 -82.03 5.94
N ALA P 46 -35.40 -81.82 4.67
CA ALA P 46 -36.44 -80.84 4.39
C ALA P 46 -37.81 -81.29 4.88
N GLN P 47 -38.05 -82.60 4.94
CA GLN P 47 -39.37 -83.09 5.35
C GLN P 47 -39.55 -83.05 6.88
N LYS P 48 -38.46 -83.09 7.63
CA LYS P 48 -38.55 -83.31 9.10
C LYS P 48 -38.36 -81.99 9.84
N ASN P 49 -39.35 -81.10 9.68
CA ASN P 49 -39.46 -79.82 10.38
C ASN P 49 -38.09 -79.14 10.41
N PRO P 50 -37.57 -78.74 9.25
CA PRO P 50 -36.21 -78.17 9.20
C PRO P 50 -36.14 -76.84 9.92
N PRO P 51 -34.95 -76.45 10.38
CA PRO P 51 -34.82 -75.18 11.10
C PRO P 51 -35.08 -74.00 10.16
N LYS P 52 -35.26 -72.83 10.78
CA LYS P 52 -35.56 -71.66 9.97
C LYS P 52 -34.42 -71.26 9.04
N TRP P 53 -33.15 -71.56 9.40
CA TRP P 53 -32.07 -71.23 8.45
C TRP P 53 -32.31 -71.85 7.09
N PHE P 54 -32.93 -73.02 7.06
CA PHE P 54 -33.09 -73.74 5.79
C PHE P 54 -34.21 -73.13 4.96
N THR P 55 -35.38 -72.92 5.57
CA THR P 55 -36.46 -72.22 4.88
C THR P 55 -35.97 -70.89 4.32
N ASN P 56 -35.20 -70.16 5.13
CA ASN P 56 -34.78 -68.84 4.68
C ASN P 56 -33.68 -68.90 3.63
N ALA P 57 -32.83 -69.93 3.63
CA ALA P 57 -31.79 -70.02 2.58
C ALA P 57 -32.39 -70.29 1.20
N ILE P 58 -33.28 -71.27 1.11
CA ILE P 58 -33.77 -71.67 -0.23
C ILE P 58 -34.79 -70.70 -0.78
N VAL P 59 -35.34 -69.82 0.05
CA VAL P 59 -36.20 -68.75 -0.47
C VAL P 59 -35.37 -67.53 -0.85
N ASN P 60 -34.06 -67.54 -0.59
CA ASN P 60 -33.22 -66.36 -0.80
C ASN P 60 -31.83 -66.71 -1.36
N SER P 61 -31.79 -67.38 -2.50
CA SER P 61 -30.51 -67.68 -3.16
C SER P 61 -30.13 -66.55 -4.11
N HIS P 62 -28.91 -66.05 -3.95
CA HIS P 62 -28.27 -65.05 -4.81
C HIS P 62 -27.10 -65.69 -5.53
N ASP P 63 -26.67 -65.09 -6.64
CA ASP P 63 -25.44 -65.54 -7.29
C ASP P 63 -24.73 -64.35 -7.89
N ASN P 64 -23.51 -64.59 -8.39
CA ASN P 64 -22.68 -63.50 -8.90
C ASN P 64 -23.24 -62.83 -10.14
N ASN P 65 -24.23 -63.42 -10.79
CA ASN P 65 -24.83 -62.81 -11.98
C ASN P 65 -26.07 -61.99 -11.67
N GLY P 66 -26.57 -62.03 -10.44
CA GLY P 66 -27.75 -61.28 -10.07
C GLY P 66 -29.03 -62.08 -10.22
N GLN P 67 -28.93 -63.39 -10.43
CA GLN P 67 -30.11 -64.23 -10.55
C GLN P 67 -30.59 -64.61 -9.16
N HIS P 68 -31.81 -64.22 -8.82
CA HIS P 68 -32.40 -64.63 -7.55
CA HIS P 68 -32.38 -64.64 -7.55
C HIS P 68 -33.18 -65.91 -7.76
N ARG P 69 -33.04 -66.86 -6.84
CA ARG P 69 -33.81 -68.10 -6.88
C ARG P 69 -34.56 -68.27 -5.57
N SER P 70 -35.81 -68.73 -5.66
CA SER P 70 -36.61 -68.90 -4.46
C SER P 70 -37.58 -70.07 -4.63
N GLU P 71 -37.67 -70.92 -3.62
CA GLU P 71 -38.62 -72.03 -3.63
C GLU P 71 -39.00 -72.40 -2.20
N THR P 72 -40.21 -72.94 -2.06
CA THR P 72 -40.74 -73.38 -0.77
C THR P 72 -40.13 -74.71 -0.33
N VAL P 73 -40.17 -74.94 0.97
CA VAL P 73 -39.71 -76.23 1.50
C VAL P 73 -40.50 -77.37 0.89
N ASP P 74 -41.83 -77.23 0.80
CA ASP P 74 -42.59 -78.33 0.23
C ASP P 74 -42.17 -78.66 -1.19
N ASN P 75 -41.93 -77.63 -2.02
CA ASN P 75 -41.52 -77.94 -3.39
C ASN P 75 -40.09 -78.46 -3.44
N TYR P 76 -39.26 -78.04 -2.49
CA TYR P 76 -37.90 -78.55 -2.43
C TYR P 76 -37.88 -80.06 -2.19
N THR P 77 -38.83 -80.57 -1.37
CA THR P 77 -38.79 -82.01 -1.06
C THR P 77 -38.94 -82.85 -2.32
N ALA P 78 -39.68 -82.36 -3.33
CA ALA P 78 -39.70 -83.03 -4.62
C ALA P 78 -38.54 -82.60 -5.51
N ASP P 79 -38.21 -81.31 -5.51
CA ASP P 79 -37.21 -80.78 -6.45
C ASP P 79 -35.83 -81.38 -6.20
N ILE P 80 -35.45 -81.59 -4.94
CA ILE P 80 -34.10 -82.05 -4.63
C ILE P 80 -33.84 -83.47 -5.12
N MET P 81 -34.90 -84.21 -5.47
CA MET P 81 -34.69 -85.54 -6.05
C MET P 81 -34.46 -85.53 -7.57
N ARG P 82 -34.62 -84.39 -8.24
CA ARG P 82 -34.37 -84.33 -9.66
C ARG P 82 -32.88 -84.12 -9.93
N ASN P 83 -32.36 -84.83 -10.94
CA ASN P 83 -30.96 -84.57 -11.29
C ASN P 83 -30.75 -83.14 -11.76
N SER P 84 -31.80 -82.48 -12.24
CA SER P 84 -31.65 -81.10 -12.67
C SER P 84 -31.46 -80.10 -11.53
N ARG P 85 -31.76 -80.47 -10.29
CA ARG P 85 -31.67 -79.54 -9.17
C ARG P 85 -30.26 -79.53 -8.59
N TRP P 86 -29.54 -78.42 -8.74
CA TRP P 86 -28.14 -78.40 -8.30
C TRP P 86 -28.04 -78.30 -6.78
N GLY P 87 -26.98 -78.90 -6.23
CA GLY P 87 -26.69 -78.79 -4.81
C GLY P 87 -25.70 -77.67 -4.57
N ASP P 88 -25.95 -76.89 -3.51
CA ASP P 88 -25.13 -75.76 -3.08
C ASP P 88 -24.35 -76.13 -1.83
N PRO P 89 -23.08 -75.72 -1.73
CA PRO P 89 -22.35 -75.99 -0.48
C PRO P 89 -23.01 -75.36 0.74
N ASP P 90 -23.61 -74.17 0.61
CA ASP P 90 -24.13 -73.49 1.79
C ASP P 90 -25.43 -74.08 2.29
N VAL P 91 -26.09 -74.94 1.49
CA VAL P 91 -27.38 -75.50 1.89
C VAL P 91 -27.24 -77.01 1.96
N GLU P 92 -27.18 -77.67 0.81
CA GLU P 92 -27.02 -79.12 0.77
C GLU P 92 -25.72 -79.55 1.45
N GLY P 93 -24.63 -78.80 1.25
CA GLY P 93 -23.39 -79.15 1.91
C GLY P 93 -23.51 -79.10 3.41
N ARG P 94 -24.23 -78.10 3.93
CA ARG P 94 -24.46 -78.02 5.36
C ARG P 94 -25.30 -79.19 5.85
N ILE P 95 -26.30 -79.59 5.08
CA ILE P 95 -27.15 -80.73 5.46
C ILE P 95 -26.35 -82.01 5.48
N LEU P 96 -25.49 -82.22 4.48
CA LEU P 96 -24.72 -83.45 4.43
C LEU P 96 -23.60 -83.44 5.46
N CYS P 97 -23.07 -82.25 5.80
CA CYS P 97 -22.08 -82.18 6.88
C CYS P 97 -22.70 -82.67 8.18
N GLU P 98 -23.96 -82.31 8.43
CA GLU P 98 -24.63 -82.79 9.65
C GLU P 98 -24.82 -84.30 9.60
N LYS P 99 -25.35 -84.81 8.50
CA LYS P 99 -25.68 -86.23 8.46
C LYS P 99 -24.42 -87.09 8.59
N TYR P 100 -23.33 -86.72 7.91
CA TYR P 100 -22.12 -87.55 7.93
C TYR P 100 -21.09 -87.10 8.96
N LYS P 101 -21.38 -86.04 9.72
CA LYS P 101 -20.48 -85.53 10.75
C LYS P 101 -19.12 -85.22 10.16
N VAL P 102 -19.13 -84.49 9.04
CA VAL P 102 -17.91 -84.09 8.38
C VAL P 102 -17.93 -82.57 8.22
N LYS P 103 -16.77 -82.03 7.90
CA LYS P 103 -16.61 -80.66 7.42
C LYS P 103 -16.44 -80.70 5.91
N LEU P 104 -16.85 -79.63 5.24
CA LEU P 104 -16.73 -79.58 3.79
C LEU P 104 -15.87 -78.39 3.39
N HIS P 105 -14.69 -78.69 2.83
CA HIS P 105 -13.77 -77.70 2.29
C HIS P 105 -14.06 -77.48 0.81
N VAL P 106 -14.27 -76.23 0.41
CA VAL P 106 -14.56 -75.88 -0.98
C VAL P 106 -13.50 -74.88 -1.42
N ILE P 107 -12.85 -75.18 -2.56
CA ILE P 107 -12.04 -74.20 -3.28
C ILE P 107 -12.90 -73.55 -4.35
N GLU P 108 -12.99 -72.21 -4.34
CA GLU P 108 -13.73 -71.45 -5.35
C GLU P 108 -12.77 -70.59 -6.15
N ASN P 109 -12.75 -70.78 -7.46
CA ASN P 109 -11.92 -69.94 -8.32
C ASN P 109 -12.80 -68.79 -8.80
N GLN P 110 -12.57 -67.61 -8.24
CA GLN P 110 -13.35 -66.43 -8.56
C GLN P 110 -12.46 -65.44 -9.29
N THR P 111 -13.07 -64.45 -9.91
CA THR P 111 -12.33 -63.42 -10.61
C THR P 111 -12.89 -62.07 -10.24
N VAL P 112 -12.01 -61.16 -9.83
CA VAL P 112 -12.35 -59.77 -9.52
C VAL P 112 -11.45 -58.86 -10.34
N ASP P 113 -12.05 -57.99 -11.16
CA ASP P 113 -11.31 -57.02 -11.97
C ASP P 113 -10.24 -57.71 -12.81
N ASN P 114 -10.65 -58.77 -13.53
CA ASN P 114 -9.77 -59.55 -14.42
C ASN P 114 -8.63 -60.22 -13.68
N GLN P 115 -8.79 -60.48 -12.38
CA GLN P 115 -7.76 -61.14 -11.56
C GLN P 115 -8.34 -62.41 -10.97
N ASP P 116 -7.74 -63.54 -11.32
CA ASP P 116 -8.10 -64.83 -10.75
C ASP P 116 -7.71 -64.90 -9.28
N LEU P 117 -8.69 -65.16 -8.42
CA LEU P 117 -8.46 -65.35 -6.99
C LEU P 117 -8.99 -66.73 -6.62
N SER P 118 -8.26 -67.44 -5.75
CA SER P 118 -8.68 -68.76 -5.31
C SER P 118 -9.09 -68.70 -3.85
N LEU P 119 -10.35 -68.99 -3.56
CA LEU P 119 -10.90 -68.79 -2.23
C LEU P 119 -11.20 -70.12 -1.55
N HIS P 120 -10.81 -70.24 -0.27
CA HIS P 120 -11.13 -71.42 0.51
C HIS P 120 -12.32 -71.11 1.41
N GLU P 121 -13.29 -72.02 1.44
CA GLU P 121 -14.42 -71.99 2.38
C GLU P 121 -14.44 -73.30 3.14
N LEU P 122 -14.93 -73.24 4.39
CA LEU P 122 -15.08 -74.43 5.23
C LEU P 122 -16.49 -74.42 5.81
N ILE P 123 -17.28 -75.41 5.42
CA ILE P 123 -18.67 -75.57 5.82
C ILE P 123 -18.74 -76.70 6.85
N ASP P 124 -19.59 -76.54 7.87
CA ASP P 124 -19.96 -77.66 8.73
C ASP P 124 -21.44 -77.56 8.99
N ASN P 125 -21.93 -78.36 9.95
CA ASN P 125 -23.36 -78.41 10.21
C ASN P 125 -23.90 -77.05 10.65
N SER P 126 -23.06 -76.17 11.17
CA SER P 126 -23.53 -74.90 11.71
C SER P 126 -23.38 -73.72 10.77
N GLY P 127 -22.75 -73.88 9.61
CA GLY P 127 -22.66 -72.77 8.66
C GLY P 127 -21.36 -72.82 7.87
N SER P 128 -20.99 -71.68 7.28
CA SER P 128 -19.83 -71.60 6.40
C SER P 128 -18.90 -70.52 6.94
N LYS P 129 -17.58 -70.70 6.82
CA LYS P 129 -16.62 -69.67 7.15
C LYS P 129 -15.63 -69.56 6.02
N SER P 130 -15.18 -68.33 5.74
CA SER P 130 -14.03 -68.16 4.85
C SER P 130 -12.76 -68.60 5.55
N ALA P 131 -11.95 -69.37 4.85
CA ALA P 131 -10.87 -70.11 5.48
C ALA P 131 -9.53 -69.71 4.84
N GLY P 132 -8.46 -70.25 5.38
CA GLY P 132 -7.16 -69.95 4.86
C GLY P 132 -6.10 -69.95 5.92
N GLU P 133 -5.65 -68.77 6.35
CA GLU P 133 -4.56 -68.78 7.31
C GLU P 133 -5.02 -68.71 8.76
N TYR P 134 -6.26 -68.26 9.03
CA TYR P 134 -6.76 -68.18 10.41
C TYR P 134 -7.79 -69.23 10.75
N ASN P 135 -8.77 -69.46 9.89
CA ASN P 135 -9.63 -70.63 10.02
C ASN P 135 -8.98 -71.70 9.15
N LYS P 136 -8.20 -72.59 9.76
CA LYS P 136 -7.35 -73.50 8.99
C LYS P 136 -8.13 -74.70 8.46
N VAL P 137 -7.88 -75.03 7.21
CA VAL P 137 -8.34 -76.30 6.66
C VAL P 137 -7.37 -77.38 7.13
N ASP P 138 -7.90 -78.43 7.74
CA ASP P 138 -7.06 -79.55 8.20
C ASP P 138 -6.99 -80.58 7.07
N TYR P 139 -5.87 -80.59 6.35
CA TYR P 139 -5.70 -81.50 5.23
C TYR P 139 -5.38 -82.93 5.64
N ASP P 140 -5.16 -83.20 6.93
CA ASP P 140 -4.96 -84.55 7.43
C ASP P 140 -6.19 -85.13 8.13
N ASP P 141 -7.25 -84.34 8.27
CA ASP P 141 -8.46 -84.77 8.98
C ASP P 141 -9.29 -85.68 8.06
N SER P 142 -9.49 -86.94 8.46
CA SER P 142 -10.32 -87.83 7.67
C SER P 142 -11.80 -87.47 7.74
N SER P 143 -12.20 -86.51 8.59
CA SER P 143 -13.59 -86.06 8.62
C SER P 143 -13.79 -84.71 7.94
N THR P 144 -12.86 -84.28 7.08
CA THR P 144 -13.06 -83.14 6.18
C THR P 144 -13.09 -83.66 4.75
N VAL P 145 -14.15 -83.29 3.99
CA VAL P 145 -14.21 -83.64 2.57
C VAL P 145 -13.83 -82.39 1.77
N HIS P 146 -13.45 -82.60 0.51
CA HIS P 146 -12.87 -81.53 -0.31
C HIS P 146 -13.45 -81.55 -1.72
N ILE P 147 -13.93 -80.40 -2.20
CA ILE P 147 -14.42 -80.28 -3.56
C ILE P 147 -13.98 -78.94 -4.11
N ILE P 148 -14.08 -78.78 -5.43
CA ILE P 148 -13.62 -77.56 -6.07
C ILE P 148 -14.65 -77.13 -7.09
N ASN P 149 -14.85 -75.82 -7.20
CA ASN P 149 -15.66 -75.21 -8.23
C ASN P 149 -14.75 -74.22 -8.97
N LYS P 150 -14.38 -74.56 -10.20
CA LYS P 150 -13.47 -73.72 -10.98
C LYS P 150 -14.14 -72.51 -11.60
N GLY P 151 -15.39 -72.25 -11.26
CA GLY P 151 -16.09 -71.11 -11.81
C GLY P 151 -16.78 -71.37 -13.13
N GLY P 152 -16.94 -72.63 -13.52
CA GLY P 152 -17.57 -72.97 -14.79
C GLY P 152 -18.88 -73.71 -14.60
N LEU P 153 -19.53 -73.48 -13.45
CA LEU P 153 -20.81 -74.10 -13.12
C LEU P 153 -20.70 -75.61 -12.96
N HIS P 154 -19.57 -76.10 -12.46
CA HIS P 154 -19.33 -77.53 -12.25
CA HIS P 154 -19.38 -77.52 -12.22
C HIS P 154 -18.54 -77.73 -10.97
N PHE P 155 -18.92 -78.71 -10.17
CA PHE P 155 -18.15 -79.15 -9.02
C PHE P 155 -17.37 -80.41 -9.42
N GLU P 156 -16.17 -80.54 -8.89
CA GLU P 156 -15.36 -81.75 -9.01
C GLU P 156 -14.86 -82.12 -7.63
N PRO P 157 -14.63 -83.40 -7.36
CA PRO P 157 -14.01 -83.76 -6.08
C PRO P 157 -12.53 -83.39 -6.12
N LEU P 158 -12.01 -83.01 -4.96
CA LEU P 158 -10.56 -82.91 -4.77
C LEU P 158 -10.12 -84.19 -4.05
N LEU P 159 -9.26 -84.97 -4.69
CA LEU P 159 -8.94 -86.30 -4.18
C LEU P 159 -7.45 -86.39 -3.89
N ASP P 160 -7.09 -87.32 -2.98
CA ASP P 160 -5.71 -87.47 -2.48
C ASP P 160 -4.91 -88.36 -3.41
N ARG P 161 -3.76 -87.85 -3.87
CA ARG P 161 -2.86 -88.66 -4.68
C ARG P 161 -2.45 -89.95 -3.96
N ASN P 162 -2.17 -89.87 -2.65
CA ASN P 162 -1.72 -91.07 -1.94
C ASN P 162 -2.81 -92.13 -1.89
N LYS P 163 -4.02 -91.75 -1.48
CA LYS P 163 -5.12 -92.69 -1.38
C LYS P 163 -5.64 -93.07 -2.77
N SER P 164 -6.37 -94.17 -2.82
CA SER P 164 -6.90 -94.70 -4.08
C SER P 164 -7.85 -95.86 -3.80
N PRO Q 2 44.15 67.08 10.80
CA PRO Q 2 42.87 67.20 11.52
C PRO Q 2 43.07 67.53 13.01
N ASP Q 3 44.14 67.01 13.61
CA ASP Q 3 44.41 67.21 15.03
C ASP Q 3 44.71 68.66 15.36
N ASN Q 4 45.07 69.47 14.36
CA ASN Q 4 45.44 70.87 14.57
C ASN Q 4 44.26 71.81 14.55
N PHE Q 5 43.07 71.33 14.25
CA PHE Q 5 41.91 72.21 14.10
C PHE Q 5 41.02 72.12 15.31
N TYR Q 6 40.40 73.25 15.66
CA TYR Q 6 39.46 73.32 16.75
C TYR Q 6 38.20 74.06 16.30
N VAL Q 7 37.12 73.79 17.02
CA VAL Q 7 35.82 74.38 16.68
C VAL Q 7 35.78 75.80 17.23
N GLY Q 8 35.66 76.78 16.34
CA GLY Q 8 35.57 78.17 16.74
C GLY Q 8 34.14 78.56 17.06
N GLN Q 9 33.90 79.86 17.13
CA GLN Q 9 32.55 80.36 17.37
C GLN Q 9 32.15 81.31 16.26
N ALA Q 10 30.92 81.16 15.76
CA ALA Q 10 30.33 82.10 14.81
C ALA Q 10 29.23 82.88 15.53
N ILE Q 11 28.79 83.98 14.90
CA ILE Q 11 27.65 84.74 15.39
C ILE Q 11 26.41 83.85 15.50
N GLY Q 12 25.49 84.21 16.41
CA GLY Q 12 24.34 83.36 16.65
C GLY Q 12 23.23 83.49 15.63
N ASN Q 13 23.14 84.62 14.93
CA ASN Q 13 22.02 84.89 14.05
C ASN Q 13 22.17 84.07 12.78
N GLY Q 14 21.25 84.26 11.83
CA GLY Q 14 21.26 83.43 10.65
C GLY Q 14 22.48 83.58 9.73
N SER Q 15 23.41 84.50 10.01
CA SER Q 15 24.60 84.61 9.18
C SER Q 15 25.69 83.60 9.53
N CYS Q 16 25.41 82.63 10.39
CA CYS Q 16 26.52 81.83 10.92
C CYS Q 16 27.27 81.06 9.83
N PHE Q 17 26.61 80.64 8.74
CA PHE Q 17 27.36 80.04 7.64
C PHE Q 17 28.39 81.02 7.10
N PHE Q 18 27.94 82.24 6.80
CA PHE Q 18 28.84 83.24 6.24
C PHE Q 18 29.92 83.63 7.23
N ASP Q 19 29.55 83.80 8.49
CA ASP Q 19 30.54 84.15 9.50
C ASP Q 19 31.56 83.05 9.70
N SER Q 20 31.16 81.79 9.50
CA SER Q 20 32.12 80.70 9.60
C SER Q 20 33.09 80.73 8.43
N PHE Q 21 32.54 80.83 7.21
CA PHE Q 21 33.36 80.97 6.01
C PHE Q 21 34.35 82.12 6.15
N ARG Q 22 33.86 83.26 6.67
CA ARG Q 22 34.69 84.45 6.81
C ARG Q 22 35.90 84.21 7.72
N GLN Q 23 35.68 83.60 8.88
CA GLN Q 23 36.79 83.44 9.82
C GLN Q 23 37.83 82.45 9.30
N SER Q 24 37.39 81.37 8.66
CA SER Q 24 38.37 80.42 8.13
C SER Q 24 39.08 81.02 6.93
N LEU Q 25 38.35 81.78 6.11
CA LEU Q 25 38.97 82.45 4.97
C LEU Q 25 40.09 83.38 5.41
N GLU Q 26 39.83 84.21 6.43
CA GLU Q 26 40.83 85.17 6.85
C GLU Q 26 42.05 84.45 7.41
N GLN Q 27 41.83 83.40 8.19
CA GLN Q 27 42.97 82.68 8.75
C GLN Q 27 43.75 81.96 7.68
N GLN Q 28 43.08 81.39 6.68
CA GLN Q 28 43.78 80.60 5.67
C GLN Q 28 44.44 81.48 4.61
N THR Q 29 43.70 82.44 4.05
CA THR Q 29 44.19 83.24 2.94
C THR Q 29 44.58 84.66 3.33
N GLY Q 30 44.28 85.10 4.55
CA GLY Q 30 44.52 86.46 4.96
C GLY Q 30 43.49 87.46 4.50
N GLU Q 31 42.56 87.05 3.63
CA GLU Q 31 41.60 87.99 3.06
C GLU Q 31 40.49 88.31 4.05
N GLN Q 32 40.26 89.60 4.28
CA GLN Q 32 39.31 90.08 5.27
C GLN Q 32 38.07 90.56 4.54
N VAL Q 33 36.95 89.85 4.74
CA VAL Q 33 35.68 90.28 4.18
C VAL Q 33 34.61 90.13 5.25
N THR Q 34 33.61 90.99 5.20
CA THR Q 34 32.54 90.88 6.17
C THR Q 34 31.52 89.84 5.70
N ALA Q 35 30.74 89.33 6.67
CA ALA Q 35 29.65 88.44 6.32
C ALA Q 35 28.66 89.12 5.38
N GLU Q 36 28.45 90.42 5.55
CA GLU Q 36 27.58 91.15 4.64
C GLU Q 36 28.14 91.16 3.23
N LYS Q 37 29.46 91.34 3.11
CA LYS Q 37 30.09 91.30 1.80
C LYS Q 37 29.86 89.95 1.13
N LEU Q 38 30.00 88.87 1.90
CA LEU Q 38 29.75 87.53 1.36
C LEU Q 38 28.32 87.37 0.88
N ARG Q 39 27.34 87.93 1.61
CA ARG Q 39 25.96 87.87 1.13
C ARG Q 39 25.81 88.62 -0.17
N ASN Q 40 26.44 89.80 -0.25
CA ASN Q 40 26.47 90.58 -1.50
C ASN Q 40 27.09 89.78 -2.65
N ASP Q 41 28.18 89.06 -2.38
CA ASP Q 41 28.75 88.20 -3.41
C ASP Q 41 27.70 87.23 -3.96
N CYS Q 42 26.84 86.71 -3.08
CA CYS Q 42 25.82 85.76 -3.53
C CYS Q 42 24.70 86.47 -4.26
N ARG Q 43 24.36 87.67 -3.82
CA ARG Q 43 23.38 88.47 -4.55
C ARG Q 43 23.85 88.75 -5.97
N GLU Q 44 25.11 89.19 -6.12
CA GLU Q 44 25.62 89.50 -7.45
C GLU Q 44 25.64 88.26 -8.34
N PHE Q 45 26.00 87.11 -7.77
CA PHE Q 45 25.99 85.88 -8.54
C PHE Q 45 24.60 85.58 -9.09
N ALA Q 46 23.57 85.77 -8.27
CA ALA Q 46 22.21 85.48 -8.69
C ALA Q 46 21.68 86.50 -9.69
N GLN Q 47 22.21 87.74 -9.65
CA GLN Q 47 21.78 88.79 -10.56
C GLN Q 47 22.46 88.73 -11.93
N LYS Q 48 23.63 88.10 -12.04
CA LYS Q 48 24.45 88.17 -13.25
C LYS Q 48 24.35 86.87 -14.05
N ASN Q 49 23.17 86.72 -14.69
CA ASN Q 49 22.74 85.54 -15.46
C ASN Q 49 23.35 84.26 -14.91
N PRO Q 50 22.91 83.79 -13.74
CA PRO Q 50 23.53 82.61 -13.12
C PRO Q 50 23.22 81.35 -13.89
N PRO Q 51 24.06 80.33 -13.77
CA PRO Q 51 23.83 79.08 -14.50
C PRO Q 51 22.61 78.34 -13.96
N LYS Q 52 22.23 77.30 -14.69
CA LYS Q 52 20.99 76.63 -14.34
C LYS Q 52 21.11 75.83 -13.07
N TRP Q 53 22.31 75.34 -12.72
CA TRP Q 53 22.47 74.64 -11.46
C TRP Q 53 21.93 75.49 -10.32
N PHE Q 54 22.13 76.80 -10.40
CA PHE Q 54 21.74 77.69 -9.32
C PHE Q 54 20.22 77.85 -9.26
N THR Q 55 19.63 78.12 -10.40
CA THR Q 55 18.16 78.24 -10.43
C THR Q 55 17.52 76.92 -9.99
N ASN Q 56 18.08 75.82 -10.42
CA ASN Q 56 17.52 74.52 -10.07
C ASN Q 56 17.77 74.17 -8.59
N ALA Q 57 18.87 74.65 -8.02
CA ALA Q 57 19.14 74.32 -6.63
C ALA Q 57 18.19 75.03 -5.69
N ILE Q 58 17.95 76.32 -5.90
CA ILE Q 58 17.18 77.07 -4.90
C ILE Q 58 15.69 76.89 -5.06
N VAL Q 59 15.23 76.27 -6.16
CA VAL Q 59 13.83 75.86 -6.29
C VAL Q 59 13.60 74.51 -5.66
N ASN Q 60 14.64 73.82 -5.20
CA ASN Q 60 14.57 72.40 -4.88
C ASN Q 60 15.49 72.06 -3.70
N SER Q 61 15.31 72.74 -2.57
CA SER Q 61 16.09 72.42 -1.39
C SER Q 61 15.34 71.39 -0.55
N HIS Q 62 16.02 70.30 -0.22
CA HIS Q 62 15.49 69.27 0.67
C HIS Q 62 16.28 69.29 1.97
N ASP Q 63 15.71 68.70 3.02
CA ASP Q 63 16.48 68.51 4.24
C ASP Q 63 16.06 67.22 4.92
N ASN Q 64 16.80 66.86 5.97
CA ASN Q 64 16.59 65.58 6.64
C ASN Q 64 15.25 65.48 7.33
N ASN Q 65 14.53 66.59 7.53
CA ASN Q 65 13.21 66.54 8.15
C ASN Q 65 12.09 66.41 7.14
N GLY Q 66 12.40 66.49 5.86
CA GLY Q 66 11.37 66.51 4.85
C GLY Q 66 10.87 67.89 4.51
N GLN Q 67 11.52 68.93 4.98
CA GLN Q 67 11.04 70.28 4.68
C GLN Q 67 11.60 70.69 3.32
N HIS Q 68 10.71 70.90 2.35
CA HIS Q 68 11.08 71.37 1.03
CA HIS Q 68 11.12 71.38 1.05
C HIS Q 68 11.07 72.90 1.03
N ARG Q 69 12.11 73.51 0.47
CA ARG Q 69 12.16 74.96 0.35
C ARG Q 69 12.39 75.31 -1.11
N SER Q 70 11.69 76.34 -1.58
CA SER Q 70 11.77 76.74 -2.98
C SER Q 70 11.57 78.25 -3.09
N GLU Q 71 12.38 78.89 -3.93
CA GLU Q 71 12.36 80.34 -4.10
C GLU Q 71 12.86 80.68 -5.50
N THR Q 72 12.35 81.78 -6.07
CA THR Q 72 12.81 82.18 -7.40
C THR Q 72 14.13 82.95 -7.29
N VAL Q 73 14.81 83.06 -8.43
CA VAL Q 73 16.05 83.84 -8.48
C VAL Q 73 15.79 85.29 -8.09
N ASP Q 74 14.78 85.91 -8.70
CA ASP Q 74 14.50 87.30 -8.38
C ASP Q 74 14.29 87.49 -6.87
N ASN Q 75 13.54 86.60 -6.23
CA ASN Q 75 13.30 86.79 -4.81
C ASN Q 75 14.56 86.51 -4.00
N TYR Q 76 15.41 85.61 -4.49
CA TYR Q 76 16.66 85.31 -3.79
C TYR Q 76 17.54 86.56 -3.71
N THR Q 77 17.53 87.41 -4.76
CA THR Q 77 18.48 88.53 -4.77
C THR Q 77 18.25 89.46 -3.58
N ALA Q 78 17.00 89.60 -3.14
CA ALA Q 78 16.67 90.33 -1.94
C ALA Q 78 16.80 89.48 -0.69
N ASP Q 79 16.33 88.24 -0.75
CA ASP Q 79 16.31 87.39 0.42
C ASP Q 79 17.72 87.16 0.96
N ILE Q 80 18.70 87.01 0.06
CA ILE Q 80 20.03 86.63 0.49
C ILE Q 80 20.70 87.75 1.27
N MET Q 81 20.17 88.96 1.20
CA MET Q 81 20.76 90.05 1.98
C MET Q 81 20.20 90.09 3.41
N ARG Q 82 19.20 89.30 3.72
CA ARG Q 82 18.64 89.31 5.07
C ARG Q 82 19.46 88.42 5.98
N ASN Q 83 19.61 88.82 7.26
CA ASN Q 83 20.31 87.94 8.19
C ASN Q 83 19.53 86.64 8.44
N SER Q 84 18.22 86.67 8.26
CA SER Q 84 17.38 85.48 8.47
C SER Q 84 17.62 84.41 7.42
N ARG Q 85 18.20 84.76 6.28
CA ARG Q 85 18.35 83.80 5.18
C ARG Q 85 19.63 83.01 5.40
N TRP Q 86 19.49 81.75 5.81
CA TRP Q 86 20.66 80.92 6.08
C TRP Q 86 21.41 80.58 4.80
N GLY Q 87 22.74 80.49 4.93
CA GLY Q 87 23.58 80.07 3.82
C GLY Q 87 23.80 78.56 3.87
N ASP Q 88 23.75 77.91 2.68
CA ASP Q 88 23.96 76.48 2.50
C ASP Q 88 25.34 76.23 1.87
N PRO Q 89 26.10 75.22 2.32
CA PRO Q 89 27.38 74.94 1.64
C PRO Q 89 27.22 74.58 0.17
N ASP Q 90 26.14 73.91 -0.20
CA ASP Q 90 26.00 73.44 -1.57
C ASP Q 90 25.60 74.54 -2.54
N VAL Q 91 25.11 75.68 -2.03
CA VAL Q 91 24.73 76.79 -2.92
C VAL Q 91 25.62 77.98 -2.64
N GLU Q 92 25.40 78.66 -1.51
CA GLU Q 92 26.28 79.79 -1.16
C GLU Q 92 27.74 79.37 -1.09
N GLY Q 93 28.02 78.18 -0.54
CA GLY Q 93 29.41 77.74 -0.47
C GLY Q 93 30.05 77.62 -1.84
N ARG Q 94 29.33 77.02 -2.78
CA ARG Q 94 29.82 76.93 -4.15
C ARG Q 94 30.07 78.31 -4.77
N ILE Q 95 29.15 79.25 -4.56
CA ILE Q 95 29.32 80.60 -5.07
C ILE Q 95 30.59 81.25 -4.52
N LEU Q 96 30.82 81.12 -3.21
CA LEU Q 96 31.95 81.79 -2.59
C LEU Q 96 33.27 81.11 -2.93
N CYS Q 97 33.24 79.78 -3.11
CA CYS Q 97 34.41 79.06 -3.61
C CYS Q 97 34.87 79.63 -4.93
N GLU Q 98 33.90 79.88 -5.82
CA GLU Q 98 34.20 80.49 -7.10
C GLU Q 98 34.75 81.90 -6.93
N LYS Q 99 34.11 82.66 -6.05
CA LYS Q 99 34.51 84.06 -5.89
C LYS Q 99 35.92 84.18 -5.32
N TYR Q 100 36.24 83.39 -4.29
CA TYR Q 100 37.53 83.54 -3.62
C TYR Q 100 38.54 82.47 -4.03
N LYS Q 101 38.20 81.61 -4.98
CA LYS Q 101 39.11 80.61 -5.53
C LYS Q 101 39.65 79.70 -4.43
N VAL Q 102 38.74 79.23 -3.59
CA VAL Q 102 39.07 78.32 -2.50
C VAL Q 102 38.21 77.07 -2.65
N LYS Q 103 38.56 76.06 -1.86
CA LYS Q 103 37.72 74.90 -1.63
C LYS Q 103 37.17 74.99 -0.22
N LEU Q 104 35.98 74.44 -0.02
CA LEU Q 104 35.27 74.52 1.25
C LEU Q 104 35.08 73.12 1.82
N HIS Q 105 35.79 72.84 2.90
CA HIS Q 105 35.68 71.57 3.63
C HIS Q 105 34.60 71.71 4.69
N VAL Q 106 33.62 70.81 4.67
CA VAL Q 106 32.56 70.82 5.66
C VAL Q 106 32.56 69.51 6.43
N ILE Q 107 32.58 69.60 7.76
CA ILE Q 107 32.30 68.45 8.61
C ILE Q 107 30.84 68.52 9.01
N GLU Q 108 30.09 67.43 8.77
CA GLU Q 108 28.70 67.31 9.22
C GLU Q 108 28.58 66.14 10.19
N ASN Q 109 28.06 66.42 11.38
CA ASN Q 109 27.80 65.34 12.35
C ASN Q 109 26.37 64.85 12.17
N GLN Q 110 26.22 63.59 11.77
CA GLN Q 110 24.93 62.98 11.51
C GLN Q 110 24.93 61.57 12.09
N THR Q 111 23.73 61.06 12.40
CA THR Q 111 23.58 59.77 13.06
C THR Q 111 22.79 58.84 12.16
N VAL Q 112 23.30 57.62 11.96
CA VAL Q 112 22.62 56.64 11.12
C VAL Q 112 22.58 55.31 11.87
N ASP Q 113 21.37 54.80 12.11
CA ASP Q 113 21.19 53.53 12.83
C ASP Q 113 21.99 53.52 14.13
N ASN Q 114 21.82 54.60 14.90
CA ASN Q 114 22.42 54.80 16.21
C ASN Q 114 23.96 54.88 16.18
N GLN Q 115 24.56 55.09 15.01
CA GLN Q 115 25.99 55.32 14.89
C GLN Q 115 26.23 56.78 14.59
N ASP Q 116 26.97 57.48 15.46
CA ASP Q 116 27.39 58.83 15.18
C ASP Q 116 28.50 58.83 14.13
N LEU Q 117 28.33 59.65 13.11
CA LEU Q 117 29.33 59.82 12.05
C LEU Q 117 29.67 61.28 11.92
N SER Q 118 30.94 61.56 11.60
CA SER Q 118 31.37 62.86 11.12
C SER Q 118 31.67 62.71 9.65
N LEU Q 119 30.82 63.31 8.81
CA LEU Q 119 30.93 63.17 7.36
C LEU Q 119 31.69 64.36 6.81
N HIS Q 120 32.66 64.08 5.95
CA HIS Q 120 33.44 65.15 5.32
C HIS Q 120 32.95 65.37 3.91
N GLU Q 121 32.74 66.64 3.57
CA GLU Q 121 32.40 67.03 2.21
C GLU Q 121 33.42 68.04 1.72
N LEU Q 122 33.67 68.06 0.43
CA LEU Q 122 34.58 69.06 -0.14
C LEU Q 122 33.87 69.73 -1.29
N ILE Q 123 33.64 71.04 -1.17
CA ILE Q 123 32.90 71.83 -2.16
C ILE Q 123 33.88 72.75 -2.86
N ASP Q 124 33.71 72.92 -4.17
CA ASP Q 124 34.46 73.92 -4.92
C ASP Q 124 33.49 74.55 -5.91
N ASN Q 125 34.02 75.38 -6.81
CA ASN Q 125 33.12 76.11 -7.71
C ASN Q 125 32.30 75.17 -8.59
N SER Q 126 32.76 73.94 -8.80
CA SER Q 126 32.11 72.96 -9.66
C SER Q 126 31.11 72.05 -8.95
N GLY Q 127 31.05 72.04 -7.63
CA GLY Q 127 30.07 71.19 -6.96
C GLY Q 127 30.60 70.63 -5.65
N SER Q 128 29.94 69.56 -5.19
CA SER Q 128 30.25 68.95 -3.89
C SER Q 128 30.59 67.47 -4.08
N LYS Q 129 31.56 67.00 -3.30
CA LYS Q 129 31.90 65.58 -3.28
C LYS Q 129 32.02 65.13 -1.83
N SER Q 130 31.62 63.88 -1.58
CA SER Q 130 31.86 63.27 -0.29
C SER Q 130 33.32 62.86 -0.21
N ALA Q 131 33.96 63.21 0.89
CA ALA Q 131 35.41 63.17 1.02
C ALA Q 131 35.81 62.15 2.07
N GLY Q 132 37.11 61.86 2.14
CA GLY Q 132 37.59 60.85 3.06
C GLY Q 132 38.91 60.27 2.60
N GLU Q 133 38.96 58.96 2.35
CA GLU Q 133 40.22 58.31 2.02
C GLU Q 133 40.59 58.46 0.55
N TYR Q 134 39.62 58.76 -0.31
CA TYR Q 134 39.88 58.83 -1.75
C TYR Q 134 39.83 60.26 -2.29
N ASN Q 135 38.79 61.03 -1.97
CA ASN Q 135 38.80 62.47 -2.21
C ASN Q 135 39.35 63.09 -0.94
N LYS Q 136 40.67 63.31 -0.92
CA LYS Q 136 41.35 63.69 0.31
C LYS Q 136 41.17 65.18 0.59
N VAL Q 137 40.91 65.51 1.85
CA VAL Q 137 40.95 66.88 2.33
C VAL Q 137 42.40 67.23 2.64
N ASP Q 138 42.88 68.35 2.11
CA ASP Q 138 44.25 68.78 2.35
C ASP Q 138 44.26 69.78 3.50
N TYR Q 139 44.67 69.32 4.68
CA TYR Q 139 44.68 70.18 5.86
C TYR Q 139 45.85 71.15 5.90
N ASP Q 140 46.79 71.05 4.98
CA ASP Q 140 47.87 72.03 4.88
C ASP Q 140 47.66 73.01 3.75
N ASP Q 141 46.53 72.93 3.04
CA ASP Q 141 46.30 73.78 1.87
C ASP Q 141 45.73 75.14 2.31
N SER Q 142 46.48 76.21 2.01
CA SER Q 142 46.01 77.54 2.33
C SER Q 142 44.79 77.95 1.51
N SER Q 143 44.42 77.19 0.48
CA SER Q 143 43.24 77.48 -0.33
C SER Q 143 42.04 76.61 0.00
N THR Q 144 42.07 75.92 1.15
CA THR Q 144 40.91 75.20 1.65
C THR Q 144 40.45 75.86 2.95
N VAL Q 145 39.18 76.19 3.02
CA VAL Q 145 38.57 76.73 4.21
C VAL Q 145 37.74 75.63 4.85
N HIS Q 146 37.52 75.76 6.16
CA HIS Q 146 36.96 74.65 6.94
C HIS Q 146 35.85 75.17 7.84
N ILE Q 147 34.70 74.51 7.81
CA ILE Q 147 33.60 74.77 8.76
C ILE Q 147 33.01 73.45 9.21
N ILE Q 148 32.25 73.50 10.31
CA ILE Q 148 31.63 72.32 10.88
C ILE Q 148 30.17 72.64 11.20
N ASN Q 149 29.31 71.65 10.99
CA ASN Q 149 27.91 71.71 11.41
C ASN Q 149 27.68 70.47 12.27
N LYS Q 150 27.52 70.68 13.57
CA LYS Q 150 27.34 69.56 14.49
C LYS Q 150 25.92 69.02 14.50
N GLY Q 151 25.07 69.46 13.61
CA GLY Q 151 23.70 68.96 13.57
C GLY Q 151 22.72 69.73 14.43
N GLY Q 152 23.13 70.87 15.00
CA GLY Q 152 22.23 71.69 15.81
C GLY Q 152 21.81 72.99 15.14
N LEU Q 153 21.77 72.97 13.80
CA LEU Q 153 21.33 74.12 12.98
C LEU Q 153 22.26 75.32 13.15
N HIS Q 154 23.55 75.08 13.36
CA HIS Q 154 24.55 76.13 13.50
CA HIS Q 154 24.53 76.14 13.44
C HIS Q 154 25.82 75.71 12.78
N PHE Q 155 26.43 76.64 12.05
CA PHE Q 155 27.77 76.44 11.50
C PHE Q 155 28.78 77.14 12.40
N GLU Q 156 29.94 76.53 12.56
CA GLU Q 156 31.06 77.16 13.23
C GLU Q 156 32.27 77.03 12.33
N PRO Q 157 33.21 77.97 12.38
CA PRO Q 157 34.48 77.79 11.67
C PRO Q 157 35.33 76.72 12.34
N LEU Q 158 36.09 75.99 11.53
CA LEU Q 158 37.14 75.12 12.05
C LEU Q 158 38.47 75.83 11.85
N LEU Q 159 39.13 76.16 12.95
CA LEU Q 159 40.30 77.02 12.92
C LEU Q 159 41.54 76.27 13.38
N ASP Q 160 42.70 76.79 12.98
CA ASP Q 160 44.00 76.19 13.26
C ASP Q 160 44.52 76.74 14.60
N ARG Q 161 44.81 75.84 15.55
CA ARG Q 161 45.37 76.25 16.83
C ARG Q 161 46.65 77.06 16.64
N ASN Q 162 47.47 76.66 15.65
CA ASN Q 162 48.79 77.26 15.48
C ASN Q 162 48.69 78.70 14.98
N LYS Q 163 47.72 78.98 14.12
CA LYS Q 163 47.46 80.33 13.63
C LYS Q 163 46.35 81.01 14.42
N ASP R 3 30.22 -27.44 -39.29
CA ASP R 3 29.50 -28.06 -40.39
C ASP R 3 28.82 -29.36 -39.97
N ASN R 4 28.11 -29.36 -38.84
CA ASN R 4 27.56 -30.64 -38.38
C ASN R 4 26.22 -30.99 -39.01
N PHE R 5 25.48 -29.99 -39.48
CA PHE R 5 24.13 -30.20 -40.00
C PHE R 5 24.12 -29.90 -41.49
N TYR R 6 23.30 -30.63 -42.22
CA TYR R 6 23.12 -30.42 -43.65
C TYR R 6 21.63 -30.30 -43.95
N VAL R 7 21.31 -29.76 -45.13
CA VAL R 7 19.93 -29.53 -45.53
C VAL R 7 19.42 -30.79 -46.23
N GLY R 8 18.48 -31.48 -45.56
CA GLY R 8 17.87 -32.67 -46.12
C GLY R 8 16.75 -32.31 -47.08
N GLN R 9 15.93 -33.31 -47.40
CA GLN R 9 14.86 -33.11 -48.36
C GLN R 9 13.50 -33.43 -47.74
N ALA R 10 12.52 -32.56 -48.00
CA ALA R 10 11.17 -32.79 -47.54
C ALA R 10 10.25 -33.00 -48.74
N ILE R 11 9.16 -33.72 -48.49
CA ILE R 11 8.07 -33.86 -49.46
C ILE R 11 7.74 -32.49 -50.06
N GLY R 12 7.38 -32.49 -51.35
CA GLY R 12 7.18 -31.21 -52.02
C GLY R 12 5.85 -30.56 -51.74
N ASN R 13 4.85 -31.33 -51.37
CA ASN R 13 3.50 -30.79 -51.22
C ASN R 13 3.42 -29.97 -49.94
N GLY R 14 2.20 -29.55 -49.58
CA GLY R 14 2.02 -28.63 -48.47
C GLY R 14 2.35 -29.19 -47.11
N SER R 15 2.70 -30.47 -47.02
CA SER R 15 3.05 -31.08 -45.75
C SER R 15 4.52 -30.90 -45.39
N CYS R 16 5.27 -30.09 -46.16
CA CYS R 16 6.73 -30.01 -45.97
C CYS R 16 7.13 -29.61 -44.54
N PHE R 17 6.34 -28.76 -43.88
CA PHE R 17 6.68 -28.42 -42.49
C PHE R 17 6.65 -29.66 -41.63
N PHE R 18 5.56 -30.42 -41.70
CA PHE R 18 5.39 -31.64 -40.93
C PHE R 18 6.43 -32.69 -41.34
N ASP R 19 6.72 -32.79 -42.63
CA ASP R 19 7.70 -33.78 -43.04
C ASP R 19 9.10 -33.42 -42.56
N SER R 20 9.43 -32.13 -42.55
CA SER R 20 10.70 -31.68 -41.99
C SER R 20 10.82 -32.01 -40.52
N PHE R 21 9.81 -31.60 -39.74
CA PHE R 21 9.76 -31.92 -38.32
C PHE R 21 9.86 -33.42 -38.08
N ARG R 22 9.17 -34.22 -38.91
CA ARG R 22 9.17 -35.66 -38.71
C ARG R 22 10.57 -36.24 -38.85
N GLN R 23 11.31 -35.79 -39.86
CA GLN R 23 12.61 -36.38 -40.11
C GLN R 23 13.61 -36.00 -39.03
N SER R 24 13.59 -34.75 -38.58
CA SER R 24 14.50 -34.36 -37.50
C SER R 24 14.08 -35.03 -36.20
N LEU R 25 12.78 -35.14 -35.96
CA LEU R 25 12.32 -35.82 -34.74
C LEU R 25 12.84 -37.25 -34.70
N GLU R 26 12.73 -37.99 -35.81
CA GLU R 26 13.18 -39.37 -35.82
C GLU R 26 14.68 -39.46 -35.61
N GLN R 27 15.45 -38.61 -36.30
CA GLN R 27 16.90 -38.70 -36.15
C GLN R 27 17.35 -38.29 -34.75
N GLN R 28 16.68 -37.31 -34.15
CA GLN R 28 17.10 -36.79 -32.85
C GLN R 28 16.63 -37.68 -31.70
N THR R 29 15.34 -38.02 -31.65
CA THR R 29 14.79 -38.76 -30.52
C THR R 29 14.56 -40.24 -30.81
N GLY R 30 14.69 -40.67 -32.06
CA GLY R 30 14.34 -42.02 -32.45
C GLY R 30 12.87 -42.27 -32.65
N GLU R 31 12.00 -41.30 -32.36
CA GLU R 31 10.58 -41.52 -32.46
C GLU R 31 10.12 -41.35 -33.90
N GLN R 32 9.47 -42.37 -34.43
CA GLN R 32 9.04 -42.41 -35.84
C GLN R 32 7.54 -42.12 -35.90
N VAL R 33 7.17 -40.97 -36.48
CA VAL R 33 5.78 -40.56 -36.67
C VAL R 33 5.58 -40.21 -38.14
N THR R 34 4.36 -40.39 -38.64
CA THR R 34 4.06 -39.92 -39.99
C THR R 34 3.67 -38.45 -39.98
N ALA R 35 3.75 -37.82 -41.16
CA ALA R 35 3.28 -36.45 -41.30
C ALA R 35 1.79 -36.34 -41.05
N GLU R 36 1.04 -37.38 -41.44
CA GLU R 36 -0.40 -37.43 -41.17
C GLU R 36 -0.68 -37.48 -39.67
N LYS R 37 0.14 -38.25 -38.93
CA LYS R 37 0.01 -38.28 -37.48
C LYS R 37 0.27 -36.91 -36.88
N LEU R 38 1.30 -36.19 -37.36
CA LEU R 38 1.58 -34.86 -36.85
C LEU R 38 0.41 -33.92 -37.08
N ARG R 39 -0.23 -34.01 -38.25
CA ARG R 39 -1.43 -33.19 -38.51
C ARG R 39 -2.54 -33.56 -37.54
N ASN R 40 -2.76 -34.86 -37.35
CA ASN R 40 -3.75 -35.31 -36.39
C ASN R 40 -3.45 -34.79 -34.98
N ASP R 41 -2.18 -34.74 -34.62
CA ASP R 41 -1.83 -34.16 -33.32
C ASP R 41 -2.32 -32.72 -33.23
N CYS R 42 -2.23 -31.99 -34.33
CA CYS R 42 -2.67 -30.60 -34.34
C CYS R 42 -4.19 -30.51 -34.31
N ARG R 43 -4.87 -31.37 -35.06
CA ARG R 43 -6.33 -31.45 -34.99
C ARG R 43 -6.80 -31.69 -33.56
N GLU R 44 -6.19 -32.66 -32.88
CA GLU R 44 -6.61 -33.01 -31.52
C GLU R 44 -6.40 -31.84 -30.56
N PHE R 45 -5.25 -31.17 -30.67
CA PHE R 45 -5.01 -29.97 -29.88
C PHE R 45 -6.12 -28.95 -30.09
N ALA R 46 -6.51 -28.73 -31.35
CA ALA R 46 -7.51 -27.70 -31.64
C ALA R 46 -8.89 -28.13 -31.16
N GLN R 47 -9.13 -29.44 -31.05
CA GLN R 47 -10.44 -29.94 -30.66
C GLN R 47 -10.61 -29.95 -29.15
N LYS R 48 -9.51 -30.00 -28.40
CA LYS R 48 -9.58 -30.29 -26.96
C LYS R 48 -9.38 -29.00 -26.16
N ASN R 49 -10.41 -28.14 -26.24
CA ASN R 49 -10.47 -26.84 -25.58
C ASN R 49 -9.12 -26.16 -25.62
N PRO R 50 -8.66 -25.71 -26.79
CA PRO R 50 -7.32 -25.15 -26.89
C PRO R 50 -7.22 -23.81 -26.15
N PRO R 51 -6.01 -23.44 -25.71
CA PRO R 51 -5.85 -22.16 -25.00
C PRO R 51 -6.00 -20.99 -25.95
N LYS R 52 -6.13 -19.81 -25.34
CA LYS R 52 -6.44 -18.62 -26.12
C LYS R 52 -5.31 -18.24 -27.08
N TRP R 53 -4.05 -18.57 -26.77
CA TRP R 53 -3.00 -18.24 -27.74
C TRP R 53 -3.32 -18.85 -29.10
N PHE R 54 -3.91 -20.04 -29.12
CA PHE R 54 -4.12 -20.74 -30.38
C PHE R 54 -5.24 -20.10 -31.19
N THR R 55 -6.38 -19.89 -30.56
CA THR R 55 -7.47 -19.22 -31.27
C THR R 55 -7.03 -17.86 -31.77
N ASN R 56 -6.27 -17.13 -30.95
CA ASN R 56 -5.84 -15.80 -31.37
C ASN R 56 -4.76 -15.87 -32.47
N ALA R 57 -3.92 -16.90 -32.50
CA ALA R 57 -2.93 -17.01 -33.58
C ALA R 57 -3.58 -17.27 -34.95
N ILE R 58 -4.47 -18.27 -35.01
CA ILE R 58 -4.97 -18.66 -36.33
C ILE R 58 -5.97 -17.67 -36.91
N VAL R 59 -6.50 -16.75 -36.11
CA VAL R 59 -7.29 -15.66 -36.67
C VAL R 59 -6.42 -14.45 -37.04
N ASN R 60 -5.09 -14.51 -36.82
CA ASN R 60 -4.22 -13.33 -36.88
C ASN R 60 -2.88 -13.66 -37.55
N SER R 61 -2.89 -14.36 -38.68
CA SER R 61 -1.64 -14.70 -39.36
C SER R 61 -1.24 -13.60 -40.34
N HIS R 62 -0.03 -13.08 -40.17
CA HIS R 62 0.60 -12.12 -41.07
C HIS R 62 1.77 -12.77 -41.78
N ASP R 63 2.21 -12.15 -42.88
CA ASP R 63 3.44 -12.59 -43.52
C ASP R 63 4.16 -11.40 -44.17
N ASN R 64 5.35 -11.68 -44.67
CA ASN R 64 6.17 -10.57 -45.16
C ASN R 64 5.59 -9.90 -46.40
N ASN R 65 4.58 -10.50 -47.03
CA ASN R 65 3.96 -9.90 -48.20
C ASN R 65 2.73 -9.08 -47.87
N GLY R 66 2.28 -9.08 -46.63
CA GLY R 66 1.05 -8.38 -46.29
C GLY R 66 -0.20 -9.22 -46.45
N GLN R 67 -0.07 -10.52 -46.63
CA GLN R 67 -1.24 -11.39 -46.75
C GLN R 67 -1.69 -11.78 -45.36
N HIS R 68 -2.88 -11.36 -44.98
CA HIS R 68 -3.47 -11.73 -43.70
CA HIS R 68 -3.47 -11.73 -43.70
C HIS R 68 -4.34 -12.96 -43.92
N ARG R 69 -4.19 -13.94 -43.05
CA ARG R 69 -4.96 -15.18 -43.11
C ARG R 69 -5.70 -15.35 -41.79
N SER R 70 -6.95 -15.79 -41.86
CA SER R 70 -7.76 -15.92 -40.66
C SER R 70 -8.70 -17.10 -40.83
N GLU R 71 -8.82 -17.93 -39.78
CA GLU R 71 -9.70 -19.09 -39.79
C GLU R 71 -10.14 -19.40 -38.36
N THR R 72 -11.35 -19.94 -38.24
CA THR R 72 -11.87 -20.33 -36.94
C THR R 72 -11.24 -21.65 -36.48
N VAL R 73 -11.38 -21.92 -35.17
CA VAL R 73 -10.92 -23.20 -34.63
C VAL R 73 -11.69 -24.35 -35.26
N ASP R 74 -13.02 -24.22 -35.34
CA ASP R 74 -13.80 -25.33 -35.90
C ASP R 74 -13.34 -25.66 -37.32
N ASN R 75 -13.10 -24.64 -38.14
CA ASN R 75 -12.65 -24.94 -39.51
C ASN R 75 -11.23 -25.45 -39.52
N TYR R 76 -10.39 -24.99 -38.60
CA TYR R 76 -9.03 -25.52 -38.49
C TYR R 76 -9.05 -27.04 -38.30
N THR R 77 -10.01 -27.56 -37.51
CA THR R 77 -9.98 -28.98 -37.17
C THR R 77 -10.10 -29.86 -38.41
N ALA R 78 -10.84 -29.40 -39.43
CA ALA R 78 -10.88 -30.09 -40.73
C ALA R 78 -9.71 -29.69 -41.61
N ASP R 79 -9.38 -28.40 -41.64
CA ASP R 79 -8.40 -27.89 -42.59
C ASP R 79 -7.00 -28.45 -42.31
N ILE R 80 -6.63 -28.61 -41.03
CA ILE R 80 -5.27 -29.05 -40.73
C ILE R 80 -5.02 -30.47 -41.24
N MET R 81 -6.07 -31.23 -41.57
CA MET R 81 -5.86 -32.57 -42.11
C MET R 81 -5.61 -32.57 -43.61
N ARG R 82 -5.82 -31.44 -44.29
CA ARG R 82 -5.56 -31.36 -45.73
C ARG R 82 -4.07 -31.16 -45.98
N ASN R 83 -3.56 -31.82 -47.02
CA ASN R 83 -2.14 -31.62 -47.36
C ASN R 83 -1.91 -30.18 -47.81
N SER R 84 -2.92 -29.53 -48.35
CA SER R 84 -2.79 -28.15 -48.79
C SER R 84 -2.62 -27.15 -47.65
N ARG R 85 -2.92 -27.54 -46.42
CA ARG R 85 -2.84 -26.62 -45.28
C ARG R 85 -1.41 -26.61 -44.75
N TRP R 86 -0.70 -25.49 -44.93
CA TRP R 86 0.70 -25.47 -44.50
C TRP R 86 0.81 -25.36 -42.99
N GLY R 87 1.90 -25.92 -42.46
CA GLY R 87 2.21 -25.84 -41.04
C GLY R 87 3.19 -24.70 -40.78
N ASP R 88 2.93 -23.93 -39.69
CA ASP R 88 3.74 -22.80 -39.25
C ASP R 88 4.54 -23.16 -38.00
N PRO R 89 5.81 -22.78 -37.93
CA PRO R 89 6.57 -23.07 -36.70
C PRO R 89 5.92 -22.44 -35.46
N ASP R 90 5.34 -21.26 -35.60
CA ASP R 90 4.80 -20.57 -34.43
C ASP R 90 3.49 -21.15 -33.92
N VAL R 91 2.81 -21.99 -34.71
CA VAL R 91 1.53 -22.54 -34.31
C VAL R 91 1.64 -24.06 -34.24
N GLU R 92 1.69 -24.72 -35.39
CA GLU R 92 1.86 -26.17 -35.41
C GLU R 92 3.17 -26.60 -34.73
N GLY R 93 4.24 -25.83 -34.92
CA GLY R 93 5.49 -26.16 -34.26
C GLY R 93 5.37 -26.14 -32.75
N ARG R 94 4.70 -25.12 -32.21
CA ARG R 94 4.47 -25.06 -30.78
C ARG R 94 3.64 -26.24 -30.27
N ILE R 95 2.59 -26.63 -31.01
CA ILE R 95 1.75 -27.75 -30.62
C ILE R 95 2.55 -29.05 -30.58
N LEU R 96 3.39 -29.29 -31.60
CA LEU R 96 4.16 -30.54 -31.64
C LEU R 96 5.31 -30.53 -30.64
N CYS R 97 5.90 -29.37 -30.38
CA CYS R 97 6.86 -29.26 -29.26
C CYS R 97 6.25 -29.76 -27.97
N GLU R 98 5.02 -29.37 -27.70
CA GLU R 98 4.33 -29.81 -26.49
C GLU R 98 4.06 -31.31 -26.54
N LYS R 99 3.58 -31.81 -27.68
CA LYS R 99 3.23 -33.22 -27.79
C LYS R 99 4.45 -34.11 -27.61
N TYR R 100 5.57 -33.74 -28.23
CA TYR R 100 6.76 -34.60 -28.22
C TYR R 100 7.83 -34.14 -27.24
N LYS R 101 7.55 -33.06 -26.49
CA LYS R 101 8.45 -32.61 -25.43
C LYS R 101 9.83 -32.28 -25.99
N VAL R 102 9.84 -31.52 -27.09
CA VAL R 102 11.05 -31.10 -27.78
C VAL R 102 11.02 -29.58 -27.95
N LYS R 103 12.17 -29.05 -28.28
CA LYS R 103 12.28 -27.68 -28.77
C LYS R 103 12.51 -27.72 -30.26
N LEU R 104 12.04 -26.69 -30.96
CA LEU R 104 12.15 -26.65 -32.41
C LEU R 104 13.01 -25.46 -32.79
N HIS R 105 14.19 -25.75 -33.35
CA HIS R 105 15.10 -24.74 -33.87
C HIS R 105 14.76 -24.52 -35.34
N VAL R 106 14.57 -23.26 -35.74
CA VAL R 106 14.29 -22.92 -37.12
C VAL R 106 15.33 -21.93 -37.61
N ILE R 107 15.94 -22.22 -38.76
CA ILE R 107 16.78 -21.25 -39.47
C ILE R 107 15.93 -20.61 -40.56
N GLU R 108 15.86 -19.28 -40.57
CA GLU R 108 15.11 -18.53 -41.59
C GLU R 108 16.08 -17.66 -42.38
N ASN R 109 16.09 -17.84 -43.69
CA ASN R 109 16.93 -17.02 -44.54
C ASN R 109 16.08 -15.87 -45.06
N GLN R 110 16.34 -14.66 -44.58
CA GLN R 110 15.56 -13.48 -44.94
C GLN R 110 16.47 -12.43 -45.53
N THR R 111 15.87 -11.49 -46.26
CA THR R 111 16.64 -10.43 -46.87
C THR R 111 16.06 -9.08 -46.46
N VAL R 112 16.93 -8.18 -46.00
CA VAL R 112 16.58 -6.82 -45.59
C VAL R 112 17.47 -5.88 -46.38
N ASP R 113 16.88 -5.06 -47.25
CA ASP R 113 17.62 -4.12 -48.09
C ASP R 113 18.72 -4.84 -48.89
N ASN R 114 18.29 -5.82 -49.69
CA ASN R 114 19.17 -6.60 -50.57
C ASN R 114 20.28 -7.33 -49.83
N GLN R 115 20.16 -7.51 -48.52
CA GLN R 115 21.19 -8.15 -47.70
C GLN R 115 20.62 -9.43 -47.10
N ASP R 116 21.26 -10.56 -47.39
CA ASP R 116 20.81 -11.85 -46.87
C ASP R 116 21.21 -11.98 -45.41
N LEU R 117 20.24 -12.30 -44.56
CA LEU R 117 20.44 -12.56 -43.15
C LEU R 117 19.91 -13.95 -42.85
N SER R 118 20.58 -14.65 -41.94
CA SER R 118 20.14 -15.97 -41.51
C SER R 118 19.75 -15.85 -40.04
N LEU R 119 18.46 -16.03 -39.75
CA LEU R 119 17.96 -15.84 -38.41
C LEU R 119 17.70 -17.18 -37.73
N HIS R 120 18.09 -17.28 -36.46
CA HIS R 120 17.77 -18.45 -35.66
C HIS R 120 16.57 -18.15 -34.78
N GLU R 121 15.60 -19.06 -34.74
CA GLU R 121 14.48 -19.01 -33.80
C GLU R 121 14.43 -20.33 -33.03
N LEU R 122 13.95 -20.27 -31.80
CA LEU R 122 13.85 -21.47 -30.97
C LEU R 122 12.44 -21.48 -30.38
N ILE R 123 11.64 -22.48 -30.77
CA ILE R 123 10.24 -22.59 -30.37
C ILE R 123 10.14 -23.72 -29.36
N ASP R 124 9.31 -23.53 -28.34
CA ASP R 124 8.97 -24.67 -27.48
C ASP R 124 7.47 -24.60 -27.18
N ASN R 125 7.02 -25.40 -26.22
CA ASN R 125 5.58 -25.45 -25.93
C ASN R 125 5.04 -24.09 -25.48
N SER R 126 5.88 -23.21 -24.99
CA SER R 126 5.44 -21.94 -24.42
CA SER R 126 5.44 -21.94 -24.42
C SER R 126 5.61 -20.75 -25.34
N GLY R 127 6.19 -20.92 -26.52
CA GLY R 127 6.28 -19.78 -27.41
C GLY R 127 7.56 -19.77 -28.24
N SER R 128 7.88 -18.63 -28.83
CA SER R 128 9.03 -18.53 -29.74
C SER R 128 9.98 -17.46 -29.23
N LYS R 129 11.29 -17.72 -29.36
CA LYS R 129 12.28 -16.71 -29.06
C LYS R 129 13.25 -16.60 -30.22
N SER R 130 13.70 -15.38 -30.49
CA SER R 130 14.84 -15.19 -31.37
C SER R 130 16.11 -15.62 -30.64
N ALA R 131 16.93 -16.42 -31.31
CA ALA R 131 18.02 -17.13 -30.67
C ALA R 131 19.34 -16.71 -31.31
N GLY R 132 20.42 -17.16 -30.73
CA GLY R 132 21.71 -16.80 -31.25
C GLY R 132 22.75 -16.78 -30.15
N GLU R 133 23.16 -15.58 -29.74
CA GLU R 133 24.25 -15.47 -28.78
C GLU R 133 23.79 -15.63 -27.35
N TYR R 134 22.57 -15.20 -27.03
CA TYR R 134 22.09 -15.17 -25.65
C TYR R 134 21.04 -16.23 -25.34
N ASN R 135 20.06 -16.41 -26.21
CA ASN R 135 19.21 -17.60 -26.19
C ASN R 135 19.90 -18.63 -27.08
N LYS R 136 20.67 -19.53 -26.47
CA LYS R 136 21.54 -20.39 -27.25
C LYS R 136 20.79 -21.63 -27.73
N VAL R 137 21.06 -22.01 -28.97
CA VAL R 137 20.59 -23.27 -29.51
C VAL R 137 21.55 -24.35 -29.04
N ASP R 138 21.02 -25.43 -28.47
CA ASP R 138 21.87 -26.54 -28.01
C ASP R 138 21.92 -27.60 -29.09
N TYR R 139 22.97 -27.55 -29.91
CA TYR R 139 23.13 -28.52 -30.99
C TYR R 139 23.51 -29.91 -30.52
N ASP R 140 23.75 -30.12 -29.22
CA ASP R 140 24.00 -31.46 -28.70
C ASP R 140 22.75 -32.08 -28.08
N ASP R 141 21.67 -31.32 -27.99
CA ASP R 141 20.46 -31.75 -27.29
C ASP R 141 19.66 -32.69 -28.19
N SER R 142 19.48 -33.94 -27.74
CA SER R 142 18.69 -34.88 -28.52
C SER R 142 17.21 -34.53 -28.51
N SER R 143 16.77 -33.57 -27.68
CA SER R 143 15.39 -33.11 -27.65
C SER R 143 15.20 -31.75 -28.31
N THR R 144 16.13 -31.31 -29.16
CA THR R 144 15.91 -30.18 -30.04
C THR R 144 15.88 -30.71 -31.48
N VAL R 145 14.83 -30.37 -32.22
CA VAL R 145 14.75 -30.73 -33.62
C VAL R 145 15.05 -29.49 -34.44
N HIS R 146 15.42 -29.69 -35.71
CA HIS R 146 15.99 -28.60 -36.50
C HIS R 146 15.40 -28.62 -37.91
N ILE R 147 14.90 -27.46 -38.37
CA ILE R 147 14.41 -27.32 -39.74
C ILE R 147 14.90 -25.98 -40.30
N ILE R 148 14.85 -25.85 -41.62
CA ILE R 148 15.29 -24.62 -42.27
C ILE R 148 14.23 -24.18 -43.27
N ASN R 149 14.05 -22.87 -43.38
CA ASN R 149 13.23 -22.25 -44.42
C ASN R 149 14.12 -21.24 -45.15
N LYS R 150 14.51 -21.58 -46.38
CA LYS R 150 15.42 -20.74 -47.14
C LYS R 150 14.74 -19.53 -47.78
N GLY R 151 13.45 -19.31 -47.53
CA GLY R 151 12.76 -18.18 -48.08
C GLY R 151 12.04 -18.44 -49.39
N GLY R 152 12.01 -19.69 -49.85
CA GLY R 152 11.31 -20.08 -51.06
C GLY R 152 10.01 -20.83 -50.79
N LEU R 153 9.37 -20.53 -49.65
CA LEU R 153 8.08 -21.16 -49.29
C LEU R 153 8.20 -22.68 -49.19
N HIS R 154 9.35 -23.13 -48.75
CA HIS R 154 9.53 -24.58 -48.45
CA HIS R 154 9.54 -24.57 -48.43
C HIS R 154 10.50 -24.89 -47.15
N PHE R 155 9.96 -25.70 -46.27
CA PHE R 155 10.80 -26.16 -45.15
C PHE R 155 11.53 -27.44 -45.56
N GLU R 156 12.74 -27.53 -45.06
CA GLU R 156 13.53 -28.76 -45.15
C GLU R 156 14.02 -29.14 -43.76
N PRO R 157 14.24 -30.43 -43.51
CA PRO R 157 14.87 -30.81 -42.24
C PRO R 157 16.36 -30.48 -42.25
N LEU R 158 16.87 -30.09 -41.10
CA LEU R 158 18.30 -29.95 -40.88
C LEU R 158 18.74 -31.21 -40.15
N LEU R 159 19.58 -32.01 -40.79
CA LEU R 159 19.94 -33.31 -40.25
C LEU R 159 21.43 -33.39 -39.96
N ASP R 160 21.78 -34.31 -39.06
CA ASP R 160 23.15 -34.50 -38.62
C ASP R 160 23.89 -35.48 -39.52
N ARG R 161 25.04 -35.06 -40.06
CA ARG R 161 25.85 -35.95 -40.89
C ARG R 161 26.38 -37.13 -40.08
N ASN R 162 26.73 -36.89 -38.81
CA ASN R 162 27.30 -37.95 -37.98
C ASN R 162 26.26 -39.00 -37.63
N LYS R 163 24.98 -38.65 -37.60
CA LYS R 163 23.91 -39.57 -37.20
C LYS R 163 23.12 -40.12 -38.40
N PRO S 2 -12.74 15.04 -50.68
CA PRO S 2 -12.29 16.40 -50.36
C PRO S 2 -13.30 17.48 -50.80
N ASP S 3 -13.80 17.40 -52.04
CA ASP S 3 -14.77 18.40 -52.51
C ASP S 3 -16.12 18.26 -51.84
N ASN S 4 -16.40 17.12 -51.22
CA ASN S 4 -17.64 16.92 -50.49
C ASN S 4 -17.56 17.41 -49.05
N PHE S 5 -16.40 17.89 -48.60
CA PHE S 5 -16.23 18.34 -47.23
C PHE S 5 -16.36 19.85 -47.14
N TYR S 6 -17.02 20.31 -46.08
CA TYR S 6 -17.25 21.73 -45.86
C TYR S 6 -16.92 22.05 -44.40
N VAL S 7 -16.74 23.34 -44.14
CA VAL S 7 -16.36 23.81 -42.80
C VAL S 7 -17.64 23.99 -41.99
N GLY S 8 -17.78 23.18 -40.94
CA GLY S 8 -18.93 23.26 -40.06
C GLY S 8 -18.79 24.39 -39.07
N GLN S 9 -19.56 24.31 -37.98
CA GLN S 9 -19.54 25.34 -36.97
C GLN S 9 -19.37 24.68 -35.60
N ALA S 10 -18.53 25.29 -34.77
CA ALA S 10 -18.28 24.80 -33.43
C ALA S 10 -18.70 25.85 -32.41
N ILE S 11 -18.88 25.41 -31.16
CA ILE S 11 -19.12 26.30 -30.03
C ILE S 11 -18.01 27.36 -29.97
N GLY S 12 -18.36 28.58 -29.58
CA GLY S 12 -17.39 29.68 -29.60
C GLY S 12 -16.43 29.69 -28.43
N ASN S 13 -16.77 29.01 -27.34
CA ASN S 13 -15.97 29.07 -26.13
C ASN S 13 -14.78 28.14 -26.28
N GLY S 14 -13.98 28.01 -25.23
CA GLY S 14 -12.73 27.28 -25.30
C GLY S 14 -12.85 25.81 -25.59
N SER S 15 -14.05 25.23 -25.67
CA SER S 15 -14.17 23.82 -25.99
C SER S 15 -14.29 23.56 -27.49
N CYS S 16 -13.95 24.54 -28.33
CA CYS S 16 -14.12 24.37 -29.77
C CYS S 16 -13.33 23.18 -30.32
N PHE S 17 -12.10 22.92 -29.80
CA PHE S 17 -11.40 21.72 -30.25
C PHE S 17 -12.23 20.48 -29.98
N PHE S 18 -12.72 20.32 -28.74
CA PHE S 18 -13.48 19.11 -28.40
C PHE S 18 -14.80 19.07 -29.15
N ASP S 19 -15.43 20.22 -29.37
CA ASP S 19 -16.70 20.24 -30.07
C ASP S 19 -16.50 19.91 -31.55
N SER S 20 -15.42 20.39 -32.16
CA SER S 20 -15.12 20.00 -33.55
C SER S 20 -14.86 18.52 -33.67
N PHE S 21 -14.02 17.97 -32.78
CA PHE S 21 -13.82 16.53 -32.74
C PHE S 21 -15.14 15.79 -32.58
N ARG S 22 -15.99 16.25 -31.66
CA ARG S 22 -17.25 15.59 -31.38
C ARG S 22 -18.13 15.47 -32.62
N GLN S 23 -18.25 16.56 -33.38
CA GLN S 23 -19.16 16.57 -34.52
C GLN S 23 -18.66 15.67 -35.63
N SER S 24 -17.35 15.65 -35.87
CA SER S 24 -16.87 14.82 -36.96
C SER S 24 -16.88 13.35 -36.53
N LEU S 25 -16.62 13.08 -35.26
CA LEU S 25 -16.70 11.71 -34.75
C LEU S 25 -18.10 11.13 -34.94
N GLU S 26 -19.13 11.91 -34.60
CA GLU S 26 -20.50 11.43 -34.74
C GLU S 26 -20.83 11.12 -36.19
N GLN S 27 -20.49 12.03 -37.08
CA GLN S 27 -20.79 11.81 -38.49
C GLN S 27 -19.97 10.67 -39.07
N GLN S 28 -18.75 10.44 -38.56
CA GLN S 28 -17.89 9.43 -39.17
C GLN S 28 -18.20 8.04 -38.64
N THR S 29 -18.34 7.91 -37.32
CA THR S 29 -18.54 6.60 -36.70
C THR S 29 -19.92 6.40 -36.12
N GLY S 30 -20.72 7.46 -36.01
CA GLY S 30 -22.01 7.36 -35.39
C GLY S 30 -22.03 7.59 -33.89
N GLU S 31 -20.88 7.56 -33.21
CA GLU S 31 -20.88 7.61 -31.76
C GLU S 31 -21.11 9.04 -31.28
N GLN S 32 -22.01 9.18 -30.30
CA GLN S 32 -22.26 10.45 -29.67
C GLN S 32 -21.45 10.53 -28.38
N VAL S 33 -20.74 11.64 -28.21
CA VAL S 33 -19.91 11.87 -27.03
C VAL S 33 -19.90 13.37 -26.77
N THR S 34 -20.25 13.77 -25.57
CA THR S 34 -20.34 15.20 -25.32
C THR S 34 -18.95 15.81 -25.20
N ALA S 35 -18.87 17.12 -25.37
CA ALA S 35 -17.59 17.81 -25.23
C ALA S 35 -17.04 17.61 -23.81
N GLU S 36 -17.93 17.57 -22.82
CA GLU S 36 -17.51 17.37 -21.45
C GLU S 36 -16.97 15.96 -21.24
N LYS S 37 -17.57 14.98 -21.90
CA LYS S 37 -17.05 13.60 -21.81
C LYS S 37 -15.68 13.50 -22.47
N LEU S 38 -15.46 14.23 -23.56
CA LEU S 38 -14.15 14.23 -24.19
C LEU S 38 -13.10 14.82 -23.26
N ARG S 39 -13.44 15.91 -22.57
CA ARG S 39 -12.52 16.45 -21.57
C ARG S 39 -12.26 15.44 -20.46
N ASN S 40 -13.32 14.76 -19.99
CA ASN S 40 -13.13 13.74 -18.98
C ASN S 40 -12.24 12.60 -19.46
N ASP S 41 -12.31 12.24 -20.75
CA ASP S 41 -11.42 11.21 -21.26
C ASP S 41 -9.97 11.63 -21.10
N CYS S 42 -9.71 12.93 -21.23
CA CYS S 42 -8.37 13.46 -21.16
C CYS S 42 -7.92 13.59 -19.70
N ARG S 43 -8.85 13.96 -18.81
CA ARG S 43 -8.56 13.93 -17.38
C ARG S 43 -8.17 12.54 -16.95
N GLU S 44 -8.98 11.54 -17.33
CA GLU S 44 -8.70 10.15 -16.94
C GLU S 44 -7.37 9.66 -17.50
N PHE S 45 -7.05 10.07 -18.72
CA PHE S 45 -5.76 9.70 -19.31
C PHE S 45 -4.61 10.22 -18.46
N ALA S 46 -4.71 11.49 -18.02
CA ALA S 46 -3.68 12.09 -17.18
C ALA S 46 -3.63 11.49 -15.78
N GLN S 47 -4.74 10.93 -15.30
CA GLN S 47 -4.75 10.41 -13.94
C GLN S 47 -4.23 8.98 -13.86
N LYS S 48 -4.31 8.23 -14.95
CA LYS S 48 -3.99 6.81 -14.93
C LYS S 48 -2.60 6.57 -15.55
N ASN S 49 -1.58 6.98 -14.78
CA ASN S 49 -0.19 6.71 -15.10
C ASN S 49 0.09 7.02 -16.57
N PRO S 50 -0.01 8.29 -16.98
CA PRO S 50 0.15 8.61 -18.40
C PRO S 50 1.59 8.40 -18.85
N PRO S 51 1.81 8.07 -20.12
CA PRO S 51 3.16 7.86 -20.62
C PRO S 51 3.95 9.17 -20.69
N LYS S 52 5.25 9.01 -20.92
CA LYS S 52 6.14 10.17 -20.82
C LYS S 52 5.99 11.17 -21.97
N TRP S 53 5.48 10.76 -23.14
CA TRP S 53 5.21 11.78 -24.16
C TRP S 53 4.26 12.84 -23.62
N PHE S 54 3.32 12.43 -22.76
CA PHE S 54 2.31 13.37 -22.31
C PHE S 54 2.88 14.36 -21.31
N THR S 55 3.60 13.87 -20.29
CA THR S 55 4.23 14.78 -19.36
C THR S 55 5.20 15.71 -20.06
N ASN S 56 5.95 15.20 -21.04
CA ASN S 56 6.85 16.08 -21.78
C ASN S 56 6.09 17.14 -22.55
N ALA S 57 4.94 16.78 -23.12
CA ALA S 57 4.25 17.73 -23.99
C ALA S 57 3.67 18.89 -23.20
N ILE S 58 3.09 18.62 -22.02
CA ILE S 58 2.36 19.71 -21.37
C ILE S 58 3.26 20.66 -20.59
N VAL S 59 4.53 20.31 -20.38
CA VAL S 59 5.51 21.25 -19.86
C VAL S 59 6.26 21.98 -20.95
N ASN S 60 5.96 21.68 -22.21
CA ASN S 60 6.76 22.13 -23.34
C ASN S 60 5.87 22.56 -24.49
N SER S 61 4.89 23.42 -24.22
CA SER S 61 4.03 23.93 -25.29
C SER S 61 4.61 25.20 -25.87
N HIS S 62 4.84 25.21 -27.19
CA HIS S 62 5.27 26.37 -27.93
C HIS S 62 4.17 26.81 -28.89
N ASP S 63 4.30 28.04 -29.40
CA ASP S 63 3.37 28.47 -30.45
C ASP S 63 4.05 29.53 -31.30
N ASN S 64 3.37 29.93 -32.37
CA ASN S 64 3.99 30.80 -33.38
C ASN S 64 4.24 32.21 -32.86
N ASN S 65 3.68 32.59 -31.72
CA ASN S 65 3.97 33.89 -31.15
C ASN S 65 5.11 33.86 -30.16
N GLY S 66 5.63 32.68 -29.81
CA GLY S 66 6.71 32.61 -28.86
C GLY S 66 6.25 32.52 -27.42
N GLN S 67 4.96 32.28 -27.21
CA GLN S 67 4.42 32.03 -25.88
C GLN S 67 4.69 30.60 -25.48
N HIS S 68 5.49 30.40 -24.42
CA HIS S 68 5.68 29.08 -23.84
CA HIS S 68 5.65 29.07 -23.88
C HIS S 68 4.62 28.86 -22.78
N ARG S 69 4.04 27.65 -22.76
CA ARG S 69 3.05 27.27 -21.77
C ARG S 69 3.50 25.97 -21.12
N SER S 70 3.33 25.88 -19.80
CA SER S 70 3.83 24.71 -19.07
C SER S 70 2.94 24.46 -17.85
N GLU S 71 2.53 23.22 -17.63
CA GLU S 71 1.85 22.90 -16.39
C GLU S 71 2.11 21.44 -16.04
N THR S 72 1.84 21.09 -14.79
CA THR S 72 2.09 19.73 -14.31
C THR S 72 0.93 18.80 -14.65
N VAL S 73 1.23 17.49 -14.59
CA VAL S 73 0.16 16.51 -14.82
C VAL S 73 -0.95 16.69 -13.79
N ASP S 74 -0.58 16.81 -12.52
CA ASP S 74 -1.61 16.93 -11.49
C ASP S 74 -2.50 18.15 -11.71
N ASN S 75 -1.92 19.26 -12.12
CA ASN S 75 -2.78 20.43 -12.36
C ASN S 75 -3.58 20.26 -13.64
N TYR S 76 -3.04 19.53 -14.61
CA TYR S 76 -3.79 19.30 -15.85
C TYR S 76 -5.10 18.57 -15.55
N THR S 77 -5.07 17.62 -14.61
CA THR S 77 -6.27 16.83 -14.36
C THR S 77 -7.43 17.71 -13.90
N ALA S 78 -7.16 18.86 -13.28
CA ALA S 78 -8.24 19.80 -12.99
C ALA S 78 -8.46 20.78 -14.14
N ASP S 79 -7.36 21.29 -14.69
CA ASP S 79 -7.42 22.31 -15.72
C ASP S 79 -8.19 21.83 -16.95
N ILE S 80 -7.98 20.57 -17.36
CA ILE S 80 -8.59 20.08 -18.59
C ILE S 80 -10.11 19.97 -18.48
N MET S 81 -10.66 20.07 -17.28
CA MET S 81 -12.10 20.05 -17.15
C MET S 81 -12.72 21.44 -17.30
N ARG S 82 -11.92 22.50 -17.32
CA ARG S 82 -12.43 23.86 -17.50
C ARG S 82 -12.72 24.14 -18.98
N ASN S 83 -13.83 24.85 -19.25
CA ASN S 83 -14.10 25.26 -20.62
C ASN S 83 -13.02 26.20 -21.14
N SER S 84 -12.35 26.93 -20.25
CA SER S 84 -11.30 27.86 -20.64
C SER S 84 -10.03 27.18 -21.15
N ARG S 85 -9.81 25.90 -20.82
CA ARG S 85 -8.60 25.18 -21.19
C ARG S 85 -8.76 24.62 -22.60
N TRP S 86 -8.03 25.18 -23.57
CA TRP S 86 -8.20 24.79 -24.96
C TRP S 86 -7.58 23.42 -25.22
N GLY S 87 -8.14 22.69 -26.16
CA GLY S 87 -7.60 21.39 -26.56
C GLY S 87 -6.66 21.56 -27.73
N ASP S 88 -5.54 20.82 -27.69
CA ASP S 88 -4.50 20.81 -28.71
C ASP S 88 -4.58 19.52 -29.52
N PRO S 89 -4.51 19.54 -30.84
CA PRO S 89 -4.50 18.27 -31.57
C PRO S 89 -3.34 17.38 -31.20
N ASP S 90 -2.18 17.95 -30.88
CA ASP S 90 -1.00 17.14 -30.58
C ASP S 90 -1.05 16.46 -29.20
N VAL S 91 -1.94 16.86 -28.29
CA VAL S 91 -2.03 16.25 -26.96
C VAL S 91 -3.41 15.63 -26.79
N GLU S 92 -4.42 16.49 -26.66
CA GLU S 92 -5.79 16.01 -26.48
C GLU S 92 -6.25 15.20 -27.70
N GLY S 93 -5.88 15.62 -28.91
CA GLY S 93 -6.22 14.82 -30.09
C GLY S 93 -5.61 13.42 -30.05
N ARG S 94 -4.34 13.34 -29.67
CA ARG S 94 -3.68 12.05 -29.52
C ARG S 94 -4.41 11.18 -28.50
N ILE S 95 -4.80 11.75 -27.35
CA ILE S 95 -5.50 10.97 -26.33
C ILE S 95 -6.81 10.43 -26.87
N LEU S 96 -7.56 11.27 -27.56
CA LEU S 96 -8.89 10.91 -28.05
C LEU S 96 -8.79 9.92 -29.21
N CYS S 97 -7.80 10.09 -30.09
CA CYS S 97 -7.56 9.09 -31.12
C CYS S 97 -7.37 7.71 -30.49
N GLU S 98 -6.65 7.65 -29.36
CA GLU S 98 -6.40 6.36 -28.73
C GLU S 98 -7.70 5.76 -28.18
N LYS S 99 -8.48 6.56 -27.46
CA LYS S 99 -9.71 6.03 -26.85
C LYS S 99 -10.74 5.63 -27.91
N TYR S 100 -10.92 6.45 -28.95
CA TYR S 100 -11.98 6.22 -29.92
C TYR S 100 -11.52 5.48 -31.17
N LYS S 101 -10.28 5.01 -31.20
CA LYS S 101 -9.80 4.15 -32.30
C LYS S 101 -9.85 4.87 -33.65
N VAL S 102 -9.53 6.17 -33.67
CA VAL S 102 -9.62 6.93 -34.90
C VAL S 102 -8.29 7.61 -35.19
N LYS S 103 -8.16 8.09 -36.41
CA LYS S 103 -7.12 9.04 -36.76
C LYS S 103 -7.74 10.43 -36.84
N LEU S 104 -6.93 11.45 -36.54
CA LEU S 104 -7.40 12.83 -36.57
C LEU S 104 -6.66 13.61 -37.65
N HIS S 105 -7.41 14.10 -38.64
CA HIS S 105 -6.89 14.90 -39.74
C HIS S 105 -7.14 16.36 -39.40
N VAL S 106 -6.07 17.16 -39.35
CA VAL S 106 -6.19 18.59 -39.08
C VAL S 106 -5.70 19.35 -40.30
N ILE S 107 -6.51 20.28 -40.79
CA ILE S 107 -6.08 21.30 -41.74
C ILE S 107 -5.70 22.54 -40.94
N GLU S 108 -4.49 23.06 -41.15
CA GLU S 108 -4.06 24.31 -40.53
C GLU S 108 -3.74 25.30 -41.64
N ASN S 109 -4.34 26.47 -41.57
CA ASN S 109 -4.04 27.52 -42.53
C ASN S 109 -2.96 28.44 -41.99
N GLN S 110 -1.82 28.51 -42.68
CA GLN S 110 -0.68 29.33 -42.27
C GLN S 110 -0.04 29.97 -43.49
N THR S 111 0.51 31.16 -43.28
CA THR S 111 1.13 31.93 -44.36
C THR S 111 2.64 32.00 -44.14
N VAL S 112 3.40 31.68 -45.19
CA VAL S 112 4.86 31.75 -45.17
C VAL S 112 5.32 32.53 -46.40
N ASP S 113 6.03 33.63 -46.17
CA ASP S 113 6.55 34.47 -47.26
C ASP S 113 5.45 34.84 -48.25
N ASN S 114 4.30 35.30 -47.71
CA ASN S 114 3.15 35.78 -48.46
C ASN S 114 2.45 34.68 -49.25
N GLN S 115 2.81 33.42 -49.05
CA GLN S 115 2.11 32.30 -49.67
C GLN S 115 1.19 31.70 -48.62
N ASP S 116 -0.10 31.66 -48.92
CA ASP S 116 -1.06 30.97 -48.09
C ASP S 116 -0.95 29.47 -48.32
N LEU S 117 -0.93 28.70 -47.23
CA LEU S 117 -0.82 27.25 -47.28
C LEU S 117 -1.92 26.63 -46.44
N SER S 118 -2.41 25.49 -46.88
CA SER S 118 -3.22 24.62 -46.02
C SER S 118 -2.38 23.38 -45.73
N LEU S 119 -1.89 23.31 -44.49
CA LEU S 119 -1.07 22.20 -44.02
C LEU S 119 -1.97 21.09 -43.50
N HIS S 120 -1.69 19.86 -43.93
CA HIS S 120 -2.43 18.69 -43.49
C HIS S 120 -1.60 17.91 -42.49
N GLU S 121 -2.18 17.65 -41.32
CA GLU S 121 -1.56 16.78 -40.35
C GLU S 121 -2.47 15.59 -40.08
N LEU S 122 -1.84 14.46 -39.80
CA LEU S 122 -2.55 13.23 -39.42
C LEU S 122 -2.05 12.80 -38.05
N ILE S 123 -2.97 12.70 -37.10
CA ILE S 123 -2.63 12.34 -35.71
C ILE S 123 -3.29 11.01 -35.39
N ASP S 124 -2.59 10.17 -34.63
CA ASP S 124 -3.18 8.93 -34.09
C ASP S 124 -2.46 8.61 -32.77
N ASN S 125 -2.67 7.38 -32.28
CA ASN S 125 -2.12 7.00 -30.97
C ASN S 125 -0.61 7.22 -30.90
N SER S 126 0.08 7.08 -32.03
CA SER S 126 1.54 7.13 -32.11
C SER S 126 2.11 8.54 -32.22
N GLY S 127 1.29 9.56 -32.39
CA GLY S 127 1.82 10.91 -32.56
C GLY S 127 1.29 11.56 -33.82
N SER S 128 1.98 12.60 -34.27
CA SER S 128 1.52 13.41 -35.40
C SER S 128 2.48 13.26 -36.58
N LYS S 129 1.93 13.25 -37.80
CA LYS S 129 2.73 13.24 -39.01
C LYS S 129 2.22 14.29 -39.97
N SER S 130 3.14 15.00 -40.63
CA SER S 130 2.75 15.91 -41.68
C SER S 130 2.34 15.09 -42.91
N ALA S 131 1.20 15.44 -43.50
CA ALA S 131 0.58 14.61 -44.52
C ALA S 131 0.49 15.37 -45.83
N GLY S 132 0.09 14.64 -46.87
CA GLY S 132 0.05 15.23 -48.19
C GLY S 132 0.11 14.19 -49.28
N GLU S 133 1.16 14.23 -50.11
CA GLU S 133 1.26 13.32 -51.25
C GLU S 133 1.75 11.94 -50.82
N TYR S 134 2.71 11.87 -49.89
CA TYR S 134 3.28 10.58 -49.51
C TYR S 134 2.47 9.90 -48.42
N ASN S 135 1.95 10.67 -47.48
CA ASN S 135 1.06 10.16 -46.43
C ASN S 135 -0.32 10.69 -46.74
N LYS S 136 -1.12 9.89 -47.44
CA LYS S 136 -2.41 10.34 -47.92
C LYS S 136 -3.40 10.42 -46.78
N VAL S 137 -4.25 11.44 -46.81
CA VAL S 137 -5.44 11.47 -45.98
C VAL S 137 -6.53 10.67 -46.68
N ASP S 138 -7.16 9.77 -45.95
CA ASP S 138 -8.26 8.97 -46.51
C ASP S 138 -9.58 9.66 -46.20
N TYR S 139 -10.19 10.28 -47.22
CA TYR S 139 -11.42 11.03 -47.04
C TYR S 139 -12.67 10.14 -47.08
N ASP S 140 -12.54 8.84 -47.33
CA ASP S 140 -13.66 7.92 -47.28
C ASP S 140 -13.54 6.92 -46.13
N ASP S 141 -12.54 7.08 -45.27
CA ASP S 141 -12.36 6.19 -44.13
C ASP S 141 -13.22 6.69 -42.98
N SER S 142 -14.12 5.84 -42.51
CA SER S 142 -14.98 6.21 -41.40
C SER S 142 -14.24 6.27 -40.07
N SER S 143 -12.97 5.88 -40.03
CA SER S 143 -12.18 5.94 -38.81
C SER S 143 -11.24 7.14 -38.80
N THR S 144 -11.44 8.08 -39.72
CA THR S 144 -10.69 9.33 -39.75
C THR S 144 -11.65 10.47 -39.45
N VAL S 145 -11.33 11.25 -38.42
CA VAL S 145 -12.08 12.46 -38.12
C VAL S 145 -11.29 13.65 -38.64
N HIS S 146 -12.01 14.75 -38.89
CA HIS S 146 -11.50 15.89 -39.64
C HIS S 146 -11.88 17.21 -38.96
N ILE S 147 -10.89 18.06 -38.70
CA ILE S 147 -11.14 19.40 -38.17
C ILE S 147 -10.24 20.39 -38.90
N ILE S 148 -10.56 21.68 -38.76
CA ILE S 148 -9.78 22.72 -39.42
C ILE S 148 -9.55 23.87 -38.44
N ASN S 149 -8.37 24.47 -38.54
CA ASN S 149 -8.02 25.69 -37.81
C ASN S 149 -7.57 26.71 -38.84
N LYS S 150 -8.39 27.72 -39.09
CA LYS S 150 -8.07 28.70 -40.12
C LYS S 150 -7.05 29.73 -39.67
N GLY S 151 -6.51 29.59 -38.46
CA GLY S 151 -5.51 30.50 -37.97
C GLY S 151 -6.05 31.63 -37.13
N GLY S 152 -7.32 31.56 -36.74
CA GLY S 152 -7.94 32.64 -35.98
C GLY S 152 -8.31 32.17 -34.59
N LEU S 153 -7.52 31.21 -34.07
CA LEU S 153 -7.63 30.69 -32.72
C LEU S 153 -8.97 29.98 -32.50
N HIS S 154 -9.48 29.43 -33.55
CA HIS S 154 -10.72 28.60 -33.46
CA HIS S 154 -10.72 28.58 -33.45
C HIS S 154 -10.69 27.29 -34.36
N PHE S 155 -11.14 26.20 -33.74
CA PHE S 155 -11.28 24.96 -34.46
C PHE S 155 -12.71 24.83 -34.96
N GLU S 156 -12.88 24.32 -36.18
CA GLU S 156 -14.20 23.94 -36.69
C GLU S 156 -14.15 22.50 -37.15
N PRO S 157 -15.30 21.82 -37.16
CA PRO S 157 -15.35 20.50 -37.78
C PRO S 157 -15.32 20.62 -39.29
N LEU S 158 -14.67 19.65 -39.92
CA LEU S 158 -14.73 19.49 -41.37
C LEU S 158 -15.66 18.31 -41.59
N LEU S 159 -16.84 18.58 -42.16
CA LEU S 159 -17.90 17.61 -42.25
C LEU S 159 -18.22 17.30 -43.70
N ASP S 160 -18.91 16.17 -43.90
CA ASP S 160 -19.22 15.62 -45.21
C ASP S 160 -20.66 15.97 -45.55
N ARG S 161 -20.85 16.76 -46.61
CA ARG S 161 -22.20 17.15 -47.01
C ARG S 161 -23.05 15.94 -47.44
N ASN S 162 -22.40 14.84 -47.84
CA ASN S 162 -23.12 13.62 -48.18
C ASN S 162 -23.80 12.99 -46.99
N LYS S 163 -23.44 13.39 -45.76
CA LYS S 163 -24.01 12.83 -44.55
C LYS S 163 -24.62 13.94 -43.69
N SER S 164 -25.37 13.52 -42.68
CA SER S 164 -25.97 14.42 -41.68
C SER S 164 -26.65 15.65 -42.29
N PRO T 2 -39.54 -36.49 -15.66
CA PRO T 2 -40.87 -36.52 -16.29
C PRO T 2 -41.81 -35.48 -15.70
N ASP T 3 -42.74 -34.93 -16.48
CA ASP T 3 -43.68 -33.98 -15.92
C ASP T 3 -45.03 -34.60 -15.62
N ASN T 4 -45.07 -35.88 -15.23
CA ASN T 4 -46.17 -36.27 -14.38
C ASN T 4 -46.03 -35.64 -13.01
N PHE T 5 -44.82 -35.23 -12.63
CA PHE T 5 -44.57 -34.75 -11.28
C PHE T 5 -44.70 -33.24 -11.20
N TYR T 6 -45.29 -32.76 -10.10
CA TYR T 6 -45.50 -31.33 -9.90
C TYR T 6 -45.17 -30.99 -8.46
N VAL T 7 -44.97 -29.70 -8.19
CA VAL T 7 -44.69 -29.25 -6.82
C VAL T 7 -46.01 -29.09 -6.09
N GLY T 8 -46.18 -29.84 -5.01
CA GLY T 8 -47.34 -29.76 -4.16
C GLY T 8 -47.18 -28.67 -3.10
N GLN T 9 -47.97 -28.81 -2.03
CA GLN T 9 -48.00 -27.79 -0.99
C GLN T 9 -47.88 -28.44 0.38
N ALA T 10 -46.94 -27.97 1.18
CA ALA T 10 -46.79 -28.45 2.55
C ALA T 10 -47.26 -27.37 3.51
N ILE T 11 -47.57 -27.79 4.73
CA ILE T 11 -47.79 -26.89 5.86
C ILE T 11 -46.69 -25.82 5.92
N GLY T 12 -47.07 -24.60 6.31
CA GLY T 12 -46.09 -23.52 6.29
C GLY T 12 -45.12 -23.54 7.46
N ASN T 13 -45.47 -24.23 8.54
CA ASN T 13 -44.73 -24.14 9.78
C ASN T 13 -43.47 -25.01 9.68
N GLY T 14 -42.74 -25.13 10.80
CA GLY T 14 -41.46 -25.84 10.81
C GLY T 14 -41.52 -27.32 10.46
N SER T 15 -42.70 -27.93 10.39
CA SER T 15 -42.80 -29.35 10.05
C SER T 15 -42.86 -29.60 8.54
N CYS T 16 -42.56 -28.58 7.72
CA CYS T 16 -42.69 -28.71 6.28
C CYS T 16 -41.88 -29.88 5.70
N PHE T 17 -40.71 -30.19 6.25
CA PHE T 17 -39.98 -31.37 5.77
C PHE T 17 -40.78 -32.65 6.00
N PHE T 18 -41.27 -32.82 7.24
CA PHE T 18 -42.02 -34.04 7.57
C PHE T 18 -43.31 -34.10 6.79
N ASP T 19 -43.96 -32.95 6.63
CA ASP T 19 -45.23 -32.95 5.90
C ASP T 19 -44.99 -33.27 4.43
N SER T 20 -43.85 -32.85 3.87
CA SER T 20 -43.57 -33.15 2.47
C SER T 20 -43.29 -34.62 2.30
N PHE T 21 -42.45 -35.16 3.18
CA PHE T 21 -42.20 -36.60 3.23
C PHE T 21 -43.51 -37.38 3.36
N ARG T 22 -44.38 -36.93 4.27
CA ARG T 22 -45.64 -37.64 4.52
C ARG T 22 -46.49 -37.75 3.24
N GLN T 23 -46.64 -36.65 2.51
CA GLN T 23 -47.52 -36.63 1.35
C GLN T 23 -46.98 -37.50 0.24
N SER T 24 -45.67 -37.44 0.00
CA SER T 24 -45.12 -38.29 -1.05
C SER T 24 -45.18 -39.75 -0.66
N LEU T 25 -44.85 -40.05 0.61
CA LEU T 25 -44.93 -41.41 1.12
C LEU T 25 -46.33 -42.00 0.93
N GLU T 26 -47.37 -41.23 1.30
CA GLU T 26 -48.73 -41.75 1.14
C GLU T 26 -49.03 -42.03 -0.32
N GLN T 27 -48.63 -41.15 -1.22
CA GLN T 27 -48.94 -41.35 -2.62
C GLN T 27 -48.15 -42.51 -3.22
N GLN T 28 -46.90 -42.71 -2.77
CA GLN T 28 -46.04 -43.74 -3.36
C GLN T 28 -46.33 -45.12 -2.79
N THR T 29 -46.45 -45.24 -1.47
CA THR T 29 -46.63 -46.53 -0.81
C THR T 29 -48.05 -46.77 -0.30
N GLY T 30 -48.88 -45.75 -0.21
CA GLY T 30 -50.19 -45.88 0.39
C GLY T 30 -50.24 -45.70 1.89
N GLU T 31 -49.10 -45.68 2.57
CA GLU T 31 -49.10 -45.62 4.02
C GLU T 31 -49.35 -44.20 4.51
N GLN T 32 -50.23 -44.05 5.50
CA GLN T 32 -50.49 -42.77 6.16
C GLN T 32 -49.66 -42.67 7.43
N VAL T 33 -48.89 -41.60 7.56
CA VAL T 33 -48.13 -41.31 8.77
C VAL T 33 -48.25 -39.83 9.03
N THR T 34 -48.69 -39.45 10.22
CA THR T 34 -48.76 -38.01 10.48
C THR T 34 -47.37 -37.40 10.63
N ALA T 35 -47.30 -36.08 10.42
CA ALA T 35 -46.04 -35.37 10.65
C ALA T 35 -45.57 -35.51 12.08
N GLU T 36 -46.49 -35.57 13.05
CA GLU T 36 -46.09 -35.76 14.44
C GLU T 36 -45.51 -37.15 14.68
N LYS T 37 -46.05 -38.17 14.00
CA LYS T 37 -45.51 -39.52 14.14
C LYS T 37 -44.13 -39.62 13.52
N LEU T 38 -43.94 -38.95 12.39
CA LEU T 38 -42.61 -38.89 11.78
C LEU T 38 -41.61 -38.26 12.75
N ARG T 39 -42.02 -37.23 13.47
CA ARG T 39 -41.13 -36.63 14.46
C ARG T 39 -40.84 -37.61 15.57
N ASN T 40 -41.86 -38.35 16.01
CA ASN T 40 -41.67 -39.34 17.05
C ASN T 40 -40.78 -40.50 16.59
N ASP T 41 -40.84 -40.86 15.30
CA ASP T 41 -39.89 -41.85 14.77
C ASP T 41 -38.45 -41.39 14.94
N CYS T 42 -38.23 -40.09 14.77
CA CYS T 42 -36.88 -39.55 14.89
C CYS T 42 -36.47 -39.46 16.37
N ARG T 43 -37.40 -39.11 17.23
CA ARG T 43 -37.17 -39.11 18.69
C ARG T 43 -36.78 -40.54 19.11
N GLU T 44 -37.52 -41.53 18.63
CA GLU T 44 -37.24 -42.91 19.05
C GLU T 44 -35.87 -43.35 18.54
N PHE T 45 -35.54 -43.00 17.29
CA PHE T 45 -34.23 -43.32 16.76
C PHE T 45 -33.13 -42.75 17.65
N ALA T 46 -33.31 -41.51 18.12
CA ALA T 46 -32.30 -40.85 18.94
C ALA T 46 -32.23 -41.44 20.36
N GLN T 47 -33.31 -42.05 20.84
CA GLN T 47 -33.32 -42.60 22.19
C GLN T 47 -32.77 -44.02 22.24
N LYS T 48 -32.82 -44.74 21.13
CA LYS T 48 -32.48 -46.17 21.12
C LYS T 48 -31.07 -46.38 20.57
N ASN T 49 -30.09 -45.95 21.37
CA ASN T 49 -28.68 -46.21 21.10
C ASN T 49 -28.34 -45.87 19.65
N PRO T 50 -28.44 -44.59 19.26
CA PRO T 50 -28.26 -44.25 17.85
C PRO T 50 -26.81 -44.41 17.44
N PRO T 51 -26.57 -44.73 16.17
CA PRO T 51 -25.21 -44.97 15.70
C PRO T 51 -24.43 -43.67 15.57
N LYS T 52 -23.12 -43.84 15.33
CA LYS T 52 -22.21 -42.70 15.37
C LYS T 52 -22.49 -41.67 14.27
N TRP T 53 -22.98 -42.08 13.09
CA TRP T 53 -23.28 -41.07 12.07
C TRP T 53 -24.22 -40.02 12.60
N PHE T 54 -25.18 -40.45 13.41
CA PHE T 54 -26.22 -39.52 13.88
C PHE T 54 -25.67 -38.57 14.92
N THR T 55 -24.93 -39.08 15.93
CA THR T 55 -24.36 -38.18 16.93
C THR T 55 -23.40 -37.19 16.27
N ASN T 56 -22.64 -37.65 15.25
CA ASN T 56 -21.72 -36.74 14.56
C ASN T 56 -22.45 -35.72 13.73
N ALA T 57 -23.58 -36.10 13.12
CA ALA T 57 -24.28 -35.16 12.26
C ALA T 57 -24.90 -34.02 13.06
N ILE T 58 -25.52 -34.30 14.21
CA ILE T 58 -26.27 -33.23 14.87
C ILE T 58 -25.38 -32.25 15.65
N VAL T 59 -24.10 -32.57 15.87
CA VAL T 59 -23.19 -31.57 16.43
C VAL T 59 -22.40 -30.83 15.36
N ASN T 60 -22.62 -31.14 14.09
CA ASN T 60 -21.82 -30.61 13.00
C ASN T 60 -22.69 -30.17 11.84
N SER T 61 -23.73 -29.36 12.09
CA SER T 61 -24.59 -28.95 10.98
C SER T 61 -24.06 -27.64 10.42
N HIS T 62 -23.82 -27.61 9.12
CA HIS T 62 -23.38 -26.41 8.40
C HIS T 62 -24.48 -26.01 7.41
N ASP T 63 -24.43 -24.75 6.95
CA ASP T 63 -25.31 -24.37 5.85
C ASP T 63 -24.62 -23.34 4.97
N ASN T 64 -25.29 -22.97 3.86
CA ASN T 64 -24.67 -22.08 2.88
C ASN T 64 -24.45 -20.66 3.39
N ASN T 65 -25.00 -20.29 4.55
CA ASN T 65 -24.72 -18.98 5.13
C ASN T 65 -23.56 -18.98 6.11
N GLY T 66 -23.04 -20.14 6.48
CA GLY T 66 -22.00 -20.22 7.48
C GLY T 66 -22.50 -20.30 8.89
N GLN T 67 -23.78 -20.59 9.07
CA GLN T 67 -24.33 -20.79 10.39
C GLN T 67 -24.03 -22.20 10.84
N HIS T 68 -23.32 -22.35 11.94
CA HIS T 68 -23.07 -23.66 12.52
CA HIS T 68 -23.10 -23.68 12.50
C HIS T 68 -24.12 -23.93 13.60
N ARG T 69 -24.65 -25.16 13.61
CA ARG T 69 -25.66 -25.59 14.58
C ARG T 69 -25.19 -26.89 15.20
N SER T 70 -25.36 -27.02 16.51
CA SER T 70 -24.88 -28.20 17.21
C SER T 70 -25.78 -28.42 18.41
N GLU T 71 -26.10 -29.68 18.67
CA GLU T 71 -27.04 -30.09 19.71
C GLU T 71 -26.67 -31.48 20.17
N THR T 72 -26.85 -31.77 21.46
CA THR T 72 -26.60 -33.13 21.96
C THR T 72 -27.74 -34.06 21.57
N VAL T 73 -27.45 -35.37 21.59
CA VAL T 73 -28.50 -36.36 21.36
C VAL T 73 -29.62 -36.18 22.38
N ASP T 74 -29.25 -36.05 23.67
CA ASP T 74 -30.27 -35.94 24.72
C ASP T 74 -31.20 -34.76 24.47
N ASN T 75 -30.63 -33.63 24.04
CA ASN T 75 -31.49 -32.49 23.77
C ASN T 75 -32.27 -32.65 22.47
N TYR T 76 -31.69 -33.32 21.48
CA TYR T 76 -32.44 -33.61 20.26
C TYR T 76 -33.72 -34.39 20.57
N THR T 77 -33.67 -35.32 21.54
CA THR T 77 -34.86 -36.13 21.78
C THR T 77 -36.07 -35.28 22.17
N ALA T 78 -35.85 -34.14 22.84
CA ALA T 78 -36.99 -33.25 23.10
C ALA T 78 -37.19 -32.26 21.97
N ASP T 79 -36.10 -31.75 21.40
CA ASP T 79 -36.19 -30.70 20.38
C ASP T 79 -36.94 -31.18 19.14
N ILE T 80 -36.68 -32.43 18.69
CA ILE T 80 -37.29 -32.91 17.44
C ILE T 80 -38.80 -33.02 17.54
N MET T 81 -39.37 -32.96 18.74
CA MET T 81 -40.83 -32.99 18.88
C MET T 81 -41.47 -31.61 18.73
N ARG T 82 -40.66 -30.54 18.70
CA ARG T 82 -41.20 -29.19 18.55
C ARG T 82 -41.45 -28.89 17.08
N ASN T 83 -42.56 -28.20 16.79
CA ASN T 83 -42.77 -27.80 15.39
C ASN T 83 -41.71 -26.82 14.91
N SER T 84 -41.02 -26.13 15.83
CA SER T 84 -39.98 -25.17 15.48
C SER T 84 -38.69 -25.82 15.01
N ARG T 85 -38.50 -27.11 15.28
CA ARG T 85 -37.29 -27.83 14.90
C ARG T 85 -37.47 -28.36 13.48
N TRP T 86 -36.72 -27.79 12.52
CA TRP T 86 -36.84 -28.20 11.11
C TRP T 86 -36.21 -29.57 10.89
N GLY T 87 -36.78 -30.33 9.95
CA GLY T 87 -36.22 -31.61 9.56
C GLY T 87 -35.29 -31.41 8.37
N ASP T 88 -34.15 -32.13 8.38
CA ASP T 88 -33.06 -32.13 7.38
C ASP T 88 -33.11 -33.42 6.57
N PRO T 89 -33.02 -33.38 5.24
CA PRO T 89 -32.92 -34.65 4.49
C PRO T 89 -31.77 -35.54 4.92
N ASP T 90 -30.61 -34.96 5.24
CA ASP T 90 -29.43 -35.77 5.54
C ASP T 90 -29.50 -36.45 6.90
N VAL T 91 -30.41 -36.04 7.79
CA VAL T 91 -30.49 -36.59 9.14
C VAL T 91 -31.85 -37.26 9.30
N GLU T 92 -32.89 -36.43 9.47
CA GLU T 92 -34.25 -36.97 9.62
C GLU T 92 -34.66 -37.76 8.39
N GLY T 93 -34.26 -37.31 7.19
CA GLY T 93 -34.55 -38.09 5.99
C GLY T 93 -33.93 -39.48 6.04
N ARG T 94 -32.66 -39.57 6.45
CA ARG T 94 -32.01 -40.87 6.59
C ARG T 94 -32.69 -41.74 7.64
N ILE T 95 -33.15 -41.13 8.74
CA ILE T 95 -33.85 -41.91 9.76
C ILE T 95 -35.16 -42.48 9.21
N LEU T 96 -35.92 -41.66 8.50
CA LEU T 96 -37.23 -42.11 8.03
C LEU T 96 -37.09 -43.07 6.87
N CYS T 97 -36.05 -42.89 6.06
CA CYS T 97 -35.75 -43.86 5.00
C CYS T 97 -35.52 -45.25 5.59
N GLU T 98 -34.78 -45.32 6.69
CA GLU T 98 -34.56 -46.61 7.33
C GLU T 98 -35.86 -47.22 7.84
N LYS T 99 -36.66 -46.44 8.57
CA LYS T 99 -37.87 -46.99 9.17
C LYS T 99 -38.88 -47.42 8.11
N TYR T 100 -39.09 -46.60 7.09
CA TYR T 100 -40.13 -46.89 6.10
C TYR T 100 -39.62 -47.63 4.88
N LYS T 101 -38.33 -47.94 4.84
CA LYS T 101 -37.74 -48.75 3.77
C LYS T 101 -37.95 -48.10 2.41
N VAL T 102 -37.63 -46.81 2.33
CA VAL T 102 -37.80 -46.03 1.12
C VAL T 102 -36.50 -45.30 0.83
N LYS T 103 -36.36 -44.85 -0.40
CA LYS T 103 -35.36 -43.87 -0.75
C LYS T 103 -36.01 -42.50 -0.80
N LEU T 104 -35.24 -41.47 -0.50
CA LEU T 104 -35.73 -40.10 -0.52
C LEU T 104 -34.98 -39.33 -1.59
N HIS T 105 -35.71 -38.90 -2.61
CA HIS T 105 -35.20 -38.06 -3.67
C HIS T 105 -35.47 -36.61 -3.30
N VAL T 106 -34.43 -35.79 -3.25
CA VAL T 106 -34.56 -34.37 -2.97
C VAL T 106 -34.09 -33.59 -4.17
N ILE T 107 -34.89 -32.63 -4.62
CA ILE T 107 -34.45 -31.64 -5.60
C ILE T 107 -34.09 -30.37 -4.85
N GLU T 108 -32.87 -29.85 -5.07
CA GLU T 108 -32.44 -28.58 -4.46
C GLU T 108 -32.09 -27.59 -5.54
N ASN T 109 -32.73 -26.42 -5.49
CA ASN T 109 -32.48 -25.35 -6.45
C ASN T 109 -31.45 -24.40 -5.83
N GLN T 110 -30.27 -24.34 -6.45
CA GLN T 110 -29.15 -23.50 -6.02
C GLN T 110 -28.51 -22.84 -7.23
N THR T 111 -27.96 -21.65 -7.02
CA THR T 111 -27.35 -20.89 -8.11
C THR T 111 -25.83 -20.79 -7.90
N VAL T 112 -25.07 -21.08 -8.96
CA VAL T 112 -23.61 -21.07 -8.94
C VAL T 112 -23.13 -20.28 -10.15
N ASP T 113 -22.35 -19.22 -9.89
CA ASP T 113 -21.79 -18.40 -10.96
C ASP T 113 -22.90 -17.95 -11.93
N ASN T 114 -24.02 -17.51 -11.37
CA ASN T 114 -25.16 -16.97 -12.10
C ASN T 114 -25.89 -18.03 -12.91
N GLN T 115 -25.64 -19.31 -12.64
CA GLN T 115 -26.28 -20.40 -13.35
C GLN T 115 -27.21 -21.11 -12.38
N ASP T 116 -28.51 -21.10 -12.71
CA ASP T 116 -29.48 -21.84 -11.91
C ASP T 116 -29.34 -23.33 -12.17
N LEU T 117 -29.32 -24.11 -11.09
CA LEU T 117 -29.20 -25.56 -11.11
C LEU T 117 -30.30 -26.17 -10.27
N SER T 118 -30.77 -27.34 -10.67
CA SER T 118 -31.62 -28.18 -9.84
C SER T 118 -30.79 -29.40 -9.51
N LEU T 119 -30.38 -29.52 -8.27
CA LEU T 119 -29.50 -30.61 -7.86
C LEU T 119 -30.35 -31.77 -7.34
N HIS T 120 -29.99 -32.97 -7.76
CA HIS T 120 -30.73 -34.15 -7.34
C HIS T 120 -29.88 -34.92 -6.35
N GLU T 121 -30.45 -35.22 -5.17
CA GLU T 121 -29.83 -36.06 -4.17
C GLU T 121 -30.71 -37.27 -3.94
N LEU T 122 -30.09 -38.40 -3.61
CA LEU T 122 -30.79 -39.63 -3.27
C LEU T 122 -30.31 -40.07 -1.89
N ILE T 123 -31.22 -40.13 -0.92
CA ILE T 123 -30.92 -40.52 0.44
C ILE T 123 -31.54 -41.88 0.74
N ASP T 124 -30.82 -42.73 1.48
CA ASP T 124 -31.43 -43.97 1.98
C ASP T 124 -30.82 -44.29 3.34
N ASN T 125 -31.00 -45.53 3.80
CA ASN T 125 -30.53 -45.84 5.14
C ASN T 125 -29.02 -45.66 5.27
N SER T 126 -28.30 -45.79 4.15
CA SER T 126 -26.84 -45.71 4.08
C SER T 126 -26.30 -44.29 4.00
N GLY T 127 -27.14 -43.28 3.78
CA GLY T 127 -26.65 -41.92 3.65
C GLY T 127 -27.09 -41.26 2.36
N SER T 128 -26.35 -40.27 1.87
CA SER T 128 -26.79 -39.45 0.75
C SER T 128 -25.79 -39.53 -0.41
N LYS T 129 -26.31 -39.61 -1.64
CA LYS T 129 -25.49 -39.61 -2.84
C LYS T 129 -26.00 -38.53 -3.77
N SER T 130 -25.07 -37.84 -4.45
CA SER T 130 -25.46 -36.89 -5.48
C SER T 130 -25.82 -37.68 -6.74
N ALA T 131 -27.02 -37.46 -7.27
CA ALA T 131 -27.57 -38.28 -8.35
C ALA T 131 -27.58 -37.50 -9.66
N GLY T 132 -28.02 -38.18 -10.71
CA GLY T 132 -28.09 -37.59 -12.05
C GLY T 132 -27.95 -38.62 -13.15
N GLU T 133 -26.93 -38.49 -14.00
CA GLU T 133 -26.83 -39.36 -15.18
C GLU T 133 -26.59 -40.81 -14.78
N TYR T 134 -25.53 -41.07 -14.01
CA TYR T 134 -25.19 -42.45 -13.70
C TYR T 134 -26.04 -42.97 -12.54
N ASN T 135 -26.00 -42.30 -11.40
CA ASN T 135 -26.85 -42.67 -10.28
C ASN T 135 -28.23 -42.09 -10.53
N LYS T 136 -29.14 -42.91 -11.06
CA LYS T 136 -30.38 -42.42 -11.62
C LYS T 136 -31.50 -42.39 -10.59
N VAL T 137 -32.26 -41.30 -10.58
CA VAL T 137 -33.51 -41.28 -9.81
C VAL T 137 -34.55 -42.11 -10.56
N ASP T 138 -35.20 -43.03 -9.87
CA ASP T 138 -36.24 -43.85 -10.48
C ASP T 138 -37.59 -43.22 -10.19
N TYR T 139 -38.21 -42.67 -11.22
CA TYR T 139 -39.51 -42.00 -11.07
C TYR T 139 -40.69 -42.97 -11.19
N ASP T 140 -40.44 -44.24 -11.49
CA ASP T 140 -41.47 -45.27 -11.48
C ASP T 140 -41.36 -46.19 -10.27
N ASP T 141 -40.52 -45.82 -9.30
CA ASP T 141 -40.24 -46.63 -8.12
C ASP T 141 -41.21 -46.25 -7.02
N SER T 142 -42.11 -47.17 -6.66
CA SER T 142 -43.03 -46.88 -5.56
C SER T 142 -42.33 -46.81 -4.20
N SER T 143 -41.04 -47.15 -4.14
CA SER T 143 -40.28 -47.05 -2.91
C SER T 143 -39.37 -45.83 -2.85
N THR T 144 -39.52 -44.90 -3.79
CA THR T 144 -38.82 -43.62 -3.76
C THR T 144 -39.85 -42.52 -3.48
N VAL T 145 -39.64 -41.75 -2.42
CA VAL T 145 -40.42 -40.56 -2.16
C VAL T 145 -39.61 -39.36 -2.65
N HIS T 146 -40.32 -38.27 -2.95
CA HIS T 146 -39.74 -37.12 -3.64
C HIS T 146 -40.20 -35.83 -2.96
N ILE T 147 -39.25 -34.93 -2.71
CA ILE T 147 -39.54 -33.61 -2.18
C ILE T 147 -38.64 -32.61 -2.88
N ILE T 148 -38.97 -31.34 -2.75
CA ILE T 148 -38.18 -30.27 -3.37
C ILE T 148 -38.00 -29.14 -2.39
N ASN T 149 -36.82 -28.52 -2.46
CA ASN T 149 -36.50 -27.31 -1.73
C ASN T 149 -36.02 -26.29 -2.74
N LYS T 150 -36.84 -25.26 -3.00
CA LYS T 150 -36.52 -24.29 -4.03
C LYS T 150 -35.52 -23.23 -3.57
N GLY T 151 -34.99 -23.36 -2.37
CA GLY T 151 -34.03 -22.39 -1.84
C GLY T 151 -34.66 -21.28 -1.02
N GLY T 152 -35.92 -21.40 -0.65
CA GLY T 152 -36.61 -20.37 0.11
C GLY T 152 -36.92 -20.86 1.52
N LEU T 153 -36.11 -21.80 2.03
CA LEU T 153 -36.26 -22.31 3.40
C LEU T 153 -37.61 -23.04 3.59
N HIS T 154 -38.10 -23.60 2.54
CA HIS T 154 -39.34 -24.41 2.59
CA HIS T 154 -39.33 -24.44 2.60
C HIS T 154 -39.26 -25.73 1.69
N PHE T 155 -39.69 -26.83 2.30
CA PHE T 155 -39.79 -28.07 1.55
C PHE T 155 -41.21 -28.20 1.06
N GLU T 156 -41.36 -28.79 -0.14
CA GLU T 156 -42.67 -29.18 -0.67
C GLU T 156 -42.60 -30.61 -1.18
N PRO T 157 -43.71 -31.33 -1.17
CA PRO T 157 -43.73 -32.66 -1.78
C PRO T 157 -43.68 -32.52 -3.29
N LEU T 158 -42.98 -33.45 -3.94
CA LEU T 158 -43.07 -33.58 -5.39
C LEU T 158 -43.99 -34.77 -5.64
N LEU T 159 -45.18 -34.50 -6.20
CA LEU T 159 -46.24 -35.48 -6.34
C LEU T 159 -46.47 -35.83 -7.81
N ASP T 160 -47.20 -36.91 -8.03
CA ASP T 160 -47.43 -37.49 -9.35
C ASP T 160 -48.87 -37.19 -9.78
N ARG T 161 -49.02 -36.51 -10.93
CA ARG T 161 -50.36 -36.19 -11.42
C ARG T 161 -51.18 -37.43 -11.74
N ASN T 162 -50.52 -38.57 -11.98
CA ASN T 162 -51.25 -39.78 -12.35
C ASN T 162 -51.82 -40.51 -11.14
N LYS T 163 -51.28 -40.21 -9.96
CA LYS T 163 -51.67 -40.97 -8.74
C LYS T 163 -52.66 -40.21 -7.86
N ASP U 3 34.26 49.38 -18.22
CA ASP U 3 33.50 48.17 -17.93
C ASP U 3 34.21 47.32 -16.87
N ASN U 4 33.61 46.18 -16.55
CA ASN U 4 34.10 45.32 -15.49
C ASN U 4 35.24 44.41 -15.91
N PHE U 5 35.52 44.30 -17.21
CA PHE U 5 36.38 43.25 -17.69
C PHE U 5 37.78 43.78 -17.98
N TYR U 6 38.78 43.01 -17.57
CA TYR U 6 40.17 43.34 -17.82
C TYR U 6 40.86 42.14 -18.43
N VAL U 7 42.02 42.39 -19.01
CA VAL U 7 42.81 41.33 -19.63
C VAL U 7 43.71 40.71 -18.57
N GLY U 8 43.49 39.43 -18.30
CA GLY U 8 44.29 38.68 -17.36
C GLY U 8 45.51 38.10 -18.03
N GLN U 9 46.00 36.99 -17.46
CA GLN U 9 47.24 36.39 -17.92
C GLN U 9 47.02 34.90 -18.17
N ALA U 10 47.50 34.42 -19.31
CA ALA U 10 47.48 32.99 -19.57
C ALA U 10 48.90 32.46 -19.59
N ILE U 11 49.03 31.12 -19.54
CA ILE U 11 50.34 30.52 -19.64
C ILE U 11 50.94 30.84 -21.02
N GLY U 12 52.27 30.90 -21.07
CA GLY U 12 52.92 31.33 -22.30
C GLY U 12 52.95 30.26 -23.36
N ASN U 13 52.91 28.99 -22.98
CA ASN U 13 53.12 27.90 -23.92
C ASN U 13 51.89 27.74 -24.81
N GLY U 14 51.91 26.71 -25.64
CA GLY U 14 50.90 26.52 -26.66
C GLY U 14 49.50 26.24 -26.13
N SER U 15 49.33 26.04 -24.83
CA SER U 15 47.99 25.89 -24.29
C SER U 15 47.33 27.22 -23.91
N CYS U 16 47.79 28.35 -24.39
CA CYS U 16 47.19 29.57 -23.86
C CYS U 16 45.70 29.67 -24.22
N PHE U 17 45.24 29.08 -25.34
CA PHE U 17 43.80 29.08 -25.62
C PHE U 17 43.04 28.35 -24.53
N PHE U 18 43.47 27.14 -24.19
CA PHE U 18 42.78 26.34 -23.18
C PHE U 18 42.91 26.96 -21.80
N ASP U 19 44.07 27.56 -21.50
CA ASP U 19 44.24 28.20 -20.20
C ASP U 19 43.36 29.43 -20.05
N SER U 20 43.15 30.18 -21.14
CA SER U 20 42.26 31.34 -21.11
C SER U 20 40.82 30.91 -20.93
N PHE U 21 40.40 29.91 -21.68
CA PHE U 21 39.08 29.34 -21.52
C PHE U 21 38.88 28.82 -20.10
N ARG U 22 39.89 28.15 -19.55
CA ARG U 22 39.77 27.59 -18.20
C ARG U 22 39.58 28.67 -17.15
N GLN U 23 40.35 29.77 -17.23
CA GLN U 23 40.25 30.80 -16.20
C GLN U 23 38.91 31.51 -16.26
N SER U 24 38.40 31.77 -17.48
CA SER U 24 37.10 32.43 -17.61
C SER U 24 35.97 31.53 -17.15
N LEU U 25 35.99 30.27 -17.60
CA LEU U 25 35.03 29.27 -17.12
C LEU U 25 34.99 29.22 -15.60
N GLU U 26 36.17 29.13 -14.95
CA GLU U 26 36.18 29.02 -13.50
C GLU U 26 35.61 30.27 -12.83
N GLN U 27 35.88 31.45 -13.38
CA GLN U 27 35.36 32.66 -12.74
C GLN U 27 33.86 32.79 -12.97
N GLN U 28 33.40 32.43 -14.17
CA GLN U 28 31.99 32.59 -14.51
C GLN U 28 31.12 31.52 -13.86
N THR U 29 31.48 30.24 -14.05
CA THR U 29 30.65 29.14 -13.57
C THR U 29 31.14 28.52 -12.26
N GLY U 30 32.36 28.84 -11.82
CA GLY U 30 32.94 28.19 -10.66
C GLY U 30 33.54 26.83 -10.93
N GLU U 31 33.41 26.31 -12.15
CA GLU U 31 33.91 24.99 -12.46
C GLU U 31 35.42 25.05 -12.67
N GLN U 32 36.15 24.16 -12.00
CA GLN U 32 37.60 24.11 -12.17
C GLN U 32 37.96 22.91 -13.03
N VAL U 33 38.58 23.19 -14.18
CA VAL U 33 38.97 22.18 -15.15
C VAL U 33 40.40 22.49 -15.60
N THR U 34 41.25 21.48 -15.68
CA THR U 34 42.62 21.76 -16.09
C THR U 34 42.69 22.00 -17.60
N ALA U 35 43.79 22.60 -18.04
CA ALA U 35 44.06 22.70 -19.47
C ALA U 35 44.14 21.32 -20.11
N GLU U 36 44.77 20.36 -19.44
CA GLU U 36 44.90 19.02 -20.03
C GLU U 36 43.54 18.33 -20.16
N LYS U 37 42.65 18.52 -19.18
CA LYS U 37 41.32 17.95 -19.31
C LYS U 37 40.59 18.54 -20.53
N LEU U 38 40.73 19.85 -20.75
CA LEU U 38 40.09 20.45 -21.92
C LEU U 38 40.65 19.86 -23.22
N ARG U 39 41.96 19.62 -23.29
CA ARG U 39 42.52 18.94 -24.45
C ARG U 39 41.92 17.54 -24.60
N ASN U 40 41.79 16.82 -23.49
CA ASN U 40 41.16 15.50 -23.52
C ASN U 40 39.73 15.57 -24.03
N ASP U 41 39.00 16.63 -23.66
CA ASP U 41 37.64 16.82 -24.16
C ASP U 41 37.62 16.89 -25.70
N CYS U 42 38.59 17.59 -26.30
CA CYS U 42 38.64 17.62 -27.77
C CYS U 42 39.15 16.32 -28.37
N ARG U 43 40.07 15.62 -27.70
CA ARG U 43 40.44 14.28 -28.15
C ARG U 43 39.23 13.35 -28.15
N GLU U 44 38.46 13.33 -27.05
CA GLU U 44 37.28 12.47 -27.00
C GLU U 44 36.26 12.84 -28.09
N PHE U 45 36.05 14.13 -28.30
CA PHE U 45 35.18 14.58 -29.39
C PHE U 45 35.63 14.01 -30.74
N ALA U 46 36.93 14.06 -31.02
CA ALA U 46 37.45 13.60 -32.31
C ALA U 46 37.37 12.09 -32.45
N GLN U 47 37.44 11.36 -31.33
CA GLN U 47 37.36 9.91 -31.40
C GLN U 47 35.93 9.41 -31.60
N LYS U 48 34.94 10.12 -31.05
CA LYS U 48 33.57 9.62 -30.94
C LYS U 48 32.72 10.09 -32.13
N ASN U 49 32.98 9.44 -33.29
CA ASN U 49 32.35 9.70 -34.58
C ASN U 49 32.02 11.18 -34.75
N PRO U 50 33.04 12.03 -34.93
CA PRO U 50 32.79 13.46 -34.94
C PRO U 50 31.94 13.88 -36.11
N PRO U 51 31.21 14.97 -36.00
CA PRO U 51 30.39 15.47 -37.11
C PRO U 51 31.27 16.00 -38.22
N LYS U 52 30.65 16.10 -39.41
CA LYS U 52 31.31 16.49 -40.67
C LYS U 52 31.90 17.91 -40.58
N TRP U 53 31.32 18.82 -39.79
CA TRP U 53 31.89 20.15 -39.64
C TRP U 53 33.32 20.07 -39.10
N PHE U 54 33.56 19.14 -38.18
CA PHE U 54 34.88 19.04 -37.56
C PHE U 54 35.91 18.50 -38.53
N THR U 55 35.61 17.38 -39.20
CA THR U 55 36.54 16.84 -40.20
C THR U 55 36.84 17.87 -41.28
N ASN U 56 35.83 18.64 -41.69
CA ASN U 56 36.07 19.67 -42.70
C ASN U 56 36.95 20.79 -42.16
N ALA U 57 36.74 21.21 -40.92
CA ALA U 57 37.50 22.34 -40.39
C ALA U 57 38.99 22.01 -40.28
N ILE U 58 39.32 20.83 -39.76
CA ILE U 58 40.74 20.61 -39.47
C ILE U 58 41.54 20.26 -40.72
N VAL U 59 40.90 20.03 -41.87
CA VAL U 59 41.63 19.96 -43.14
C VAL U 59 41.60 21.29 -43.90
N ASN U 60 40.93 22.30 -43.39
CA ASN U 60 40.76 23.57 -44.10
C ASN U 60 41.02 24.74 -43.19
N SER U 61 42.17 24.74 -42.51
CA SER U 61 42.54 25.83 -41.64
C SER U 61 43.29 26.90 -42.44
N HIS U 62 42.75 28.11 -42.48
CA HIS U 62 43.37 29.27 -43.11
C HIS U 62 43.78 30.28 -42.04
N ASP U 63 44.65 31.21 -42.40
CA ASP U 63 44.94 32.32 -41.49
C ASP U 63 45.28 33.57 -42.30
N ASN U 64 45.43 34.70 -41.59
CA ASN U 64 45.70 35.97 -42.29
C ASN U 64 47.03 35.99 -43.04
N ASN U 65 47.94 35.06 -42.76
CA ASN U 65 49.22 35.05 -43.44
C ASN U 65 49.22 34.21 -44.71
N GLY U 66 48.15 33.46 -44.96
CA GLY U 66 48.11 32.57 -46.09
C GLY U 66 48.62 31.18 -45.81
N GLN U 67 48.83 30.84 -44.55
CA GLN U 67 49.32 29.52 -44.19
C GLN U 67 48.14 28.56 -44.11
N HIS U 68 48.12 27.55 -44.97
CA HIS U 68 47.11 26.50 -44.92
CA HIS U 68 47.10 26.52 -44.88
C HIS U 68 47.59 25.38 -44.01
N ARG U 69 46.76 24.97 -43.06
CA ARG U 69 47.05 23.83 -42.18
C ARG U 69 46.01 22.73 -42.39
N SER U 70 46.46 21.47 -42.41
CA SER U 70 45.52 20.39 -42.65
C SER U 70 46.00 19.14 -41.91
N GLU U 71 45.09 18.44 -41.24
CA GLU U 71 45.48 17.16 -40.67
C GLU U 71 44.26 16.25 -40.56
N THR U 72 44.52 14.95 -40.49
CA THR U 72 43.42 13.99 -40.40
C THR U 72 42.86 13.94 -38.97
N VAL U 73 41.67 13.34 -38.87
CA VAL U 73 41.07 13.18 -37.55
C VAL U 73 41.91 12.26 -36.69
N ASP U 74 42.36 11.14 -37.25
CA ASP U 74 43.16 10.20 -36.47
C ASP U 74 44.41 10.89 -35.90
N ASN U 75 45.06 11.71 -36.70
CA ASN U 75 46.26 12.39 -36.21
C ASN U 75 45.93 13.49 -35.21
N TYR U 76 44.80 14.16 -35.40
CA TYR U 76 44.31 15.13 -34.41
C TYR U 76 44.17 14.52 -33.03
N THR U 77 43.66 13.29 -32.92
CA THR U 77 43.43 12.68 -31.61
C THR U 77 44.73 12.61 -30.80
N ALA U 78 45.87 12.45 -31.47
CA ALA U 78 47.16 12.49 -30.78
C ALA U 78 47.70 13.91 -30.67
N ASP U 79 47.58 14.69 -31.74
CA ASP U 79 48.15 16.02 -31.78
C ASP U 79 47.54 16.93 -30.74
N ILE U 80 46.22 16.80 -30.51
CA ILE U 80 45.53 17.73 -29.64
C ILE U 80 45.99 17.57 -28.20
N MET U 81 46.66 16.48 -27.88
CA MET U 81 47.19 16.30 -26.53
C MET U 81 48.54 16.96 -26.34
N ARG U 82 49.20 17.38 -27.41
CA ARG U 82 50.48 18.07 -27.27
C ARG U 82 50.26 19.53 -26.87
N ASN U 83 51.09 20.03 -25.92
CA ASN U 83 50.95 21.44 -25.59
C ASN U 83 51.36 22.33 -26.76
N SER U 84 52.16 21.81 -27.70
CA SER U 84 52.51 22.55 -28.91
C SER U 84 51.33 22.79 -29.84
N ARG U 85 50.23 22.06 -29.69
CA ARG U 85 49.12 22.14 -30.65
C ARG U 85 48.17 23.21 -30.17
N TRP U 86 48.17 24.36 -30.83
CA TRP U 86 47.32 25.47 -30.38
C TRP U 86 45.84 25.14 -30.52
N GLY U 87 45.02 25.76 -29.68
CA GLY U 87 43.57 25.64 -29.75
C GLY U 87 42.98 26.84 -30.48
N ASP U 88 41.99 26.57 -31.34
CA ASP U 88 41.29 27.56 -32.16
C ASP U 88 39.89 27.81 -31.61
N PRO U 89 39.46 29.06 -31.47
CA PRO U 89 38.06 29.30 -31.06
C PRO U 89 37.03 28.59 -31.94
N ASP U 90 37.29 28.50 -33.25
CA ASP U 90 36.29 27.98 -34.18
C ASP U 90 36.22 26.45 -34.18
N VAL U 91 37.18 25.77 -33.58
CA VAL U 91 37.15 24.32 -33.54
C VAL U 91 37.13 23.87 -32.09
N GLU U 92 38.24 24.07 -31.36
CA GLU U 92 38.25 23.64 -29.96
C GLU U 92 37.27 24.44 -29.10
N GLY U 93 37.10 25.72 -29.41
CA GLY U 93 36.09 26.50 -28.71
C GLY U 93 34.68 25.96 -28.94
N ARG U 94 34.38 25.57 -30.18
CA ARG U 94 33.07 24.99 -30.46
C ARG U 94 32.87 23.68 -29.70
N ILE U 95 33.94 22.88 -29.60
CA ILE U 95 33.84 21.61 -28.89
C ILE U 95 33.61 21.85 -27.41
N LEU U 96 34.38 22.78 -26.83
CA LEU U 96 34.25 23.04 -25.41
C LEU U 96 32.93 23.73 -25.08
N CYS U 97 32.44 24.60 -25.97
CA CYS U 97 31.12 25.20 -25.76
C CYS U 97 30.05 24.12 -25.60
N GLU U 98 30.07 23.13 -26.49
CA GLU U 98 29.10 22.05 -26.45
C GLU U 98 29.23 21.25 -25.16
N LYS U 99 30.46 20.97 -24.74
CA LYS U 99 30.66 20.14 -23.56
C LYS U 99 30.22 20.84 -22.29
N TYR U 100 30.59 22.12 -22.13
CA TYR U 100 30.38 22.82 -20.86
C TYR U 100 29.17 23.72 -20.86
N LYS U 101 28.36 23.69 -21.91
CA LYS U 101 27.09 24.41 -21.94
C LYS U 101 27.30 25.92 -21.84
N VAL U 102 28.28 26.44 -22.57
CA VAL U 102 28.61 27.85 -22.50
C VAL U 102 28.73 28.43 -23.91
N LYS U 103 28.62 29.75 -23.98
CA LYS U 103 29.01 30.47 -25.18
C LYS U 103 30.40 31.05 -24.95
N LEU U 104 31.15 31.18 -26.03
CA LEU U 104 32.50 31.71 -25.96
C LEU U 104 32.55 33.04 -26.71
N HIS U 105 32.83 34.11 -25.97
CA HIS U 105 33.00 35.43 -26.55
C HIS U 105 34.49 35.66 -26.79
N VAL U 106 34.87 35.97 -28.03
CA VAL U 106 36.25 36.26 -28.37
C VAL U 106 36.34 37.70 -28.86
N ILE U 107 37.30 38.46 -28.31
CA ILE U 107 37.71 39.74 -28.86
C ILE U 107 38.98 39.50 -29.68
N GLU U 108 38.97 39.94 -30.95
CA GLU U 108 40.13 39.88 -31.83
C GLU U 108 40.52 41.29 -32.24
N ASN U 109 41.79 41.66 -31.98
CA ASN U 109 42.30 42.95 -32.40
C ASN U 109 42.98 42.80 -33.76
N GLN U 110 42.38 43.41 -34.77
CA GLN U 110 42.87 43.35 -36.13
C GLN U 110 42.85 44.75 -36.73
N THR U 111 43.72 44.97 -37.71
CA THR U 111 43.87 46.28 -38.34
C THR U 111 43.56 46.15 -39.83
N VAL U 112 42.72 47.05 -40.33
CA VAL U 112 42.38 47.11 -41.75
C VAL U 112 42.50 48.55 -42.21
N ASP U 113 43.32 48.78 -43.23
CA ASP U 113 43.49 50.11 -43.82
C ASP U 113 43.88 51.14 -42.76
N ASN U 114 44.86 50.77 -41.93
CA ASN U 114 45.35 51.58 -40.82
C ASN U 114 44.28 51.88 -39.77
N GLN U 115 43.13 51.22 -39.82
CA GLN U 115 42.11 51.36 -38.80
C GLN U 115 42.22 50.15 -37.86
N ASP U 116 42.52 50.42 -36.59
CA ASP U 116 42.46 49.38 -35.57
C ASP U 116 41.01 49.06 -35.25
N LEU U 117 40.68 47.77 -35.17
CA LEU U 117 39.35 47.33 -34.72
C LEU U 117 39.49 46.28 -33.64
N SER U 118 38.51 46.22 -32.74
CA SER U 118 38.32 45.06 -31.87
C SER U 118 37.06 44.36 -32.35
N LEU U 119 37.23 43.15 -32.88
CA LEU U 119 36.14 42.39 -33.45
C LEU U 119 35.60 41.43 -32.42
N HIS U 120 34.28 41.38 -32.28
CA HIS U 120 33.67 40.48 -31.32
C HIS U 120 33.08 39.29 -32.06
N GLU U 121 33.40 38.09 -31.58
CA GLU U 121 32.80 36.87 -32.07
C GLU U 121 32.13 36.16 -30.90
N LEU U 122 31.02 35.50 -31.21
CA LEU U 122 30.27 34.70 -30.24
C LEU U 122 30.14 33.30 -30.81
N ILE U 123 30.82 32.35 -30.16
CA ILE U 123 30.83 30.94 -30.55
C ILE U 123 29.94 30.16 -29.59
N ASP U 124 29.15 29.24 -30.14
CA ASP U 124 28.47 28.23 -29.33
C ASP U 124 28.60 26.86 -30.00
N ASN U 125 27.80 25.89 -29.56
CA ASN U 125 27.95 24.54 -30.09
C ASN U 125 27.60 24.46 -31.58
N SER U 126 26.81 25.42 -32.07
CA SER U 126 26.35 25.46 -33.46
C SER U 126 27.31 26.17 -34.40
N GLY U 127 28.29 26.89 -33.88
CA GLY U 127 29.21 27.59 -34.75
C GLY U 127 29.54 28.98 -34.26
N SER U 128 29.93 29.86 -35.16
CA SER U 128 30.44 31.16 -34.77
C SER U 128 29.67 32.24 -35.50
N LYS U 129 29.33 33.30 -34.79
CA LYS U 129 28.69 34.46 -35.37
C LYS U 129 29.48 35.71 -35.01
N SER U 130 29.59 36.62 -35.96
CA SER U 130 30.14 37.93 -35.66
C SER U 130 29.14 38.73 -34.85
N ALA U 131 29.58 39.27 -33.72
CA ALA U 131 28.71 39.90 -32.74
C ALA U 131 28.95 41.41 -32.70
N GLY U 132 28.10 42.09 -31.92
CA GLY U 132 28.21 43.53 -31.82
C GLY U 132 26.87 44.14 -31.48
N GLU U 133 26.29 44.85 -32.44
CA GLU U 133 25.05 45.60 -32.21
C GLU U 133 23.83 44.69 -32.24
N TYR U 134 23.77 43.74 -33.15
CA TYR U 134 22.55 42.94 -33.33
C TYR U 134 22.65 41.55 -32.71
N ASN U 135 23.81 40.89 -32.81
CA ASN U 135 24.10 39.71 -32.01
C ASN U 135 24.83 40.22 -30.77
N LYS U 136 24.07 40.44 -29.70
CA LYS U 136 24.59 41.15 -28.53
C LYS U 136 25.38 40.21 -27.62
N VAL U 137 26.54 40.69 -27.15
CA VAL U 137 27.29 39.98 -26.13
C VAL U 137 26.66 40.28 -24.77
N ASP U 138 26.29 39.24 -24.04
CA ASP U 138 25.69 39.41 -22.71
C ASP U 138 26.80 39.32 -21.68
N TYR U 139 27.22 40.47 -21.16
CA TYR U 139 28.28 40.51 -20.15
C TYR U 139 27.78 40.19 -18.76
N ASP U 140 26.49 39.91 -18.60
CA ASP U 140 25.94 39.50 -17.31
C ASP U 140 25.61 38.02 -17.27
N ASP U 141 25.80 37.30 -18.37
CA ASP U 141 25.44 35.89 -18.45
C ASP U 141 26.56 35.03 -17.86
N SER U 142 26.26 34.29 -16.79
CA SER U 142 27.22 33.38 -16.20
C SER U 142 27.62 32.24 -17.13
N SER U 143 26.84 32.01 -18.19
CA SER U 143 27.17 30.94 -19.14
C SER U 143 27.88 31.46 -20.38
N THR U 144 28.49 32.65 -20.31
CA THR U 144 29.35 33.15 -21.37
C THR U 144 30.76 33.30 -20.82
N VAL U 145 31.74 32.73 -21.53
CA VAL U 145 33.13 32.88 -21.15
C VAL U 145 33.77 33.84 -22.14
N HIS U 146 34.88 34.45 -21.73
CA HIS U 146 35.44 35.57 -22.46
C HIS U 146 36.95 35.43 -22.59
N ILE U 147 37.46 35.54 -23.81
CA ILE U 147 38.90 35.56 -24.04
C ILE U 147 39.22 36.62 -25.10
N ILE U 148 40.49 37.02 -25.15
CA ILE U 148 40.93 38.04 -26.08
C ILE U 148 42.18 37.56 -26.81
N ASN U 149 42.27 37.88 -28.08
CA ASN U 149 43.49 37.71 -28.84
C ASN U 149 43.87 39.07 -29.38
N LYS U 150 44.93 39.68 -28.82
CA LYS U 150 45.38 40.99 -29.27
C LYS U 150 46.13 40.96 -30.60
N GLY U 151 46.25 39.82 -31.26
CA GLY U 151 46.95 39.78 -32.52
C GLY U 151 48.41 39.43 -32.41
N GLY U 152 48.87 39.01 -31.24
CA GLY U 152 50.27 38.66 -31.05
C GLY U 152 50.44 37.17 -30.81
N LEU U 153 49.56 36.36 -31.43
CA LEU U 153 49.64 34.90 -31.37
C LEU U 153 49.52 34.37 -29.95
N HIS U 154 48.79 35.11 -29.16
CA HIS U 154 48.52 34.68 -27.75
CA HIS U 154 48.51 34.68 -27.75
C HIS U 154 47.04 35.02 -27.26
N PHE U 155 46.44 34.02 -26.62
CA PHE U 155 45.13 34.25 -26.04
C PHE U 155 45.32 34.63 -24.59
N GLU U 156 44.45 35.50 -24.11
CA GLU U 156 44.35 35.73 -22.67
C GLU U 156 42.90 35.66 -22.23
N PRO U 157 42.64 35.35 -20.96
CA PRO U 157 41.26 35.40 -20.47
C PRO U 157 40.84 36.84 -20.25
N LEU U 158 39.59 37.13 -20.55
CA LEU U 158 38.97 38.39 -20.16
C LEU U 158 38.19 38.11 -18.89
N LEU U 159 38.57 38.76 -17.80
CA LEU U 159 38.05 38.45 -16.47
C LEU U 159 37.27 39.63 -15.92
N ASP U 160 36.39 39.32 -14.96
CA ASP U 160 35.56 40.31 -14.28
C ASP U 160 36.26 40.77 -13.00
N ARG U 161 36.61 42.06 -12.93
CA ARG U 161 37.24 42.59 -11.73
C ARG U 161 36.32 42.55 -10.52
N ASN U 162 35.00 42.57 -10.72
CA ASN U 162 34.08 42.47 -9.59
C ASN U 162 34.23 41.14 -8.87
N LYS U 163 34.29 40.05 -9.64
CA LYS U 163 34.45 38.71 -9.07
C LYS U 163 35.89 38.46 -8.67
N GLY V 1 13.11 4.19 -15.16
CA GLY V 1 12.42 3.83 -13.92
C GLY V 1 13.39 3.38 -12.86
N PRO V 2 12.89 3.09 -11.66
CA PRO V 2 13.80 2.67 -10.57
C PRO V 2 14.60 1.41 -10.88
N ASP V 3 14.13 0.55 -11.80
CA ASP V 3 14.88 -0.66 -12.13
C ASP V 3 16.14 -0.37 -12.93
N ASN V 4 16.32 0.88 -13.38
CA ASN V 4 17.50 1.26 -14.15
C ASN V 4 18.74 1.39 -13.28
N PHE V 5 18.56 1.47 -11.98
CA PHE V 5 19.60 1.96 -11.08
C PHE V 5 20.16 0.82 -10.24
N TYR V 6 21.48 0.81 -10.10
CA TYR V 6 22.16 -0.17 -9.27
C TYR V 6 22.98 0.58 -8.23
N VAL V 7 23.38 -0.14 -7.19
CA VAL V 7 24.20 0.46 -6.15
C VAL V 7 25.66 0.41 -6.60
N GLY V 8 26.27 1.60 -6.73
CA GLY V 8 27.66 1.70 -7.08
C GLY V 8 28.51 1.63 -5.83
N GLN V 9 29.77 2.04 -5.95
CA GLN V 9 30.69 2.02 -4.81
C GLN V 9 31.26 3.41 -4.57
N ALA V 10 31.35 3.79 -3.30
CA ALA V 10 31.96 5.05 -2.93
C ALA V 10 33.19 4.75 -2.07
N ILE V 11 34.07 5.76 -1.97
CA ILE V 11 35.26 5.61 -1.14
C ILE V 11 34.86 5.32 0.30
N GLY V 12 35.74 4.63 1.03
CA GLY V 12 35.40 4.16 2.36
C GLY V 12 35.52 5.19 3.44
N ASN V 13 36.26 6.28 3.19
CA ASN V 13 36.53 7.24 4.25
C ASN V 13 35.33 8.16 4.45
N GLY V 14 35.52 9.21 5.27
CA GLY V 14 34.39 10.05 5.67
C GLY V 14 33.83 10.92 4.58
N SER V 15 34.47 10.96 3.42
CA SER V 15 33.92 11.71 2.29
C SER V 15 32.93 10.91 1.46
N CYS V 16 32.44 9.77 1.96
CA CYS V 16 31.56 8.94 1.13
C CYS V 16 30.32 9.70 0.67
N PHE V 17 29.76 10.59 1.50
CA PHE V 17 28.60 11.35 1.02
C PHE V 17 28.95 12.13 -0.24
N PHE V 18 30.03 12.90 -0.18
CA PHE V 18 30.43 13.73 -1.30
C PHE V 18 30.84 12.89 -2.49
N ASP V 19 31.48 11.75 -2.24
CA ASP V 19 31.89 10.90 -3.35
C ASP V 19 30.70 10.28 -4.07
N SER V 20 29.63 9.98 -3.31
CA SER V 20 28.41 9.44 -3.90
C SER V 20 27.71 10.50 -4.73
N PHE V 21 27.55 11.69 -4.16
CA PHE V 21 27.00 12.83 -4.89
C PHE V 21 27.79 13.09 -6.17
N ARG V 22 29.11 13.17 -6.04
CA ARG V 22 29.97 13.42 -7.19
C ARG V 22 29.76 12.42 -8.31
N GLN V 23 29.63 11.13 -7.99
CA GLN V 23 29.54 10.15 -9.07
C GLN V 23 28.21 10.23 -9.78
N SER V 24 27.13 10.42 -9.02
CA SER V 24 25.83 10.58 -9.63
C SER V 24 25.78 11.87 -10.44
N LEU V 25 26.28 12.96 -9.86
CA LEU V 25 26.32 14.22 -10.59
C LEU V 25 27.01 14.05 -11.95
N GLU V 26 28.14 13.34 -11.97
CA GLU V 26 28.87 13.23 -13.23
C GLU V 26 28.11 12.39 -14.25
N GLN V 27 27.51 11.30 -13.80
CA GLN V 27 26.80 10.43 -14.75
C GLN V 27 25.52 11.08 -15.25
N GLN V 28 24.87 11.91 -14.41
CA GLN V 28 23.60 12.52 -14.75
C GLN V 28 23.79 13.79 -15.57
N THR V 29 24.63 14.70 -15.11
CA THR V 29 24.78 15.99 -15.76
C THR V 29 26.02 16.09 -16.63
N GLY V 30 26.97 15.17 -16.49
CA GLY V 30 28.23 15.28 -17.16
C GLY V 30 29.28 16.09 -16.43
N GLU V 31 28.91 16.75 -15.33
CA GLU V 31 29.85 17.65 -14.69
C GLU V 31 30.79 16.88 -13.77
N GLN V 32 32.09 17.04 -13.99
CA GLN V 32 33.10 16.32 -13.21
C GLN V 32 33.64 17.24 -12.14
N VAL V 33 33.38 16.93 -10.87
CA VAL V 33 33.88 17.70 -9.74
C VAL V 33 34.47 16.71 -8.74
N THR V 34 35.44 17.18 -7.96
CA THR V 34 36.05 16.33 -6.95
C THR V 34 35.29 16.43 -5.63
N ALA V 35 35.44 15.39 -4.79
CA ALA V 35 34.87 15.46 -3.45
C ALA V 35 35.41 16.67 -2.70
N GLU V 36 36.70 16.98 -2.89
CA GLU V 36 37.27 18.15 -2.21
C GLU V 36 36.61 19.45 -2.65
N LYS V 37 36.31 19.58 -3.95
CA LYS V 37 35.62 20.78 -4.41
C LYS V 37 34.24 20.87 -3.76
N LEU V 38 33.55 19.74 -3.66
CA LEU V 38 32.23 19.76 -3.04
C LEU V 38 32.32 20.21 -1.58
N ARG V 39 33.33 19.74 -0.85
CA ARG V 39 33.53 20.23 0.51
C ARG V 39 33.79 21.73 0.50
N ASN V 40 34.63 22.20 -0.44
CA ASN V 40 34.89 23.63 -0.56
C ASN V 40 33.61 24.41 -0.84
N ASP V 41 32.70 23.83 -1.62
CA ASP V 41 31.41 24.49 -1.89
C ASP V 41 30.65 24.71 -0.59
N CYS V 42 30.77 23.77 0.34
CA CYS V 42 30.06 23.83 1.62
C CYS V 42 30.71 24.85 2.55
N ARG V 43 32.05 24.91 2.52
CA ARG V 43 32.78 25.95 3.23
C ARG V 43 32.35 27.34 2.76
N GLU V 44 32.34 27.55 1.44
CA GLU V 44 32.02 28.88 0.95
C GLU V 44 30.61 29.26 1.34
N PHE V 45 29.68 28.31 1.25
CA PHE V 45 28.30 28.56 1.69
C PHE V 45 28.28 29.04 3.13
N ALA V 46 28.99 28.34 4.00
CA ALA V 46 29.02 28.70 5.42
C ALA V 46 29.76 30.00 5.69
N GLN V 47 30.66 30.41 4.80
CA GLN V 47 31.40 31.65 5.02
C GLN V 47 30.68 32.87 4.48
N LYS V 48 29.76 32.70 3.52
CA LYS V 48 29.14 33.84 2.84
C LYS V 48 27.71 34.06 3.35
N ASN V 49 27.61 34.61 4.56
CA ASN V 49 26.36 35.01 5.19
C ASN V 49 25.27 33.95 5.02
N PRO V 50 25.46 32.74 5.57
CA PRO V 50 24.49 31.68 5.34
C PRO V 50 23.16 32.01 5.97
N PRO V 51 22.05 31.55 5.40
CA PRO V 51 20.73 31.78 6.00
C PRO V 51 20.62 31.05 7.31
N LYS V 52 19.56 31.37 8.06
CA LYS V 52 19.46 30.81 9.39
C LYS V 52 19.01 29.34 9.42
N TRP V 53 18.45 28.79 8.34
CA TRP V 53 18.22 27.34 8.34
C TRP V 53 19.53 26.58 8.55
N PHE V 54 20.65 27.13 8.04
CA PHE V 54 21.92 26.43 8.12
C PHE V 54 22.54 26.53 9.51
N THR V 55 22.60 27.73 10.08
CA THR V 55 23.08 27.88 11.44
C THR V 55 22.28 27.02 12.40
N ASN V 56 20.97 26.93 12.20
CA ASN V 56 20.17 26.19 13.13
C ASN V 56 20.25 24.69 12.89
N ALA V 57 20.56 24.26 11.67
CA ALA V 57 20.72 22.82 11.41
C ALA V 57 21.99 22.29 12.07
N ILE V 58 23.10 22.99 11.94
CA ILE V 58 24.34 22.41 12.41
C ILE V 58 24.51 22.52 13.92
N VAL V 59 23.69 23.34 14.60
CA VAL V 59 23.67 23.28 16.06
C VAL V 59 22.69 22.25 16.56
N ASN V 60 21.94 21.59 15.68
CA ASN V 60 20.82 20.78 16.11
C ASN V 60 20.72 19.51 15.28
N SER V 61 21.80 18.71 15.25
CA SER V 61 21.81 17.43 14.56
C SER V 61 21.43 16.31 15.51
N HIS V 62 20.37 15.56 15.17
CA HIS V 62 19.93 14.37 15.88
C HIS V 62 20.19 13.16 15.02
N ASP V 63 20.21 11.98 15.64
CA ASP V 63 20.24 10.76 14.85
C ASP V 63 19.43 9.69 15.56
N ASN V 64 19.25 8.54 14.92
CA ASN V 64 18.40 7.50 15.46
C ASN V 64 18.97 6.86 16.73
N ASN V 65 20.23 7.08 17.04
CA ASN V 65 20.81 6.55 18.26
C ASN V 65 20.65 7.48 19.45
N GLY V 66 20.18 8.71 19.21
CA GLY V 66 20.09 9.70 20.27
C GLY V 66 21.32 10.54 20.45
N GLN V 67 22.30 10.43 19.56
CA GLN V 67 23.50 11.24 19.64
C GLN V 67 23.18 12.64 19.10
N HIS V 68 23.30 13.65 19.95
CA HIS V 68 23.16 15.04 19.53
CA HIS V 68 23.15 15.02 19.50
C HIS V 68 24.52 15.59 19.12
N ARG V 69 24.56 16.32 18.01
CA ARG V 69 25.79 16.95 17.53
C ARG V 69 25.53 18.44 17.33
N SER V 70 26.52 19.26 17.65
CA SER V 70 26.30 20.70 17.56
C SER V 70 27.64 21.38 17.31
N GLU V 71 27.67 22.32 16.35
CA GLU V 71 28.87 23.13 16.21
C GLU V 71 28.50 24.47 15.58
N THR V 72 29.40 25.42 15.72
CA THR V 72 29.15 26.78 15.22
C THR V 72 29.49 26.88 13.73
N VAL V 73 28.95 27.92 13.11
CA VAL V 73 29.30 28.18 11.72
C VAL V 73 30.80 28.37 11.57
N ASP V 74 31.41 29.17 12.46
CA ASP V 74 32.84 29.42 12.31
C ASP V 74 33.64 28.13 12.39
N ASN V 75 33.26 27.23 13.30
CA ASN V 75 33.99 25.98 13.39
C ASN V 75 33.68 25.05 12.22
N TYR V 76 32.45 25.11 11.67
CA TYR V 76 32.12 24.33 10.49
C TYR V 76 33.02 24.69 9.31
N THR V 77 33.38 25.98 9.16
CA THR V 77 34.12 26.36 7.97
C THR V 77 35.46 25.63 7.88
N ALA V 78 36.07 25.33 9.02
CA ALA V 78 37.27 24.50 9.06
C ALA V 78 36.94 23.01 9.06
N ASP V 79 35.92 22.60 9.82
CA ASP V 79 35.61 21.19 9.98
C ASP V 79 35.17 20.53 8.67
N ILE V 80 34.35 21.24 7.87
CA ILE V 80 33.83 20.64 6.64
C ILE V 80 34.94 20.31 5.65
N MET V 81 36.14 20.88 5.83
CA MET V 81 37.23 20.53 4.93
C MET V 81 37.96 19.26 5.36
N ARG V 82 37.66 18.69 6.53
CA ARG V 82 38.33 17.47 6.95
C ARG V 82 37.64 16.25 6.36
N ASN V 83 38.43 15.27 5.91
CA ASN V 83 37.81 14.04 5.43
C ASN V 83 36.97 13.38 6.50
N SER V 84 37.31 13.60 7.77
CA SER V 84 36.60 12.98 8.88
C SER V 84 35.20 13.56 9.10
N ARG V 85 34.89 14.71 8.51
CA ARG V 85 33.61 15.39 8.70
C ARG V 85 32.62 14.86 7.69
N TRP V 86 31.67 14.03 8.14
CA TRP V 86 30.73 13.41 7.23
C TRP V 86 29.73 14.43 6.68
N GLY V 87 29.25 14.18 5.47
CA GLY V 87 28.24 15.02 4.85
C GLY V 87 26.86 14.42 5.05
N ASP V 88 25.90 15.30 5.37
CA ASP V 88 24.49 14.95 5.59
C ASP V 88 23.66 15.36 4.37
N PRO V 89 22.71 14.55 3.91
CA PRO V 89 21.87 15.01 2.80
C PRO V 89 21.06 16.27 3.13
N ASP V 90 20.63 16.43 4.39
CA ASP V 90 19.76 17.54 4.75
C ASP V 90 20.50 18.87 4.89
N VAL V 91 21.82 18.87 4.93
CA VAL V 91 22.60 20.09 5.10
C VAL V 91 23.52 20.23 3.89
N GLU V 92 24.54 19.36 3.79
CA GLU V 92 25.45 19.47 2.65
C GLU V 92 24.71 19.17 1.34
N GLY V 93 23.79 18.20 1.35
CA GLY V 93 23.02 17.93 0.15
C GLY V 93 22.22 19.14 -0.31
N ARG V 94 21.63 19.86 0.65
CA ARG V 94 20.86 21.05 0.31
C ARG V 94 21.74 22.16 -0.24
N ILE V 95 22.95 22.30 0.30
CA ILE V 95 23.90 23.29 -0.21
C ILE V 95 24.32 22.93 -1.64
N LEU V 96 24.61 21.66 -1.88
CA LEU V 96 25.13 21.29 -3.19
C LEU V 96 24.02 21.31 -4.23
N CYS V 97 22.78 21.03 -3.82
CA CYS V 97 21.65 21.14 -4.72
C CYS V 97 21.50 22.57 -5.23
N GLU V 98 21.68 23.55 -4.32
CA GLU V 98 21.65 24.95 -4.76
C GLU V 98 22.82 25.25 -5.69
N LYS V 99 24.02 24.80 -5.33
CA LYS V 99 25.20 25.12 -6.13
C LYS V 99 25.11 24.55 -7.55
N TYR V 100 24.69 23.30 -7.68
CA TYR V 100 24.68 22.62 -8.97
C TYR V 100 23.31 22.58 -9.62
N LYS V 101 22.29 23.20 -9.00
CA LYS V 101 20.94 23.27 -9.55
C LYS V 101 20.40 21.86 -9.86
N VAL V 102 20.48 20.98 -8.87
CA VAL V 102 19.99 19.62 -8.99
C VAL V 102 19.08 19.34 -7.81
N LYS V 103 18.29 18.29 -7.95
CA LYS V 103 17.62 17.66 -6.82
C LYS V 103 18.39 16.43 -6.40
N LEU V 104 18.32 16.11 -5.12
CA LEU V 104 19.03 14.95 -4.54
C LEU V 104 17.99 13.93 -4.05
N HIS V 105 17.98 12.76 -4.69
CA HIS V 105 17.14 11.64 -4.28
C HIS V 105 17.97 10.72 -3.37
N VAL V 106 17.47 10.49 -2.16
CA VAL V 106 18.12 9.59 -1.22
C VAL V 106 17.18 8.42 -0.93
N ILE V 107 17.71 7.20 -1.04
CA ILE V 107 17.07 6.01 -0.51
C ILE V 107 17.70 5.71 0.85
N GLU V 108 16.88 5.60 1.89
CA GLU V 108 17.35 5.21 3.23
C GLU V 108 16.69 3.91 3.63
N ASN V 109 17.50 2.91 3.95
CA ASN V 109 16.99 1.63 4.41
C ASN V 109 16.93 1.61 5.94
N GLN V 110 15.71 1.51 6.47
CA GLN V 110 15.44 1.53 7.89
C GLN V 110 14.41 0.46 8.22
N THR V 111 14.51 -0.11 9.42
CA THR V 111 13.59 -1.16 9.86
C THR V 111 12.72 -0.65 10.99
N VAL V 112 11.42 -0.90 10.91
CA VAL V 112 10.47 -0.50 11.93
C VAL V 112 9.59 -1.69 12.26
N ASP V 113 9.58 -2.09 13.52
CA ASP V 113 8.73 -3.21 13.98
C ASP V 113 8.93 -4.45 13.11
N ASN V 114 10.20 -4.80 12.88
CA ASN V 114 10.58 -5.97 12.09
C ASN V 114 10.21 -5.85 10.62
N GLN V 115 9.85 -4.67 10.15
CA GLN V 115 9.50 -4.45 8.76
C GLN V 115 10.61 -3.63 8.13
N ASP V 116 11.29 -4.21 7.16
CA ASP V 116 12.26 -3.48 6.35
C ASP V 116 11.57 -2.52 5.40
N LEU V 117 12.08 -1.28 5.34
CA LEU V 117 11.55 -0.25 4.48
C LEU V 117 12.69 0.43 3.74
N SER V 118 12.41 0.86 2.51
CA SER V 118 13.29 1.78 1.79
C SER V 118 12.53 3.10 1.66
N LEU V 119 13.01 4.10 2.38
CA LEU V 119 12.37 5.41 2.43
C LEU V 119 13.00 6.30 1.37
N HIS V 120 12.17 6.96 0.59
CA HIS V 120 12.69 7.89 -0.40
C HIS V 120 12.56 9.30 0.11
N GLU V 121 13.63 10.08 -0.05
CA GLU V 121 13.60 11.51 0.24
C GLU V 121 14.05 12.25 -1.00
N LEU V 122 13.49 13.43 -1.22
CA LEU V 122 13.91 14.29 -2.31
C LEU V 122 14.29 15.64 -1.71
N ILE V 123 15.55 16.02 -1.87
CA ILE V 123 16.11 17.26 -1.35
C ILE V 123 16.33 18.23 -2.50
N ASP V 124 16.08 19.51 -2.27
CA ASP V 124 16.49 20.51 -3.25
C ASP V 124 17.00 21.73 -2.48
N ASN V 125 17.23 22.83 -3.19
CA ASN V 125 17.83 23.96 -2.51
C ASN V 125 16.96 24.51 -1.38
N SER V 126 15.66 24.20 -1.38
CA SER V 126 14.72 24.77 -0.42
CA SER V 126 14.72 24.77 -0.42
C SER V 126 14.37 23.83 0.72
N GLY V 127 14.92 22.62 0.76
CA GLY V 127 14.60 21.76 1.89
C GLY V 127 14.42 20.32 1.45
N SER V 128 13.83 19.50 2.33
CA SER V 128 13.69 18.07 2.10
C SER V 128 12.24 17.65 2.21
N LYS V 129 11.81 16.71 1.37
CA LYS V 129 10.47 16.16 1.46
C LYS V 129 10.53 14.65 1.39
N SER V 130 9.65 14.01 2.15
CA SER V 130 9.44 12.57 1.97
C SER V 130 8.73 12.31 0.65
N ALA V 131 9.22 11.34 -0.10
CA ALA V 131 8.85 11.18 -1.49
C ALA V 131 8.25 9.80 -1.70
N GLY V 132 7.63 9.60 -2.86
CA GLY V 132 7.06 8.30 -3.14
C GLY V 132 5.92 8.37 -4.13
N GLU V 133 4.69 8.22 -3.64
CA GLU V 133 3.54 8.24 -4.55
C GLU V 133 3.08 9.67 -4.86
N TYR V 134 3.26 10.62 -3.95
CA TYR V 134 2.71 11.94 -4.17
C TYR V 134 3.76 12.99 -4.52
N ASN V 135 4.87 13.01 -3.81
CA ASN V 135 6.08 13.72 -4.23
C ASN V 135 6.90 12.72 -5.03
N LYS V 136 6.80 12.78 -6.35
CA LYS V 136 7.40 11.75 -7.19
C LYS V 136 8.86 12.05 -7.52
N VAL V 137 9.69 11.02 -7.43
CA VAL V 137 11.06 11.06 -7.92
C VAL V 137 11.04 10.90 -9.43
N ASP V 138 11.71 11.78 -10.17
CA ASP V 138 11.77 11.67 -11.63
C ASP V 138 13.01 10.89 -12.00
N TYR V 139 12.83 9.64 -12.40
CA TYR V 139 13.98 8.79 -12.69
C TYR V 139 14.56 9.02 -14.08
N ASP V 140 14.01 9.94 -14.86
CA ASP V 140 14.57 10.30 -16.15
C ASP V 140 15.15 11.70 -16.16
N ASP V 141 15.08 12.41 -15.03
CA ASP V 141 15.52 13.79 -14.93
C ASP V 141 17.04 13.83 -14.81
N SER V 142 17.71 14.36 -15.83
CA SER V 142 19.15 14.52 -15.78
C SER V 142 19.60 15.46 -14.67
N SER V 143 18.69 16.25 -14.09
CA SER V 143 19.05 17.12 -12.99
C SER V 143 18.67 16.57 -11.62
N THR V 144 18.33 15.29 -11.52
CA THR V 144 18.20 14.63 -10.22
C THR V 144 19.37 13.67 -10.03
N VAL V 145 20.09 13.81 -8.92
CA VAL V 145 21.15 12.88 -8.56
C VAL V 145 20.58 11.91 -7.53
N HIS V 146 21.23 10.74 -7.40
CA HIS V 146 20.67 9.63 -6.63
C HIS V 146 21.76 8.98 -5.77
N ILE V 147 21.48 8.81 -4.48
CA ILE V 147 22.40 8.11 -3.57
C ILE V 147 21.58 7.23 -2.62
N ILE V 148 22.26 6.26 -2.01
CA ILE V 148 21.59 5.33 -1.10
C ILE V 148 22.38 5.23 0.18
N ASN V 149 21.66 5.11 1.29
CA ASN V 149 22.27 4.77 2.58
C ASN V 149 21.55 3.53 3.09
N LYS V 150 22.23 2.38 3.05
CA LYS V 150 21.63 1.12 3.50
C LYS V 150 21.59 0.97 5.01
N GLY V 151 21.99 1.97 5.78
CA GLY V 151 21.87 1.91 7.22
C GLY V 151 23.14 1.50 7.93
N GLY V 152 24.23 1.31 7.20
CA GLY V 152 25.53 0.91 7.74
C GLY V 152 26.53 2.04 7.76
N LEU V 153 26.04 3.27 7.92
CA LEU V 153 26.86 4.47 8.09
C LEU V 153 27.75 4.70 6.88
N HIS V 154 27.23 4.35 5.73
CA HIS V 154 27.94 4.59 4.44
CA HIS V 154 27.94 4.61 4.43
C HIS V 154 26.95 4.97 3.25
N PHE V 155 27.36 6.02 2.53
CA PHE V 155 26.60 6.37 1.33
C PHE V 155 27.24 5.74 0.12
N GLU V 156 26.40 5.32 -0.83
CA GLU V 156 26.85 4.88 -2.14
C GLU V 156 26.07 5.61 -3.21
N PRO V 157 26.65 5.79 -4.39
CA PRO V 157 25.88 6.35 -5.50
C PRO V 157 24.92 5.33 -6.07
N LEU V 158 23.74 5.81 -6.51
CA LEU V 158 22.84 5.00 -7.31
C LEU V 158 23.05 5.38 -8.76
N LEU V 159 23.45 4.42 -9.57
CA LEU V 159 23.93 4.72 -10.91
C LEU V 159 23.08 3.97 -11.93
N ASP V 160 23.12 4.46 -13.17
CA ASP V 160 22.26 4.00 -14.24
C ASP V 160 22.90 2.81 -14.97
N ARG V 161 22.17 1.69 -14.99
CA ARG V 161 22.59 0.51 -15.72
C ARG V 161 22.81 0.81 -17.20
N ASN V 162 21.98 1.69 -17.77
CA ASN V 162 22.13 2.02 -19.19
C ASN V 162 23.42 2.78 -19.49
N LYS V 163 24.14 3.24 -18.47
CA LYS V 163 25.37 4.00 -18.66
C LYS V 163 26.46 3.55 -17.69
N ASP W 3 -21.71 53.29 -2.51
CA ASP W 3 -20.75 53.62 -3.57
C ASP W 3 -21.43 54.27 -4.76
N ASN W 4 -20.74 55.23 -5.37
CA ASN W 4 -21.20 55.79 -6.63
C ASN W 4 -20.70 55.00 -7.83
N PHE W 5 -20.13 53.81 -7.61
CA PHE W 5 -19.50 53.05 -8.67
C PHE W 5 -20.34 51.83 -9.04
N TYR W 6 -20.42 51.55 -10.34
CA TYR W 6 -21.12 50.39 -10.88
C TYR W 6 -20.18 49.68 -11.84
N VAL W 7 -20.56 48.46 -12.21
CA VAL W 7 -19.77 47.66 -13.14
C VAL W 7 -20.24 47.97 -14.54
N GLY W 8 -19.35 48.51 -15.37
CA GLY W 8 -19.65 48.76 -16.77
C GLY W 8 -19.45 47.54 -17.64
N GLN W 9 -19.35 47.79 -18.95
CA GLN W 9 -19.17 46.74 -19.94
C GLN W 9 -17.88 46.98 -20.71
N ALA W 10 -17.12 45.90 -20.94
CA ALA W 10 -15.94 45.95 -21.79
C ALA W 10 -16.17 45.10 -23.02
N ILE W 11 -15.36 45.33 -24.05
CA ILE W 11 -15.39 44.49 -25.24
C ILE W 11 -15.09 43.04 -24.85
N GLY W 12 -15.78 42.10 -25.50
CA GLY W 12 -15.62 40.70 -25.17
C GLY W 12 -14.27 40.11 -25.52
N ASN W 13 -13.57 40.70 -26.48
CA ASN W 13 -12.34 40.07 -26.97
C ASN W 13 -11.22 40.25 -25.95
N GLY W 14 -10.02 39.83 -26.36
CA GLY W 14 -8.86 39.80 -25.49
C GLY W 14 -8.38 41.17 -25.01
N SER W 15 -8.91 42.25 -25.56
CA SER W 15 -8.52 43.56 -25.09
C SER W 15 -9.31 44.03 -23.89
N CYS W 16 -10.07 43.15 -23.23
CA CYS W 16 -10.98 43.67 -22.22
C CYS W 16 -10.21 44.34 -21.09
N PHE W 17 -8.99 43.91 -20.75
CA PHE W 17 -8.19 44.68 -19.80
C PHE W 17 -7.99 46.10 -20.31
N PHE W 18 -7.46 46.25 -21.52
CA PHE W 18 -7.17 47.58 -22.05
C PHE W 18 -8.42 48.42 -22.20
N ASP W 19 -9.53 47.80 -22.60
CA ASP W 19 -10.77 48.54 -22.74
C ASP W 19 -11.30 49.00 -21.38
N SER W 20 -11.11 48.18 -20.36
CA SER W 20 -11.56 48.56 -19.02
C SER W 20 -10.75 49.74 -18.49
N PHE W 21 -9.42 49.65 -18.58
CA PHE W 21 -8.54 50.75 -18.22
C PHE W 21 -8.89 52.01 -19.02
N ARG W 22 -9.23 51.86 -20.31
CA ARG W 22 -9.57 53.01 -21.15
C ARG W 22 -10.78 53.77 -20.61
N GLN W 23 -11.85 53.06 -20.31
CA GLN W 23 -13.09 53.73 -19.91
C GLN W 23 -12.93 54.45 -18.58
N SER W 24 -12.35 53.78 -17.59
CA SER W 24 -12.14 54.43 -16.30
C SER W 24 -11.20 55.61 -16.43
N LEU W 25 -10.11 55.46 -17.18
CA LEU W 25 -9.20 56.57 -17.38
C LEU W 25 -9.91 57.78 -17.97
N GLU W 26 -10.77 57.54 -18.97
CA GLU W 26 -11.44 58.67 -19.61
C GLU W 26 -12.42 59.35 -18.67
N GLN W 27 -13.06 58.58 -17.80
CA GLN W 27 -14.02 59.16 -16.86
C GLN W 27 -13.32 59.91 -15.72
N GLN W 28 -12.16 59.42 -15.28
CA GLN W 28 -11.46 60.02 -14.15
C GLN W 28 -10.57 61.20 -14.55
N THR W 29 -9.71 61.01 -15.56
CA THR W 29 -8.78 62.07 -15.93
C THR W 29 -9.19 62.85 -17.16
N GLY W 30 -10.14 62.35 -17.96
CA GLY W 30 -10.58 63.04 -19.15
C GLY W 30 -9.86 62.67 -20.42
N GLU W 31 -8.76 61.92 -20.36
CA GLU W 31 -8.00 61.65 -21.57
C GLU W 31 -8.60 60.50 -22.36
N GLN W 32 -8.65 60.68 -23.67
CA GLN W 32 -9.23 59.70 -24.60
C GLN W 32 -8.10 58.94 -25.26
N VAL W 33 -7.99 57.64 -24.94
CA VAL W 33 -7.02 56.76 -25.58
C VAL W 33 -7.77 55.52 -26.05
N THR W 34 -7.29 54.94 -27.14
CA THR W 34 -7.90 53.71 -27.64
C THR W 34 -7.20 52.50 -27.06
N ALA W 35 -7.91 51.37 -27.10
CA ALA W 35 -7.32 50.13 -26.63
C ALA W 35 -6.02 49.83 -27.37
N GLU W 36 -5.95 50.15 -28.66
CA GLU W 36 -4.73 49.86 -29.40
C GLU W 36 -3.60 50.82 -29.04
N LYS W 37 -3.92 52.09 -28.78
CA LYS W 37 -2.91 52.98 -28.24
C LYS W 37 -2.34 52.45 -26.93
N LEU W 38 -3.21 51.95 -26.04
CA LEU W 38 -2.73 51.38 -24.78
C LEU W 38 -1.81 50.19 -25.02
N ARG W 39 -2.13 49.35 -26.02
CA ARG W 39 -1.24 48.26 -26.37
C ARG W 39 0.07 48.78 -26.93
N ASN W 40 0.01 49.84 -27.73
CA ASN W 40 1.24 50.40 -28.28
C ASN W 40 2.10 51.06 -27.20
N ASP W 41 1.49 51.54 -26.11
CA ASP W 41 2.28 52.05 -24.99
C ASP W 41 3.11 50.94 -24.35
N CYS W 42 2.49 49.77 -24.11
CA CYS W 42 3.22 48.64 -23.57
C CYS W 42 4.28 48.12 -24.56
N ARG W 43 4.00 48.18 -25.86
CA ARG W 43 4.99 47.80 -26.86
C ARG W 43 6.20 48.74 -26.84
N GLU W 44 5.97 50.04 -26.74
CA GLU W 44 7.10 50.97 -26.70
C GLU W 44 7.89 50.82 -25.41
N PHE W 45 7.20 50.63 -24.28
CA PHE W 45 7.88 50.36 -23.02
C PHE W 45 8.80 49.14 -23.14
N ALA W 46 8.35 48.10 -23.84
CA ALA W 46 9.17 46.90 -23.99
C ALA W 46 10.34 47.11 -24.93
N GLN W 47 10.23 48.05 -25.88
CA GLN W 47 11.29 48.27 -26.86
C GLN W 47 12.35 49.24 -26.37
N LYS W 48 12.04 50.05 -25.36
CA LYS W 48 12.87 51.15 -24.93
C LYS W 48 13.51 50.81 -23.58
N ASN W 49 14.47 49.89 -23.63
CA ASN W 49 15.30 49.53 -22.49
C ASN W 49 14.50 49.23 -21.21
N PRO W 50 13.58 48.26 -21.26
CA PRO W 50 12.69 48.05 -20.12
C PRO W 50 13.45 47.66 -18.89
N PRO W 51 12.96 48.04 -17.70
CA PRO W 51 13.64 47.67 -16.46
C PRO W 51 13.53 46.18 -16.20
N LYS W 52 14.30 45.74 -15.19
CA LYS W 52 14.42 44.31 -14.95
C LYS W 52 13.16 43.69 -14.35
N TRP W 53 12.29 44.47 -13.72
CA TRP W 53 11.03 43.90 -13.24
C TRP W 53 10.21 43.36 -14.39
N PHE W 54 10.26 44.04 -15.55
CA PHE W 54 9.43 43.65 -16.68
C PHE W 54 9.95 42.37 -17.34
N THR W 55 11.24 42.32 -17.66
CA THR W 55 11.74 41.11 -18.31
C THR W 55 11.64 39.91 -17.39
N ASN W 56 11.75 40.10 -16.07
CA ASN W 56 11.49 39.02 -15.13
C ASN W 56 10.01 38.66 -15.06
N ALA W 57 9.11 39.64 -15.22
CA ALA W 57 7.69 39.32 -15.07
C ALA W 57 7.19 38.48 -16.24
N ILE W 58 7.57 38.84 -17.47
CA ILE W 58 7.00 38.18 -18.64
C ILE W 58 7.58 36.79 -18.90
N VAL W 59 8.69 36.43 -18.24
CA VAL W 59 9.11 35.03 -18.28
C VAL W 59 8.65 34.25 -17.07
N ASN W 60 7.90 34.88 -16.15
CA ASN W 60 7.53 34.27 -14.87
C ASN W 60 6.05 34.53 -14.54
N SER W 61 5.14 34.22 -15.45
CA SER W 61 3.71 34.43 -15.18
C SER W 61 3.09 33.14 -14.67
N HIS W 62 2.51 33.19 -13.47
CA HIS W 62 1.77 32.10 -12.87
C HIS W 62 0.30 32.45 -12.81
N ASP W 63 -0.55 31.44 -12.56
CA ASP W 63 -1.97 31.68 -12.32
C ASP W 63 -2.52 30.62 -11.37
N ASN W 64 -3.76 30.83 -10.92
CA ASN W 64 -4.34 29.92 -9.93
C ASN W 64 -4.59 28.51 -10.47
N ASN W 65 -4.49 28.30 -11.78
CA ASN W 65 -4.64 26.97 -12.34
C ASN W 65 -3.34 26.20 -12.43
N GLY W 66 -2.22 26.86 -12.22
CA GLY W 66 -0.93 26.23 -12.38
C GLY W 66 -0.36 26.35 -13.77
N GLN W 67 -0.90 27.24 -14.59
CA GLN W 67 -0.39 27.44 -15.95
C GLN W 67 0.72 28.47 -15.89
N HIS W 68 1.92 28.05 -16.27
CA HIS W 68 3.06 28.95 -16.39
CA HIS W 68 3.05 28.96 -16.38
C HIS W 68 3.11 29.50 -17.81
N ARG W 69 3.33 30.82 -17.92
CA ARG W 69 3.46 31.48 -19.20
C ARG W 69 4.79 32.21 -19.25
N SER W 70 5.42 32.22 -20.43
CA SER W 70 6.75 32.81 -20.57
C SER W 70 6.95 33.23 -22.03
N GLU W 71 7.45 34.44 -22.23
CA GLU W 71 7.90 34.82 -23.57
C GLU W 71 9.01 35.84 -23.44
N THR W 72 9.80 35.96 -24.51
CA THR W 72 10.89 36.93 -24.52
C THR W 72 10.36 38.34 -24.72
N VAL W 73 11.22 39.32 -24.43
CA VAL W 73 10.90 40.73 -24.66
C VAL W 73 10.64 40.99 -26.14
N ASP W 74 11.51 40.47 -27.01
CA ASP W 74 11.33 40.67 -28.44
C ASP W 74 9.99 40.12 -28.91
N ASN W 75 9.65 38.91 -28.48
CA ASN W 75 8.37 38.37 -28.91
C ASN W 75 7.21 39.11 -28.28
N TYR W 76 7.41 39.65 -27.06
CA TYR W 76 6.37 40.44 -26.44
C TYR W 76 6.05 41.67 -27.28
N THR W 77 7.09 42.29 -27.88
CA THR W 77 6.87 43.52 -28.64
C THR W 77 5.88 43.31 -29.78
N ALA W 78 5.82 42.09 -30.34
CA ALA W 78 4.83 41.82 -31.38
C ALA W 78 3.55 41.26 -30.80
N ASP W 79 3.69 40.43 -29.77
CA ASP W 79 2.52 39.76 -29.21
C ASP W 79 1.56 40.76 -28.58
N ILE W 80 2.07 41.78 -27.90
CA ILE W 80 1.21 42.71 -27.18
C ILE W 80 0.30 43.53 -28.10
N MET W 81 0.57 43.55 -29.40
CA MET W 81 -0.32 44.27 -30.32
C MET W 81 -1.47 43.41 -30.84
N ARG W 82 -1.48 42.12 -30.54
CA ARG W 82 -2.61 41.27 -30.92
C ARG W 82 -3.74 41.39 -29.92
N ASN W 83 -4.97 41.47 -30.43
CA ASN W 83 -6.13 41.45 -29.51
C ASN W 83 -6.14 40.17 -28.66
N SER W 84 -5.60 39.06 -29.17
CA SER W 84 -5.59 37.81 -28.42
C SER W 84 -4.68 37.84 -27.20
N ARG W 85 -3.74 38.79 -27.11
CA ARG W 85 -2.79 38.84 -26.00
C ARG W 85 -3.41 39.63 -24.85
N TRP W 86 -3.77 38.93 -23.77
CA TRP W 86 -4.43 39.56 -22.65
C TRP W 86 -3.47 40.47 -21.89
N GLY W 87 -4.02 41.56 -21.35
CA GLY W 87 -3.26 42.45 -20.48
C GLY W 87 -3.46 42.06 -19.03
N ASP W 88 -2.34 42.12 -18.23
CA ASP W 88 -2.27 41.78 -16.80
C ASP W 88 -2.22 43.06 -15.98
N PRO W 89 -2.99 43.18 -14.91
CA PRO W 89 -2.86 44.37 -14.06
C PRO W 89 -1.46 44.53 -13.49
N ASP W 90 -0.77 43.43 -13.21
CA ASP W 90 0.55 43.52 -12.60
C ASP W 90 1.64 43.91 -13.57
N VAL W 91 1.42 43.76 -14.88
CA VAL W 91 2.44 44.08 -15.86
C VAL W 91 1.97 45.25 -16.73
N GLU W 92 0.95 45.00 -17.56
CA GLU W 92 0.45 46.09 -18.41
C GLU W 92 -0.16 47.20 -17.58
N GLY W 93 -0.83 46.84 -16.48
CA GLY W 93 -1.35 47.87 -15.59
C GLY W 93 -0.24 48.75 -15.03
N ARG W 94 0.89 48.16 -14.69
CA ARG W 94 2.01 48.92 -14.14
C ARG W 94 2.64 49.85 -15.19
N ILE W 95 2.67 49.40 -16.45
CA ILE W 95 3.22 50.24 -17.53
C ILE W 95 2.31 51.43 -17.78
N LEU W 96 1.01 51.18 -17.89
CA LEU W 96 0.06 52.25 -18.16
C LEU W 96 -0.09 53.19 -16.99
N CYS W 97 0.08 52.67 -15.76
CA CYS W 97 0.06 53.52 -14.58
C CYS W 97 1.19 54.55 -14.63
N GLU W 98 2.36 54.13 -15.12
CA GLU W 98 3.48 55.05 -15.24
C GLU W 98 3.26 56.06 -16.36
N LYS W 99 2.82 55.61 -17.53
CA LYS W 99 2.67 56.53 -18.65
C LYS W 99 1.60 57.59 -18.39
N TYR W 100 0.51 57.23 -17.70
CA TYR W 100 -0.60 58.17 -17.51
C TYR W 100 -0.67 58.75 -16.11
N LYS W 101 0.29 58.44 -15.25
CA LYS W 101 0.40 58.99 -13.88
C LYS W 101 -0.91 58.79 -13.10
N VAL W 102 -1.30 57.53 -12.94
CA VAL W 102 -2.51 57.17 -12.20
C VAL W 102 -2.23 55.94 -11.35
N LYS W 103 -3.15 55.66 -10.42
CA LYS W 103 -3.14 54.42 -9.68
C LYS W 103 -4.24 53.52 -10.22
N LEU W 104 -3.96 52.23 -10.32
CA LEU W 104 -4.92 51.25 -10.81
C LEU W 104 -5.46 50.45 -9.62
N HIS W 105 -6.73 50.66 -9.32
CA HIS W 105 -7.46 49.90 -8.32
C HIS W 105 -8.15 48.70 -8.98
N VAL W 106 -7.86 47.49 -8.51
CA VAL W 106 -8.46 46.28 -9.07
C VAL W 106 -9.26 45.58 -7.98
N ILE W 107 -10.49 45.20 -8.30
CA ILE W 107 -11.29 44.30 -7.46
C ILE W 107 -11.21 42.92 -8.09
N GLU W 108 -10.77 41.93 -7.31
CA GLU W 108 -10.68 40.54 -7.75
C GLU W 108 -11.60 39.71 -6.86
N ASN W 109 -12.55 39.01 -7.47
CA ASN W 109 -13.40 38.10 -6.72
C ASN W 109 -12.76 36.72 -6.78
N GLN W 110 -12.32 36.23 -5.61
CA GLN W 110 -11.64 34.96 -5.46
C GLN W 110 -12.25 34.23 -4.27
N THR W 111 -12.38 32.91 -4.37
CA THR W 111 -13.01 32.11 -3.34
C THR W 111 -11.95 31.30 -2.59
N VAL W 112 -11.93 31.45 -1.28
CA VAL W 112 -10.94 30.79 -0.43
C VAL W 112 -11.72 30.10 0.69
N ASP W 113 -11.55 28.80 0.82
CA ASP W 113 -12.17 28.04 1.89
C ASP W 113 -13.69 28.27 1.94
N ASN W 114 -14.31 28.21 0.76
CA ASN W 114 -15.76 28.29 0.54
C ASN W 114 -16.31 29.69 0.68
N GLN W 115 -15.49 30.69 0.97
CA GLN W 115 -15.97 32.06 1.08
C GLN W 115 -15.68 32.81 -0.21
N ASP W 116 -16.71 33.48 -0.75
CA ASP W 116 -16.57 34.30 -1.95
C ASP W 116 -16.16 35.71 -1.52
N LEU W 117 -14.90 36.11 -1.79
CA LEU W 117 -14.36 37.40 -1.34
C LEU W 117 -13.94 38.29 -2.50
N SER W 118 -14.16 39.59 -2.33
CA SER W 118 -13.64 40.62 -3.23
C SER W 118 -12.30 41.09 -2.67
N LEU W 119 -11.23 40.92 -3.44
CA LEU W 119 -9.90 41.33 -3.03
C LEU W 119 -9.53 42.64 -3.70
N HIS W 120 -9.13 43.63 -2.89
CA HIS W 120 -8.74 44.93 -3.40
C HIS W 120 -7.24 45.01 -3.56
N GLU W 121 -6.79 45.43 -4.74
CA GLU W 121 -5.37 45.62 -5.03
C GLU W 121 -5.17 47.02 -5.58
N LEU W 122 -4.06 47.64 -5.21
CA LEU W 122 -3.72 48.98 -5.66
C LEU W 122 -2.38 48.92 -6.37
N ILE W 123 -2.37 49.30 -7.66
CA ILE W 123 -1.21 49.21 -8.52
C ILE W 123 -0.80 50.61 -8.93
N ASP W 124 0.51 50.85 -8.93
CA ASP W 124 1.06 52.08 -9.48
C ASP W 124 2.36 51.72 -10.19
N ASN W 125 3.14 52.75 -10.53
CA ASN W 125 4.44 52.47 -11.13
C ASN W 125 5.39 51.78 -10.17
N SER W 126 5.12 51.85 -8.86
CA SER W 126 5.91 51.16 -7.85
C SER W 126 5.61 49.67 -7.76
N GLY W 127 4.58 49.16 -8.43
CA GLY W 127 4.19 47.79 -8.22
C GLY W 127 2.80 47.70 -7.63
N SER W 128 2.45 46.57 -6.99
CA SER W 128 1.09 46.36 -6.54
C SER W 128 1.08 46.12 -5.04
N LYS W 129 0.02 46.60 -4.38
CA LYS W 129 -0.16 46.36 -2.95
C LYS W 129 -1.55 45.83 -2.70
N SER W 130 -1.66 44.89 -1.76
CA SER W 130 -2.95 44.41 -1.31
C SER W 130 -3.60 45.47 -0.41
N ALA W 131 -4.76 45.95 -0.82
CA ALA W 131 -5.41 47.09 -0.19
C ALA W 131 -6.59 46.63 0.66
N GLY W 132 -7.18 47.59 1.37
CA GLY W 132 -8.28 47.26 2.26
C GLY W 132 -8.50 48.26 3.38
N GLU W 133 -8.45 47.79 4.63
CA GLU W 133 -8.79 48.63 5.77
C GLU W 133 -7.68 49.64 6.08
N TYR W 134 -6.43 49.22 5.99
CA TYR W 134 -5.29 50.06 6.36
C TYR W 134 -4.66 50.77 5.17
N ASN W 135 -4.53 50.09 4.04
CA ASN W 135 -4.09 50.73 2.80
C ASN W 135 -5.34 51.03 1.97
N LYS W 136 -5.81 52.27 2.06
CA LYS W 136 -7.15 52.61 1.59
C LYS W 136 -7.15 52.98 0.12
N VAL W 137 -8.23 52.61 -0.55
CA VAL W 137 -8.50 53.02 -1.92
C VAL W 137 -9.20 54.36 -1.89
N ASP W 138 -8.73 55.32 -2.68
CA ASP W 138 -9.33 56.66 -2.73
C ASP W 138 -10.36 56.67 -3.85
N TYR W 139 -11.63 56.53 -3.47
CA TYR W 139 -12.73 56.59 -4.41
C TYR W 139 -13.11 58.03 -4.76
N ASP W 140 -12.42 59.00 -4.16
CA ASP W 140 -12.61 60.42 -4.46
C ASP W 140 -11.48 60.98 -5.32
N ASP W 141 -10.42 60.21 -5.57
CA ASP W 141 -9.29 60.72 -6.33
C ASP W 141 -9.57 60.64 -7.83
N SER W 142 -9.37 61.75 -8.53
CA SER W 142 -9.49 61.75 -9.97
C SER W 142 -8.33 61.03 -10.66
N SER W 143 -7.32 60.58 -9.91
CA SER W 143 -6.16 59.93 -10.51
C SER W 143 -6.05 58.45 -10.15
N THR W 144 -7.16 57.86 -9.70
CA THR W 144 -7.24 56.41 -9.52
C THR W 144 -8.27 55.87 -10.50
N VAL W 145 -7.85 54.90 -11.31
CA VAL W 145 -8.74 54.23 -12.23
C VAL W 145 -9.15 52.91 -11.57
N HIS W 146 -10.31 52.37 -11.99
CA HIS W 146 -10.95 51.28 -11.27
C HIS W 146 -11.41 50.22 -12.25
N ILE W 147 -10.96 48.97 -12.04
CA ILE W 147 -11.42 47.85 -12.85
C ILE W 147 -11.73 46.68 -11.92
N ILE W 148 -12.48 45.72 -12.44
CA ILE W 148 -12.94 44.58 -11.66
C ILE W 148 -12.80 43.33 -12.51
N ASN W 149 -12.40 42.24 -11.86
CA ASN W 149 -12.33 40.94 -12.49
C ASN W 149 -13.14 40.02 -11.59
N LYS W 150 -14.32 39.60 -12.06
CA LYS W 150 -15.22 38.76 -11.27
C LYS W 150 -14.74 37.31 -11.16
N GLY W 151 -13.65 36.96 -11.83
CA GLY W 151 -13.16 35.59 -11.78
C GLY W 151 -13.65 34.75 -12.94
N GLY W 152 -14.29 35.36 -13.93
CA GLY W 152 -14.68 34.65 -15.13
C GLY W 152 -13.83 35.04 -16.31
N LEU W 153 -12.55 35.34 -16.07
CA LEU W 153 -11.58 35.63 -17.14
C LEU W 153 -11.99 36.85 -17.98
N HIS W 154 -12.68 37.75 -17.36
CA HIS W 154 -13.00 39.07 -18.03
CA HIS W 154 -13.03 39.06 -18.00
C HIS W 154 -12.90 40.33 -17.06
N PHE W 155 -12.20 41.33 -17.59
CA PHE W 155 -12.15 42.59 -16.86
C PHE W 155 -13.31 43.47 -17.32
N GLU W 156 -13.93 44.17 -16.37
CA GLU W 156 -14.89 45.24 -16.66
C GLU W 156 -14.42 46.54 -16.02
N PRO W 157 -14.78 47.70 -16.59
CA PRO W 157 -14.52 48.96 -15.89
C PRO W 157 -15.47 49.14 -14.70
N LEU W 158 -14.95 49.74 -13.65
CA LEU W 158 -15.76 50.22 -12.52
C LEU W 158 -15.96 51.72 -12.73
N LEU W 159 -17.19 52.13 -13.01
CA LEU W 159 -17.46 53.49 -13.46
C LEU W 159 -18.39 54.21 -12.48
N ASP W 160 -18.38 55.55 -12.57
CA ASP W 160 -19.10 56.40 -11.63
C ASP W 160 -20.47 56.74 -12.21
N ARG W 161 -21.53 56.40 -11.48
CA ARG W 161 -22.89 56.64 -11.95
C ARG W 161 -23.15 58.11 -12.23
N ASN W 162 -22.34 59.01 -11.67
CA ASN W 162 -22.51 60.43 -11.97
C ASN W 162 -22.34 60.71 -13.45
N LYS W 163 -21.53 59.91 -14.15
CA LYS W 163 -21.33 60.09 -15.59
C LYS W 163 -21.52 58.76 -16.32
N GLY X 1 -46.41 4.17 33.59
CA GLY X 1 -46.38 2.83 34.16
C GLY X 1 -46.79 1.77 33.17
N PRO X 2 -46.66 0.50 33.56
CA PRO X 2 -46.99 -0.58 32.62
C PRO X 2 -48.45 -0.58 32.18
N ASP X 3 -49.35 0.06 32.94
CA ASP X 3 -50.76 0.07 32.56
C ASP X 3 -51.01 0.80 31.25
N ASN X 4 -50.12 1.70 30.83
CA ASN X 4 -50.33 2.43 29.59
C ASN X 4 -49.97 1.62 28.37
N PHE X 5 -49.30 0.49 28.52
CA PHE X 5 -48.69 -0.21 27.40
C PHE X 5 -49.53 -1.40 26.96
N TYR X 6 -49.59 -1.60 25.65
CA TYR X 6 -50.25 -2.78 25.10
C TYR X 6 -49.27 -3.49 24.17
N VAL X 7 -49.58 -4.74 23.85
CA VAL X 7 -48.74 -5.52 22.94
C VAL X 7 -49.18 -5.19 21.53
N GLY X 8 -48.26 -4.62 20.73
CA GLY X 8 -48.53 -4.29 19.35
C GLY X 8 -48.34 -5.50 18.45
N GLN X 9 -48.24 -5.25 17.15
CA GLN X 9 -48.04 -6.30 16.16
C GLN X 9 -46.76 -6.06 15.39
N ALA X 10 -45.99 -7.12 15.17
CA ALA X 10 -44.75 -7.04 14.42
C ALA X 10 -44.88 -7.84 13.12
N ILE X 11 -44.02 -7.50 12.17
CA ILE X 11 -43.73 -8.31 10.99
C ILE X 11 -43.78 -9.80 11.31
N GLY X 12 -44.39 -10.59 10.43
CA GLY X 12 -44.47 -12.02 10.66
C GLY X 12 -43.19 -12.79 10.38
N ASN X 13 -42.28 -12.21 9.59
CA ASN X 13 -41.11 -12.94 9.13
C ASN X 13 -39.97 -12.81 10.15
N GLY X 14 -38.78 -13.27 9.77
CA GLY X 14 -37.69 -13.27 10.73
C GLY X 14 -37.21 -11.91 11.16
N SER X 15 -37.76 -10.82 10.65
CA SER X 15 -37.37 -9.51 11.12
C SER X 15 -38.18 -8.99 12.30
N CYS X 16 -38.97 -9.83 12.96
CA CYS X 16 -39.83 -9.34 14.06
C CYS X 16 -39.05 -8.60 15.16
N PHE X 17 -37.84 -9.04 15.47
CA PHE X 17 -37.09 -8.30 16.47
C PHE X 17 -36.89 -6.87 16.01
N PHE X 18 -36.41 -6.70 14.79
CA PHE X 18 -36.11 -5.35 14.28
C PHE X 18 -37.38 -4.53 14.09
N ASP X 19 -38.45 -5.17 13.63
CA ASP X 19 -39.71 -4.43 13.44
C ASP X 19 -40.28 -3.99 14.77
N SER X 20 -40.09 -4.79 15.82
CA SER X 20 -40.58 -4.45 17.15
C SER X 20 -39.79 -3.27 17.72
N PHE X 21 -38.47 -3.36 17.62
CA PHE X 21 -37.60 -2.26 18.03
C PHE X 21 -37.97 -0.97 17.30
N ARG X 22 -38.14 -1.07 15.97
CA ARG X 22 -38.47 0.07 15.13
C ARG X 22 -39.73 0.78 15.62
N GLN X 23 -40.78 0.01 15.90
CA GLN X 23 -42.06 0.62 16.25
C GLN X 23 -41.96 1.34 17.58
N SER X 24 -41.28 0.74 18.55
CA SER X 24 -41.20 1.37 19.85
C SER X 24 -40.25 2.56 19.79
N LEU X 25 -39.16 2.44 19.02
CA LEU X 25 -38.24 3.57 18.87
C LEU X 25 -38.97 4.79 18.32
N GLU X 26 -39.76 4.60 17.26
CA GLU X 26 -40.45 5.73 16.63
C GLU X 26 -41.47 6.37 17.57
N GLN X 27 -42.10 5.58 18.44
CA GLN X 27 -43.02 6.15 19.40
C GLN X 27 -42.28 6.89 20.51
N GLN X 28 -41.10 6.39 20.93
CA GLN X 28 -40.43 6.96 22.08
C GLN X 28 -39.60 8.19 21.70
N THR X 29 -38.82 8.10 20.61
CA THR X 29 -37.90 9.16 20.22
C THR X 29 -38.31 9.94 18.98
N GLY X 30 -39.30 9.47 18.23
CA GLY X 30 -39.67 10.12 16.99
C GLY X 30 -38.93 9.64 15.74
N GLU X 31 -37.82 8.91 15.89
CA GLU X 31 -37.04 8.47 14.74
C GLU X 31 -37.73 7.32 14.03
N GLN X 32 -37.92 7.44 12.73
CA GLN X 32 -38.46 6.36 11.92
C GLN X 32 -37.33 5.77 11.08
N VAL X 33 -36.99 4.51 11.33
CA VAL X 33 -35.99 3.80 10.55
C VAL X 33 -36.61 2.47 10.13
N THR X 34 -36.24 2.01 8.94
CA THR X 34 -36.79 0.74 8.50
C THR X 34 -36.09 -0.42 9.20
N ALA X 35 -36.76 -1.58 9.22
CA ALA X 35 -36.10 -2.78 9.72
C ALA X 35 -34.82 -3.07 8.94
N GLU X 36 -34.84 -2.78 7.64
CA GLU X 36 -33.65 -2.97 6.80
C GLU X 36 -32.51 -2.05 7.31
N LYS X 37 -32.82 -0.81 7.64
CA LYS X 37 -31.82 0.12 8.14
C LYS X 37 -31.25 -0.38 9.46
N LEU X 38 -32.12 -0.91 10.33
CA LEU X 38 -31.65 -1.48 11.58
C LEU X 38 -30.73 -2.68 11.35
N ARG X 39 -31.03 -3.48 10.33
CA ARG X 39 -30.14 -4.59 10.01
C ARG X 39 -28.81 -4.07 9.49
N ASN X 40 -28.85 -3.04 8.65
CA ASN X 40 -27.62 -2.45 8.15
C ASN X 40 -26.82 -1.81 9.27
N ASP X 41 -27.48 -1.31 10.33
CA ASP X 41 -26.74 -0.78 11.47
C ASP X 41 -25.94 -1.88 12.12
N CYS X 42 -26.48 -3.10 12.13
CA CYS X 42 -25.76 -4.19 12.78
C CYS X 42 -24.67 -4.72 11.85
N ARG X 43 -24.91 -4.72 10.53
CA ARG X 43 -23.84 -5.08 9.59
C ARG X 43 -22.66 -4.12 9.69
N GLU X 44 -22.93 -2.81 9.74
CA GLU X 44 -21.86 -1.84 9.84
C GLU X 44 -21.08 -2.00 11.15
N PHE X 45 -21.78 -2.23 12.25
CA PHE X 45 -21.13 -2.52 13.51
C PHE X 45 -20.16 -3.69 13.37
N ALA X 46 -20.58 -4.75 12.69
CA ALA X 46 -19.75 -5.93 12.53
C ALA X 46 -18.60 -5.70 11.56
N GLN X 47 -18.71 -4.72 10.68
CA GLN X 47 -17.68 -4.42 9.70
C GLN X 47 -16.60 -3.49 10.22
N LYS X 48 -16.89 -2.71 11.28
CA LYS X 48 -16.02 -1.61 11.71
C LYS X 48 -15.38 -2.01 13.04
N ASN X 49 -14.34 -2.84 12.95
CA ASN X 49 -13.58 -3.43 14.07
C ASN X 49 -14.41 -3.60 15.33
N PRO X 50 -15.36 -4.54 15.33
CA PRO X 50 -16.26 -4.66 16.49
C PRO X 50 -15.50 -5.11 17.71
N PRO X 51 -15.99 -4.77 18.90
CA PRO X 51 -15.29 -5.16 20.14
C PRO X 51 -15.43 -6.66 20.41
N LYS X 52 -14.62 -7.12 21.38
CA LYS X 52 -14.56 -8.54 21.68
C LYS X 52 -15.87 -9.11 22.23
N TRP X 53 -16.74 -8.32 22.86
CA TRP X 53 -17.99 -8.90 23.31
C TRP X 53 -18.80 -9.42 22.13
N PHE X 54 -18.69 -8.75 20.98
CA PHE X 54 -19.49 -9.14 19.81
C PHE X 54 -18.92 -10.38 19.14
N THR X 55 -17.60 -10.42 18.93
CA THR X 55 -17.08 -11.62 18.27
C THR X 55 -17.19 -12.84 19.17
N ASN X 56 -17.18 -12.65 20.49
CA ASN X 56 -17.43 -13.77 21.39
C ASN X 56 -18.90 -14.18 21.39
N ALA X 57 -19.81 -13.23 21.26
CA ALA X 57 -21.24 -13.55 21.38
C ALA X 57 -21.70 -14.40 20.21
N ILE X 58 -21.32 -14.03 18.98
CA ILE X 58 -21.89 -14.71 17.81
C ILE X 58 -21.28 -16.08 17.55
N VAL X 59 -20.18 -16.45 18.23
CA VAL X 59 -19.76 -17.84 18.16
C VAL X 59 -20.23 -18.65 19.35
N ASN X 60 -21.01 -18.04 20.26
CA ASN X 60 -21.36 -18.65 21.54
C ASN X 60 -22.84 -18.39 21.85
N SER X 61 -23.74 -18.61 20.89
CA SER X 61 -25.16 -18.46 21.14
C SER X 61 -25.75 -19.76 21.69
N HIS X 62 -26.34 -19.68 22.88
CA HIS X 62 -27.06 -20.78 23.49
C HIS X 62 -28.55 -20.45 23.52
N ASP X 63 -29.39 -21.48 23.72
CA ASP X 63 -30.81 -21.24 23.93
C ASP X 63 -31.37 -22.33 24.84
N ASN X 64 -32.62 -22.15 25.26
CA ASN X 64 -33.24 -23.03 26.24
C ASN X 64 -33.45 -24.45 25.71
N ASN X 65 -33.31 -24.68 24.40
CA ASN X 65 -33.45 -26.02 23.87
C ASN X 65 -32.11 -26.74 23.77
N GLY X 66 -31.03 -26.04 24.03
CA GLY X 66 -29.71 -26.64 23.89
C GLY X 66 -29.15 -26.53 22.50
N GLN X 67 -29.72 -25.69 21.64
CA GLN X 67 -29.21 -25.51 20.28
C GLN X 67 -28.10 -24.47 20.34
N HIS X 68 -26.87 -24.89 20.01
CA HIS X 68 -25.74 -23.96 19.92
CA HIS X 68 -25.75 -23.94 19.92
C HIS X 68 -25.68 -23.37 18.51
N ARG X 69 -25.46 -22.06 18.43
CA ARG X 69 -25.33 -21.40 17.14
C ARG X 69 -24.02 -20.65 17.10
N SER X 70 -23.37 -20.65 15.95
CA SER X 70 -22.08 -19.98 15.84
CA SER X 70 -22.10 -19.95 15.84
C SER X 70 -21.83 -19.58 14.39
N GLU X 71 -21.36 -18.36 14.18
CA GLU X 71 -20.91 -17.99 12.85
C GLU X 71 -19.81 -16.95 12.99
N THR X 72 -19.03 -16.81 11.92
CA THR X 72 -17.94 -15.85 11.94
C THR X 72 -18.45 -14.42 11.75
N VAL X 73 -17.57 -13.46 12.04
CA VAL X 73 -17.93 -12.06 11.83
C VAL X 73 -18.19 -11.79 10.36
N ASP X 74 -17.35 -12.34 9.49
CA ASP X 74 -17.53 -12.02 8.08
C ASP X 74 -18.83 -12.62 7.53
N ASN X 75 -19.19 -13.82 7.98
CA ASN X 75 -20.46 -14.37 7.52
C ASN X 75 -21.64 -13.65 8.14
N TYR X 76 -21.46 -13.14 9.35
CA TYR X 76 -22.49 -12.32 9.98
C TYR X 76 -22.81 -11.10 9.13
N THR X 77 -21.79 -10.44 8.57
CA THR X 77 -22.05 -9.21 7.81
C THR X 77 -23.01 -9.44 6.65
N ALA X 78 -22.97 -10.63 6.04
CA ALA X 78 -23.96 -10.98 5.01
C ALA X 78 -25.25 -11.49 5.62
N ASP X 79 -25.14 -12.39 6.60
CA ASP X 79 -26.31 -13.06 7.14
C ASP X 79 -27.26 -12.07 7.80
N ILE X 80 -26.72 -11.02 8.45
CA ILE X 80 -27.59 -10.13 9.21
C ILE X 80 -28.50 -9.33 8.30
N MET X 81 -28.24 -9.29 6.99
CA MET X 81 -29.12 -8.57 6.08
C MET X 81 -30.28 -9.42 5.57
N ARG X 82 -30.28 -10.72 5.84
CA ARG X 82 -31.37 -11.58 5.40
C ARG X 82 -32.54 -11.49 6.38
N ASN X 83 -33.76 -11.51 5.83
CA ASN X 83 -34.94 -11.56 6.68
C ASN X 83 -34.97 -12.82 7.54
N SER X 84 -34.38 -13.92 7.05
CA SER X 84 -34.35 -15.18 7.81
C SER X 84 -33.46 -15.12 9.06
N ARG X 85 -32.54 -14.15 9.15
CA ARG X 85 -31.62 -14.08 10.28
C ARG X 85 -32.27 -13.32 11.42
N TRP X 86 -32.62 -14.03 12.50
CA TRP X 86 -33.32 -13.41 13.62
C TRP X 86 -32.41 -12.45 14.39
N GLY X 87 -32.99 -11.38 14.93
CA GLY X 87 -32.26 -10.48 15.80
C GLY X 87 -32.45 -10.87 17.26
N ASP X 88 -31.35 -10.73 18.05
CA ASP X 88 -31.29 -11.11 19.45
C ASP X 88 -31.17 -9.86 20.29
N PRO X 89 -31.95 -9.72 21.37
CA PRO X 89 -31.81 -8.54 22.24
C PRO X 89 -30.40 -8.38 22.79
N ASP X 90 -29.71 -9.47 23.10
CA ASP X 90 -28.39 -9.39 23.72
C ASP X 90 -27.28 -9.00 22.76
N VAL X 91 -27.51 -9.14 21.44
CA VAL X 91 -26.47 -8.80 20.47
C VAL X 91 -26.96 -7.64 19.61
N GLU X 92 -27.93 -7.90 18.73
CA GLU X 92 -28.45 -6.81 17.90
C GLU X 92 -29.11 -5.73 18.76
N GLY X 93 -29.78 -6.12 19.85
CA GLY X 93 -30.33 -5.10 20.73
C GLY X 93 -29.25 -4.18 21.28
N ARG X 94 -28.13 -4.75 21.71
CA ARG X 94 -27.05 -3.95 22.29
C ARG X 94 -26.43 -3.01 21.26
N ILE X 95 -26.27 -3.47 20.03
CA ILE X 95 -25.73 -2.63 18.96
C ILE X 95 -26.66 -1.45 18.69
N LEU X 96 -27.95 -1.73 18.53
CA LEU X 96 -28.94 -0.70 18.24
C LEU X 96 -29.09 0.27 19.40
N CYS X 97 -28.99 -0.22 20.64
CA CYS X 97 -29.00 0.68 21.79
C CYS X 97 -27.86 1.68 21.67
N GLU X 98 -26.70 1.23 21.22
CA GLU X 98 -25.54 2.10 21.10
C GLU X 98 -25.72 3.09 19.96
N LYS X 99 -26.25 2.63 18.82
CA LYS X 99 -26.47 3.55 17.71
C LYS X 99 -27.49 4.62 18.08
N TYR X 100 -28.61 4.23 18.66
CA TYR X 100 -29.69 5.20 18.86
C TYR X 100 -29.69 5.80 20.25
N LYS X 101 -28.75 5.41 21.11
CA LYS X 101 -28.62 6.00 22.45
C LYS X 101 -29.88 5.80 23.29
N VAL X 102 -30.35 4.55 23.34
CA VAL X 102 -31.56 4.19 24.07
C VAL X 102 -31.27 2.97 24.92
N LYS X 103 -32.19 2.70 25.83
CA LYS X 103 -32.17 1.47 26.64
C LYS X 103 -33.25 0.54 26.07
N LEU X 104 -32.97 -0.76 25.99
CA LEU X 104 -33.93 -1.74 25.50
C LEU X 104 -34.49 -2.54 26.69
N HIS X 105 -35.77 -2.34 26.95
CA HIS X 105 -36.50 -3.14 27.92
C HIS X 105 -37.15 -4.33 27.21
N VAL X 106 -36.88 -5.55 27.68
CA VAL X 106 -37.49 -6.75 27.14
C VAL X 106 -38.29 -7.46 28.24
N ILE X 107 -39.54 -7.81 27.93
CA ILE X 107 -40.31 -8.74 28.76
C ILE X 107 -40.22 -10.10 28.11
N GLU X 108 -39.79 -11.11 28.89
CA GLU X 108 -39.70 -12.49 28.41
C GLU X 108 -40.60 -13.35 29.28
N ASN X 109 -41.55 -14.07 28.66
CA ASN X 109 -42.40 -14.96 29.43
C ASN X 109 -41.76 -16.35 29.41
N GLN X 110 -41.32 -16.82 30.58
CA GLN X 110 -40.69 -18.14 30.74
C GLN X 110 -41.35 -18.86 31.90
N THR X 111 -41.35 -20.19 31.84
CA THR X 111 -41.97 -21.01 32.88
C THR X 111 -40.87 -21.73 33.65
N VAL X 112 -40.87 -21.57 34.98
CA VAL X 112 -39.91 -22.22 35.86
C VAL X 112 -40.70 -22.84 36.99
N ASP X 113 -40.55 -24.15 37.15
CA ASP X 113 -41.24 -24.86 38.22
C ASP X 113 -42.75 -24.59 38.19
N ASN X 114 -43.31 -24.66 36.97
CA ASN X 114 -44.74 -24.62 36.69
C ASN X 114 -45.30 -23.21 36.80
N GLN X 115 -44.48 -22.24 37.23
CA GLN X 115 -44.90 -20.85 37.32
C GLN X 115 -44.65 -20.14 36.00
N ASP X 116 -45.70 -19.55 35.43
CA ASP X 116 -45.56 -18.74 34.22
C ASP X 116 -45.18 -17.33 34.64
N LEU X 117 -43.93 -16.94 34.36
CA LEU X 117 -43.33 -15.69 34.86
C LEU X 117 -42.93 -14.74 33.73
N SER X 118 -43.19 -13.46 33.93
CA SER X 118 -42.63 -12.43 33.04
C SER X 118 -41.29 -11.99 33.62
N LEU X 119 -40.21 -12.17 32.86
CA LEU X 119 -38.90 -11.70 33.28
C LEU X 119 -38.58 -10.37 32.59
N HIS X 120 -38.15 -9.37 33.37
CA HIS X 120 -37.75 -8.08 32.81
C HIS X 120 -36.24 -8.01 32.65
N GLU X 121 -35.79 -7.61 31.46
CA GLU X 121 -34.37 -7.37 31.19
C GLU X 121 -34.20 -5.97 30.63
N LEU X 122 -33.12 -5.30 31.03
CA LEU X 122 -32.78 -3.97 30.53
C LEU X 122 -31.40 -4.01 29.88
N ILE X 123 -31.35 -3.72 28.58
CA ILE X 123 -30.12 -3.77 27.80
C ILE X 123 -29.73 -2.35 27.41
N ASP X 124 -28.44 -2.07 27.43
CA ASP X 124 -27.93 -0.81 26.90
C ASP X 124 -26.59 -1.12 26.24
N ASN X 125 -25.82 -0.08 25.96
CA ASN X 125 -24.55 -0.31 25.27
C ASN X 125 -23.57 -1.12 26.13
N SER X 126 -23.75 -1.12 27.44
CA SER X 126 -22.82 -1.82 28.32
C SER X 126 -23.21 -3.28 28.58
N GLY X 127 -24.34 -3.73 28.04
CA GLY X 127 -24.72 -5.12 28.24
C GLY X 127 -26.12 -5.19 28.78
N SER X 128 -26.47 -6.32 29.40
CA SER X 128 -27.85 -6.57 29.77
C SER X 128 -27.92 -6.86 31.28
N LYS X 129 -28.98 -6.39 31.92
CA LYS X 129 -29.18 -6.65 33.34
C LYS X 129 -30.58 -7.15 33.58
N SER X 130 -30.72 -8.08 34.51
CA SER X 130 -32.05 -8.52 34.91
C SER X 130 -32.66 -7.45 35.83
N ALA X 131 -33.90 -7.07 35.54
CA ALA X 131 -34.51 -5.88 36.10
C ALA X 131 -35.74 -6.26 36.92
N GLY X 132 -36.22 -5.31 37.70
CA GLY X 132 -37.35 -5.58 38.57
C GLY X 132 -37.48 -4.59 39.69
N GLU X 133 -37.26 -5.05 40.93
CA GLU X 133 -37.44 -4.16 42.08
C GLU X 133 -36.28 -3.19 42.23
N TYR X 134 -35.05 -3.63 41.93
CA TYR X 134 -33.85 -2.83 42.17
C TYR X 134 -33.33 -2.15 40.92
N ASN X 135 -33.13 -2.90 39.83
CA ASN X 135 -32.85 -2.29 38.52
C ASN X 135 -34.22 -1.96 37.92
N LYS X 136 -34.68 -0.72 38.11
CA LYS X 136 -36.06 -0.38 37.79
C LYS X 136 -36.20 0.01 36.33
N VAL X 137 -37.26 -0.49 35.70
CA VAL X 137 -37.63 -0.07 34.34
C VAL X 137 -38.38 1.25 34.43
N ASP X 138 -37.97 2.23 33.63
CA ASP X 138 -38.57 3.57 33.63
C ASP X 138 -39.59 3.62 32.50
N TYR X 139 -40.87 3.50 32.84
CA TYR X 139 -41.92 3.52 31.83
C TYR X 139 -42.31 4.92 31.37
N ASP X 140 -41.71 5.94 31.99
CA ASP X 140 -41.87 7.34 31.58
C ASP X 140 -40.62 7.89 30.90
N ASP X 141 -39.62 7.04 30.65
CA ASP X 141 -38.36 7.47 30.03
C ASP X 141 -38.52 7.45 28.52
N SER X 142 -38.39 8.62 27.90
CA SER X 142 -38.42 8.75 26.44
C SER X 142 -37.32 7.96 25.74
N SER X 143 -36.26 7.59 26.46
CA SER X 143 -35.13 6.92 25.83
C SER X 143 -35.02 5.45 26.23
N THR X 144 -36.15 4.85 26.60
CA THR X 144 -36.28 3.41 26.78
C THR X 144 -37.28 2.86 25.77
N VAL X 145 -36.87 1.86 25.02
CA VAL X 145 -37.74 1.18 24.07
C VAL X 145 -38.16 -0.15 24.68
N HIS X 146 -39.31 -0.67 24.26
CA HIS X 146 -39.98 -1.75 24.97
C HIS X 146 -40.45 -2.80 23.97
N ILE X 147 -40.07 -4.05 24.20
CA ILE X 147 -40.55 -5.15 23.38
C ILE X 147 -40.85 -6.33 24.29
N ILE X 148 -41.62 -7.28 23.77
CA ILE X 148 -42.02 -8.45 24.54
C ILE X 148 -41.84 -9.71 23.68
N ASN X 149 -41.38 -10.77 24.31
CA ASN X 149 -41.28 -12.09 23.68
C ASN X 149 -42.08 -13.04 24.57
N LYS X 150 -43.24 -13.48 24.08
CA LYS X 150 -44.15 -14.32 24.88
C LYS X 150 -43.70 -15.79 24.99
N GLY X 151 -42.52 -16.15 24.47
CA GLY X 151 -42.05 -17.52 24.47
C GLY X 151 -42.50 -18.34 23.27
N GLY X 152 -43.07 -17.73 22.26
CA GLY X 152 -43.45 -18.43 21.04
C GLY X 152 -42.63 -18.03 19.83
N LEU X 153 -41.37 -17.65 20.07
CA LEU X 153 -40.40 -17.39 19.00
C LEU X 153 -40.79 -16.19 18.14
N HIS X 154 -41.49 -15.29 18.77
CA HIS X 154 -41.86 -14.00 18.13
CA HIS X 154 -41.88 -13.99 18.11
C HIS X 154 -41.75 -12.75 19.09
N PHE X 155 -41.13 -11.71 18.54
CA PHE X 155 -41.08 -10.45 19.27
C PHE X 155 -42.25 -9.59 18.81
N GLU X 156 -42.82 -8.81 19.74
CA GLU X 156 -43.78 -7.75 19.47
C GLU X 156 -43.33 -6.48 20.15
N PRO X 157 -43.71 -5.32 19.61
CA PRO X 157 -43.52 -4.07 20.34
C PRO X 157 -44.50 -3.92 21.50
N LEU X 158 -44.03 -3.36 22.61
CA LEU X 158 -44.88 -2.86 23.69
C LEU X 158 -45.05 -1.36 23.46
N LEU X 159 -46.27 -0.94 23.12
CA LEU X 159 -46.51 0.42 22.68
C LEU X 159 -47.42 1.18 23.65
N ASP X 160 -47.24 2.49 23.67
CA ASP X 160 -48.00 3.38 24.55
C ASP X 160 -49.27 3.82 23.82
N ARG X 161 -50.43 3.49 24.40
CA ARG X 161 -51.67 3.92 23.76
C ARG X 161 -51.78 5.45 23.73
N ASN X 162 -51.18 6.14 24.69
CA ASN X 162 -51.21 7.59 24.69
C ASN X 162 -50.46 8.18 23.50
N LYS X 163 -49.46 7.46 22.99
CA LYS X 163 -48.60 7.97 21.95
C LYS X 163 -48.98 7.37 20.59
#